data_7YIW
#
_entry.id   7YIW
#
_cell.length_a   159.364
_cell.length_b   166.525
_cell.length_c   181.605
_cell.angle_alpha   90.00
_cell.angle_beta   90.00
_cell.angle_gamma   90.00
#
_symmetry.space_group_name_H-M   'P 21 21 21'
#
loop_
_entity.id
_entity.type
_entity.pdbx_description
1 polymer 'Alkaline phosphatase, tissue-nonspecific isozyme'
2 branched 2-acetamido-2-deoxy-beta-D-glucopyranose-(1-4)-2-acetamido-2-deoxy-beta-D-glucopyranose
3 non-polymer 2-acetamido-2-deoxy-beta-D-glucopyranose
4 non-polymer 'MAGNESIUM ION'
5 non-polymer 'ZINC ION'
6 non-polymer 'CALCIUM ION'
7 water water
#
_entity_poly.entity_id   1
_entity_poly.type   'polypeptide(L)'
_entity_poly.pdbx_seq_one_letter_code
;MKTIIALSYIFCLVFAGRALVPEKEKDPKYWRDQAQETLKYALELQKLNTNVAKNVIMFLGDGMGVSTVTAARILKGQLH
HNPGEETRLEMDKFPFVALSKTYNTNAQVPDSAGTATAYLCGVKANEGTVGVSAATERSRCNTTQGNEVTSILRWAKDAG
KSVGIVTTTRVNHATPSAAYAHSADRDWYSDNEMPPEALSQGCKDIAYQLMHNIRDIDVIMGGGRKYMYPKNKTDVEYES
DEKARGTRLDGLDLVDTWKSFKPRYKHSHFIWNRTELLTLDPHNVDYLLGLFEPGDMQYELNRNNVTDPSLSEMVVVAIQ
ILRKNPKGFFLLVEGGRIDHGHHEGKAKQALHEAVEMDRAIGQAGSLTSSEDTLTVVTADHSHVFTFGGYTPRGNSIFGL
APMLSDTDKKPFTAILYGNGPGYKVVGGERENVSMVDYAHNNYQAQSAVPLRHETHGGEDVAVFSKGPMAHLLHGVHEQN
YVPHVMAYAACIGANLGHCAPAA
;
_entity_poly.pdbx_strand_id   A,D,C,B,G,H,F,E
#
# COMPACT_ATOMS: atom_id res chain seq x y z
N LEU A 20 18.45 -10.90 44.46
CA LEU A 20 19.72 -10.19 44.29
C LEU A 20 19.54 -8.96 43.41
N VAL A 21 19.25 -9.20 42.13
CA VAL A 21 19.11 -8.16 41.12
C VAL A 21 20.41 -7.35 41.03
N PRO A 22 21.38 -7.77 40.22
CA PRO A 22 22.58 -6.95 40.02
C PRO A 22 22.24 -5.57 39.51
N GLU A 23 23.04 -4.59 39.90
CA GLU A 23 22.68 -3.18 39.70
C GLU A 23 22.61 -2.85 38.21
N LYS A 24 23.65 -3.20 37.44
CA LYS A 24 23.69 -2.82 36.03
C LYS A 24 22.60 -3.50 35.21
N GLU A 25 22.02 -4.59 35.71
CA GLU A 25 20.98 -5.31 34.98
C GLU A 25 19.60 -4.68 35.12
N LYS A 26 19.48 -3.59 35.87
CA LYS A 26 18.19 -2.92 36.04
C LYS A 26 17.84 -2.00 34.88
N ASP A 27 18.82 -1.66 34.04
CA ASP A 27 18.67 -0.65 33.00
C ASP A 27 18.40 -1.32 31.65
N PRO A 28 17.33 -0.94 30.96
CA PRO A 28 17.05 -1.53 29.64
C PRO A 28 18.20 -1.38 28.66
N LYS A 29 19.00 -0.32 28.76
CA LYS A 29 20.08 -0.13 27.80
C LYS A 29 21.15 -1.21 27.94
N TYR A 30 21.33 -1.78 29.13
CA TYR A 30 22.26 -2.88 29.29
C TYR A 30 21.85 -4.07 28.44
N TRP A 31 20.59 -4.49 28.56
CA TRP A 31 20.13 -5.67 27.84
C TRP A 31 20.04 -5.43 26.34
N ARG A 32 19.71 -4.20 25.92
CA ARG A 32 19.57 -3.93 24.50
C ARG A 32 20.94 -3.84 23.82
N ASP A 33 21.88 -3.11 24.44
CA ASP A 33 23.23 -3.05 23.89
C ASP A 33 23.87 -4.43 23.83
N GLN A 34 23.60 -5.27 24.84
CA GLN A 34 24.14 -6.62 24.85
C GLN A 34 23.54 -7.46 23.73
N ALA A 35 22.20 -7.41 23.58
CA ALA A 35 21.55 -8.21 22.56
C ALA A 35 21.99 -7.79 21.16
N GLN A 36 22.18 -6.49 20.94
CA GLN A 36 22.66 -6.03 19.64
C GLN A 36 24.11 -6.43 19.41
N GLU A 37 24.90 -6.52 20.47
CA GLU A 37 26.25 -7.07 20.32
C GLU A 37 26.21 -8.50 19.80
N THR A 38 25.29 -9.31 20.33
CA THR A 38 25.08 -10.65 19.80
C THR A 38 24.61 -10.59 18.35
N LEU A 39 23.74 -9.64 18.02
CA LEU A 39 23.27 -9.48 16.66
C LEU A 39 24.42 -9.23 15.70
N LYS A 40 25.41 -8.45 16.13
CA LYS A 40 26.55 -8.14 15.26
C LYS A 40 27.36 -9.40 14.96
N TYR A 41 27.61 -10.22 15.97
CA TYR A 41 28.37 -11.46 15.76
C TYR A 41 27.57 -12.46 14.94
N ALA A 42 26.25 -12.51 15.15
CA ALA A 42 25.42 -13.40 14.36
C ALA A 42 25.44 -13.02 12.89
N LEU A 43 25.32 -11.72 12.60
CA LEU A 43 25.41 -11.26 11.21
C LEU A 43 26.78 -11.53 10.61
N GLU A 44 27.84 -11.46 11.43
CA GLU A 44 29.18 -11.75 10.93
C GLU A 44 29.37 -13.24 10.68
N LEU A 45 28.65 -14.10 11.40
CA LEU A 45 28.72 -15.53 11.16
C LEU A 45 28.02 -15.96 9.88
N GLN A 46 27.36 -15.04 9.18
CA GLN A 46 26.84 -15.35 7.85
C GLN A 46 27.95 -15.64 6.86
N LYS A 47 29.15 -15.11 7.08
CA LYS A 47 30.34 -15.47 6.31
C LYS A 47 30.84 -16.81 6.83
N LEU A 48 30.35 -17.88 6.21
CA LEU A 48 30.55 -19.23 6.75
C LEU A 48 32.03 -19.66 6.63
N ASN A 49 32.37 -20.67 7.42
CA ASN A 49 33.69 -21.29 7.41
C ASN A 49 33.60 -22.54 6.54
N THR A 50 34.00 -22.42 5.28
CA THR A 50 33.94 -23.53 4.33
C THR A 50 35.33 -24.11 4.03
N ASN A 51 36.29 -23.91 4.93
CA ASN A 51 37.61 -24.50 4.75
C ASN A 51 37.53 -26.01 4.95
N VAL A 52 38.65 -26.68 4.66
CA VAL A 52 38.79 -28.10 4.96
C VAL A 52 39.22 -28.26 6.41
N ALA A 53 38.58 -29.17 7.12
CA ALA A 53 38.91 -29.42 8.52
C ALA A 53 40.15 -30.30 8.57
N LYS A 54 41.32 -29.67 8.74
CA LYS A 54 42.56 -30.44 8.85
C LYS A 54 42.56 -31.32 10.10
N ASN A 55 41.91 -30.87 11.17
CA ASN A 55 41.80 -31.64 12.40
C ASN A 55 40.35 -31.66 12.87
N VAL A 56 39.99 -32.74 13.56
CA VAL A 56 38.68 -32.90 14.17
C VAL A 56 38.87 -33.33 15.62
N ILE A 57 38.22 -32.62 16.53
CA ILE A 57 38.27 -32.94 17.97
C ILE A 57 36.84 -33.11 18.45
N MET A 58 36.54 -34.28 19.02
CA MET A 58 35.21 -34.58 19.52
C MET A 58 35.26 -34.67 21.05
N PHE A 59 34.65 -33.70 21.72
CA PHE A 59 34.46 -33.73 23.16
C PHE A 59 33.13 -34.40 23.47
N LEU A 60 33.17 -35.52 24.17
CA LEU A 60 31.96 -36.31 24.48
C LEU A 60 31.78 -36.33 25.99
N GLY A 61 30.83 -35.54 26.48
CA GLY A 61 30.47 -35.57 27.88
C GLY A 61 29.38 -36.59 28.16
N ASP A 62 29.74 -37.69 28.82
CA ASP A 62 28.79 -38.77 29.08
C ASP A 62 27.68 -38.28 29.99
N GLY A 63 26.44 -38.43 29.53
CA GLY A 63 25.29 -38.04 30.32
C GLY A 63 25.09 -36.54 30.47
N MET A 64 25.79 -35.74 29.67
CA MET A 64 25.71 -34.27 29.77
C MET A 64 24.44 -33.79 29.06
N GLY A 65 23.31 -33.99 29.73
CA GLY A 65 22.05 -33.49 29.20
C GLY A 65 21.96 -31.98 29.32
N VAL A 66 20.90 -31.42 28.72
CA VAL A 66 20.73 -29.97 28.69
C VAL A 66 20.68 -29.40 30.11
N SER A 67 19.92 -30.06 31.00
CA SER A 67 19.86 -29.62 32.39
C SER A 67 21.21 -29.73 33.08
N THR A 68 22.10 -30.61 32.58
CA THR A 68 23.41 -30.76 33.19
C THR A 68 24.35 -29.64 32.80
N VAL A 69 24.29 -29.17 31.55
CA VAL A 69 25.19 -28.09 31.14
C VAL A 69 24.74 -26.77 31.75
N THR A 70 23.43 -26.59 31.96
CA THR A 70 22.95 -25.35 32.56
C THR A 70 23.39 -25.25 34.02
N ALA A 71 23.17 -26.30 34.79
CA ALA A 71 23.62 -26.31 36.18
C ALA A 71 25.13 -26.18 36.27
N ALA A 72 25.87 -26.93 35.44
CA ALA A 72 27.32 -26.83 35.45
C ALA A 72 27.80 -25.46 35.03
N ARG A 73 27.03 -24.75 34.20
CA ARG A 73 27.36 -23.37 33.88
C ARG A 73 27.25 -22.49 35.13
N ILE A 74 26.27 -22.76 35.98
CA ILE A 74 26.12 -21.99 37.22
C ILE A 74 27.24 -22.32 38.18
N LEU A 75 27.68 -23.58 38.21
CA LEU A 75 28.78 -23.96 39.10
C LEU A 75 30.07 -23.23 38.74
N LYS A 76 30.35 -23.09 37.44
CA LYS A 76 31.56 -22.40 37.01
C LYS A 76 31.57 -20.96 37.49
N GLY A 77 30.46 -20.25 37.31
CA GLY A 77 30.39 -18.87 37.76
C GLY A 77 30.39 -18.75 39.26
N GLN A 78 29.74 -19.69 39.96
CA GLN A 78 29.70 -19.63 41.42
C GLN A 78 31.02 -20.01 42.06
N LEU A 79 31.87 -20.78 41.35
CA LEU A 79 33.22 -20.99 41.84
C LEU A 79 34.07 -19.72 41.76
N HIS A 80 33.61 -18.71 41.03
CA HIS A 80 34.25 -17.40 41.00
C HIS A 80 33.48 -16.38 41.84
N HIS A 81 32.62 -16.85 42.75
CA HIS A 81 31.84 -16.00 43.65
C HIS A 81 30.95 -15.01 42.89
N ASN A 82 30.54 -15.41 41.69
CA ASN A 82 29.57 -14.71 40.87
C ASN A 82 28.20 -15.36 41.04
N PRO A 83 27.11 -14.66 40.65
CA PRO A 83 25.78 -15.29 40.78
C PRO A 83 25.66 -16.61 40.03
N GLY A 84 26.15 -16.67 38.80
CA GLY A 84 26.24 -17.95 38.10
C GLY A 84 25.49 -18.03 36.78
N GLU A 85 24.24 -17.57 36.75
CA GLU A 85 23.40 -17.77 35.58
C GLU A 85 23.90 -16.98 34.38
N GLU A 86 24.60 -15.87 34.60
CA GLU A 86 25.12 -15.04 33.52
C GLU A 86 26.46 -15.55 32.99
N THR A 87 26.98 -16.65 33.54
CA THR A 87 28.28 -17.16 33.16
C THR A 87 28.20 -17.88 31.81
N ARG A 88 29.30 -17.83 31.06
CA ARG A 88 29.40 -18.45 29.75
C ARG A 88 30.44 -19.56 29.79
N LEU A 89 30.01 -20.80 29.58
CA LEU A 89 30.93 -21.92 29.47
C LEU A 89 31.77 -21.78 28.20
N GLU A 90 32.83 -22.59 28.13
CA GLU A 90 33.61 -22.64 26.90
C GLU A 90 32.80 -23.21 25.75
N MET A 91 32.02 -24.26 26.02
CA MET A 91 31.11 -24.79 25.01
C MET A 91 29.96 -23.84 24.70
N ASP A 92 29.64 -22.93 25.63
CA ASP A 92 28.63 -21.91 25.36
C ASP A 92 29.06 -21.00 24.22
N LYS A 93 30.36 -20.76 24.08
CA LYS A 93 30.88 -19.83 23.08
C LYS A 93 31.01 -20.46 21.70
N PHE A 94 30.74 -21.76 21.56
CA PHE A 94 30.70 -22.38 20.25
C PHE A 94 29.57 -21.75 19.43
N PRO A 95 29.80 -21.38 18.17
CA PRO A 95 28.78 -20.60 17.46
C PRO A 95 27.52 -21.38 17.12
N PHE A 96 27.60 -22.69 16.89
CA PHE A 96 26.51 -23.42 16.25
C PHE A 96 26.04 -24.56 17.15
N VAL A 97 24.74 -24.56 17.44
CA VAL A 97 24.11 -25.49 18.36
C VAL A 97 23.05 -26.30 17.63
N ALA A 98 22.95 -27.58 17.96
CA ALA A 98 21.94 -28.46 17.40
C ALA A 98 21.45 -29.40 18.49
N LEU A 99 20.35 -30.09 18.20
CA LEU A 99 19.79 -31.12 19.08
C LEU A 99 19.93 -32.48 18.43
N SER A 100 20.24 -33.50 19.24
CA SER A 100 20.54 -34.83 18.75
C SER A 100 19.58 -35.84 19.36
N LYS A 101 18.94 -36.65 18.52
CA LYS A 101 18.00 -37.67 18.96
C LYS A 101 18.76 -38.95 19.28
N THR A 102 18.63 -39.42 20.52
CA THR A 102 19.57 -40.39 21.08
C THR A 102 19.01 -41.80 21.22
N TYR A 103 17.80 -42.07 20.74
CA TYR A 103 17.21 -43.40 20.96
C TYR A 103 18.03 -44.47 20.25
N ASN A 104 18.25 -45.58 20.95
CA ASN A 104 18.82 -46.77 20.32
C ASN A 104 17.75 -47.49 19.52
N THR A 105 18.21 -48.19 18.48
CA THR A 105 17.38 -49.15 17.77
C THR A 105 16.67 -50.05 18.77
N ASN A 106 17.41 -50.48 19.79
CA ASN A 106 16.93 -51.44 20.77
C ASN A 106 16.01 -50.80 21.80
N ALA A 107 16.33 -49.58 22.26
CA ALA A 107 15.72 -49.04 23.46
C ALA A 107 15.35 -47.57 23.27
N GLN A 108 14.18 -47.20 23.77
CA GLN A 108 13.73 -45.82 23.69
C GLN A 108 14.60 -44.90 24.56
N VAL A 109 15.03 -45.39 25.72
CA VAL A 109 15.94 -44.68 26.59
C VAL A 109 17.30 -45.37 26.49
N PRO A 110 18.29 -44.72 25.91
CA PRO A 110 19.47 -45.43 25.40
C PRO A 110 20.51 -45.69 26.49
N ASP A 111 21.58 -46.36 26.08
CA ASP A 111 22.72 -46.69 26.93
C ASP A 111 23.98 -46.03 26.35
N SER A 112 25.12 -46.31 27.00
CA SER A 112 26.37 -45.67 26.62
C SER A 112 26.99 -46.30 25.38
N ALA A 113 26.80 -47.60 25.18
CA ALA A 113 27.49 -48.29 24.10
C ALA A 113 26.83 -48.03 22.74
N GLY A 114 25.54 -48.34 22.63
CA GLY A 114 24.87 -48.22 21.34
C GLY A 114 24.88 -46.80 20.79
N THR A 115 24.75 -45.81 21.67
CA THR A 115 24.83 -44.43 21.23
C THR A 115 26.21 -44.10 20.68
N ALA A 116 27.25 -44.65 21.29
CA ALA A 116 28.62 -44.39 20.82
C ALA A 116 28.79 -44.83 19.37
N THR A 117 28.18 -45.96 19.00
CA THR A 117 28.19 -46.38 17.60
C THR A 117 27.56 -45.33 16.69
N ALA A 118 26.54 -44.63 17.18
CA ALA A 118 25.87 -43.63 16.34
C ALA A 118 26.77 -42.43 16.08
N TYR A 119 27.31 -41.81 17.13
CA TYR A 119 28.09 -40.59 16.95
C TYR A 119 29.55 -40.84 16.60
N LEU A 120 30.03 -42.08 16.70
CA LEU A 120 31.39 -42.41 16.28
C LEU A 120 31.45 -43.16 14.95
N CYS A 121 30.48 -44.03 14.68
CA CYS A 121 30.49 -44.85 13.46
C CYS A 121 29.47 -44.41 12.43
N GLY A 122 28.50 -43.58 12.78
CA GLY A 122 27.50 -43.11 11.85
C GLY A 122 26.32 -44.02 11.62
N VAL A 123 26.19 -45.10 12.39
CA VAL A 123 25.10 -46.05 12.23
C VAL A 123 24.51 -46.33 13.61
N LYS A 124 23.22 -46.06 13.76
CA LYS A 124 22.54 -46.36 15.02
C LYS A 124 22.43 -47.87 15.21
N ALA A 125 22.45 -48.30 16.46
CA ALA A 125 22.63 -49.72 16.76
C ALA A 125 21.82 -50.10 17.99
N ASN A 126 22.04 -51.32 18.48
CA ASN A 126 21.35 -51.86 19.64
C ASN A 126 22.10 -51.50 20.92
N GLU A 127 21.35 -51.39 22.00
CA GLU A 127 21.94 -51.08 23.29
C GLU A 127 22.83 -52.24 23.75
N GLY A 128 23.95 -51.90 24.39
CA GLY A 128 24.88 -52.89 24.87
C GLY A 128 25.89 -53.39 23.86
N THR A 129 25.91 -52.82 22.66
CA THR A 129 26.81 -53.25 21.60
C THR A 129 27.68 -52.07 21.16
N VAL A 130 28.84 -52.39 20.58
CA VAL A 130 29.77 -51.39 20.09
C VAL A 130 30.25 -51.79 18.70
N GLY A 131 30.32 -50.80 17.80
CA GLY A 131 30.92 -51.01 16.49
C GLY A 131 30.24 -52.03 15.61
N VAL A 132 28.96 -52.32 15.86
CA VAL A 132 28.22 -53.28 15.04
C VAL A 132 26.84 -52.72 14.74
N SER A 133 26.28 -53.11 13.61
CA SER A 133 24.96 -52.67 13.24
C SER A 133 23.90 -53.37 14.10
N ALA A 134 22.66 -52.92 13.96
CA ALA A 134 21.54 -53.47 14.73
C ALA A 134 21.24 -54.92 14.41
N ALA A 135 21.90 -55.53 13.41
CA ALA A 135 21.75 -56.95 13.12
C ALA A 135 22.42 -57.84 14.15
N THR A 136 23.24 -57.28 15.04
CA THR A 136 23.94 -58.04 16.06
C THR A 136 23.09 -58.08 17.33
N GLU A 137 22.72 -59.28 17.76
CA GLU A 137 22.09 -59.45 19.06
C GLU A 137 23.14 -59.35 20.16
N ARG A 138 22.77 -58.72 21.26
CA ARG A 138 23.71 -58.54 22.36
C ARG A 138 24.09 -59.89 22.96
N SER A 139 25.39 -60.04 23.26
CA SER A 139 25.98 -61.21 23.90
C SER A 139 25.92 -62.48 23.05
N ARG A 140 25.52 -62.38 21.79
CA ARG A 140 25.56 -63.49 20.84
C ARG A 140 26.74 -63.26 19.91
N CYS A 141 27.83 -63.98 20.15
CA CYS A 141 29.10 -63.68 19.46
C CYS A 141 29.01 -63.94 17.96
N ASN A 142 28.37 -65.06 17.56
CA ASN A 142 28.37 -65.44 16.16
C ASN A 142 27.59 -64.47 15.28
N THR A 143 26.80 -63.57 15.84
CA THR A 143 26.11 -62.53 15.08
C THR A 143 26.99 -61.32 14.80
N THR A 144 28.29 -61.40 15.11
CA THR A 144 29.19 -60.26 14.90
C THR A 144 29.71 -60.22 13.47
N GLN A 145 30.17 -61.35 12.96
CA GLN A 145 30.80 -61.39 11.64
C GLN A 145 29.85 -60.91 10.55
N GLY A 146 30.30 -59.94 9.77
CA GLY A 146 29.52 -59.39 8.68
C GLY A 146 28.77 -58.12 9.00
N ASN A 147 28.52 -57.84 10.29
CA ASN A 147 27.76 -56.67 10.70
C ASN A 147 28.63 -55.63 11.41
N GLU A 148 29.95 -55.70 11.23
CA GLU A 148 30.83 -54.71 11.81
C GLU A 148 30.75 -53.40 11.03
N VAL A 149 30.80 -52.29 11.76
CA VAL A 149 30.81 -50.96 11.17
C VAL A 149 31.94 -50.17 11.80
N THR A 150 32.67 -49.43 10.97
CA THR A 150 33.91 -48.77 11.38
C THR A 150 33.66 -47.34 11.84
N SER A 151 34.63 -46.79 12.56
CA SER A 151 34.51 -45.53 13.27
C SER A 151 35.26 -44.41 12.56
N ILE A 152 34.91 -43.17 12.94
CA ILE A 152 35.57 -42.00 12.36
C ILE A 152 37.04 -41.96 12.76
N LEU A 153 37.39 -42.55 13.91
CA LEU A 153 38.80 -42.71 14.23
C LEU A 153 39.53 -43.50 13.16
N ARG A 154 38.89 -44.58 12.68
CA ARG A 154 39.53 -45.40 11.65
C ARG A 154 39.51 -44.71 10.30
N TRP A 155 38.40 -44.03 9.96
CA TRP A 155 38.38 -43.24 8.73
C TRP A 155 39.48 -42.20 8.72
N ALA A 156 39.81 -41.64 9.88
CA ALA A 156 40.86 -40.62 9.95
C ALA A 156 42.24 -41.25 9.83
N LYS A 157 42.48 -42.37 10.51
CA LYS A 157 43.78 -43.03 10.41
C LYS A 157 44.07 -43.48 8.98
N ASP A 158 43.03 -43.90 8.25
CA ASP A 158 43.20 -44.36 6.88
C ASP A 158 43.45 -43.21 5.90
N ALA A 159 43.27 -41.96 6.33
CA ALA A 159 43.63 -40.80 5.52
C ALA A 159 44.97 -40.21 5.95
N GLY A 160 45.77 -40.96 6.72
CA GLY A 160 47.06 -40.51 7.17
C GLY A 160 47.07 -39.75 8.48
N LYS A 161 45.91 -39.39 9.00
CA LYS A 161 45.84 -38.57 10.21
C LYS A 161 46.27 -39.37 11.44
N SER A 162 46.86 -38.66 12.40
CA SER A 162 47.12 -39.23 13.71
C SER A 162 45.82 -39.24 14.51
N VAL A 163 45.64 -40.26 15.34
CA VAL A 163 44.41 -40.42 16.10
C VAL A 163 44.75 -40.64 17.57
N GLY A 164 43.89 -40.12 18.44
CA GLY A 164 44.11 -40.26 19.87
C GLY A 164 42.81 -40.37 20.65
N ILE A 165 42.83 -41.17 21.71
CA ILE A 165 41.71 -41.32 22.63
C ILE A 165 42.16 -40.87 24.00
N VAL A 166 41.36 -40.04 24.66
CA VAL A 166 41.66 -39.53 25.99
C VAL A 166 40.35 -39.52 26.78
N THR A 167 40.35 -40.19 27.94
CA THR A 167 39.14 -40.27 28.75
C THR A 167 39.53 -40.45 30.21
N THR A 168 38.57 -40.18 31.10
CA THR A 168 38.74 -40.40 32.53
C THR A 168 38.16 -41.73 32.98
N THR A 169 37.69 -42.56 32.05
CA THR A 169 37.24 -43.90 32.33
C THR A 169 38.26 -44.91 31.80
N ARG A 170 37.93 -46.19 31.95
CA ARG A 170 38.72 -47.23 31.32
C ARG A 170 38.83 -46.97 29.83
N VAL A 171 40.03 -47.13 29.28
CA VAL A 171 40.21 -46.96 27.84
C VAL A 171 39.32 -47.92 27.07
N ASN A 172 38.99 -49.07 27.68
CA ASN A 172 38.09 -50.05 27.09
C ASN A 172 36.66 -49.92 27.61
N HIS A 173 36.23 -48.72 27.96
CA HIS A 173 34.85 -48.47 28.33
C HIS A 173 33.99 -48.29 27.09
N ALA A 174 32.67 -48.23 27.30
CA ALA A 174 31.73 -48.28 26.19
C ALA A 174 31.96 -47.15 25.20
N THR A 175 32.12 -45.92 25.69
CA THR A 175 32.24 -44.78 24.78
C THR A 175 33.56 -44.79 24.01
N PRO A 176 34.73 -44.99 24.63
CA PRO A 176 35.95 -45.04 23.82
C PRO A 176 36.08 -46.30 22.98
N SER A 177 35.44 -47.40 23.38
CA SER A 177 35.65 -48.66 22.66
C SER A 177 34.97 -48.67 21.31
N ALA A 178 33.93 -47.85 21.13
CA ALA A 178 33.27 -47.80 19.83
C ALA A 178 34.14 -47.11 18.78
N ALA A 179 35.28 -46.56 19.18
CA ALA A 179 36.19 -45.94 18.21
C ALA A 179 37.14 -46.95 17.58
N TYR A 180 37.29 -48.13 18.18
CA TYR A 180 38.22 -49.13 17.66
C TYR A 180 37.69 -50.56 17.66
N ALA A 181 36.76 -50.91 18.55
CA ALA A 181 36.38 -52.30 18.74
C ALA A 181 35.09 -52.64 17.99
N HIS A 182 34.85 -53.94 17.87
CA HIS A 182 33.60 -54.48 17.36
C HIS A 182 33.22 -55.66 18.24
N SER A 183 32.23 -55.47 19.11
CA SER A 183 31.87 -56.49 20.08
C SER A 183 30.37 -56.45 20.33
N ALA A 184 29.83 -57.61 20.71
CA ALA A 184 28.41 -57.76 20.98
C ALA A 184 28.05 -57.51 22.44
N ASP A 185 29.01 -57.07 23.25
CA ASP A 185 28.72 -56.77 24.65
C ASP A 185 29.72 -55.76 25.17
N ARG A 186 29.22 -54.65 25.70
CA ARG A 186 30.07 -53.66 26.35
C ARG A 186 30.70 -54.20 27.63
N ASP A 187 30.19 -55.32 28.15
CA ASP A 187 30.68 -55.89 29.39
C ASP A 187 31.91 -56.76 29.20
N TRP A 188 32.37 -56.95 27.96
CA TRP A 188 33.51 -57.81 27.67
C TRP A 188 34.81 -57.02 27.70
N TYR A 189 35.07 -56.41 28.85
CA TYR A 189 36.28 -55.61 29.05
C TYR A 189 37.53 -56.41 28.74
N SER A 190 37.71 -57.53 29.43
CA SER A 190 38.78 -58.48 29.16
C SER A 190 38.18 -59.87 29.06
N ASP A 191 39.01 -60.83 28.64
CA ASP A 191 38.54 -62.21 28.55
C ASP A 191 38.13 -62.77 29.90
N ASN A 192 38.56 -62.12 30.99
CA ASN A 192 38.09 -62.50 32.32
C ASN A 192 36.58 -62.34 32.44
N GLU A 193 36.01 -61.34 31.76
CA GLU A 193 34.60 -61.02 31.86
C GLU A 193 33.78 -61.58 30.71
N MET A 194 34.38 -62.40 29.86
CA MET A 194 33.65 -63.01 28.74
C MET A 194 33.18 -64.41 29.12
N PRO A 195 31.96 -64.78 28.74
CA PRO A 195 31.45 -66.11 29.08
C PRO A 195 32.11 -67.18 28.22
N PRO A 196 32.05 -68.44 28.64
CA PRO A 196 32.80 -69.49 27.92
C PRO A 196 32.39 -69.67 26.47
N GLU A 197 31.13 -69.41 26.12
CA GLU A 197 30.71 -69.68 24.74
C GLU A 197 31.20 -68.60 23.79
N ALA A 198 31.18 -67.33 24.21
CA ALA A 198 31.76 -66.28 23.39
C ALA A 198 33.24 -66.51 23.15
N LEU A 199 33.94 -67.08 24.15
CA LEU A 199 35.35 -67.41 23.99
C LEU A 199 35.54 -68.55 23.00
N SER A 200 34.72 -69.60 23.10
CA SER A 200 34.83 -70.73 22.20
C SER A 200 34.48 -70.36 20.76
N GLN A 201 33.69 -69.32 20.55
CA GLN A 201 33.29 -68.90 19.22
C GLN A 201 34.25 -67.89 18.60
N GLY A 202 35.35 -67.56 19.27
CA GLY A 202 36.40 -66.77 18.67
C GLY A 202 36.28 -65.26 18.83
N CYS A 203 35.31 -64.78 19.60
CA CYS A 203 35.24 -63.35 19.87
C CYS A 203 36.36 -62.93 20.81
N LYS A 204 36.90 -61.74 20.58
CA LYS A 204 37.98 -61.21 21.39
C LYS A 204 37.47 -60.06 22.24
N ASP A 205 38.01 -59.97 23.46
CA ASP A 205 37.59 -58.93 24.39
C ASP A 205 38.08 -57.56 23.91
N ILE A 206 37.59 -56.52 24.59
CA ILE A 206 37.78 -55.16 24.08
C ILE A 206 39.21 -54.67 24.31
N ALA A 207 39.80 -55.01 25.45
CA ALA A 207 41.20 -54.66 25.68
C ALA A 207 42.10 -55.28 24.62
N TYR A 208 41.82 -56.54 24.24
CA TYR A 208 42.55 -57.17 23.14
C TYR A 208 42.34 -56.40 21.85
N GLN A 209 41.09 -56.03 21.55
CA GLN A 209 40.80 -55.32 20.32
C GLN A 209 41.41 -53.92 20.30
N LEU A 210 41.57 -53.30 21.48
CA LEU A 210 42.22 -52.00 21.54
C LEU A 210 43.62 -52.05 20.97
N MET A 211 44.33 -53.16 21.18
CA MET A 211 45.72 -53.27 20.80
C MET A 211 45.94 -53.99 19.48
N HIS A 212 44.93 -54.68 18.94
CA HIS A 212 45.09 -55.48 17.73
C HIS A 212 44.37 -54.93 16.52
N ASN A 213 43.18 -54.36 16.70
CA ASN A 213 42.42 -53.84 15.57
C ASN A 213 43.17 -52.73 14.85
N ILE A 214 43.38 -51.61 15.53
CA ILE A 214 44.16 -50.50 15.00
C ILE A 214 45.45 -50.43 15.80
N ARG A 215 46.56 -50.77 15.17
CA ARG A 215 47.83 -50.96 15.86
C ARG A 215 48.71 -49.71 15.88
N ASP A 216 48.33 -48.66 15.15
CA ASP A 216 49.10 -47.42 15.15
C ASP A 216 48.28 -46.26 15.71
N ILE A 217 47.43 -46.54 16.70
CA ILE A 217 46.77 -45.46 17.42
C ILE A 217 47.82 -44.66 18.15
N ASP A 218 47.90 -43.36 17.85
CA ASP A 218 49.03 -42.54 18.29
C ASP A 218 48.99 -42.25 19.79
N VAL A 219 47.80 -42.01 20.35
CA VAL A 219 47.66 -41.62 21.74
C VAL A 219 46.49 -42.38 22.35
N ILE A 220 46.74 -43.04 23.49
CA ILE A 220 45.70 -43.69 24.29
C ILE A 220 45.94 -43.31 25.74
N MET A 221 44.96 -42.65 26.36
CA MET A 221 45.11 -42.20 27.74
C MET A 221 43.80 -42.37 28.49
N GLY A 222 43.89 -42.95 29.68
CA GLY A 222 42.72 -43.18 30.51
C GLY A 222 43.04 -44.20 31.58
N GLY A 223 41.98 -44.82 32.08
CA GLY A 223 42.09 -45.87 33.07
C GLY A 223 42.09 -47.25 32.44
N GLY A 224 41.70 -48.24 33.25
CA GLY A 224 41.65 -49.60 32.77
C GLY A 224 42.99 -50.31 32.68
N ARG A 225 43.91 -49.97 33.58
CA ARG A 225 45.25 -50.56 33.52
C ARG A 225 45.22 -52.06 33.78
N LYS A 226 44.28 -52.53 34.61
CA LYS A 226 44.32 -53.93 35.04
C LYS A 226 43.93 -54.90 33.94
N TYR A 227 43.25 -54.44 32.88
CA TYR A 227 42.85 -55.32 31.80
C TYR A 227 43.96 -55.58 30.79
N MET A 228 45.18 -55.08 31.05
CA MET A 228 46.30 -55.26 30.16
C MET A 228 47.35 -56.22 30.69
N TYR A 229 47.26 -56.63 31.96
CA TYR A 229 48.28 -57.48 32.56
C TYR A 229 47.70 -58.82 32.98
N PRO A 230 48.47 -59.91 32.87
CA PRO A 230 47.94 -61.25 33.16
C PRO A 230 47.26 -61.37 34.52
N LYS A 231 46.37 -62.35 34.64
CA LYS A 231 45.56 -62.53 35.84
C LYS A 231 46.44 -62.67 37.08
N ASN A 232 46.02 -62.02 38.16
CA ASN A 232 46.61 -62.04 39.50
C ASN A 232 47.92 -61.26 39.60
N LYS A 233 48.37 -60.60 38.53
CA LYS A 233 49.59 -59.81 38.59
C LYS A 233 49.34 -58.55 39.41
N THR A 234 50.14 -58.34 40.45
CA THR A 234 49.99 -57.14 41.28
C THR A 234 50.23 -55.89 40.45
N ASP A 235 49.59 -54.80 40.86
CA ASP A 235 49.59 -53.56 40.10
C ASP A 235 50.73 -52.65 40.53
N VAL A 236 51.21 -51.84 39.59
CA VAL A 236 52.38 -50.99 39.83
C VAL A 236 52.09 -49.97 40.92
N GLU A 237 50.89 -49.42 40.95
CA GLU A 237 50.57 -48.30 41.82
C GLU A 237 49.91 -48.71 43.13
N TYR A 238 49.10 -49.77 43.12
CA TYR A 238 48.44 -50.26 44.34
C TYR A 238 48.79 -51.75 44.49
N GLU A 239 49.97 -52.02 45.08
CA GLU A 239 50.44 -53.40 45.19
C GLU A 239 49.65 -54.20 46.22
N SER A 240 49.00 -53.54 47.18
CA SER A 240 48.30 -54.25 48.25
C SER A 240 46.85 -54.54 47.91
N ASP A 241 46.24 -53.74 47.04
CA ASP A 241 44.83 -53.93 46.71
C ASP A 241 44.64 -55.18 45.85
N GLU A 242 43.65 -55.99 46.21
CA GLU A 242 43.29 -57.15 45.39
C GLU A 242 42.61 -56.70 44.10
N LYS A 243 41.53 -55.91 44.22
CA LYS A 243 40.70 -55.55 43.09
C LYS A 243 41.42 -54.68 42.06
N ALA A 244 42.75 -54.62 42.13
CA ALA A 244 43.55 -53.91 41.15
C ALA A 244 44.52 -54.81 40.39
N ARG A 245 44.64 -56.08 40.76
CA ARG A 245 45.50 -57.00 40.02
C ARG A 245 44.98 -57.18 38.59
N GLY A 246 45.88 -57.59 37.70
CA GLY A 246 45.51 -57.86 36.33
C GLY A 246 44.46 -58.95 36.22
N THR A 247 43.86 -59.04 35.04
CA THR A 247 42.73 -59.94 34.81
C THR A 247 42.90 -60.92 33.65
N ARG A 248 43.84 -60.69 32.73
CA ARG A 248 43.88 -61.46 31.50
C ARG A 248 44.17 -62.94 31.75
N LEU A 249 43.21 -63.80 31.42
CA LEU A 249 43.48 -65.23 31.34
C LEU A 249 44.32 -65.59 30.13
N ASP A 250 44.50 -64.65 29.20
CA ASP A 250 45.37 -64.87 28.05
C ASP A 250 46.79 -65.21 28.49
N GLY A 251 47.24 -64.60 29.59
CA GLY A 251 48.65 -64.52 29.89
C GLY A 251 49.37 -63.44 29.12
N LEU A 252 48.73 -62.82 28.14
CA LEU A 252 49.34 -61.79 27.32
C LEU A 252 49.60 -60.53 28.13
N ASP A 253 50.64 -59.80 27.74
CA ASP A 253 50.93 -58.47 28.24
C ASP A 253 50.58 -57.50 27.11
N LEU A 254 49.41 -56.87 27.22
CA LEU A 254 48.95 -56.02 26.13
C LEU A 254 49.70 -54.70 26.06
N VAL A 255 50.26 -54.24 27.18
CA VAL A 255 51.15 -53.09 27.13
C VAL A 255 52.43 -53.45 26.40
N ASP A 256 52.96 -54.64 26.67
CA ASP A 256 54.10 -55.15 25.90
C ASP A 256 53.71 -55.38 24.45
N THR A 257 52.53 -55.95 24.20
CA THR A 257 52.03 -56.09 22.84
C THR A 257 51.91 -54.74 22.16
N TRP A 258 51.43 -53.73 22.88
CA TRP A 258 51.30 -52.38 22.33
C TRP A 258 52.66 -51.85 21.90
N LYS A 259 53.70 -52.08 22.70
CA LYS A 259 55.05 -51.70 22.30
C LYS A 259 55.46 -52.43 21.02
N SER A 260 55.11 -53.72 20.92
CA SER A 260 55.65 -54.56 19.87
C SER A 260 55.13 -54.19 18.48
N PHE A 261 53.92 -53.63 18.40
CA PHE A 261 53.36 -53.28 17.11
C PHE A 261 53.89 -51.97 16.55
N LYS A 262 54.62 -51.20 17.34
CA LYS A 262 55.20 -49.98 16.81
C LYS A 262 56.63 -50.22 16.36
N PRO A 263 57.09 -49.53 15.31
CA PRO A 263 58.48 -49.68 14.88
C PRO A 263 59.45 -49.36 16.01
N ARG A 264 60.50 -50.18 16.12
CA ARG A 264 61.43 -50.06 17.23
C ARG A 264 62.21 -48.75 17.22
N TYR A 265 62.36 -48.12 16.04
CA TYR A 265 63.11 -46.87 15.97
C TYR A 265 62.30 -45.68 16.48
N LYS A 266 60.98 -45.75 16.44
CA LYS A 266 60.14 -44.65 16.90
C LYS A 266 60.10 -44.62 18.43
N HIS A 267 59.55 -43.53 18.97
CA HIS A 267 59.52 -43.30 20.42
C HIS A 267 58.14 -43.69 20.95
N SER A 268 58.05 -44.89 21.51
CA SER A 268 56.86 -45.36 22.21
C SER A 268 57.22 -45.56 23.67
N HIS A 269 56.42 -44.97 24.56
CA HIS A 269 56.85 -44.77 25.95
C HIS A 269 56.05 -45.56 26.97
N PHE A 270 54.73 -45.41 26.99
CA PHE A 270 53.86 -45.92 28.05
C PHE A 270 54.21 -45.33 29.41
N ILE A 271 53.26 -44.58 29.99
CA ILE A 271 53.42 -44.00 31.32
C ILE A 271 52.23 -44.44 32.16
N TRP A 272 52.33 -44.19 33.46
CA TRP A 272 51.23 -44.54 34.35
C TRP A 272 50.95 -43.53 35.45
N ASN A 273 51.79 -42.51 35.66
CA ASN A 273 51.50 -41.49 36.66
C ASN A 273 51.70 -40.10 36.06
N ARG A 274 51.30 -39.09 36.83
CA ARG A 274 51.23 -37.73 36.31
C ARG A 274 52.62 -37.12 36.12
N THR A 275 53.60 -37.50 36.94
CA THR A 275 54.94 -36.95 36.79
C THR A 275 55.51 -37.31 35.42
N GLU A 276 55.44 -38.59 35.05
CA GLU A 276 55.92 -39.02 33.74
C GLU A 276 55.20 -38.28 32.60
N LEU A 277 53.93 -37.95 32.80
CA LEU A 277 53.16 -37.27 31.77
C LEU A 277 53.76 -35.92 31.42
N LEU A 278 54.05 -35.11 32.44
CA LEU A 278 54.51 -33.74 32.22
C LEU A 278 56.01 -33.64 31.98
N THR A 279 56.77 -34.71 32.26
CA THR A 279 58.19 -34.73 31.90
C THR A 279 58.41 -35.12 30.45
N LEU A 280 57.38 -35.61 29.76
CA LEU A 280 57.51 -35.98 28.36
C LEU A 280 57.80 -34.76 27.49
N ASP A 281 58.51 -35.00 26.39
CA ASP A 281 58.67 -34.00 25.35
C ASP A 281 57.70 -34.33 24.23
N PRO A 282 56.54 -33.66 24.15
CA PRO A 282 55.56 -34.03 23.11
C PRO A 282 56.09 -33.93 21.71
N HIS A 283 56.95 -32.95 21.43
CA HIS A 283 57.55 -32.81 20.11
C HIS A 283 58.59 -33.89 19.83
N ASN A 284 58.55 -34.99 20.59
CA ASN A 284 59.53 -36.05 20.48
C ASN A 284 58.98 -37.39 20.95
N VAL A 285 57.66 -37.55 20.87
CA VAL A 285 57.00 -38.81 21.20
C VAL A 285 56.10 -39.19 20.03
N ASP A 286 56.19 -40.45 19.59
CA ASP A 286 55.38 -40.96 18.49
C ASP A 286 54.13 -41.67 18.96
N TYR A 287 54.26 -42.57 19.93
CA TYR A 287 53.14 -43.33 20.46
C TYR A 287 53.14 -43.24 21.97
N LEU A 288 52.00 -42.90 22.56
CA LEU A 288 51.86 -42.74 24.00
C LEU A 288 50.72 -43.61 24.50
N LEU A 289 50.97 -44.32 25.60
CA LEU A 289 49.96 -45.15 26.26
C LEU A 289 49.95 -44.78 27.74
N GLY A 290 49.01 -43.94 28.15
CA GLY A 290 48.89 -43.57 29.54
C GLY A 290 47.73 -44.25 30.24
N LEU A 291 48.04 -45.19 31.13
CA LEU A 291 47.02 -45.92 31.89
C LEU A 291 47.28 -45.63 33.37
N PHE A 292 46.55 -44.66 33.92
CA PHE A 292 46.89 -44.05 35.20
C PHE A 292 46.15 -44.65 36.38
N GLU A 293 45.22 -45.58 36.16
CA GLU A 293 44.44 -46.14 37.26
C GLU A 293 44.06 -47.56 36.90
N PRO A 294 43.92 -48.46 37.89
CA PRO A 294 43.50 -49.84 37.59
C PRO A 294 42.20 -49.91 36.79
N GLY A 295 41.14 -49.27 37.28
CA GLY A 295 39.91 -49.19 36.53
C GLY A 295 39.63 -47.78 36.06
N ASP A 296 38.48 -47.23 36.44
CA ASP A 296 38.19 -45.85 36.10
C ASP A 296 39.00 -44.90 36.98
N MET A 297 39.18 -43.68 36.48
CA MET A 297 39.97 -42.69 37.20
C MET A 297 39.11 -42.01 38.27
N GLN A 298 39.79 -41.41 39.24
CA GLN A 298 39.10 -40.77 40.35
C GLN A 298 38.38 -39.51 39.87
N TYR A 299 37.27 -39.19 40.55
CA TYR A 299 36.61 -37.91 40.34
C TYR A 299 37.61 -36.78 40.51
N GLU A 300 37.34 -35.66 39.84
CA GLU A 300 38.24 -34.51 39.95
C GLU A 300 38.33 -34.01 41.39
N LEU A 301 37.20 -34.00 42.10
CA LEU A 301 37.20 -33.62 43.51
C LEU A 301 37.98 -34.61 44.37
N ASN A 302 38.15 -35.84 43.91
CA ASN A 302 38.83 -36.89 44.66
C ASN A 302 40.21 -37.21 44.10
N ARG A 303 40.77 -36.32 43.29
CA ARG A 303 41.98 -36.65 42.57
C ARG A 303 43.23 -36.39 43.40
N ASN A 304 44.30 -37.10 43.06
CA ASN A 304 45.61 -36.96 43.66
C ASN A 304 46.42 -36.04 42.75
N ASN A 305 46.71 -34.81 43.21
CA ASN A 305 47.44 -33.86 42.36
C ASN A 305 48.81 -34.38 41.96
N VAL A 306 49.36 -35.35 42.68
CA VAL A 306 50.75 -35.75 42.50
C VAL A 306 50.87 -36.97 41.60
N THR A 307 49.95 -37.93 41.71
CA THR A 307 50.07 -39.17 40.96
C THR A 307 49.18 -39.22 39.73
N ASP A 308 48.02 -38.58 39.74
CA ASP A 308 47.12 -38.69 38.61
C ASP A 308 46.87 -37.34 37.97
N PRO A 309 46.69 -37.30 36.65
CA PRO A 309 46.48 -36.02 35.95
C PRO A 309 45.01 -35.69 35.77
N SER A 310 44.76 -34.40 35.60
CA SER A 310 43.42 -33.94 35.25
C SER A 310 43.13 -34.22 33.77
N LEU A 311 41.85 -34.17 33.42
CA LEU A 311 41.46 -34.32 32.02
C LEU A 311 42.10 -33.23 31.16
N SER A 312 42.12 -32.00 31.67
CA SER A 312 42.78 -30.91 30.94
C SER A 312 44.25 -31.22 30.72
N GLU A 313 44.91 -31.85 31.69
CA GLU A 313 46.32 -32.17 31.56
C GLU A 313 46.55 -33.22 30.48
N MET A 314 45.74 -34.29 30.49
CA MET A 314 45.90 -35.33 29.49
C MET A 314 45.55 -34.83 28.10
N VAL A 315 44.54 -33.96 27.99
CA VAL A 315 44.13 -33.45 26.68
C VAL A 315 45.22 -32.58 26.09
N VAL A 316 45.93 -31.81 26.92
CA VAL A 316 46.89 -30.84 26.42
C VAL A 316 48.05 -31.54 25.71
N VAL A 317 48.67 -32.52 26.37
CA VAL A 317 49.83 -33.17 25.77
C VAL A 317 49.43 -34.13 24.67
N ALA A 318 48.20 -34.65 24.69
CA ALA A 318 47.72 -35.44 23.54
C ALA A 318 47.61 -34.56 22.31
N ILE A 319 47.08 -33.34 22.46
CA ILE A 319 47.04 -32.38 21.36
C ILE A 319 48.44 -32.03 20.90
N GLN A 320 49.40 -31.99 21.83
CA GLN A 320 50.76 -31.58 21.49
C GLN A 320 51.53 -32.67 20.77
N ILE A 321 51.18 -33.94 20.99
CA ILE A 321 51.80 -35.02 20.21
C ILE A 321 51.17 -35.10 18.83
N LEU A 322 49.85 -34.97 18.75
CA LEU A 322 49.13 -35.18 17.49
C LEU A 322 49.38 -34.09 16.47
N ARG A 323 49.83 -32.91 16.90
CA ARG A 323 50.00 -31.78 15.98
C ARG A 323 51.16 -31.98 15.01
N LYS A 324 52.04 -32.96 15.25
CA LYS A 324 53.20 -33.14 14.38
C LYS A 324 52.81 -33.53 12.97
N ASN A 325 51.70 -34.27 12.80
CA ASN A 325 51.28 -34.82 11.53
C ASN A 325 50.68 -33.73 10.65
N PRO A 326 51.37 -33.32 9.57
CA PRO A 326 50.83 -32.25 8.72
C PRO A 326 49.52 -32.62 8.04
N LYS A 327 49.16 -33.90 7.98
CA LYS A 327 47.88 -34.31 7.43
C LYS A 327 46.72 -34.04 8.38
N GLY A 328 46.99 -33.75 9.64
CA GLY A 328 45.97 -33.48 10.62
C GLY A 328 45.81 -34.63 11.60
N PHE A 329 44.88 -34.44 12.54
CA PHE A 329 44.62 -35.44 13.56
C PHE A 329 43.14 -35.46 13.92
N PHE A 330 42.69 -36.61 14.41
CA PHE A 330 41.39 -36.75 15.05
C PHE A 330 41.63 -37.09 16.51
N LEU A 331 40.90 -36.42 17.40
CA LEU A 331 41.01 -36.64 18.83
C LEU A 331 39.63 -36.78 19.44
N LEU A 332 39.41 -37.87 20.17
CA LEU A 332 38.16 -38.11 20.87
C LEU A 332 38.44 -37.96 22.38
N VAL A 333 37.91 -36.89 22.96
CA VAL A 333 38.08 -36.62 24.39
C VAL A 333 36.75 -36.89 25.08
N GLU A 334 36.79 -37.63 26.17
CA GLU A 334 35.59 -38.01 26.91
C GLU A 334 35.70 -37.53 28.35
N GLY A 335 34.75 -36.70 28.76
CA GLY A 335 34.52 -36.45 30.17
C GLY A 335 33.51 -37.45 30.68
N GLY A 336 33.90 -38.73 30.72
CA GLY A 336 32.93 -39.79 30.94
C GLY A 336 32.50 -40.00 32.37
N ARG A 337 33.13 -39.34 33.33
CA ARG A 337 32.75 -39.51 34.73
C ARG A 337 31.53 -38.69 35.12
N ILE A 338 31.06 -37.78 34.25
CA ILE A 338 29.81 -37.09 34.50
C ILE A 338 28.68 -38.10 34.65
N ASP A 339 28.63 -39.10 33.77
CA ASP A 339 27.57 -40.10 33.79
C ASP A 339 27.60 -40.89 35.09
N HIS A 340 28.79 -41.32 35.52
CA HIS A 340 28.89 -42.09 36.76
C HIS A 340 28.42 -41.26 37.95
N GLY A 341 28.70 -39.95 37.94
CA GLY A 341 28.25 -39.10 39.02
C GLY A 341 26.73 -39.05 39.14
N HIS A 342 26.05 -38.90 38.00
CA HIS A 342 24.59 -38.90 38.00
C HIS A 342 24.05 -40.26 38.40
N HIS A 343 24.73 -41.33 38.00
CA HIS A 343 24.28 -42.68 38.35
C HIS A 343 24.28 -42.89 39.86
N GLU A 344 25.31 -42.40 40.54
CA GLU A 344 25.37 -42.50 42.00
C GLU A 344 24.39 -41.57 42.69
N GLY A 345 23.73 -40.68 41.95
CA GLY A 345 22.88 -39.68 42.57
C GLY A 345 23.63 -38.53 43.19
N LYS A 346 24.92 -38.40 42.93
CA LYS A 346 25.77 -37.37 43.52
C LYS A 346 25.94 -36.26 42.48
N ALA A 347 25.00 -35.31 42.47
CA ALA A 347 25.04 -34.24 41.47
C ALA A 347 26.29 -33.38 41.62
N LYS A 348 26.85 -33.27 42.83
CA LYS A 348 28.05 -32.45 43.02
C LYS A 348 29.24 -33.03 42.28
N GLN A 349 29.33 -34.36 42.17
CA GLN A 349 30.39 -34.97 41.37
C GLN A 349 30.12 -34.82 39.88
N ALA A 350 28.86 -34.99 39.47
CA ALA A 350 28.52 -34.89 38.05
C ALA A 350 28.79 -33.49 37.52
N LEU A 351 28.54 -32.46 38.33
CA LEU A 351 28.72 -31.09 37.86
C LEU A 351 30.17 -30.66 37.89
N HIS A 352 30.96 -31.17 38.84
CA HIS A 352 32.40 -30.90 38.82
C HIS A 352 33.09 -31.65 37.69
N GLU A 353 32.60 -32.85 37.36
CA GLU A 353 33.12 -33.56 36.20
C GLU A 353 32.77 -32.84 34.91
N ALA A 354 31.59 -32.20 34.84
CA ALA A 354 31.23 -31.42 33.66
C ALA A 354 32.07 -30.16 33.55
N VAL A 355 32.28 -29.46 34.67
CA VAL A 355 33.06 -28.22 34.64
C VAL A 355 34.48 -28.49 34.17
N GLU A 356 35.07 -29.60 34.62
CA GLU A 356 36.44 -29.90 34.25
C GLU A 356 36.57 -30.18 32.76
N MET A 357 35.56 -30.83 32.15
CA MET A 357 35.60 -31.03 30.71
C MET A 357 35.51 -29.71 29.97
N ASP A 358 34.64 -28.79 30.43
CA ASP A 358 34.55 -27.47 29.82
C ASP A 358 35.89 -26.76 29.90
N ARG A 359 36.60 -26.89 31.02
CA ARG A 359 37.92 -26.30 31.13
C ARG A 359 38.88 -26.92 30.13
N ALA A 360 38.76 -28.23 29.90
CA ALA A 360 39.59 -28.89 28.89
C ALA A 360 39.25 -28.39 27.49
N ILE A 361 38.00 -28.03 27.24
CA ILE A 361 37.62 -27.49 25.95
C ILE A 361 38.34 -26.17 25.69
N GLY A 362 38.43 -25.32 26.71
CA GLY A 362 39.16 -24.06 26.56
C GLY A 362 40.63 -24.27 26.29
N GLN A 363 41.23 -25.27 26.95
CA GLN A 363 42.62 -25.63 26.66
C GLN A 363 42.77 -26.03 25.19
N ALA A 364 41.86 -26.87 24.69
CA ALA A 364 41.93 -27.32 23.31
C ALA A 364 41.73 -26.16 22.34
N GLY A 365 40.82 -25.24 22.68
CA GLY A 365 40.57 -24.07 21.86
C GLY A 365 41.75 -23.13 21.72
N SER A 366 42.65 -23.12 22.71
CA SER A 366 43.84 -22.28 22.68
C SER A 366 45.06 -22.97 22.10
N LEU A 367 44.95 -24.26 21.76
CA LEU A 367 46.02 -25.01 21.12
C LEU A 367 45.73 -25.28 19.65
N THR A 368 44.54 -24.91 19.17
CA THR A 368 44.13 -25.12 17.79
C THR A 368 43.48 -23.85 17.28
N SER A 369 43.16 -23.83 16.00
CA SER A 369 42.53 -22.68 15.36
C SER A 369 41.24 -23.11 14.69
N SER A 370 40.17 -22.33 14.92
CA SER A 370 38.90 -22.58 14.25
C SER A 370 39.03 -22.51 12.74
N GLU A 371 40.10 -21.87 12.23
CA GLU A 371 40.31 -21.77 10.80
C GLU A 371 40.44 -23.15 10.14
N ASP A 372 40.97 -24.14 10.88
CA ASP A 372 41.11 -25.47 10.30
C ASP A 372 40.87 -26.61 11.29
N THR A 373 40.17 -26.38 12.39
CA THR A 373 39.88 -27.43 13.36
C THR A 373 38.40 -27.40 13.68
N LEU A 374 37.69 -28.46 13.33
CA LEU A 374 36.28 -28.61 13.66
C LEU A 374 36.17 -29.32 14.99
N THR A 375 35.58 -28.65 15.98
CA THR A 375 35.41 -29.19 17.33
C THR A 375 33.94 -29.35 17.62
N VAL A 376 33.55 -30.55 18.06
CA VAL A 376 32.16 -30.88 18.39
C VAL A 376 32.10 -31.27 19.86
N VAL A 377 31.15 -30.68 20.59
CA VAL A 377 30.90 -31.03 21.97
C VAL A 377 29.44 -31.46 22.07
N THR A 378 29.20 -32.68 22.55
CA THR A 378 27.85 -33.20 22.65
C THR A 378 27.81 -34.21 23.79
N ALA A 379 26.75 -35.00 23.83
CA ALA A 379 26.58 -36.05 24.82
C ALA A 379 25.99 -37.28 24.15
N ASP A 380 26.22 -38.45 24.76
CA ASP A 380 25.61 -39.66 24.25
C ASP A 380 24.12 -39.73 24.58
N HIS A 381 23.75 -39.24 25.75
CA HIS A 381 22.39 -39.30 26.26
C HIS A 381 22.31 -38.35 27.45
N SER A 382 21.19 -38.38 28.16
CA SER A 382 20.95 -37.49 29.29
C SER A 382 20.67 -38.31 30.55
N HIS A 383 20.24 -37.61 31.59
CA HIS A 383 19.87 -38.22 32.86
C HIS A 383 18.60 -37.55 33.36
N VAL A 384 17.96 -38.19 34.34
CA VAL A 384 16.73 -37.66 34.93
C VAL A 384 17.07 -36.63 35.99
N PHE A 385 17.97 -35.70 35.65
CA PHE A 385 18.47 -34.70 36.58
C PHE A 385 17.74 -33.38 36.32
N THR A 386 17.14 -32.82 37.37
CA THR A 386 16.47 -31.53 37.31
C THR A 386 17.02 -30.60 38.37
N PHE A 387 16.59 -29.34 38.29
CA PHE A 387 16.71 -28.42 39.40
C PHE A 387 15.66 -27.34 39.25
N GLY A 388 15.01 -27.00 40.34
CA GLY A 388 13.90 -26.06 40.33
C GLY A 388 13.59 -25.54 41.70
N GLY A 389 12.32 -25.22 41.92
CA GLY A 389 11.88 -24.70 43.19
C GLY A 389 11.89 -23.19 43.32
N TYR A 390 11.94 -22.46 42.20
CA TYR A 390 11.88 -20.99 42.18
C TYR A 390 12.94 -20.39 43.10
N THR A 391 14.20 -20.75 42.83
CA THR A 391 15.31 -20.25 43.63
C THR A 391 15.67 -18.83 43.22
N PRO A 392 16.18 -18.02 44.14
CA PRO A 392 16.55 -16.65 43.79
C PRO A 392 17.85 -16.57 43.00
N ARG A 393 18.04 -15.42 42.35
CA ARG A 393 19.25 -15.18 41.58
C ARG A 393 20.49 -15.35 42.45
N GLY A 394 21.44 -16.14 41.96
CA GLY A 394 22.66 -16.39 42.68
C GLY A 394 22.61 -17.51 43.70
N ASN A 395 21.44 -18.11 43.91
CA ASN A 395 21.33 -19.22 44.84
C ASN A 395 22.28 -20.34 44.44
N SER A 396 23.03 -20.85 45.41
CA SER A 396 23.93 -21.96 45.16
C SER A 396 23.17 -23.12 44.52
N ILE A 397 23.78 -23.71 43.48
CA ILE A 397 23.14 -24.81 42.78
C ILE A 397 22.91 -26.00 43.70
N PHE A 398 23.68 -26.11 44.78
CA PHE A 398 23.57 -27.20 45.73
C PHE A 398 22.69 -26.85 46.93
N GLY A 399 22.09 -25.66 46.94
CA GLY A 399 21.33 -25.19 48.09
C GLY A 399 19.86 -25.58 48.02
N LEU A 400 19.10 -24.98 48.93
CA LEU A 400 17.68 -25.30 49.12
C LEU A 400 16.79 -24.32 48.38
N ALA A 401 15.54 -24.73 48.18
CA ALA A 401 14.52 -23.83 47.67
C ALA A 401 14.09 -22.88 48.78
N PRO A 402 13.62 -21.67 48.42
CA PRO A 402 13.31 -20.68 49.46
C PRO A 402 12.15 -21.08 50.35
N MET A 403 11.22 -21.91 49.89
CA MET A 403 10.05 -22.27 50.66
C MET A 403 10.08 -23.75 51.03
N LEU A 404 9.43 -24.06 52.14
CA LEU A 404 9.20 -25.45 52.50
C LEU A 404 8.05 -26.02 51.66
N SER A 405 7.96 -27.34 51.63
CA SER A 405 6.88 -27.98 50.90
C SER A 405 5.54 -27.66 51.55
N ASP A 406 4.59 -27.18 50.75
CA ASP A 406 3.27 -26.90 51.28
C ASP A 406 2.55 -28.17 51.73
N THR A 407 3.10 -29.34 51.45
CA THR A 407 2.45 -30.61 51.78
C THR A 407 3.00 -31.27 53.04
N ASP A 408 4.32 -31.42 53.16
CA ASP A 408 4.89 -32.19 54.27
C ASP A 408 5.89 -31.38 55.10
N LYS A 409 5.69 -30.07 55.24
CA LYS A 409 6.33 -29.27 56.29
C LYS A 409 7.82 -29.00 56.07
N LYS A 410 8.48 -29.73 55.17
CA LYS A 410 9.93 -29.83 55.20
C LYS A 410 10.59 -29.19 53.98
N PRO A 411 11.86 -28.81 54.09
CA PRO A 411 12.56 -28.20 52.96
C PRO A 411 13.00 -29.22 51.92
N PHE A 412 13.33 -28.71 50.74
CA PHE A 412 13.86 -29.55 49.67
C PHE A 412 14.95 -28.80 48.93
N THR A 413 15.78 -29.56 48.22
CA THR A 413 16.88 -29.03 47.44
C THR A 413 16.41 -28.60 46.07
N ALA A 414 17.16 -27.69 45.45
CA ALA A 414 16.91 -27.34 44.06
C ALA A 414 17.11 -28.56 43.17
N ILE A 415 18.28 -29.20 43.27
CA ILE A 415 18.55 -30.41 42.50
C ILE A 415 17.67 -31.54 43.01
N LEU A 416 16.99 -32.22 42.08
CA LEU A 416 16.11 -33.33 42.42
C LEU A 416 16.14 -34.34 41.29
N TYR A 417 16.25 -35.62 41.64
CA TYR A 417 16.37 -36.69 40.66
C TYR A 417 15.04 -37.41 40.46
N GLY A 418 14.85 -37.94 39.25
CA GLY A 418 13.65 -38.72 38.99
C GLY A 418 13.69 -40.08 39.66
N ASN A 419 14.86 -40.71 39.67
CA ASN A 419 15.06 -41.99 40.34
C ASN A 419 16.50 -42.05 40.84
N GLY A 420 16.80 -43.09 41.62
CA GLY A 420 18.14 -43.29 42.11
C GLY A 420 18.20 -43.51 43.61
N PRO A 421 19.42 -43.64 44.14
CA PRO A 421 19.60 -43.95 45.56
C PRO A 421 19.42 -42.77 46.50
N GLY A 422 19.08 -41.58 45.99
CA GLY A 422 18.85 -40.43 46.85
C GLY A 422 17.51 -40.45 47.56
N TYR A 423 16.58 -41.29 47.10
CA TYR A 423 15.29 -41.49 47.75
C TYR A 423 15.52 -41.90 49.20
N LYS A 424 15.25 -40.99 50.13
CA LYS A 424 15.43 -41.25 51.55
C LYS A 424 14.10 -41.21 52.26
N VAL A 425 13.89 -42.20 53.13
CA VAL A 425 12.70 -42.26 53.97
C VAL A 425 13.17 -42.67 55.36
N VAL A 426 13.05 -41.76 56.34
CA VAL A 426 13.41 -42.06 57.72
C VAL A 426 12.23 -42.76 58.36
N GLY A 427 11.83 -43.90 57.81
CA GLY A 427 10.69 -44.65 58.30
C GLY A 427 9.38 -43.89 58.18
N GLY A 428 8.71 -44.05 57.03
CA GLY A 428 7.42 -43.44 56.75
C GLY A 428 7.47 -42.03 56.20
N GLU A 429 8.48 -41.25 56.57
CA GLU A 429 8.56 -39.85 56.18
C GLU A 429 9.84 -39.58 55.40
N ARG A 430 9.78 -38.60 54.51
CA ARG A 430 10.95 -38.21 53.74
C ARG A 430 11.90 -37.38 54.61
N GLU A 431 13.19 -37.52 54.32
CA GLU A 431 14.22 -36.97 55.20
C GLU A 431 14.16 -35.44 55.27
N ASN A 432 14.07 -34.92 56.48
CA ASN A 432 14.27 -33.50 56.75
C ASN A 432 15.70 -33.15 56.39
N VAL A 433 15.89 -32.35 55.33
CA VAL A 433 17.24 -32.15 54.78
C VAL A 433 18.00 -31.00 55.43
N SER A 434 17.36 -30.20 56.27
CA SER A 434 18.10 -29.25 57.10
C SER A 434 18.85 -29.94 58.24
N MET A 435 18.82 -31.27 58.28
CA MET A 435 19.56 -32.07 59.24
C MET A 435 20.80 -32.72 58.64
N VAL A 436 21.02 -32.58 57.33
CA VAL A 436 22.15 -33.20 56.66
C VAL A 436 22.97 -32.13 55.97
N ASP A 437 24.22 -32.49 55.65
CA ASP A 437 25.10 -31.64 54.85
C ASP A 437 24.75 -31.91 53.38
N TYR A 438 23.74 -31.18 52.90
CA TYR A 438 23.23 -31.38 51.54
C TYR A 438 24.09 -30.67 50.49
N ALA A 439 25.19 -30.05 50.88
CA ALA A 439 26.15 -29.49 49.93
C ALA A 439 27.45 -30.30 49.91
N HIS A 440 27.47 -31.46 50.54
CA HIS A 440 28.65 -32.31 50.57
C HIS A 440 28.98 -32.82 49.17
N ASN A 441 30.24 -33.25 49.00
CA ASN A 441 30.67 -33.81 47.72
C ASN A 441 29.84 -35.02 47.33
N ASN A 442 29.33 -35.75 48.33
CA ASN A 442 28.66 -37.03 48.08
C ASN A 442 27.18 -37.00 48.46
N TYR A 443 26.57 -35.81 48.57
CA TYR A 443 25.15 -35.77 48.87
C TYR A 443 24.35 -36.33 47.71
N GLN A 444 23.40 -37.19 48.03
CA GLN A 444 22.52 -37.82 47.04
C GLN A 444 21.15 -37.14 47.16
N ALA A 445 20.88 -36.21 46.25
CA ALA A 445 19.62 -35.49 46.28
C ALA A 445 18.44 -36.45 46.16
N GLN A 446 17.34 -36.08 46.80
CA GLN A 446 16.19 -36.96 46.90
C GLN A 446 15.65 -37.30 45.51
N SER A 447 15.06 -38.49 45.41
CA SER A 447 14.53 -38.99 44.14
C SER A 447 13.17 -39.64 44.37
N ALA A 448 12.41 -39.78 43.28
CA ALA A 448 11.02 -40.22 43.38
C ALA A 448 10.89 -41.73 43.54
N VAL A 449 11.77 -42.51 42.90
CA VAL A 449 11.72 -43.96 42.95
C VAL A 449 13.09 -44.48 43.37
N PRO A 450 13.19 -45.25 44.44
CA PRO A 450 14.51 -45.69 44.90
C PRO A 450 15.10 -46.76 44.00
N LEU A 451 16.38 -46.60 43.68
CA LEU A 451 17.11 -47.56 42.87
C LEU A 451 18.56 -47.60 43.36
N ARG A 452 19.25 -48.69 43.05
CA ARG A 452 20.68 -48.75 43.31
C ARG A 452 21.43 -47.70 42.50
N HIS A 453 20.97 -47.42 41.29
CA HIS A 453 21.58 -46.42 40.42
C HIS A 453 20.49 -45.61 39.73
N GLU A 454 20.75 -44.31 39.58
CA GLU A 454 19.90 -43.46 38.78
C GLU A 454 20.04 -43.82 37.30
N THR A 455 18.97 -43.61 36.54
CA THR A 455 18.90 -44.06 35.15
C THR A 455 19.08 -42.91 34.18
N HIS A 456 19.31 -43.27 32.91
CA HIS A 456 19.46 -42.30 31.83
C HIS A 456 18.14 -41.59 31.56
N GLY A 457 18.17 -40.66 30.62
CA GLY A 457 16.97 -40.00 30.14
C GLY A 457 16.92 -40.03 28.62
N GLY A 458 15.70 -40.09 28.10
CA GLY A 458 15.50 -40.10 26.66
C GLY A 458 15.39 -38.75 26.00
N GLU A 459 15.49 -37.67 26.77
CA GLU A 459 15.43 -36.33 26.20
C GLU A 459 16.61 -36.09 25.27
N ASP A 460 16.40 -35.22 24.28
CA ASP A 460 17.46 -34.88 23.34
C ASP A 460 18.60 -34.17 24.06
N VAL A 461 19.78 -34.25 23.45
CA VAL A 461 20.98 -33.62 24.01
C VAL A 461 21.48 -32.58 23.02
N ALA A 462 22.32 -31.68 23.52
CA ALA A 462 22.83 -30.57 22.74
C ALA A 462 24.08 -30.96 21.97
N VAL A 463 24.32 -30.25 20.87
CA VAL A 463 25.53 -30.39 20.07
C VAL A 463 26.12 -29.01 19.88
N PHE A 464 27.40 -28.85 20.24
CA PHE A 464 28.12 -27.60 20.10
C PHE A 464 29.18 -27.74 19.03
N SER A 465 29.35 -26.70 18.20
CA SER A 465 30.15 -26.84 16.99
C SER A 465 30.84 -25.54 16.64
N LYS A 466 32.17 -25.58 16.53
CA LYS A 466 32.95 -24.52 15.91
C LYS A 466 33.97 -25.15 14.96
N GLY A 467 34.44 -24.34 14.01
CA GLY A 467 35.40 -24.79 13.04
C GLY A 467 34.84 -24.85 11.64
N PRO A 468 35.59 -25.44 10.72
CA PRO A 468 35.11 -25.56 9.34
C PRO A 468 33.88 -26.43 9.25
N MET A 469 32.89 -25.97 8.49
CA MET A 469 31.63 -26.66 8.23
C MET A 469 30.80 -26.89 9.49
N ALA A 470 31.12 -26.20 10.59
CA ALA A 470 30.39 -26.41 11.85
C ALA A 470 28.92 -26.07 11.71
N HIS A 471 28.55 -25.23 10.76
CA HIS A 471 27.16 -24.85 10.56
C HIS A 471 26.31 -25.98 10.00
N LEU A 472 26.93 -27.07 9.53
CA LEU A 472 26.15 -28.17 8.98
C LEU A 472 25.39 -28.95 10.04
N LEU A 473 25.82 -28.85 11.30
CA LEU A 473 25.02 -29.31 12.43
C LEU A 473 24.14 -28.14 12.87
N HIS A 474 22.88 -28.16 12.45
CA HIS A 474 22.09 -26.93 12.46
C HIS A 474 20.74 -27.05 13.16
N GLY A 475 20.12 -28.22 13.13
CA GLY A 475 18.76 -28.35 13.65
C GLY A 475 18.52 -29.51 14.58
N VAL A 476 17.48 -30.28 14.31
CA VAL A 476 17.15 -31.48 15.07
C VAL A 476 17.51 -32.69 14.21
N HIS A 477 18.57 -33.40 14.60
CA HIS A 477 19.11 -34.48 13.80
C HIS A 477 19.22 -35.75 14.62
N GLU A 478 19.16 -36.88 13.93
CA GLU A 478 19.48 -38.15 14.56
C GLU A 478 20.94 -38.14 15.02
N GLN A 479 21.21 -38.79 16.14
CA GLN A 479 22.55 -38.78 16.71
C GLN A 479 23.59 -39.30 15.73
N ASN A 480 23.22 -40.28 14.91
CA ASN A 480 24.16 -40.88 13.96
C ASN A 480 24.60 -39.92 12.87
N TYR A 481 23.95 -38.75 12.75
CA TYR A 481 24.32 -37.77 11.73
C TYR A 481 25.64 -37.07 12.06
N VAL A 482 26.03 -37.04 13.33
CA VAL A 482 27.17 -36.21 13.73
C VAL A 482 28.48 -36.60 13.04
N PRO A 483 28.90 -37.87 13.02
CA PRO A 483 30.18 -38.18 12.36
C PRO A 483 30.16 -37.99 10.86
N HIS A 484 28.99 -37.97 10.23
CA HIS A 484 28.93 -37.73 8.79
C HIS A 484 29.30 -36.28 8.46
N VAL A 485 28.98 -35.34 9.34
CA VAL A 485 29.43 -33.96 9.16
C VAL A 485 30.93 -33.87 9.38
N MET A 486 31.41 -34.37 10.52
CA MET A 486 32.83 -34.33 10.84
C MET A 486 33.65 -34.98 9.73
N ALA A 487 33.18 -36.11 9.20
CA ALA A 487 33.91 -36.79 8.13
C ALA A 487 33.88 -36.01 6.83
N TYR A 488 32.72 -35.43 6.48
CA TYR A 488 32.63 -34.67 5.24
C TYR A 488 33.48 -33.40 5.32
N ALA A 489 33.43 -32.70 6.45
CA ALA A 489 34.24 -31.50 6.62
C ALA A 489 35.73 -31.82 6.59
N ALA A 490 36.11 -33.00 7.08
CA ALA A 490 37.51 -33.40 7.15
C ALA A 490 37.99 -34.14 5.90
N CYS A 491 37.11 -34.41 4.94
CA CYS A 491 37.46 -35.10 3.71
C CYS A 491 37.99 -36.50 4.01
N ILE A 492 37.30 -37.21 4.90
CA ILE A 492 37.62 -38.60 5.21
C ILE A 492 36.35 -39.43 5.07
N GLY A 493 36.55 -40.75 4.98
CA GLY A 493 35.44 -41.67 4.86
C GLY A 493 34.97 -41.90 3.43
N ALA A 494 33.66 -42.09 3.24
CA ALA A 494 33.12 -42.43 1.92
C ALA A 494 32.79 -41.22 1.06
N ASN A 495 32.41 -40.10 1.68
CA ASN A 495 32.04 -38.89 0.95
C ASN A 495 33.20 -37.91 1.01
N LEU A 496 33.90 -37.75 -0.11
CA LEU A 496 35.02 -36.82 -0.23
C LEU A 496 34.70 -35.65 -1.17
N GLY A 497 33.44 -35.23 -1.21
CA GLY A 497 33.01 -34.15 -2.08
C GLY A 497 33.45 -32.76 -1.65
N HIS A 498 33.90 -32.61 -0.42
CA HIS A 498 34.36 -31.30 0.05
C HIS A 498 35.73 -30.93 -0.50
N CYS A 499 36.55 -31.91 -0.87
CA CYS A 499 37.85 -31.66 -1.46
C CYS A 499 37.88 -31.86 -2.97
N ALA A 500 36.80 -32.38 -3.55
CA ALA A 500 36.70 -32.48 -4.99
C ALA A 500 36.68 -31.09 -5.61
N PRO A 501 37.04 -30.97 -6.90
CA PRO A 501 36.88 -29.68 -7.59
C PRO A 501 35.43 -29.22 -7.58
N ALA A 502 35.11 -28.36 -6.62
CA ALA A 502 33.75 -27.84 -6.44
C ALA A 502 33.76 -26.63 -5.51
N ALA A 503 34.24 -25.50 -6.00
CA ALA A 503 34.40 -24.32 -5.16
C ALA A 503 33.92 -23.05 -5.86
N LEU B 20 5.54 -60.23 4.88
CA LEU B 20 6.15 -59.03 5.43
C LEU B 20 5.30 -58.47 6.58
N VAL B 21 4.18 -57.87 6.22
CA VAL B 21 3.15 -57.37 7.15
C VAL B 21 3.75 -56.55 8.28
N PRO B 22 3.79 -55.22 8.16
CA PRO B 22 4.19 -54.39 9.31
C PRO B 22 3.30 -54.68 10.52
N GLU B 23 3.93 -54.71 11.69
CA GLU B 23 3.24 -55.21 12.89
C GLU B 23 2.05 -54.33 13.25
N LYS B 24 2.19 -53.01 13.11
CA LYS B 24 1.09 -52.12 13.46
C LYS B 24 -0.11 -52.27 12.54
N GLU B 25 0.07 -52.86 11.36
CA GLU B 25 -1.02 -53.03 10.41
C GLU B 25 -1.87 -54.26 10.70
N LYS B 26 -1.44 -55.13 11.62
CA LYS B 26 -2.25 -56.26 12.04
C LYS B 26 -3.37 -55.86 12.99
N ASP B 27 -3.40 -54.61 13.44
CA ASP B 27 -4.35 -54.16 14.46
C ASP B 27 -5.50 -53.43 13.80
N PRO B 28 -6.74 -53.88 13.98
CA PRO B 28 -7.88 -53.15 13.40
C PRO B 28 -7.94 -51.69 13.81
N LYS B 29 -7.58 -51.36 15.05
CA LYS B 29 -7.64 -49.98 15.50
C LYS B 29 -6.69 -49.07 14.74
N TYR B 30 -5.60 -49.60 14.17
CA TYR B 30 -4.69 -48.77 13.39
C TYR B 30 -5.39 -48.20 12.16
N TRP B 31 -6.07 -49.06 11.40
CA TRP B 31 -6.74 -48.60 10.19
C TRP B 31 -7.93 -47.71 10.51
N ARG B 32 -8.71 -48.06 11.54
CA ARG B 32 -9.86 -47.25 11.91
C ARG B 32 -9.44 -45.85 12.34
N ASP B 33 -8.37 -45.76 13.15
CA ASP B 33 -7.86 -44.44 13.54
C ASP B 33 -7.39 -43.66 12.31
N GLN B 34 -6.60 -44.31 11.45
CA GLN B 34 -6.14 -43.68 10.22
C GLN B 34 -7.30 -43.14 9.40
N ALA B 35 -8.36 -43.93 9.26
CA ALA B 35 -9.50 -43.51 8.46
C ALA B 35 -10.27 -42.37 9.12
N GLN B 36 -10.41 -42.42 10.45
CA GLN B 36 -11.10 -41.35 11.15
C GLN B 36 -10.31 -40.04 11.09
N GLU B 37 -8.98 -40.13 11.16
CA GLU B 37 -8.16 -38.94 10.97
C GLU B 37 -8.30 -38.39 9.56
N THR B 38 -8.37 -39.30 8.57
CA THR B 38 -8.65 -38.86 7.20
C THR B 38 -10.03 -38.21 7.10
N LEU B 39 -11.03 -38.83 7.73
CA LEU B 39 -12.39 -38.30 7.68
C LEU B 39 -12.49 -36.94 8.34
N LYS B 40 -11.83 -36.77 9.49
CA LYS B 40 -11.86 -35.47 10.18
C LYS B 40 -11.30 -34.38 9.30
N TYR B 41 -10.18 -34.64 8.62
CA TYR B 41 -9.60 -33.65 7.71
C TYR B 41 -10.57 -33.30 6.58
N ALA B 42 -11.21 -34.32 5.99
CA ALA B 42 -12.16 -34.07 4.92
C ALA B 42 -13.34 -33.23 5.39
N LEU B 43 -13.69 -33.32 6.66
CA LEU B 43 -14.75 -32.48 7.20
C LEU B 43 -14.31 -31.02 7.27
N GLU B 44 -13.04 -30.76 7.61
CA GLU B 44 -12.55 -29.40 7.60
C GLU B 44 -12.44 -28.85 6.18
N LEU B 45 -12.28 -29.72 5.19
CA LEU B 45 -12.18 -29.30 3.79
C LEU B 45 -13.50 -28.77 3.24
N GLN B 46 -14.61 -28.91 3.98
CA GLN B 46 -15.87 -28.34 3.53
C GLN B 46 -15.86 -26.82 3.56
N LYS B 47 -15.00 -26.21 4.38
CA LYS B 47 -14.80 -24.77 4.36
C LYS B 47 -13.90 -24.44 3.18
N LEU B 48 -14.52 -24.33 2.00
CA LEU B 48 -13.78 -24.22 0.75
C LEU B 48 -12.93 -22.94 0.72
N ASN B 49 -11.79 -23.05 0.05
CA ASN B 49 -10.88 -21.92 -0.16
C ASN B 49 -11.39 -21.12 -1.36
N THR B 50 -12.03 -19.99 -1.09
CA THR B 50 -12.63 -19.15 -2.13
C THR B 50 -11.86 -17.85 -2.31
N ASN B 51 -10.55 -17.90 -2.13
CA ASN B 51 -9.70 -16.74 -2.38
C ASN B 51 -9.52 -16.52 -3.88
N VAL B 52 -8.90 -15.40 -4.21
CA VAL B 52 -8.38 -15.19 -5.55
C VAL B 52 -7.01 -15.83 -5.66
N ALA B 53 -6.68 -16.35 -6.83
CA ALA B 53 -5.38 -16.96 -7.06
C ALA B 53 -4.42 -15.87 -7.53
N LYS B 54 -3.64 -15.33 -6.60
CA LYS B 54 -2.59 -14.38 -6.98
C LYS B 54 -1.57 -15.06 -7.88
N ASN B 55 -1.28 -16.34 -7.63
CA ASN B 55 -0.36 -17.12 -8.43
C ASN B 55 -1.02 -18.41 -8.90
N VAL B 56 -0.56 -18.92 -10.03
CA VAL B 56 -1.02 -20.19 -10.58
C VAL B 56 0.21 -20.99 -11.02
N ILE B 57 0.42 -22.13 -10.39
CA ILE B 57 1.49 -23.04 -10.75
C ILE B 57 0.85 -24.31 -11.31
N MET B 58 1.27 -24.69 -12.53
CA MET B 58 0.80 -25.92 -13.15
C MET B 58 1.98 -26.84 -13.37
N PHE B 59 1.91 -28.03 -12.77
CA PHE B 59 2.90 -29.08 -12.97
C PHE B 59 2.36 -30.06 -14.00
N LEU B 60 3.11 -30.28 -15.07
CA LEU B 60 2.69 -31.17 -16.15
C LEU B 60 3.65 -32.36 -16.20
N GLY B 61 3.21 -33.50 -15.65
CA GLY B 61 3.95 -34.73 -15.79
C GLY B 61 3.66 -35.39 -17.13
N ASP B 62 4.55 -35.18 -18.10
CA ASP B 62 4.39 -35.73 -19.44
C ASP B 62 4.25 -37.25 -19.40
N GLY B 63 3.07 -37.75 -19.74
CA GLY B 63 2.86 -39.19 -19.79
C GLY B 63 2.64 -39.85 -18.45
N MET B 64 2.31 -39.08 -17.41
CA MET B 64 2.21 -39.61 -16.05
C MET B 64 0.79 -40.10 -15.80
N GLY B 65 0.52 -41.31 -16.28
CA GLY B 65 -0.76 -41.96 -16.05
C GLY B 65 -0.91 -42.48 -14.63
N VAL B 66 -2.08 -43.06 -14.37
CA VAL B 66 -2.39 -43.56 -13.02
C VAL B 66 -1.45 -44.70 -12.65
N SER B 67 -1.09 -45.55 -13.61
CA SER B 67 -0.12 -46.60 -13.34
C SER B 67 1.23 -46.02 -12.95
N THR B 68 1.63 -44.92 -13.60
CA THR B 68 2.93 -44.33 -13.32
C THR B 68 2.98 -43.72 -11.91
N VAL B 69 1.92 -43.05 -11.49
CA VAL B 69 1.95 -42.35 -10.20
C VAL B 69 2.03 -43.34 -9.04
N THR B 70 1.35 -44.49 -9.17
CA THR B 70 1.41 -45.49 -8.11
C THR B 70 2.79 -46.15 -8.06
N ALA B 71 3.30 -46.56 -9.22
CA ALA B 71 4.63 -47.13 -9.27
C ALA B 71 5.68 -46.12 -8.82
N ALA B 72 5.50 -44.85 -9.17
CA ALA B 72 6.39 -43.81 -8.66
C ALA B 72 6.26 -43.65 -7.16
N ARG B 73 5.02 -43.75 -6.64
CA ARG B 73 4.81 -43.70 -5.20
C ARG B 73 5.59 -44.80 -4.49
N ILE B 74 5.50 -46.03 -5.01
CA ILE B 74 6.22 -47.15 -4.40
C ILE B 74 7.72 -46.93 -4.47
N LEU B 75 8.21 -46.36 -5.57
CA LEU B 75 9.63 -46.12 -5.73
C LEU B 75 10.14 -45.13 -4.68
N LYS B 76 9.40 -44.04 -4.47
CA LYS B 76 9.85 -43.00 -3.54
C LYS B 76 10.01 -43.54 -2.14
N GLY B 77 9.11 -44.42 -1.70
CA GLY B 77 9.24 -45.01 -0.38
C GLY B 77 10.32 -46.07 -0.31
N GLN B 78 10.48 -46.85 -1.39
CA GLN B 78 11.51 -47.88 -1.40
C GLN B 78 12.90 -47.25 -1.44
N LEU B 79 13.05 -46.08 -2.06
CA LEU B 79 14.30 -45.34 -1.98
C LEU B 79 14.68 -45.01 -0.54
N HIS B 80 13.71 -44.99 0.37
CA HIS B 80 13.94 -44.78 1.79
C HIS B 80 13.79 -46.08 2.60
N HIS B 81 13.99 -47.23 1.95
CA HIS B 81 14.03 -48.54 2.61
C HIS B 81 12.69 -48.89 3.25
N ASN B 82 11.60 -48.54 2.57
CA ASN B 82 10.26 -48.86 3.02
C ASN B 82 9.57 -49.75 2.00
N PRO B 83 8.47 -50.42 2.37
CA PRO B 83 7.70 -51.16 1.35
C PRO B 83 7.27 -50.28 0.20
N GLY B 84 6.77 -49.07 0.46
CA GLY B 84 6.50 -48.09 -0.56
C GLY B 84 5.03 -47.85 -0.85
N GLU B 85 4.16 -48.83 -0.56
CA GLU B 85 2.75 -48.67 -0.89
C GLU B 85 2.07 -47.70 0.06
N GLU B 86 2.52 -47.63 1.31
CA GLU B 86 1.99 -46.70 2.30
C GLU B 86 2.63 -45.32 2.19
N THR B 87 3.57 -45.13 1.28
CA THR B 87 4.20 -43.84 1.06
C THR B 87 3.19 -42.85 0.49
N ARG B 88 3.43 -41.57 0.71
CA ARG B 88 2.59 -40.50 0.19
C ARG B 88 3.44 -39.53 -0.62
N LEU B 89 3.16 -39.44 -1.92
CA LEU B 89 3.79 -38.42 -2.74
C LEU B 89 3.29 -37.03 -2.34
N GLU B 90 4.07 -36.02 -2.71
CA GLU B 90 3.61 -34.64 -2.51
C GLU B 90 2.32 -34.38 -3.26
N MET B 91 2.19 -34.94 -4.47
CA MET B 91 0.95 -34.79 -5.23
C MET B 91 -0.20 -35.59 -4.63
N ASP B 92 0.10 -36.62 -3.83
CA ASP B 92 -0.96 -37.30 -3.10
C ASP B 92 -1.54 -36.42 -2.00
N LYS B 93 -0.76 -35.47 -1.50
CA LYS B 93 -1.22 -34.59 -0.44
C LYS B 93 -2.11 -33.46 -0.94
N PHE B 94 -2.23 -33.30 -2.25
CA PHE B 94 -3.15 -32.31 -2.79
C PHE B 94 -4.59 -32.73 -2.47
N PRO B 95 -5.43 -31.82 -1.96
CA PRO B 95 -6.74 -32.26 -1.44
C PRO B 95 -7.69 -32.78 -2.50
N PHE B 96 -7.72 -32.18 -3.69
CA PHE B 96 -8.78 -32.45 -4.65
C PHE B 96 -8.23 -33.13 -5.89
N VAL B 97 -8.96 -34.16 -6.35
CA VAL B 97 -8.51 -35.05 -7.41
C VAL B 97 -9.63 -35.22 -8.43
N ALA B 98 -9.25 -35.27 -9.71
CA ALA B 98 -10.22 -35.42 -10.78
C ALA B 98 -9.59 -36.22 -11.92
N LEU B 99 -10.45 -36.85 -12.72
CA LEU B 99 -10.04 -37.55 -13.93
C LEU B 99 -10.23 -36.66 -15.14
N SER B 100 -9.40 -36.87 -16.17
CA SER B 100 -9.34 -35.97 -17.31
C SER B 100 -9.36 -36.77 -18.60
N LYS B 101 -10.40 -36.56 -19.41
CA LYS B 101 -10.49 -37.20 -20.73
C LYS B 101 -9.51 -36.53 -21.68
N THR B 102 -8.56 -37.30 -22.20
CA THR B 102 -7.40 -36.75 -22.88
C THR B 102 -7.50 -36.75 -24.40
N TYR B 103 -8.51 -37.41 -24.97
CA TYR B 103 -8.54 -37.64 -26.41
C TYR B 103 -8.42 -36.33 -27.18
N ASN B 104 -7.63 -36.37 -28.25
CA ASN B 104 -7.61 -35.25 -29.18
C ASN B 104 -8.87 -35.24 -30.02
N THR B 105 -9.18 -34.06 -30.58
CA THR B 105 -10.20 -33.97 -31.61
C THR B 105 -9.94 -34.99 -32.71
N ASN B 106 -8.68 -35.23 -33.00
CA ASN B 106 -8.23 -36.01 -34.14
C ASN B 106 -7.95 -37.47 -33.83
N ALA B 107 -7.47 -37.79 -32.63
CA ALA B 107 -6.94 -39.11 -32.32
C ALA B 107 -7.52 -39.64 -31.02
N GLN B 108 -7.92 -40.90 -31.03
CA GLN B 108 -8.46 -41.53 -29.82
C GLN B 108 -7.37 -41.71 -28.77
N VAL B 109 -6.15 -42.04 -29.19
CA VAL B 109 -4.98 -42.06 -28.32
C VAL B 109 -4.12 -40.85 -28.69
N PRO B 110 -4.03 -39.84 -27.84
CA PRO B 110 -3.52 -38.53 -28.29
C PRO B 110 -2.00 -38.41 -28.29
N ASP B 111 -1.51 -37.21 -28.58
CA ASP B 111 -0.08 -36.94 -28.69
C ASP B 111 0.31 -35.81 -27.74
N SER B 112 1.60 -35.47 -27.76
CA SER B 112 2.14 -34.51 -26.79
C SER B 112 1.63 -33.11 -27.01
N ALA B 113 1.31 -32.74 -28.25
CA ALA B 113 1.03 -31.36 -28.63
C ALA B 113 -0.45 -31.03 -28.60
N GLY B 114 -1.30 -31.87 -29.22
CA GLY B 114 -2.72 -31.60 -29.24
C GLY B 114 -3.31 -31.53 -27.84
N THR B 115 -2.87 -32.42 -26.95
CA THR B 115 -3.28 -32.33 -25.56
C THR B 115 -2.78 -31.04 -24.91
N ALA B 116 -1.56 -30.63 -25.24
CA ALA B 116 -0.99 -29.42 -24.65
C ALA B 116 -1.85 -28.21 -24.94
N THR B 117 -2.39 -28.11 -26.16
CA THR B 117 -3.30 -27.01 -26.49
C THR B 117 -4.54 -27.05 -25.60
N ALA B 118 -5.02 -28.25 -25.26
CA ALA B 118 -6.25 -28.36 -24.48
C ALA B 118 -6.07 -27.79 -23.07
N TYR B 119 -5.10 -28.31 -22.33
CA TYR B 119 -4.97 -27.91 -20.92
C TYR B 119 -4.20 -26.61 -20.73
N LEU B 120 -3.67 -26.01 -21.80
CA LEU B 120 -3.01 -24.72 -21.70
C LEU B 120 -3.76 -23.58 -22.39
N CYS B 121 -4.65 -23.91 -23.34
CA CYS B 121 -5.42 -22.90 -24.06
C CYS B 121 -6.92 -23.04 -23.89
N GLY B 122 -7.42 -24.19 -23.45
CA GLY B 122 -8.84 -24.38 -23.24
C GLY B 122 -9.62 -24.86 -24.45
N VAL B 123 -8.93 -25.19 -25.55
CA VAL B 123 -9.57 -25.67 -26.77
C VAL B 123 -8.91 -26.98 -27.17
N LYS B 124 -9.72 -27.97 -27.52
CA LYS B 124 -9.19 -29.23 -28.02
C LYS B 124 -8.83 -29.10 -29.50
N ALA B 125 -7.77 -29.80 -29.89
CA ALA B 125 -7.16 -29.60 -31.20
C ALA B 125 -6.79 -30.93 -31.82
N ASN B 126 -6.34 -30.86 -33.08
CA ASN B 126 -5.85 -32.03 -33.78
C ASN B 126 -4.48 -32.44 -33.24
N GLU B 127 -4.17 -33.72 -33.35
CA GLU B 127 -2.87 -34.22 -32.91
C GLU B 127 -1.75 -33.59 -33.73
N GLY B 128 -0.64 -33.29 -33.07
CA GLY B 128 0.51 -32.73 -33.74
C GLY B 128 0.45 -31.24 -34.01
N THR B 129 -0.41 -30.51 -33.32
CA THR B 129 -0.51 -29.05 -33.47
C THR B 129 -0.38 -28.41 -32.10
N VAL B 130 -0.01 -27.12 -32.10
CA VAL B 130 0.06 -26.33 -30.87
C VAL B 130 -0.61 -24.98 -31.11
N GLY B 131 -1.28 -24.47 -30.08
CA GLY B 131 -1.83 -23.13 -30.11
C GLY B 131 -2.80 -22.83 -31.23
N VAL B 132 -3.42 -23.85 -31.82
CA VAL B 132 -4.38 -23.66 -32.88
C VAL B 132 -5.56 -24.59 -32.64
N SER B 133 -6.74 -24.16 -33.09
CA SER B 133 -7.94 -24.95 -32.95
C SER B 133 -7.90 -26.17 -33.88
N ALA B 134 -9.00 -26.93 -33.87
CA ALA B 134 -9.11 -28.12 -34.71
C ALA B 134 -9.39 -27.77 -36.17
N ALA B 135 -9.47 -26.50 -36.53
CA ALA B 135 -9.59 -26.11 -37.93
C ALA B 135 -8.28 -26.24 -38.69
N THR B 136 -7.14 -26.17 -37.99
CA THR B 136 -5.85 -26.31 -38.63
C THR B 136 -5.56 -27.77 -38.94
N GLU B 137 -4.89 -28.01 -40.06
CA GLU B 137 -4.46 -29.35 -40.45
C GLU B 137 -2.96 -29.49 -40.24
N ARG B 138 -2.55 -30.65 -39.73
CA ARG B 138 -1.15 -30.87 -39.39
C ARG B 138 -0.26 -30.71 -40.63
N SER B 139 0.78 -29.88 -40.49
CA SER B 139 1.82 -29.58 -41.45
C SER B 139 1.34 -28.69 -42.60
N ARG B 140 0.04 -28.47 -42.76
CA ARG B 140 -0.47 -27.54 -43.76
C ARG B 140 -0.49 -26.16 -43.14
N CYS B 141 0.54 -25.36 -43.42
CA CYS B 141 0.70 -24.08 -42.74
C CYS B 141 -0.39 -23.09 -43.12
N ASN B 142 -0.78 -23.05 -44.39
CA ASN B 142 -1.75 -22.06 -44.84
C ASN B 142 -3.10 -22.18 -44.16
N THR B 143 -3.29 -23.21 -43.32
CA THR B 143 -4.50 -23.37 -42.51
C THR B 143 -4.28 -22.89 -41.08
N THR B 144 -3.37 -21.95 -40.86
CA THR B 144 -3.06 -21.46 -39.51
C THR B 144 -3.66 -20.09 -39.24
N GLN B 145 -3.51 -19.14 -40.16
CA GLN B 145 -4.01 -17.79 -39.96
C GLN B 145 -5.52 -17.81 -39.74
N GLY B 146 -5.96 -17.24 -38.63
CA GLY B 146 -7.36 -17.15 -38.29
C GLY B 146 -7.82 -18.12 -37.23
N ASN B 147 -7.05 -19.18 -36.96
CA ASN B 147 -7.44 -20.20 -35.99
C ASN B 147 -6.44 -20.31 -34.84
N GLU B 148 -5.67 -19.27 -34.59
CA GLU B 148 -4.77 -19.25 -33.43
C GLU B 148 -5.57 -19.00 -32.16
N VAL B 149 -5.41 -19.87 -31.18
CA VAL B 149 -6.01 -19.70 -29.87
C VAL B 149 -4.90 -19.46 -28.85
N THR B 150 -5.13 -18.50 -27.96
CA THR B 150 -4.10 -18.10 -27.00
C THR B 150 -4.12 -19.00 -25.77
N SER B 151 -3.08 -18.88 -24.95
CA SER B 151 -2.87 -19.75 -23.81
C SER B 151 -2.99 -18.97 -22.50
N ILE B 152 -3.08 -19.73 -21.40
CA ILE B 152 -3.20 -19.11 -20.08
C ILE B 152 -1.92 -18.35 -19.74
N LEU B 153 -0.77 -18.79 -20.24
CA LEU B 153 0.45 -18.02 -20.08
C LEU B 153 0.30 -16.62 -20.64
N ARG B 154 -0.51 -16.45 -21.68
CA ARG B 154 -0.72 -15.11 -22.20
C ARG B 154 -1.83 -14.39 -21.44
N TRP B 155 -2.88 -15.11 -21.05
CA TRP B 155 -3.92 -14.49 -20.23
C TRP B 155 -3.34 -13.93 -18.93
N ALA B 156 -2.29 -14.59 -18.40
CA ALA B 156 -1.65 -14.10 -17.18
C ALA B 156 -0.85 -12.84 -17.46
N LYS B 157 0.01 -12.87 -18.50
CA LYS B 157 0.79 -11.68 -18.83
C LYS B 157 -0.11 -10.54 -19.30
N ASP B 158 -1.25 -10.86 -19.93
CA ASP B 158 -2.21 -9.82 -20.30
C ASP B 158 -2.78 -9.10 -19.08
N ALA B 159 -2.59 -9.66 -17.88
CA ALA B 159 -3.10 -9.07 -16.65
C ALA B 159 -1.99 -8.55 -15.75
N GLY B 160 -0.76 -8.47 -16.27
CA GLY B 160 0.36 -7.92 -15.52
C GLY B 160 1.14 -8.93 -14.71
N LYS B 161 0.70 -10.18 -14.66
CA LYS B 161 1.43 -11.19 -13.91
C LYS B 161 2.74 -11.53 -14.60
N SER B 162 3.71 -11.99 -13.81
CA SER B 162 4.90 -12.60 -14.37
C SER B 162 4.58 -13.99 -14.89
N VAL B 163 5.41 -14.47 -15.81
CA VAL B 163 5.20 -15.79 -16.39
C VAL B 163 6.55 -16.52 -16.47
N GLY B 164 6.49 -17.84 -16.32
CA GLY B 164 7.68 -18.65 -16.39
C GLY B 164 7.44 -20.02 -16.99
N ILE B 165 8.40 -20.49 -17.79
CA ILE B 165 8.37 -21.85 -18.34
C ILE B 165 9.63 -22.55 -17.86
N VAL B 166 9.45 -23.69 -17.19
CA VAL B 166 10.56 -24.49 -16.69
C VAL B 166 10.29 -25.94 -17.09
N THR B 167 11.15 -26.49 -17.94
CA THR B 167 11.00 -27.86 -18.40
C THR B 167 12.36 -28.53 -18.45
N THR B 168 12.34 -29.86 -18.46
CA THR B 168 13.54 -30.65 -18.69
C THR B 168 13.69 -31.06 -20.15
N THR B 169 12.68 -30.84 -20.98
CA THR B 169 12.79 -31.04 -22.41
C THR B 169 13.31 -29.76 -23.07
N ARG B 170 13.38 -29.76 -24.39
CA ARG B 170 13.68 -28.54 -25.11
C ARG B 170 12.59 -27.51 -24.82
N VAL B 171 12.99 -26.24 -24.76
CA VAL B 171 12.01 -25.19 -24.51
C VAL B 171 11.03 -25.05 -25.66
N ASN B 172 11.37 -25.57 -26.85
CA ASN B 172 10.47 -25.59 -27.99
C ASN B 172 9.85 -26.98 -28.20
N HIS B 173 9.82 -27.81 -27.17
CA HIS B 173 9.14 -29.08 -27.25
C HIS B 173 7.61 -28.87 -27.21
N ALA B 174 6.87 -29.94 -27.51
CA ALA B 174 5.44 -29.82 -27.74
C ALA B 174 4.71 -29.24 -26.54
N THR B 175 5.07 -29.67 -25.32
CA THR B 175 4.34 -29.21 -24.15
C THR B 175 4.58 -27.73 -23.86
N PRO B 176 5.83 -27.24 -23.72
CA PRO B 176 5.99 -25.81 -23.44
C PRO B 176 5.61 -24.92 -24.61
N SER B 177 5.75 -25.39 -25.84
CA SER B 177 5.48 -24.54 -27.01
C SER B 177 4.02 -24.12 -27.08
N ALA B 178 3.10 -24.96 -26.59
CA ALA B 178 1.68 -24.62 -26.62
C ALA B 178 1.35 -23.40 -25.77
N ALA B 179 2.22 -23.05 -24.82
CA ALA B 179 1.99 -21.87 -24.00
C ALA B 179 2.31 -20.57 -24.71
N TYR B 180 3.06 -20.62 -25.83
CA TYR B 180 3.48 -19.39 -26.49
C TYR B 180 3.42 -19.43 -28.01
N ALA B 181 3.52 -20.58 -28.66
CA ALA B 181 3.59 -20.66 -30.11
C ALA B 181 2.28 -21.15 -30.71
N HIS B 182 2.14 -20.93 -32.01
CA HIS B 182 1.02 -21.46 -32.79
C HIS B 182 1.60 -22.01 -34.09
N SER B 183 1.68 -23.32 -34.21
CA SER B 183 2.25 -23.95 -35.40
C SER B 183 1.39 -25.14 -35.80
N ALA B 184 1.40 -25.44 -37.10
CA ALA B 184 0.68 -26.58 -37.64
C ALA B 184 1.47 -27.88 -37.54
N ASP B 185 2.61 -27.88 -36.86
CA ASP B 185 3.38 -29.10 -36.64
C ASP B 185 4.36 -28.88 -35.51
N ARG B 186 4.39 -29.82 -34.56
CA ARG B 186 5.33 -29.78 -33.44
C ARG B 186 6.75 -30.13 -33.86
N ASP B 187 6.95 -30.66 -35.05
CA ASP B 187 8.28 -31.05 -35.52
C ASP B 187 9.12 -29.86 -35.97
N TRP B 188 8.56 -28.66 -35.98
CA TRP B 188 9.25 -27.49 -36.52
C TRP B 188 10.00 -26.74 -35.41
N TYR B 189 10.97 -27.45 -34.84
CA TYR B 189 11.77 -26.89 -33.74
C TYR B 189 12.47 -25.61 -34.18
N SER B 190 13.18 -25.67 -35.29
CA SER B 190 13.74 -24.50 -35.96
C SER B 190 13.43 -24.60 -37.44
N ASP B 191 13.89 -23.60 -38.21
CA ASP B 191 13.65 -23.64 -39.65
C ASP B 191 14.45 -24.75 -40.33
N ASN B 192 15.48 -25.27 -39.67
CA ASN B 192 16.21 -26.41 -40.21
C ASN B 192 15.32 -27.64 -40.32
N GLU B 193 14.30 -27.74 -39.46
CA GLU B 193 13.39 -28.87 -39.45
C GLU B 193 12.07 -28.57 -40.15
N MET B 194 11.94 -27.41 -40.78
CA MET B 194 10.71 -27.11 -41.51
C MET B 194 10.86 -27.49 -42.98
N PRO B 195 9.82 -28.05 -43.59
CA PRO B 195 9.86 -28.32 -45.03
C PRO B 195 9.79 -27.02 -45.82
N PRO B 196 10.21 -27.02 -47.08
CA PRO B 196 10.22 -25.77 -47.85
C PRO B 196 8.85 -25.16 -48.06
N GLU B 197 7.79 -25.98 -48.18
CA GLU B 197 6.47 -25.43 -48.41
C GLU B 197 6.01 -24.59 -47.21
N ALA B 198 6.33 -25.03 -46.00
CA ALA B 198 6.02 -24.22 -44.83
C ALA B 198 6.81 -22.92 -44.82
N LEU B 199 8.11 -23.00 -45.12
CA LEU B 199 8.93 -21.79 -45.16
C LEU B 199 8.44 -20.82 -46.23
N SER B 200 8.12 -21.33 -47.42
CA SER B 200 7.68 -20.44 -48.49
C SER B 200 6.32 -19.82 -48.20
N GLN B 201 5.50 -20.48 -47.39
CA GLN B 201 4.20 -19.93 -47.02
C GLN B 201 4.29 -18.94 -45.86
N GLY B 202 5.47 -18.78 -45.25
CA GLY B 202 5.73 -17.67 -44.36
C GLY B 202 5.54 -17.92 -42.88
N CYS B 203 5.48 -19.16 -42.43
CA CYS B 203 5.31 -19.45 -41.01
C CYS B 203 6.65 -19.50 -40.32
N LYS B 204 6.64 -19.19 -39.02
CA LYS B 204 7.86 -19.07 -38.23
C LYS B 204 7.99 -20.27 -37.30
N ASP B 205 9.20 -20.83 -37.25
CA ASP B 205 9.43 -22.02 -36.45
C ASP B 205 9.24 -21.73 -34.96
N ILE B 206 9.11 -22.81 -34.19
CA ILE B 206 8.71 -22.69 -32.78
C ILE B 206 9.75 -21.89 -31.99
N ALA B 207 11.04 -22.13 -32.25
CA ALA B 207 12.08 -21.39 -31.56
C ALA B 207 11.98 -19.90 -31.86
N TYR B 208 11.71 -19.55 -33.11
CA TYR B 208 11.50 -18.16 -33.47
C TYR B 208 10.31 -17.57 -32.71
N GLN B 209 9.23 -18.34 -32.58
CA GLN B 209 8.03 -17.83 -31.92
C GLN B 209 8.25 -17.65 -30.42
N LEU B 210 9.11 -18.46 -29.81
CA LEU B 210 9.38 -18.32 -28.38
C LEU B 210 9.90 -16.93 -28.06
N MET B 211 10.69 -16.35 -28.96
CA MET B 211 11.32 -15.06 -28.71
C MET B 211 10.57 -13.88 -29.31
N HIS B 212 9.60 -14.12 -30.20
CA HIS B 212 8.94 -13.04 -30.91
C HIS B 212 7.46 -12.89 -30.58
N ASN B 213 6.76 -13.97 -30.21
CA ASN B 213 5.35 -13.85 -29.90
C ASN B 213 5.13 -13.08 -28.60
N ILE B 214 5.66 -13.60 -27.49
CA ILE B 214 5.56 -12.94 -26.19
C ILE B 214 6.99 -12.60 -25.78
N ARG B 215 7.37 -11.34 -25.99
CA ARG B 215 8.76 -10.90 -25.87
C ARG B 215 9.18 -10.55 -24.44
N ASP B 216 8.27 -10.63 -23.47
CA ASP B 216 8.63 -10.39 -22.08
C ASP B 216 8.24 -11.56 -21.20
N ILE B 217 8.42 -12.79 -21.70
CA ILE B 217 8.36 -13.95 -20.82
C ILE B 217 9.51 -13.83 -19.83
N ASP B 218 9.18 -13.85 -18.54
CA ASP B 218 10.15 -13.47 -17.53
C ASP B 218 11.21 -14.56 -17.33
N VAL B 219 10.79 -15.83 -17.35
CA VAL B 219 11.69 -16.94 -17.05
C VAL B 219 11.49 -18.05 -18.07
N ILE B 220 12.55 -18.37 -18.82
CA ILE B 220 12.56 -19.53 -19.70
C ILE B 220 13.77 -20.38 -19.31
N MET B 221 13.52 -21.64 -18.95
CA MET B 221 14.59 -22.55 -18.57
C MET B 221 14.30 -23.93 -19.13
N GLY B 222 15.31 -24.55 -19.72
CA GLY B 222 15.16 -25.89 -20.27
C GLY B 222 16.28 -26.20 -21.24
N GLY B 223 16.06 -27.23 -22.05
CA GLY B 223 17.00 -27.61 -23.07
C GLY B 223 16.77 -26.82 -24.35
N GLY B 224 17.25 -27.37 -25.45
CA GLY B 224 17.05 -26.75 -26.75
C GLY B 224 18.01 -25.63 -27.08
N ARG B 225 19.23 -25.67 -26.56
CA ARG B 225 20.19 -24.59 -26.80
C ARG B 225 20.58 -24.50 -28.27
N LYS B 226 20.58 -25.64 -28.98
CA LYS B 226 21.08 -25.64 -30.35
C LYS B 226 20.17 -24.88 -31.30
N TYR B 227 18.87 -24.83 -31.03
CA TYR B 227 17.92 -24.18 -31.93
C TYR B 227 17.97 -22.66 -31.87
N MET B 228 18.83 -22.09 -31.03
CA MET B 228 18.94 -20.64 -30.89
C MET B 228 20.07 -20.03 -31.70
N TYR B 229 20.96 -20.85 -32.28
CA TYR B 229 22.18 -20.34 -32.86
C TYR B 229 22.31 -20.74 -34.33
N PRO B 230 22.97 -19.92 -35.14
CA PRO B 230 23.09 -20.22 -36.57
C PRO B 230 23.71 -21.58 -36.84
N LYS B 231 23.40 -22.12 -38.01
CA LYS B 231 23.76 -23.49 -38.35
C LYS B 231 25.28 -23.68 -38.36
N ASN B 232 25.73 -24.81 -37.82
CA ASN B 232 27.10 -25.29 -37.74
C ASN B 232 27.91 -24.58 -36.67
N LYS B 233 27.33 -23.64 -35.92
CA LYS B 233 28.05 -22.98 -34.85
C LYS B 233 28.19 -23.91 -33.65
N THR B 234 29.41 -24.05 -33.14
CA THR B 234 29.68 -25.02 -32.09
C THR B 234 29.04 -24.61 -30.77
N ASP B 235 28.71 -25.60 -29.96
CA ASP B 235 28.05 -25.38 -28.68
C ASP B 235 29.05 -24.92 -27.63
N VAL B 236 28.59 -24.08 -26.71
CA VAL B 236 29.44 -23.58 -25.63
C VAL B 236 29.87 -24.71 -24.70
N GLU B 237 29.11 -25.81 -24.65
CA GLU B 237 29.36 -26.90 -23.73
C GLU B 237 29.96 -28.13 -24.39
N TYR B 238 29.77 -28.30 -25.70
CA TYR B 238 30.34 -29.42 -26.46
C TYR B 238 30.80 -28.88 -27.80
N GLU B 239 32.06 -28.45 -27.89
CA GLU B 239 32.62 -28.04 -29.17
C GLU B 239 32.98 -29.21 -30.06
N SER B 240 33.12 -30.41 -29.49
CA SER B 240 33.46 -31.59 -30.26
C SER B 240 32.25 -32.33 -30.79
N ASP B 241 31.05 -32.06 -30.27
CA ASP B 241 29.85 -32.78 -30.65
C ASP B 241 29.25 -32.12 -31.89
N GLU B 242 29.22 -32.86 -33.00
CA GLU B 242 28.61 -32.35 -34.23
C GLU B 242 27.12 -32.12 -34.05
N LYS B 243 26.44 -33.03 -33.35
CA LYS B 243 24.99 -32.94 -33.23
C LYS B 243 24.54 -31.80 -32.32
N ALA B 244 25.44 -31.25 -31.50
CA ALA B 244 25.11 -30.16 -30.60
C ALA B 244 25.27 -28.79 -31.25
N ARG B 245 25.69 -28.73 -32.52
CA ARG B 245 25.88 -27.47 -33.20
C ARG B 245 24.54 -26.76 -33.41
N GLY B 246 24.63 -25.46 -33.69
CA GLY B 246 23.44 -24.70 -34.03
C GLY B 246 22.79 -25.21 -35.30
N THR B 247 21.51 -24.87 -35.46
CA THR B 247 20.73 -25.36 -36.58
C THR B 247 20.06 -24.26 -37.40
N ARG B 248 20.07 -23.01 -36.94
CA ARG B 248 19.31 -21.95 -37.60
C ARG B 248 19.86 -21.67 -38.99
N LEU B 249 18.97 -21.73 -39.99
CA LEU B 249 19.27 -21.21 -41.31
C LEU B 249 19.00 -19.71 -41.41
N ASP B 250 18.36 -19.12 -40.39
CA ASP B 250 18.20 -17.68 -40.33
C ASP B 250 19.56 -16.98 -40.31
N GLY B 251 20.54 -17.57 -39.64
CA GLY B 251 21.68 -16.85 -39.15
C GLY B 251 21.40 -16.08 -37.88
N LEU B 252 20.16 -16.08 -37.41
CA LEU B 252 19.78 -15.32 -36.24
C LEU B 252 20.38 -15.92 -34.97
N ASP B 253 20.74 -15.04 -34.03
CA ASP B 253 21.09 -15.43 -32.68
C ASP B 253 19.90 -15.07 -31.80
N LEU B 254 19.07 -16.07 -31.48
CA LEU B 254 17.86 -15.80 -30.73
C LEU B 254 18.14 -15.45 -29.27
N VAL B 255 19.30 -15.83 -28.75
CA VAL B 255 19.70 -15.35 -27.43
C VAL B 255 19.89 -13.85 -27.46
N ASP B 256 20.56 -13.34 -28.50
CA ASP B 256 20.71 -11.90 -28.66
C ASP B 256 19.37 -11.23 -28.93
N THR B 257 18.54 -11.86 -29.76
CA THR B 257 17.19 -11.34 -29.98
C THR B 257 16.40 -11.31 -28.68
N TRP B 258 16.63 -12.28 -27.80
CA TRP B 258 15.92 -12.32 -26.52
C TRP B 258 16.32 -11.15 -25.63
N LYS B 259 17.62 -10.90 -25.48
CA LYS B 259 18.05 -9.74 -24.69
C LYS B 259 17.58 -8.44 -25.31
N SER B 260 17.49 -8.38 -26.64
CA SER B 260 17.18 -7.12 -27.30
C SER B 260 15.74 -6.67 -27.05
N PHE B 261 14.83 -7.60 -26.79
CA PHE B 261 13.42 -7.27 -26.61
C PHE B 261 13.08 -6.89 -25.18
N LYS B 262 14.06 -6.79 -24.30
CA LYS B 262 13.82 -6.37 -22.93
C LYS B 262 14.23 -4.91 -22.74
N PRO B 263 13.62 -4.22 -21.77
CA PRO B 263 14.07 -2.87 -21.45
C PRO B 263 15.53 -2.88 -21.01
N ARG B 264 16.26 -1.84 -21.43
CA ARG B 264 17.69 -1.77 -21.15
C ARG B 264 17.95 -1.61 -19.66
N TYR B 265 17.04 -0.96 -18.93
CA TYR B 265 17.26 -0.80 -17.49
C TYR B 265 16.96 -2.07 -16.72
N LYS B 266 16.10 -2.94 -17.24
CA LYS B 266 15.84 -4.21 -16.59
C LYS B 266 17.03 -5.15 -16.77
N HIS B 267 17.32 -5.93 -15.74
CA HIS B 267 18.43 -6.88 -15.78
C HIS B 267 18.00 -8.17 -16.46
N SER B 268 18.67 -8.51 -17.56
CA SER B 268 18.46 -9.78 -18.25
C SER B 268 19.74 -10.59 -18.19
N HIS B 269 19.61 -11.88 -17.90
CA HIS B 269 20.75 -12.78 -17.80
C HIS B 269 20.50 -14.02 -18.66
N PHE B 270 21.56 -14.49 -19.31
CA PHE B 270 21.54 -15.77 -20.02
C PHE B 270 22.60 -16.67 -19.39
N ILE B 271 22.17 -17.85 -18.94
CA ILE B 271 23.05 -18.82 -18.31
C ILE B 271 22.92 -20.15 -19.04
N TRP B 272 23.88 -21.04 -18.78
CA TRP B 272 23.85 -22.35 -19.42
C TRP B 272 24.39 -23.48 -18.55
N ASN B 273 24.85 -23.22 -17.33
CA ASN B 273 25.30 -24.31 -16.46
C ASN B 273 24.79 -24.09 -15.04
N ARG B 274 24.93 -25.13 -14.23
CA ARG B 274 24.36 -25.14 -12.88
C ARG B 274 25.02 -24.11 -11.98
N THR B 275 26.33 -23.92 -12.13
CA THR B 275 27.05 -22.96 -11.28
C THR B 275 26.48 -21.55 -11.45
N GLU B 276 26.24 -21.13 -12.70
CA GLU B 276 25.63 -19.83 -12.94
C GLU B 276 24.25 -19.75 -12.33
N LEU B 277 23.49 -20.85 -12.37
CA LEU B 277 22.15 -20.86 -11.81
C LEU B 277 22.18 -20.63 -10.30
N LEU B 278 22.93 -21.47 -9.57
CA LEU B 278 22.95 -21.40 -8.12
C LEU B 278 23.66 -20.15 -7.60
N THR B 279 24.36 -19.41 -8.45
CA THR B 279 25.06 -18.19 -8.05
C THR B 279 24.20 -16.95 -8.26
N LEU B 280 23.32 -16.98 -9.25
CA LEU B 280 22.36 -15.91 -9.50
C LEU B 280 21.70 -15.41 -8.23
N ASP B 281 21.69 -14.08 -8.05
CA ASP B 281 20.91 -13.46 -6.99
C ASP B 281 19.49 -13.29 -7.51
N PRO B 282 18.51 -14.04 -7.00
CA PRO B 282 17.14 -13.90 -7.51
C PRO B 282 16.58 -12.50 -7.41
N HIS B 283 17.00 -11.73 -6.40
CA HIS B 283 16.43 -10.40 -6.18
C HIS B 283 16.86 -9.39 -7.22
N ASN B 284 17.96 -9.64 -7.94
CA ASN B 284 18.55 -8.64 -8.83
C ASN B 284 18.50 -9.07 -10.29
N VAL B 285 17.52 -9.89 -10.66
CA VAL B 285 17.38 -10.38 -12.03
C VAL B 285 15.91 -10.30 -12.44
N ASP B 286 15.66 -9.74 -13.62
CA ASP B 286 14.30 -9.48 -14.10
C ASP B 286 13.84 -10.45 -15.18
N TYR B 287 14.70 -10.77 -16.15
CA TYR B 287 14.41 -11.75 -17.18
C TYR B 287 15.53 -12.77 -17.21
N LEU B 288 15.15 -14.05 -17.13
CA LEU B 288 16.12 -15.14 -17.07
C LEU B 288 15.86 -16.13 -18.19
N LEU B 289 16.90 -16.43 -18.95
CA LEU B 289 16.85 -17.42 -20.02
C LEU B 289 17.98 -18.41 -19.78
N GLY B 290 17.63 -19.63 -19.38
CA GLY B 290 18.62 -20.65 -19.08
C GLY B 290 18.49 -21.88 -19.95
N LEU B 291 19.37 -22.00 -20.94
CA LEU B 291 19.36 -23.13 -21.87
C LEU B 291 20.54 -24.02 -21.51
N PHE B 292 20.24 -25.14 -20.85
CA PHE B 292 21.25 -25.94 -20.17
C PHE B 292 21.78 -27.12 -20.98
N GLU B 293 21.12 -27.48 -22.07
CA GLU B 293 21.59 -28.59 -22.90
C GLU B 293 21.31 -28.27 -24.36
N PRO B 294 22.10 -28.82 -25.28
CA PRO B 294 21.83 -28.54 -26.71
C PRO B 294 20.47 -29.06 -27.16
N GLY B 295 20.17 -30.32 -26.90
CA GLY B 295 18.85 -30.84 -27.17
C GLY B 295 18.05 -30.98 -25.89
N ASP B 296 17.50 -32.16 -25.63
CA ASP B 296 16.84 -32.40 -24.37
C ASP B 296 17.86 -32.52 -23.25
N MET B 297 17.39 -32.31 -22.03
CA MET B 297 18.25 -32.41 -20.86
C MET B 297 18.36 -33.86 -20.39
N GLN B 298 19.47 -34.16 -19.73
CA GLN B 298 19.77 -35.53 -19.36
C GLN B 298 18.76 -36.07 -18.34
N TYR B 299 18.51 -37.37 -18.41
CA TYR B 299 17.76 -38.06 -17.38
C TYR B 299 18.38 -37.77 -16.02
N GLU B 300 17.54 -37.73 -14.99
CA GLU B 300 18.04 -37.45 -13.64
C GLU B 300 19.11 -38.45 -13.23
N LEU B 301 18.88 -39.74 -13.49
CA LEU B 301 19.88 -40.75 -13.19
C LEU B 301 21.17 -40.55 -13.98
N ASN B 302 21.12 -39.80 -15.09
CA ASN B 302 22.29 -39.53 -15.91
C ASN B 302 22.80 -38.10 -15.77
N ARG B 303 22.35 -37.37 -14.74
CA ARG B 303 22.61 -35.94 -14.68
C ARG B 303 23.99 -35.63 -14.10
N ASN B 304 24.66 -34.66 -14.72
CA ASN B 304 25.93 -34.16 -14.24
C ASN B 304 25.70 -33.27 -13.01
N ASN B 305 26.19 -33.72 -11.84
CA ASN B 305 26.01 -32.94 -10.62
C ASN B 305 26.58 -31.52 -10.76
N VAL B 306 27.57 -31.34 -11.62
CA VAL B 306 28.35 -30.11 -11.67
C VAL B 306 27.81 -29.15 -12.73
N THR B 307 27.61 -29.63 -13.96
CA THR B 307 27.25 -28.73 -15.04
C THR B 307 25.75 -28.44 -15.10
N ASP B 308 24.91 -29.43 -14.78
CA ASP B 308 23.51 -29.26 -15.08
C ASP B 308 22.64 -29.24 -13.83
N PRO B 309 21.60 -28.42 -13.79
CA PRO B 309 20.72 -28.37 -12.62
C PRO B 309 19.64 -29.43 -12.67
N SER B 310 19.14 -29.76 -11.49
CA SER B 310 17.98 -30.63 -11.39
C SER B 310 16.71 -29.84 -11.69
N LEU B 311 15.60 -30.56 -11.82
CA LEU B 311 14.31 -29.89 -11.99
C LEU B 311 13.93 -29.12 -10.72
N SER B 312 14.18 -29.72 -9.56
CA SER B 312 13.88 -29.04 -8.30
C SER B 312 14.69 -27.75 -8.17
N GLU B 313 15.96 -27.78 -8.59
CA GLU B 313 16.79 -26.58 -8.51
C GLU B 313 16.29 -25.49 -9.45
N MET B 314 15.93 -25.86 -10.68
CA MET B 314 15.42 -24.88 -11.63
C MET B 314 14.12 -24.25 -11.13
N VAL B 315 13.24 -25.06 -10.53
CA VAL B 315 11.95 -24.55 -10.09
C VAL B 315 12.11 -23.57 -8.94
N VAL B 316 13.09 -23.80 -8.06
CA VAL B 316 13.24 -22.96 -6.87
C VAL B 316 13.53 -21.52 -7.25
N VAL B 317 14.60 -21.30 -8.03
CA VAL B 317 14.96 -19.93 -8.39
C VAL B 317 13.93 -19.34 -9.35
N ALA B 318 13.27 -20.17 -10.15
CA ALA B 318 12.22 -19.66 -11.02
C ALA B 318 11.06 -19.11 -10.21
N ILE B 319 10.79 -19.67 -9.04
CA ILE B 319 9.76 -19.14 -8.17
C ILE B 319 10.27 -17.92 -7.41
N GLN B 320 11.57 -17.87 -7.12
CA GLN B 320 12.12 -16.71 -6.40
C GLN B 320 12.21 -15.47 -7.28
N ILE B 321 12.23 -15.63 -8.61
CA ILE B 321 12.21 -14.48 -9.50
C ILE B 321 10.79 -14.04 -9.79
N LEU B 322 9.87 -14.97 -10.00
CA LEU B 322 8.47 -14.64 -10.22
C LEU B 322 7.76 -14.18 -8.97
N ARG B 323 8.39 -14.32 -7.80
CA ARG B 323 7.79 -13.86 -6.55
C ARG B 323 7.68 -12.34 -6.49
N LYS B 324 8.62 -11.62 -7.12
CA LYS B 324 8.75 -10.19 -6.90
C LYS B 324 7.49 -9.43 -7.30
N ASN B 325 6.97 -9.73 -8.49
CA ASN B 325 5.84 -9.00 -9.05
C ASN B 325 4.71 -8.90 -8.02
N PRO B 326 4.29 -7.68 -7.65
CA PRO B 326 3.19 -7.55 -6.69
C PRO B 326 1.88 -8.15 -7.19
N LYS B 327 1.77 -8.47 -8.47
CA LYS B 327 0.54 -8.96 -9.06
C LYS B 327 0.46 -10.49 -9.12
N GLY B 328 1.58 -11.19 -8.89
CA GLY B 328 1.60 -12.64 -8.95
C GLY B 328 2.23 -13.15 -10.22
N PHE B 329 2.18 -14.48 -10.38
CA PHE B 329 2.81 -15.11 -11.52
C PHE B 329 2.05 -16.37 -11.92
N PHE B 330 2.24 -16.75 -13.18
CA PHE B 330 1.90 -18.09 -13.66
C PHE B 330 3.18 -18.82 -14.01
N LEU B 331 3.32 -20.04 -13.51
CA LEU B 331 4.50 -20.85 -13.79
C LEU B 331 4.07 -22.19 -14.35
N LEU B 332 4.64 -22.55 -15.49
CA LEU B 332 4.44 -23.88 -16.08
C LEU B 332 5.70 -24.69 -15.86
N VAL B 333 5.58 -25.79 -15.12
CA VAL B 333 6.68 -26.71 -14.88
C VAL B 333 6.32 -28.05 -15.50
N GLU B 334 7.29 -28.66 -16.18
CA GLU B 334 7.05 -29.93 -16.86
C GLU B 334 8.18 -30.89 -16.59
N GLY B 335 7.86 -32.02 -15.97
CA GLY B 335 8.75 -33.16 -15.99
C GLY B 335 8.54 -33.93 -17.29
N GLY B 336 9.12 -33.42 -18.38
CA GLY B 336 8.78 -33.92 -19.69
C GLY B 336 9.52 -35.17 -20.12
N ARG B 337 10.48 -35.65 -19.33
CA ARG B 337 11.22 -36.84 -19.68
C ARG B 337 10.61 -38.12 -19.10
N ILE B 338 9.51 -38.02 -18.35
CA ILE B 338 8.75 -39.23 -18.01
C ILE B 338 8.24 -39.90 -19.27
N ASP B 339 7.75 -39.10 -20.22
CA ASP B 339 7.30 -39.61 -21.51
C ASP B 339 8.39 -40.39 -22.21
N HIS B 340 9.59 -39.80 -22.30
CA HIS B 340 10.66 -40.40 -23.08
C HIS B 340 11.17 -41.68 -22.45
N GLY B 341 11.11 -41.78 -21.12
CA GLY B 341 11.50 -43.04 -20.48
C GLY B 341 10.58 -44.18 -20.87
N HIS B 342 9.27 -43.92 -20.87
CA HIS B 342 8.32 -44.94 -21.30
C HIS B 342 8.46 -45.23 -22.79
N HIS B 343 8.61 -44.19 -23.61
CA HIS B 343 8.80 -44.38 -25.04
C HIS B 343 10.00 -45.28 -25.31
N GLU B 344 11.08 -45.09 -24.54
CA GLU B 344 12.25 -45.96 -24.64
C GLU B 344 11.99 -47.33 -24.02
N GLY B 345 10.87 -47.51 -23.32
CA GLY B 345 10.60 -48.78 -22.70
C GLY B 345 11.36 -49.04 -21.42
N LYS B 346 12.03 -48.02 -20.88
CA LYS B 346 12.81 -48.15 -19.64
C LYS B 346 11.99 -47.54 -18.50
N ALA B 347 11.35 -48.40 -17.70
CA ALA B 347 10.51 -47.91 -16.62
C ALA B 347 11.32 -47.19 -15.54
N LYS B 348 12.55 -47.65 -15.28
CA LYS B 348 13.35 -47.04 -14.22
C LYS B 348 13.69 -45.59 -14.54
N GLN B 349 13.95 -45.29 -15.81
CA GLN B 349 14.15 -43.89 -16.19
C GLN B 349 12.86 -43.09 -16.00
N ALA B 350 11.72 -43.67 -16.38
CA ALA B 350 10.45 -42.95 -16.30
C ALA B 350 10.06 -42.66 -14.86
N LEU B 351 10.10 -43.69 -14.00
CA LEU B 351 9.66 -43.51 -12.62
C LEU B 351 10.59 -42.57 -11.85
N HIS B 352 11.89 -42.59 -12.16
CA HIS B 352 12.81 -41.66 -11.49
C HIS B 352 12.56 -40.23 -11.92
N GLU B 353 12.15 -40.02 -13.19
CA GLU B 353 11.74 -38.69 -13.61
C GLU B 353 10.46 -38.26 -12.91
N ALA B 354 9.55 -39.19 -12.65
CA ALA B 354 8.32 -38.86 -11.94
C ALA B 354 8.60 -38.51 -10.49
N VAL B 355 9.50 -39.26 -9.84
CA VAL B 355 9.85 -38.96 -8.46
C VAL B 355 10.50 -37.59 -8.36
N GLU B 356 11.26 -37.19 -9.37
CA GLU B 356 11.93 -35.90 -9.32
C GLU B 356 10.94 -34.75 -9.43
N MET B 357 9.98 -34.85 -10.35
CA MET B 357 8.95 -33.82 -10.47
C MET B 357 8.13 -33.72 -9.18
N ASP B 358 7.93 -34.84 -8.49
CA ASP B 358 7.21 -34.80 -7.22
C ASP B 358 8.03 -34.09 -6.14
N ARG B 359 9.35 -34.33 -6.11
CA ARG B 359 10.20 -33.62 -5.18
C ARG B 359 10.17 -32.12 -5.47
N ALA B 360 10.13 -31.74 -6.74
CA ALA B 360 10.00 -30.33 -7.09
C ALA B 360 8.65 -29.77 -6.69
N ILE B 361 7.61 -30.61 -6.65
CA ILE B 361 6.29 -30.16 -6.25
C ILE B 361 6.29 -29.75 -4.77
N GLY B 362 6.97 -30.54 -3.93
CA GLY B 362 7.10 -30.15 -2.53
C GLY B 362 7.89 -28.86 -2.37
N GLN B 363 8.92 -28.67 -3.20
CA GLN B 363 9.69 -27.44 -3.16
C GLN B 363 8.81 -26.24 -3.46
N ALA B 364 7.96 -26.36 -4.49
CA ALA B 364 7.06 -25.26 -4.84
C ALA B 364 6.08 -24.98 -3.70
N GLY B 365 5.63 -26.02 -3.00
CA GLY B 365 4.75 -25.81 -1.87
C GLY B 365 5.41 -25.07 -0.73
N SER B 366 6.71 -25.30 -0.51
CA SER B 366 7.42 -24.63 0.57
C SER B 366 7.63 -23.15 0.26
N LEU B 367 7.73 -22.79 -1.01
CA LEU B 367 7.99 -21.41 -1.42
C LEU B 367 6.72 -20.61 -1.68
N THR B 368 5.54 -21.23 -1.58
CA THR B 368 4.27 -20.53 -1.76
C THR B 368 3.36 -20.86 -0.58
N SER B 369 2.17 -20.26 -0.59
CA SER B 369 1.15 -20.52 0.41
C SER B 369 -0.15 -20.90 -0.29
N SER B 370 -0.83 -21.92 0.22
CA SER B 370 -2.10 -22.36 -0.37
C SER B 370 -3.21 -21.31 -0.26
N GLU B 371 -2.99 -20.18 0.42
CA GLU B 371 -4.03 -19.15 0.55
C GLU B 371 -4.18 -18.34 -0.73
N ASP B 372 -3.08 -18.07 -1.43
CA ASP B 372 -3.12 -17.26 -2.64
C ASP B 372 -2.48 -17.94 -3.85
N THR B 373 -2.20 -19.23 -3.79
CA THR B 373 -1.53 -19.94 -4.87
C THR B 373 -2.31 -21.20 -5.22
N LEU B 374 -2.80 -21.27 -6.45
CA LEU B 374 -3.47 -22.45 -6.97
C LEU B 374 -2.45 -23.31 -7.71
N THR B 375 -2.27 -24.54 -7.26
CA THR B 375 -1.32 -25.47 -7.85
C THR B 375 -2.07 -26.66 -8.43
N VAL B 376 -1.72 -27.04 -9.66
CA VAL B 376 -2.40 -28.11 -10.38
C VAL B 376 -1.34 -29.07 -10.92
N VAL B 377 -1.45 -30.34 -10.57
CA VAL B 377 -0.61 -31.40 -11.11
C VAL B 377 -1.49 -32.30 -11.96
N THR B 378 -1.02 -32.64 -13.15
CA THR B 378 -1.77 -33.49 -14.06
C THR B 378 -0.83 -34.02 -15.13
N ALA B 379 -1.37 -34.87 -16.00
CA ALA B 379 -0.65 -35.39 -17.15
C ALA B 379 -1.39 -35.02 -18.42
N ASP B 380 -0.66 -34.98 -19.53
CA ASP B 380 -1.28 -34.76 -20.82
C ASP B 380 -1.91 -36.03 -21.38
N HIS B 381 -1.43 -37.20 -20.95
CA HIS B 381 -1.93 -38.50 -21.38
C HIS B 381 -1.18 -39.57 -20.61
N SER B 382 -1.49 -40.84 -20.86
CA SER B 382 -0.83 -41.95 -20.18
C SER B 382 -0.01 -42.76 -21.17
N HIS B 383 0.53 -43.88 -20.69
CA HIS B 383 1.27 -44.83 -21.50
C HIS B 383 0.70 -46.22 -21.28
N VAL B 384 1.11 -47.16 -22.13
CA VAL B 384 0.65 -48.55 -22.00
C VAL B 384 1.53 -49.27 -20.98
N PHE B 385 1.72 -48.63 -19.82
CA PHE B 385 2.61 -49.12 -18.77
C PHE B 385 1.78 -49.76 -17.67
N THR B 386 2.12 -50.99 -17.30
CA THR B 386 1.44 -51.71 -16.24
C THR B 386 2.45 -52.34 -15.28
N PHE B 387 1.95 -52.74 -14.11
CA PHE B 387 2.72 -53.59 -13.23
C PHE B 387 1.76 -54.45 -12.42
N GLY B 388 2.04 -55.75 -12.39
CA GLY B 388 1.24 -56.70 -11.65
C GLY B 388 1.96 -58.01 -11.50
N GLY B 389 1.24 -59.01 -11.02
CA GLY B 389 1.81 -60.34 -10.85
C GLY B 389 1.72 -60.85 -9.43
N TYR B 390 0.79 -60.29 -8.65
CA TYR B 390 0.55 -60.69 -7.26
C TYR B 390 1.85 -60.67 -6.45
N THR B 391 2.59 -59.58 -6.60
CA THR B 391 3.85 -59.42 -5.89
C THR B 391 3.59 -59.18 -4.40
N PRO B 392 4.48 -59.65 -3.53
CA PRO B 392 4.28 -59.47 -2.10
C PRO B 392 4.53 -58.03 -1.67
N ARG B 393 4.06 -57.71 -0.48
CA ARG B 393 4.24 -56.39 0.09
C ARG B 393 5.72 -56.00 0.10
N GLY B 394 6.02 -54.79 -0.37
CA GLY B 394 7.37 -54.31 -0.38
C GLY B 394 8.23 -54.84 -1.50
N ASN B 395 7.69 -55.68 -2.38
CA ASN B 395 8.42 -56.15 -3.55
C ASN B 395 8.99 -54.97 -4.32
N SER B 396 10.28 -55.06 -4.66
CA SER B 396 10.90 -54.03 -5.47
C SER B 396 10.11 -53.83 -6.77
N ILE B 397 9.75 -52.58 -7.06
CA ILE B 397 8.97 -52.27 -8.24
C ILE B 397 9.67 -52.67 -9.53
N PHE B 398 10.96 -53.01 -9.46
CA PHE B 398 11.74 -53.43 -10.61
C PHE B 398 12.09 -54.91 -10.58
N GLY B 399 11.50 -55.66 -9.66
CA GLY B 399 11.81 -57.07 -9.48
C GLY B 399 10.88 -57.99 -10.23
N LEU B 400 10.81 -59.24 -9.77
CA LEU B 400 10.08 -60.30 -10.42
C LEU B 400 8.80 -60.62 -9.67
N ALA B 401 7.86 -61.26 -10.38
CA ALA B 401 6.71 -61.85 -9.75
C ALA B 401 7.15 -63.08 -8.96
N PRO B 402 6.42 -63.43 -7.90
CA PRO B 402 6.85 -64.59 -7.08
C PRO B 402 6.84 -65.91 -7.83
N MET B 403 5.84 -66.13 -8.67
CA MET B 403 5.71 -67.41 -9.37
C MET B 403 6.21 -67.30 -10.80
N LEU B 404 6.71 -68.42 -11.32
CA LEU B 404 7.07 -68.48 -12.72
C LEU B 404 5.80 -68.51 -13.58
N SER B 405 6.00 -68.45 -14.89
CA SER B 405 4.88 -68.55 -15.80
C SER B 405 4.40 -70.00 -15.88
N ASP B 406 3.09 -70.19 -15.77
CA ASP B 406 2.53 -71.54 -15.87
C ASP B 406 2.61 -72.12 -17.27
N THR B 407 3.10 -71.36 -18.25
CA THR B 407 3.10 -71.77 -19.64
C THR B 407 4.50 -72.01 -20.17
N ASP B 408 5.40 -71.01 -20.10
CA ASP B 408 6.77 -71.17 -20.58
C ASP B 408 7.78 -71.31 -19.46
N LYS B 409 7.32 -71.50 -18.22
CA LYS B 409 8.11 -71.87 -17.05
C LYS B 409 9.21 -70.86 -16.73
N LYS B 410 9.20 -69.68 -17.35
CA LYS B 410 10.21 -68.67 -17.16
C LYS B 410 9.67 -67.50 -16.33
N PRO B 411 10.53 -66.76 -15.66
CA PRO B 411 10.06 -65.65 -14.82
C PRO B 411 9.69 -64.43 -15.65
N PHE B 412 8.97 -63.52 -15.01
CA PHE B 412 8.58 -62.25 -15.63
C PHE B 412 8.60 -61.17 -14.56
N THR B 413 8.92 -59.95 -15.00
CA THR B 413 8.98 -58.81 -14.09
C THR B 413 7.58 -58.31 -13.79
N ALA B 414 7.43 -57.68 -12.62
CA ALA B 414 6.17 -57.03 -12.28
C ALA B 414 5.78 -56.01 -13.34
N ILE B 415 6.72 -55.16 -13.73
CA ILE B 415 6.49 -54.18 -14.79
C ILE B 415 6.44 -54.89 -16.14
N LEU B 416 5.40 -54.61 -16.91
CA LEU B 416 5.28 -55.09 -18.28
C LEU B 416 4.61 -54.01 -19.11
N TYR B 417 4.98 -53.96 -20.40
CA TYR B 417 4.46 -52.94 -21.31
C TYR B 417 3.48 -53.56 -22.29
N GLY B 418 2.57 -52.72 -22.80
CA GLY B 418 1.68 -53.17 -23.85
C GLY B 418 2.40 -53.37 -25.17
N ASN B 419 3.21 -52.39 -25.56
CA ASN B 419 3.97 -52.45 -26.79
C ASN B 419 5.34 -51.83 -26.53
N GLY B 420 6.15 -51.70 -27.59
CA GLY B 420 7.43 -51.03 -27.48
C GLY B 420 8.62 -51.95 -27.63
N PRO B 421 9.82 -51.42 -27.38
CA PRO B 421 11.05 -52.16 -27.65
C PRO B 421 11.44 -53.17 -26.59
N GLY B 422 10.69 -53.28 -25.49
CA GLY B 422 10.97 -54.34 -24.52
C GLY B 422 10.71 -55.73 -25.05
N TYR B 423 9.98 -55.84 -26.16
CA TYR B 423 9.67 -57.11 -26.80
C TYR B 423 10.94 -57.83 -27.23
N LYS B 424 11.27 -58.94 -26.56
CA LYS B 424 12.45 -59.73 -26.88
C LYS B 424 12.03 -61.20 -27.01
N VAL B 425 11.79 -61.65 -28.23
CA VAL B 425 11.64 -63.07 -28.53
C VAL B 425 12.76 -63.44 -29.51
N VAL B 426 13.59 -64.40 -29.11
CA VAL B 426 14.68 -64.86 -29.96
C VAL B 426 14.23 -66.16 -30.62
N GLY B 427 13.50 -66.04 -31.72
CA GLY B 427 12.98 -67.18 -32.43
C GLY B 427 12.06 -68.05 -31.60
N GLY B 428 10.79 -67.66 -31.55
CA GLY B 428 9.78 -68.48 -30.89
C GLY B 428 9.74 -68.36 -29.39
N GLU B 429 10.90 -68.24 -28.75
CA GLU B 429 11.00 -68.24 -27.30
C GLU B 429 11.29 -66.84 -26.77
N ARG B 430 10.64 -66.50 -25.67
CA ARG B 430 10.83 -65.20 -25.03
C ARG B 430 11.96 -65.26 -24.00
N GLU B 431 12.53 -64.10 -23.72
CA GLU B 431 13.76 -64.01 -22.93
C GLU B 431 13.55 -64.52 -21.51
N ASN B 432 14.55 -65.24 -21.00
CA ASN B 432 14.61 -65.70 -19.62
C ASN B 432 15.25 -64.57 -18.82
N VAL B 433 14.41 -63.79 -18.12
CA VAL B 433 14.86 -62.52 -17.56
C VAL B 433 15.86 -62.69 -16.42
N SER B 434 15.88 -63.85 -15.75
CA SER B 434 16.88 -64.08 -14.72
C SER B 434 18.26 -64.35 -15.30
N MET B 435 18.41 -64.29 -16.63
CA MET B 435 19.70 -64.35 -17.30
C MET B 435 20.24 -62.98 -17.65
N VAL B 436 19.53 -61.92 -17.28
CA VAL B 436 19.94 -60.54 -17.57
C VAL B 436 19.66 -59.68 -16.34
N ASP B 437 20.10 -58.43 -16.41
CA ASP B 437 19.93 -57.47 -15.31
C ASP B 437 18.62 -56.72 -15.54
N TYR B 438 17.54 -57.26 -15.00
CA TYR B 438 16.23 -56.62 -15.12
C TYR B 438 16.07 -55.42 -14.20
N ALA B 439 17.08 -55.11 -13.39
CA ALA B 439 17.04 -53.96 -12.50
C ALA B 439 17.94 -52.83 -12.98
N HIS B 440 18.56 -52.96 -14.15
CA HIS B 440 19.42 -51.91 -14.68
C HIS B 440 18.60 -50.67 -15.03
N ASN B 441 19.27 -49.52 -15.01
CA ASN B 441 18.63 -48.26 -15.39
C ASN B 441 17.96 -48.38 -16.75
N ASN B 442 18.61 -49.08 -17.69
CA ASN B 442 18.20 -49.10 -19.08
C ASN B 442 17.49 -50.40 -19.47
N TYR B 443 17.22 -51.28 -18.51
CA TYR B 443 16.48 -52.49 -18.85
C TYR B 443 15.11 -52.14 -19.37
N GLN B 444 14.69 -52.83 -20.43
CA GLN B 444 13.41 -52.60 -21.09
C GLN B 444 12.51 -53.80 -20.83
N ALA B 445 11.49 -53.60 -20.00
CA ALA B 445 10.58 -54.69 -19.65
C ALA B 445 9.82 -55.17 -20.88
N GLN B 446 9.50 -56.46 -20.89
CA GLN B 446 8.93 -57.11 -22.05
C GLN B 446 7.57 -56.50 -22.41
N SER B 447 7.26 -56.51 -23.71
CA SER B 447 6.00 -55.98 -24.21
C SER B 447 5.37 -57.00 -25.16
N ALA B 448 4.09 -56.78 -25.45
CA ALA B 448 3.33 -57.73 -26.27
C ALA B 448 3.67 -57.61 -27.75
N VAL B 449 3.83 -56.38 -28.24
CA VAL B 449 4.08 -56.12 -29.65
C VAL B 449 5.35 -55.29 -29.77
N PRO B 450 6.29 -55.66 -30.64
CA PRO B 450 7.50 -54.85 -30.79
C PRO B 450 7.24 -53.57 -31.58
N LEU B 451 7.79 -52.48 -31.07
CA LEU B 451 7.89 -51.24 -31.82
C LEU B 451 9.18 -50.54 -31.44
N ARG B 452 9.62 -49.64 -32.30
CA ARG B 452 10.81 -48.86 -31.98
C ARG B 452 10.61 -48.01 -30.75
N HIS B 453 9.37 -47.58 -30.50
CA HIS B 453 9.02 -46.77 -29.33
C HIS B 453 7.69 -47.25 -28.76
N GLU B 454 7.60 -47.27 -27.44
CA GLU B 454 6.35 -47.59 -26.77
C GLU B 454 5.36 -46.44 -26.94
N THR B 455 4.09 -46.79 -27.15
CA THR B 455 3.07 -45.81 -27.46
C THR B 455 2.36 -45.31 -26.20
N HIS B 456 1.65 -44.19 -26.35
CA HIS B 456 0.80 -43.68 -25.29
C HIS B 456 -0.38 -44.61 -25.04
N GLY B 457 -1.13 -44.29 -23.99
CA GLY B 457 -2.41 -44.91 -23.74
C GLY B 457 -3.52 -43.89 -23.89
N GLY B 458 -4.75 -44.39 -23.97
CA GLY B 458 -5.89 -43.52 -24.15
C GLY B 458 -6.72 -43.34 -22.89
N GLU B 459 -6.30 -44.00 -21.81
CA GLU B 459 -6.99 -43.92 -20.54
C GLU B 459 -6.93 -42.50 -19.97
N ASP B 460 -7.81 -42.24 -19.00
CA ASP B 460 -7.81 -40.94 -18.34
C ASP B 460 -6.56 -40.79 -17.47
N VAL B 461 -6.28 -39.54 -17.12
CA VAL B 461 -5.18 -39.22 -16.22
C VAL B 461 -5.75 -38.46 -15.03
N ALA B 462 -5.02 -38.50 -13.92
CA ALA B 462 -5.47 -37.84 -12.71
C ALA B 462 -5.12 -36.35 -12.75
N VAL B 463 -5.89 -35.56 -12.01
CA VAL B 463 -5.60 -34.16 -11.75
C VAL B 463 -5.54 -33.98 -10.25
N PHE B 464 -4.50 -33.27 -9.79
CA PHE B 464 -4.31 -32.97 -8.37
C PHE B 464 -4.32 -31.46 -8.21
N SER B 465 -5.26 -30.95 -7.43
CA SER B 465 -5.44 -29.51 -7.28
C SER B 465 -5.39 -29.13 -5.80
N LYS B 466 -4.81 -27.97 -5.53
CA LYS B 466 -4.66 -27.47 -4.17
C LYS B 466 -4.58 -25.95 -4.22
N GLY B 467 -5.28 -25.30 -3.28
CA GLY B 467 -5.30 -23.86 -3.22
C GLY B 467 -6.64 -23.25 -3.57
N PRO B 468 -6.64 -21.97 -3.93
CA PRO B 468 -7.90 -21.26 -4.19
C PRO B 468 -8.71 -21.89 -5.30
N MET B 469 -9.99 -22.14 -5.02
CA MET B 469 -10.96 -22.70 -5.96
C MET B 469 -10.50 -24.02 -6.55
N ALA B 470 -9.55 -24.70 -5.89
CA ALA B 470 -9.07 -25.99 -6.40
C ALA B 470 -10.18 -27.04 -6.40
N HIS B 471 -11.17 -26.88 -5.53
CA HIS B 471 -12.30 -27.80 -5.50
C HIS B 471 -13.15 -27.75 -6.76
N LEU B 472 -12.95 -26.74 -7.62
CA LEU B 472 -13.68 -26.67 -8.88
C LEU B 472 -13.29 -27.79 -9.85
N LEU B 473 -12.13 -28.42 -9.64
CA LEU B 473 -11.71 -29.59 -10.42
C LEU B 473 -12.09 -30.81 -9.58
N HIS B 474 -13.25 -31.40 -9.89
CA HIS B 474 -13.92 -32.26 -8.92
C HIS B 474 -14.25 -33.66 -9.42
N GLY B 475 -14.57 -33.81 -10.71
CA GLY B 475 -15.05 -35.10 -11.19
C GLY B 475 -14.38 -35.63 -12.45
N VAL B 476 -15.18 -36.04 -13.42
CA VAL B 476 -14.70 -36.52 -14.71
C VAL B 476 -14.92 -35.40 -15.71
N HIS B 477 -13.83 -34.82 -16.19
CA HIS B 477 -13.88 -33.62 -17.04
C HIS B 477 -13.16 -33.85 -18.34
N GLU B 478 -13.61 -33.13 -19.37
CA GLU B 478 -12.81 -32.99 -20.59
C GLU B 478 -11.54 -32.22 -20.24
N GLN B 479 -10.42 -32.59 -20.90
CA GLN B 479 -9.12 -32.08 -20.49
C GLN B 479 -9.03 -30.56 -20.64
N ASN B 480 -9.74 -29.99 -21.61
CA ASN B 480 -9.65 -28.56 -21.86
C ASN B 480 -10.28 -27.72 -20.74
N TYR B 481 -10.96 -28.37 -19.79
CA TYR B 481 -11.61 -27.65 -18.69
C TYR B 481 -10.60 -27.14 -17.67
N VAL B 482 -9.41 -27.73 -17.61
CA VAL B 482 -8.43 -27.34 -16.59
C VAL B 482 -8.03 -25.88 -16.68
N PRO B 483 -7.58 -25.35 -17.82
CA PRO B 483 -7.18 -23.94 -17.85
C PRO B 483 -8.33 -22.97 -17.66
N HIS B 484 -9.57 -23.39 -17.91
CA HIS B 484 -10.71 -22.51 -17.66
C HIS B 484 -10.93 -22.29 -16.16
N VAL B 485 -10.61 -23.29 -15.34
CA VAL B 485 -10.73 -23.14 -13.89
C VAL B 485 -9.58 -22.31 -13.35
N MET B 486 -8.36 -22.61 -13.79
CA MET B 486 -7.19 -21.86 -13.32
C MET B 486 -7.31 -20.38 -13.68
N ALA B 487 -7.86 -20.08 -14.85
CA ALA B 487 -8.00 -18.69 -15.26
C ALA B 487 -9.12 -18.00 -14.49
N TYR B 488 -10.24 -18.70 -14.28
CA TYR B 488 -11.32 -18.12 -13.48
C TYR B 488 -10.87 -17.86 -12.05
N ALA B 489 -10.06 -18.76 -11.49
CA ALA B 489 -9.64 -18.62 -10.10
C ALA B 489 -8.64 -17.49 -9.91
N ALA B 490 -7.88 -17.16 -10.96
CA ALA B 490 -6.81 -16.17 -10.86
C ALA B 490 -7.20 -14.79 -11.38
N CYS B 491 -8.43 -14.63 -11.85
CA CYS B 491 -8.89 -13.39 -12.48
C CYS B 491 -8.05 -13.04 -13.70
N ILE B 492 -7.97 -13.99 -14.64
CA ILE B 492 -7.35 -13.78 -15.93
C ILE B 492 -8.19 -14.45 -16.99
N GLY B 493 -7.98 -14.03 -18.24
CA GLY B 493 -8.77 -14.54 -19.34
C GLY B 493 -10.01 -13.69 -19.59
N ALA B 494 -11.11 -14.35 -19.95
CA ALA B 494 -12.35 -13.65 -20.26
C ALA B 494 -13.30 -13.57 -19.08
N ASN B 495 -13.44 -14.65 -18.33
CA ASN B 495 -14.37 -14.70 -17.20
C ASN B 495 -13.71 -14.06 -15.98
N LEU B 496 -13.99 -12.79 -15.76
CA LEU B 496 -13.50 -12.05 -14.60
C LEU B 496 -14.57 -11.93 -13.53
N GLY B 497 -15.23 -13.04 -13.23
CA GLY B 497 -16.32 -13.05 -12.28
C GLY B 497 -15.90 -13.30 -10.85
N HIS B 498 -14.73 -13.93 -10.66
CA HIS B 498 -14.25 -14.25 -9.32
C HIS B 498 -13.58 -13.06 -8.66
N CYS B 499 -12.29 -12.85 -8.98
CA CYS B 499 -11.38 -11.93 -8.31
C CYS B 499 -12.00 -10.81 -7.49
N ALA B 500 -12.34 -11.09 -6.24
CA ALA B 500 -12.80 -10.06 -5.33
C ALA B 500 -12.46 -10.52 -3.92
N PRO B 501 -11.84 -9.66 -3.09
CA PRO B 501 -11.57 -9.98 -1.69
C PRO B 501 -12.79 -9.82 -0.80
N LEU C 20 -10.74 -38.21 -37.87
CA LEU C 20 -12.12 -38.12 -38.34
C LEU C 20 -12.64 -36.70 -38.21
N VAL C 21 -12.53 -36.15 -37.00
CA VAL C 21 -12.84 -34.75 -36.69
C VAL C 21 -14.34 -34.47 -36.86
N PRO C 22 -15.10 -34.38 -35.78
CA PRO C 22 -16.48 -33.89 -35.89
C PRO C 22 -16.48 -32.40 -36.21
N GLU C 23 -17.45 -32.00 -37.04
CA GLU C 23 -17.42 -30.65 -37.60
C GLU C 23 -17.62 -29.57 -36.55
N LYS C 24 -18.40 -29.85 -35.49
CA LYS C 24 -18.65 -28.81 -34.50
C LYS C 24 -17.45 -28.56 -33.60
N GLU C 25 -16.49 -29.48 -33.55
CA GLU C 25 -15.34 -29.34 -32.68
C GLU C 25 -14.23 -28.48 -33.28
N LYS C 26 -14.36 -28.06 -34.54
CA LYS C 26 -13.38 -27.17 -35.14
C LYS C 26 -13.51 -25.73 -34.65
N ASP C 27 -14.60 -25.42 -33.96
CA ASP C 27 -14.84 -24.05 -33.48
C ASP C 27 -14.31 -23.91 -32.06
N PRO C 28 -13.39 -22.99 -31.79
CA PRO C 28 -12.98 -22.76 -30.40
C PRO C 28 -14.12 -22.31 -29.52
N LYS C 29 -15.11 -21.61 -30.08
CA LYS C 29 -16.27 -21.21 -29.30
C LYS C 29 -17.03 -22.41 -28.75
N TYR C 30 -16.95 -23.55 -29.44
CA TYR C 30 -17.63 -24.76 -28.95
C TYR C 30 -16.98 -25.28 -27.68
N TRP C 31 -15.65 -25.36 -27.66
CA TRP C 31 -14.95 -25.89 -26.50
C TRP C 31 -14.94 -24.92 -25.33
N ARG C 32 -14.95 -23.60 -25.61
CA ARG C 32 -15.03 -22.62 -24.54
C ARG C 32 -16.43 -22.55 -23.94
N ASP C 33 -17.47 -22.77 -24.75
CA ASP C 33 -18.83 -22.80 -24.22
C ASP C 33 -19.03 -24.02 -23.32
N GLN C 34 -18.49 -25.17 -23.72
CA GLN C 34 -18.64 -26.38 -22.92
C GLN C 34 -17.93 -26.26 -21.58
N ALA C 35 -16.74 -25.67 -21.58
CA ALA C 35 -15.97 -25.56 -20.34
C ALA C 35 -16.60 -24.55 -19.38
N GLN C 36 -17.13 -23.45 -19.92
CA GLN C 36 -17.80 -22.48 -19.06
C GLN C 36 -19.10 -23.03 -18.50
N GLU C 37 -19.79 -23.90 -19.25
CA GLU C 37 -20.94 -24.60 -18.71
C GLU C 37 -20.54 -25.48 -17.54
N THR C 38 -19.46 -26.24 -17.71
CA THR C 38 -18.95 -27.07 -16.62
C THR C 38 -18.52 -26.22 -15.43
N LEU C 39 -17.92 -25.06 -15.70
CA LEU C 39 -17.50 -24.17 -14.63
C LEU C 39 -18.69 -23.67 -13.83
N LYS C 40 -19.78 -23.29 -14.50
CA LYS C 40 -20.97 -22.81 -13.79
C LYS C 40 -21.56 -23.92 -12.92
N TYR C 41 -21.50 -25.16 -13.38
CA TYR C 41 -21.99 -26.27 -12.57
C TYR C 41 -21.04 -26.58 -11.41
N ALA C 42 -19.73 -26.39 -11.63
CA ALA C 42 -18.77 -26.62 -10.55
C ALA C 42 -18.93 -25.57 -9.44
N LEU C 43 -19.36 -24.36 -9.80
CA LEU C 43 -19.61 -23.34 -8.79
C LEU C 43 -20.88 -23.66 -8.00
N GLU C 44 -21.91 -24.20 -8.68
CA GLU C 44 -23.14 -24.57 -7.98
C GLU C 44 -22.89 -25.68 -6.97
N LEU C 45 -21.94 -26.57 -7.25
CA LEU C 45 -21.64 -27.65 -6.32
C LEU C 45 -20.94 -27.16 -5.06
N GLN C 46 -20.55 -25.88 -5.00
CA GLN C 46 -19.98 -25.33 -3.77
C GLN C 46 -20.98 -25.34 -2.63
N LYS C 47 -22.29 -25.34 -2.93
CA LYS C 47 -23.31 -25.57 -1.92
C LYS C 47 -23.35 -27.07 -1.65
N LEU C 48 -22.57 -27.50 -0.66
CA LEU C 48 -22.35 -28.92 -0.43
C LEU C 48 -23.63 -29.59 0.08
N ASN C 49 -23.85 -30.82 -0.37
CA ASN C 49 -24.97 -31.64 0.10
C ASN C 49 -24.55 -32.26 1.44
N THR C 50 -25.04 -31.68 2.53
CA THR C 50 -24.67 -32.12 3.87
C THR C 50 -25.83 -32.82 4.59
N ASN C 51 -26.83 -33.29 3.85
CA ASN C 51 -27.94 -33.99 4.45
C ASN C 51 -27.49 -35.33 5.02
N VAL C 52 -28.43 -36.07 5.60
CA VAL C 52 -28.16 -37.40 6.13
C VAL C 52 -28.44 -38.42 5.02
N ALA C 53 -27.53 -39.37 4.86
CA ALA C 53 -27.69 -40.43 3.86
C ALA C 53 -28.71 -41.43 4.39
N LYS C 54 -29.96 -41.28 3.96
CA LYS C 54 -30.97 -42.29 4.27
C LYS C 54 -30.62 -43.62 3.62
N ASN C 55 -30.18 -43.58 2.37
CA ASN C 55 -29.81 -44.78 1.62
C ASN C 55 -28.35 -44.69 1.20
N VAL C 56 -27.67 -45.85 1.21
CA VAL C 56 -26.28 -45.95 0.80
C VAL C 56 -26.17 -47.09 -0.20
N ILE C 57 -25.68 -46.80 -1.40
CA ILE C 57 -25.54 -47.79 -2.46
C ILE C 57 -24.08 -47.82 -2.91
N MET C 58 -23.48 -49.01 -2.89
CA MET C 58 -22.09 -49.18 -3.34
C MET C 58 -22.09 -50.08 -4.57
N PHE C 59 -21.69 -49.52 -5.70
CA PHE C 59 -21.44 -50.29 -6.92
C PHE C 59 -19.97 -50.66 -6.96
N LEU C 60 -19.67 -51.96 -7.05
CA LEU C 60 -18.31 -52.46 -7.05
C LEU C 60 -18.04 -53.15 -8.38
N GLY C 61 -17.34 -52.47 -9.28
CA GLY C 61 -16.91 -53.07 -10.52
C GLY C 61 -15.59 -53.80 -10.36
N ASP C 62 -15.64 -55.13 -10.31
CA ASP C 62 -14.45 -55.93 -10.02
C ASP C 62 -13.44 -55.82 -11.16
N GLY C 63 -12.23 -55.35 -10.84
CA GLY C 63 -11.20 -55.18 -11.83
C GLY C 63 -11.35 -53.95 -12.70
N MET C 64 -12.28 -53.06 -12.37
CA MET C 64 -12.58 -51.89 -13.20
C MET C 64 -11.61 -50.76 -12.85
N GLY C 65 -10.42 -50.83 -13.43
CA GLY C 65 -9.42 -49.79 -13.28
C GLY C 65 -9.69 -48.61 -14.18
N VAL C 66 -8.83 -47.59 -14.06
CA VAL C 66 -8.98 -46.37 -14.83
C VAL C 66 -8.94 -46.67 -16.31
N SER C 67 -8.03 -47.55 -16.74
CA SER C 67 -7.95 -47.90 -18.16
C SER C 67 -9.23 -48.59 -18.63
N THR C 68 -9.93 -49.26 -17.72
CA THR C 68 -11.14 -49.99 -18.10
C THR C 68 -12.35 -49.05 -18.21
N VAL C 69 -12.44 -48.06 -17.33
CA VAL C 69 -13.58 -47.14 -17.41
C VAL C 69 -13.54 -46.33 -18.69
N THR C 70 -12.34 -46.04 -19.21
CA THR C 70 -12.23 -45.23 -20.42
C THR C 70 -12.61 -46.04 -21.66
N ALA C 71 -12.13 -47.29 -21.74
CA ALA C 71 -12.49 -48.14 -22.87
C ALA C 71 -13.97 -48.49 -22.84
N ALA C 72 -14.53 -48.69 -21.65
CA ALA C 72 -15.97 -48.96 -21.56
C ALA C 72 -16.78 -47.73 -21.95
N ARG C 73 -16.27 -46.52 -21.62
CA ARG C 73 -16.92 -45.30 -22.06
C ARG C 73 -16.95 -45.19 -23.57
N ILE C 74 -15.82 -45.50 -24.22
CA ILE C 74 -15.76 -45.46 -25.68
C ILE C 74 -16.69 -46.52 -26.27
N LEU C 75 -16.80 -47.68 -25.62
CA LEU C 75 -17.66 -48.73 -26.13
C LEU C 75 -19.13 -48.37 -25.99
N LYS C 76 -19.51 -47.74 -24.88
CA LYS C 76 -20.91 -47.39 -24.66
C LYS C 76 -21.42 -46.45 -25.74
N GLY C 77 -20.57 -45.52 -26.19
CA GLY C 77 -20.98 -44.62 -27.25
C GLY C 77 -20.89 -45.22 -28.63
N GLN C 78 -19.93 -46.12 -28.86
CA GLN C 78 -19.83 -46.79 -30.14
C GLN C 78 -20.97 -47.78 -30.35
N LEU C 79 -21.59 -48.25 -29.27
CA LEU C 79 -22.82 -49.03 -29.39
C LEU C 79 -23.99 -48.19 -29.85
N HIS C 80 -23.87 -46.85 -29.80
CA HIS C 80 -24.84 -45.93 -30.37
C HIS C 80 -24.29 -45.25 -31.62
N HIS C 81 -23.23 -45.79 -32.21
CA HIS C 81 -22.67 -45.34 -33.49
C HIS C 81 -22.05 -43.95 -33.40
N ASN C 82 -21.55 -43.58 -32.24
CA ASN C 82 -20.80 -42.34 -32.09
C ASN C 82 -19.31 -42.63 -32.03
N PRO C 83 -18.46 -41.62 -32.21
CA PRO C 83 -17.01 -41.84 -31.98
C PRO C 83 -16.73 -42.51 -30.65
N GLY C 84 -17.33 -42.03 -29.55
CA GLY C 84 -17.32 -42.71 -28.28
C GLY C 84 -16.49 -42.01 -27.20
N GLU C 85 -15.40 -41.34 -27.60
CA GLU C 85 -14.55 -40.70 -26.61
C GLU C 85 -15.30 -39.62 -25.84
N GLU C 86 -16.31 -39.02 -26.46
CA GLU C 86 -17.09 -37.95 -25.84
C GLU C 86 -18.31 -38.47 -25.08
N THR C 87 -18.50 -39.79 -25.03
CA THR C 87 -19.60 -40.36 -24.25
C THR C 87 -19.40 -40.05 -22.78
N ARG C 88 -20.52 -39.93 -22.07
CA ARG C 88 -20.51 -39.74 -20.61
C ARG C 88 -21.16 -40.95 -19.97
N LEU C 89 -20.37 -41.76 -19.29
CA LEU C 89 -20.92 -42.88 -18.54
C LEU C 89 -21.80 -42.37 -17.40
N GLU C 90 -22.62 -43.26 -16.86
CA GLU C 90 -23.43 -42.89 -15.71
C GLU C 90 -22.55 -42.55 -14.51
N MET C 91 -21.45 -43.28 -14.34
CA MET C 91 -20.50 -42.95 -13.28
C MET C 91 -19.72 -41.68 -13.59
N ASP C 92 -19.55 -41.38 -14.89
CA ASP C 92 -18.91 -40.11 -15.27
C ASP C 92 -19.68 -38.93 -14.71
N LYS C 93 -21.01 -39.03 -14.67
CA LYS C 93 -21.87 -37.93 -14.24
C LYS C 93 -21.87 -37.72 -12.73
N PHE C 94 -21.18 -38.56 -11.97
CA PHE C 94 -21.07 -38.33 -10.54
C PHE C 94 -20.19 -37.10 -10.29
N PRO C 95 -20.57 -36.23 -9.34
CA PRO C 95 -19.84 -34.96 -9.17
C PRO C 95 -18.46 -35.11 -8.56
N PHE C 96 -18.19 -36.17 -7.79
CA PHE C 96 -16.99 -36.23 -6.97
C PHE C 96 -16.19 -37.49 -7.24
N VAL C 97 -14.91 -37.32 -7.56
CA VAL C 97 -14.01 -38.41 -7.92
C VAL C 97 -12.81 -38.38 -6.98
N ALA C 98 -12.38 -39.57 -6.54
CA ALA C 98 -11.19 -39.72 -5.75
C ALA C 98 -10.40 -40.93 -6.27
N LEU C 99 -9.22 -41.14 -5.71
CA LEU C 99 -8.38 -42.27 -6.05
C LEU C 99 -8.20 -43.16 -4.82
N SER C 100 -8.17 -44.47 -5.06
CA SER C 100 -8.13 -45.47 -3.99
C SER C 100 -6.86 -46.29 -4.11
N LYS C 101 -6.06 -46.33 -3.04
CA LYS C 101 -4.90 -47.19 -2.97
C LYS C 101 -5.33 -48.59 -2.57
N THR C 102 -5.05 -49.58 -3.42
CA THR C 102 -5.65 -50.89 -3.31
C THR C 102 -4.75 -51.95 -2.69
N TYR C 103 -3.51 -51.59 -2.31
CA TYR C 103 -2.57 -52.60 -1.85
C TYR C 103 -3.10 -53.34 -0.63
N ASN C 104 -2.94 -54.66 -0.62
CA ASN C 104 -3.27 -55.46 0.54
C ASN C 104 -2.16 -55.34 1.58
N THR C 105 -2.52 -55.62 2.83
CA THR C 105 -1.51 -55.74 3.88
C THR C 105 -0.49 -56.81 3.53
N ASN C 106 -0.91 -57.80 2.74
CA ASN C 106 -0.10 -58.96 2.38
C ASN C 106 0.65 -58.78 1.06
N ALA C 107 0.07 -58.03 0.12
CA ALA C 107 0.55 -58.04 -1.25
C ALA C 107 0.54 -56.64 -1.84
N GLN C 108 1.53 -56.35 -2.67
CA GLN C 108 1.60 -55.07 -3.38
C GLN C 108 0.61 -55.03 -4.53
N VAL C 109 0.44 -56.13 -5.24
CA VAL C 109 -0.66 -56.33 -6.17
C VAL C 109 -1.73 -57.16 -5.44
N PRO C 110 -2.92 -56.61 -5.17
CA PRO C 110 -3.84 -57.26 -4.23
C PRO C 110 -4.78 -58.27 -4.88
N ASP C 111 -5.68 -58.83 -4.08
CA ASP C 111 -6.60 -59.87 -4.52
C ASP C 111 -8.05 -59.42 -4.32
N SER C 112 -8.99 -60.34 -4.57
CA SER C 112 -10.41 -60.02 -4.50
C SER C 112 -10.94 -60.01 -3.06
N ALA C 113 -10.34 -60.81 -2.17
CA ALA C 113 -10.88 -61.03 -0.84
C ALA C 113 -10.39 -59.98 0.17
N GLY C 114 -9.08 -59.72 0.19
CA GLY C 114 -8.54 -58.80 1.17
C GLY C 114 -8.92 -57.35 0.93
N THR C 115 -9.03 -56.95 -0.34
CA THR C 115 -9.54 -55.62 -0.64
C THR C 115 -11.00 -55.47 -0.25
N ALA C 116 -11.78 -56.55 -0.39
CA ALA C 116 -13.19 -56.51 -0.01
C ALA C 116 -13.35 -56.17 1.46
N THR C 117 -12.46 -56.69 2.32
CA THR C 117 -12.49 -56.31 3.73
C THR C 117 -12.21 -54.83 3.91
N ALA C 118 -11.40 -54.24 3.03
CA ALA C 118 -11.06 -52.83 3.16
C ALA C 118 -12.26 -51.93 2.90
N TYR C 119 -12.89 -52.06 1.73
CA TYR C 119 -13.97 -51.14 1.38
C TYR C 119 -15.33 -51.57 1.91
N LEU C 120 -15.43 -52.72 2.58
CA LEU C 120 -16.66 -53.12 3.23
C LEU C 120 -16.59 -53.10 4.75
N CYS C 121 -15.41 -53.28 5.33
CA CYS C 121 -15.24 -53.30 6.78
C CYS C 121 -14.38 -52.17 7.32
N GLY C 122 -13.69 -51.41 6.47
CA GLY C 122 -12.87 -50.31 6.93
C GLY C 122 -11.53 -50.72 7.51
N VAL C 123 -11.08 -51.93 7.24
CA VAL C 123 -9.81 -52.45 7.78
C VAL C 123 -9.11 -53.21 6.67
N LYS C 124 -7.82 -52.91 6.46
CA LYS C 124 -7.03 -53.66 5.49
C LYS C 124 -6.63 -55.01 6.09
N ALA C 125 -6.39 -55.98 5.21
CA ALA C 125 -6.24 -57.35 5.64
C ALA C 125 -5.32 -58.11 4.69
N ASN C 126 -5.02 -59.35 5.05
CA ASN C 126 -4.20 -60.23 4.23
C ASN C 126 -4.99 -60.71 3.01
N GLU C 127 -4.29 -60.93 1.91
CA GLU C 127 -4.93 -61.43 0.71
C GLU C 127 -5.46 -62.84 0.94
N GLY C 128 -6.64 -63.11 0.38
CA GLY C 128 -7.28 -64.41 0.53
C GLY C 128 -8.13 -64.57 1.77
N THR C 129 -8.31 -63.52 2.56
CA THR C 129 -9.15 -63.54 3.75
C THR C 129 -10.34 -62.62 3.58
N VAL C 130 -11.36 -62.82 4.41
CA VAL C 130 -12.57 -62.02 4.35
C VAL C 130 -13.04 -61.70 5.76
N GLY C 131 -13.39 -60.43 6.00
CA GLY C 131 -13.99 -60.05 7.25
C GLY C 131 -13.11 -60.21 8.47
N VAL C 132 -11.81 -60.39 8.30
CA VAL C 132 -10.89 -60.56 9.42
C VAL C 132 -9.69 -59.64 9.22
N SER C 133 -9.03 -59.29 10.33
CA SER C 133 -7.89 -58.39 10.30
C SER C 133 -6.67 -59.12 9.75
N ALA C 134 -5.51 -58.44 9.80
CA ALA C 134 -4.26 -59.03 9.34
C ALA C 134 -3.64 -59.97 10.36
N ALA C 135 -4.22 -60.10 11.55
CA ALA C 135 -3.75 -61.08 12.51
C ALA C 135 -4.10 -62.52 12.11
N THR C 136 -4.98 -62.69 11.12
CA THR C 136 -5.38 -64.00 10.66
C THR C 136 -4.48 -64.43 9.50
N GLU C 137 -3.84 -65.59 9.66
CA GLU C 137 -3.10 -66.18 8.56
C GLU C 137 -4.07 -66.93 7.65
N ARG C 138 -3.86 -66.81 6.35
CA ARG C 138 -4.72 -67.50 5.38
C ARG C 138 -4.68 -69.00 5.62
N SER C 139 -5.85 -69.63 5.50
CA SER C 139 -6.03 -71.07 5.58
C SER C 139 -5.95 -71.61 7.02
N ARG C 140 -5.40 -70.82 7.93
CA ARG C 140 -5.23 -71.25 9.33
C ARG C 140 -6.47 -70.82 10.12
N CYS C 141 -7.26 -71.81 10.54
CA CYS C 141 -8.53 -71.50 11.18
C CYS C 141 -8.36 -70.99 12.60
N ASN C 142 -7.39 -71.52 13.35
CA ASN C 142 -7.30 -71.09 14.74
C ASN C 142 -6.80 -69.64 14.88
N THR C 143 -6.47 -68.97 13.79
CA THR C 143 -6.12 -67.55 13.82
C THR C 143 -7.33 -66.64 13.58
N THR C 144 -8.52 -67.20 13.46
CA THR C 144 -9.73 -66.41 13.18
C THR C 144 -10.35 -65.83 14.44
N GLN C 145 -10.43 -66.61 15.52
CA GLN C 145 -11.11 -66.17 16.73
C GLN C 145 -10.45 -64.93 17.32
N GLY C 146 -11.24 -63.88 17.53
CA GLY C 146 -10.76 -62.66 18.14
C GLY C 146 -10.32 -61.58 17.16
N ASN C 147 -10.28 -61.87 15.86
CA ASN C 147 -9.79 -60.91 14.87
C ASN C 147 -10.82 -60.59 13.80
N GLU C 148 -12.06 -61.02 13.96
CA GLU C 148 -13.09 -60.66 12.98
C GLU C 148 -13.35 -59.16 12.99
N VAL C 149 -13.80 -58.64 11.85
CA VAL C 149 -14.19 -57.24 11.72
C VAL C 149 -15.51 -57.19 10.96
N THR C 150 -16.46 -56.42 11.48
CA THR C 150 -17.80 -56.36 10.91
C THR C 150 -17.83 -55.46 9.68
N SER C 151 -18.91 -55.54 8.93
CA SER C 151 -19.08 -54.84 7.66
C SER C 151 -20.13 -53.75 7.78
N ILE C 152 -20.11 -52.85 6.78
CA ILE C 152 -21.10 -51.78 6.74
C ILE C 152 -22.50 -52.34 6.51
N LEU C 153 -22.59 -53.51 5.87
CA LEU C 153 -23.87 -54.20 5.78
C LEU C 153 -24.43 -54.50 7.17
N ARG C 154 -23.57 -55.00 8.07
CA ARG C 154 -24.03 -55.31 9.41
C ARG C 154 -24.18 -54.06 10.27
N TRP C 155 -23.37 -53.03 10.04
CA TRP C 155 -23.62 -51.75 10.71
C TRP C 155 -24.98 -51.21 10.33
N ALA C 156 -25.34 -51.30 9.05
CA ALA C 156 -26.62 -50.79 8.59
C ALA C 156 -27.78 -51.59 9.17
N LYS C 157 -27.68 -52.92 9.13
CA LYS C 157 -28.74 -53.76 9.69
C LYS C 157 -28.89 -53.52 11.19
N ASP C 158 -27.77 -53.35 11.90
CA ASP C 158 -27.84 -53.10 13.34
C ASP C 158 -28.55 -51.80 13.63
N ALA C 159 -28.54 -50.85 12.70
CA ALA C 159 -29.24 -49.58 12.84
C ALA C 159 -30.61 -49.58 12.19
N GLY C 160 -31.20 -50.76 11.99
CA GLY C 160 -32.57 -50.88 11.52
C GLY C 160 -32.73 -50.92 10.01
N LYS C 161 -31.72 -50.55 9.25
CA LYS C 161 -31.86 -50.46 7.80
C LYS C 161 -32.04 -51.84 7.18
N SER C 162 -32.70 -51.87 6.03
CA SER C 162 -32.77 -53.07 5.21
C SER C 162 -31.52 -53.16 4.34
N VAL C 163 -31.06 -54.38 4.08
CA VAL C 163 -29.81 -54.58 3.35
C VAL C 163 -30.01 -55.63 2.27
N GLY C 164 -29.19 -55.53 1.22
CA GLY C 164 -29.25 -56.46 0.12
C GLY C 164 -27.91 -56.62 -0.54
N ILE C 165 -27.73 -57.76 -1.21
CA ILE C 165 -26.53 -58.07 -1.97
C ILE C 165 -26.96 -58.54 -3.35
N VAL C 166 -26.49 -57.86 -4.40
CA VAL C 166 -26.80 -58.21 -5.78
C VAL C 166 -25.48 -58.33 -6.52
N THR C 167 -25.25 -59.49 -7.14
CA THR C 167 -23.99 -59.75 -7.83
C THR C 167 -24.26 -60.69 -8.99
N THR C 168 -23.40 -60.62 -10.00
CA THR C 168 -23.41 -61.58 -11.10
C THR C 168 -22.52 -62.79 -10.83
N THR C 169 -21.81 -62.80 -9.71
CA THR C 169 -21.01 -63.94 -9.29
C THR C 169 -21.78 -64.74 -8.24
N ARG C 170 -21.16 -65.82 -7.77
CA ARG C 170 -21.70 -66.57 -6.64
C ARG C 170 -21.89 -65.63 -5.46
N VAL C 171 -23.01 -65.80 -4.75
CA VAL C 171 -23.28 -64.95 -3.59
C VAL C 171 -22.26 -65.17 -2.49
N ASN C 172 -21.50 -66.27 -2.54
CA ASN C 172 -20.44 -66.55 -1.58
C ASN C 172 -19.05 -66.31 -2.16
N HIS C 173 -18.96 -65.58 -3.28
CA HIS C 173 -17.69 -65.23 -3.86
C HIS C 173 -16.98 -64.20 -2.97
N ALA C 174 -15.69 -63.98 -3.25
CA ALA C 174 -14.84 -63.17 -2.38
C ALA C 174 -15.43 -61.78 -2.13
N THR C 175 -15.89 -61.11 -3.18
CA THR C 175 -16.38 -59.73 -3.02
C THR C 175 -17.62 -59.66 -2.14
N PRO C 176 -18.72 -60.36 -2.44
CA PRO C 176 -19.90 -60.24 -1.56
C PRO C 176 -19.71 -60.87 -0.19
N SER C 177 -18.79 -61.82 -0.05
CA SER C 177 -18.64 -62.53 1.21
C SER C 177 -18.20 -61.60 2.34
N ALA C 178 -17.35 -60.63 2.04
CA ALA C 178 -16.86 -59.73 3.08
C ALA C 178 -17.96 -58.90 3.71
N ALA C 179 -19.14 -58.84 3.08
CA ALA C 179 -20.24 -58.09 3.65
C ALA C 179 -20.88 -58.78 4.84
N TYR C 180 -20.60 -60.08 5.04
CA TYR C 180 -21.29 -60.83 6.08
C TYR C 180 -20.40 -61.90 6.70
N ALA C 181 -19.42 -62.40 5.97
CA ALA C 181 -18.67 -63.58 6.39
C ALA C 181 -17.40 -63.19 7.13
N HIS C 182 -16.81 -64.19 7.79
CA HIS C 182 -15.52 -64.06 8.47
C HIS C 182 -14.79 -65.39 8.27
N SER C 183 -13.78 -65.40 7.41
CA SER C 183 -13.12 -66.64 7.06
C SER C 183 -11.66 -66.40 6.75
N ALA C 184 -10.85 -67.45 6.91
CA ALA C 184 -9.42 -67.38 6.62
C ALA C 184 -9.09 -67.73 5.18
N ASP C 185 -10.06 -68.16 4.38
CA ASP C 185 -9.80 -68.51 2.99
C ASP C 185 -11.03 -68.24 2.14
N ARG C 186 -10.83 -67.53 1.03
CA ARG C 186 -11.88 -67.31 0.05
C ARG C 186 -12.27 -68.60 -0.68
N ASP C 187 -11.39 -69.60 -0.67
CA ASP C 187 -11.66 -70.86 -1.36
C ASP C 187 -12.70 -71.71 -0.65
N TRP C 188 -13.15 -71.32 0.54
CA TRP C 188 -14.02 -72.15 1.37
C TRP C 188 -15.49 -71.87 1.10
N TYR C 189 -15.87 -72.01 -0.17
CA TYR C 189 -17.25 -71.77 -0.59
C TYR C 189 -18.24 -72.57 0.25
N SER C 190 -18.16 -73.89 0.16
CA SER C 190 -18.96 -74.79 0.98
C SER C 190 -18.04 -75.71 1.76
N ASP C 191 -18.62 -76.47 2.68
CA ASP C 191 -17.84 -77.44 3.45
C ASP C 191 -17.23 -78.53 2.57
N ASN C 192 -17.70 -78.67 1.33
CA ASN C 192 -17.05 -79.56 0.37
C ASN C 192 -15.65 -79.09 0.02
N GLU C 193 -15.43 -77.77 0.05
CA GLU C 193 -14.16 -77.18 -0.36
C GLU C 193 -13.27 -76.81 0.82
N MET C 194 -13.68 -77.13 2.05
CA MET C 194 -12.92 -76.84 3.25
C MET C 194 -12.01 -78.02 3.60
N PRO C 195 -10.76 -77.75 3.96
CA PRO C 195 -9.85 -78.84 4.36
C PRO C 195 -10.36 -79.54 5.61
N PRO C 196 -9.95 -80.79 5.83
CA PRO C 196 -10.43 -81.50 7.03
C PRO C 196 -9.99 -80.86 8.33
N GLU C 197 -8.73 -80.42 8.41
CA GLU C 197 -8.24 -79.77 9.62
C GLU C 197 -9.05 -78.53 9.98
N ALA C 198 -9.62 -77.85 8.97
CA ALA C 198 -10.35 -76.62 9.22
C ALA C 198 -11.73 -76.90 9.81
N LEU C 199 -12.46 -77.88 9.27
CA LEU C 199 -13.74 -78.25 9.86
C LEU C 199 -13.54 -78.84 11.26
N SER C 200 -12.36 -79.41 11.53
CA SER C 200 -12.07 -79.93 12.85
C SER C 200 -11.99 -78.81 13.89
N GLN C 201 -11.30 -77.72 13.57
CA GLN C 201 -11.11 -76.62 14.51
C GLN C 201 -12.38 -75.83 14.76
N GLY C 202 -13.40 -75.98 13.92
CA GLY C 202 -14.72 -75.44 14.24
C GLY C 202 -15.15 -74.22 13.48
N CYS C 203 -14.57 -73.93 12.32
CA CYS C 203 -15.04 -72.82 11.51
C CYS C 203 -16.04 -73.33 10.47
N LYS C 204 -16.82 -72.40 9.92
CA LYS C 204 -17.90 -72.73 9.01
C LYS C 204 -17.68 -72.07 7.65
N ASP C 205 -18.14 -72.74 6.60
CA ASP C 205 -17.92 -72.29 5.24
C ASP C 205 -18.72 -71.02 4.95
N ILE C 206 -18.40 -70.38 3.82
CA ILE C 206 -18.99 -69.09 3.49
C ILE C 206 -20.48 -69.22 3.19
N ALA C 207 -20.88 -70.32 2.54
CA ALA C 207 -22.30 -70.53 2.24
C ALA C 207 -23.10 -70.66 3.53
N TYR C 208 -22.59 -71.45 4.48
CA TYR C 208 -23.26 -71.58 5.77
C TYR C 208 -23.33 -70.24 6.48
N GLN C 209 -22.25 -69.46 6.44
CA GLN C 209 -22.21 -68.17 7.12
C GLN C 209 -23.22 -67.20 6.53
N LEU C 210 -23.51 -67.32 5.23
CA LEU C 210 -24.44 -66.39 4.59
C LEU C 210 -25.83 -66.50 5.20
N MET C 211 -26.25 -67.70 5.57
CA MET C 211 -27.56 -67.92 6.14
C MET C 211 -27.60 -67.78 7.66
N HIS C 212 -26.45 -67.82 8.33
CA HIS C 212 -26.41 -67.94 9.78
C HIS C 212 -25.85 -66.72 10.50
N ASN C 213 -24.90 -66.00 9.91
CA ASN C 213 -24.29 -64.88 10.59
C ASN C 213 -25.30 -63.77 10.85
N ILE C 214 -25.80 -63.16 9.78
CA ILE C 214 -26.84 -62.14 9.86
C ILE C 214 -28.04 -62.69 9.12
N ARG C 215 -29.06 -63.14 9.87
CA ARG C 215 -30.11 -63.98 9.34
C ARG C 215 -31.32 -63.22 8.82
N ASP C 216 -31.31 -61.89 8.92
CA ASP C 216 -32.39 -61.11 8.32
C ASP C 216 -31.85 -60.21 7.21
N ILE C 217 -30.98 -60.75 6.36
CA ILE C 217 -30.61 -60.06 5.14
C ILE C 217 -31.81 -60.07 4.20
N ASP C 218 -32.26 -58.89 3.79
CA ASP C 218 -33.54 -58.80 3.09
C ASP C 218 -33.46 -59.34 1.67
N VAL C 219 -32.41 -59.01 0.93
CA VAL C 219 -32.29 -59.40 -0.48
C VAL C 219 -30.92 -60.02 -0.71
N ILE C 220 -30.90 -61.19 -1.35
CA ILE C 220 -29.68 -61.84 -1.80
C ILE C 220 -29.93 -62.36 -3.21
N MET C 221 -29.07 -61.96 -4.14
CA MET C 221 -29.28 -62.31 -5.55
C MET C 221 -27.94 -62.54 -6.22
N GLY C 222 -27.86 -63.61 -7.01
CA GLY C 222 -26.64 -63.93 -7.74
C GLY C 222 -26.59 -65.39 -8.10
N GLY C 223 -25.36 -65.91 -8.21
CA GLY C 223 -25.13 -67.32 -8.46
C GLY C 223 -24.86 -68.07 -7.18
N GLY C 224 -24.14 -69.19 -7.32
CA GLY C 224 -23.80 -70.00 -6.17
C GLY C 224 -24.93 -70.85 -5.63
N ARG C 225 -25.80 -71.35 -6.53
CA ARG C 225 -26.96 -72.12 -6.10
C ARG C 225 -26.58 -73.52 -5.64
N LYS C 226 -25.53 -74.10 -6.22
CA LYS C 226 -25.14 -75.46 -5.87
C LYS C 226 -24.59 -75.58 -4.46
N TYR C 227 -24.13 -74.48 -3.87
CA TYR C 227 -23.51 -74.52 -2.54
C TYR C 227 -24.53 -74.53 -1.41
N MET C 228 -25.83 -74.53 -1.72
CA MET C 228 -26.87 -74.50 -0.71
C MET C 228 -27.63 -75.81 -0.60
N TYR C 229 -27.25 -76.84 -1.36
CA TYR C 229 -27.94 -78.11 -1.38
C TYR C 229 -26.98 -79.25 -1.10
N PRO C 230 -27.44 -80.31 -0.46
CA PRO C 230 -26.53 -81.42 -0.08
C PRO C 230 -25.90 -82.07 -1.31
N LYS C 231 -24.95 -82.97 -1.03
CA LYS C 231 -24.02 -83.44 -2.04
C LYS C 231 -24.72 -84.22 -3.15
N ASN C 232 -24.31 -83.95 -4.39
CA ASN C 232 -24.78 -84.65 -5.58
C ASN C 232 -26.26 -84.48 -5.84
N LYS C 233 -26.90 -83.50 -5.20
CA LYS C 233 -28.32 -83.25 -5.44
C LYS C 233 -28.50 -82.52 -6.76
N THR C 234 -29.42 -83.01 -7.58
CA THR C 234 -29.61 -82.49 -8.92
C THR C 234 -30.03 -81.02 -8.88
N ASP C 235 -29.58 -80.28 -9.88
CA ASP C 235 -29.91 -78.86 -10.00
C ASP C 235 -31.33 -78.68 -10.53
N VAL C 236 -31.97 -77.59 -10.09
CA VAL C 236 -33.34 -77.32 -10.52
C VAL C 236 -33.40 -76.98 -12.00
N GLU C 237 -32.32 -76.43 -12.55
CA GLU C 237 -32.32 -75.92 -13.92
C GLU C 237 -31.48 -76.76 -14.88
N TYR C 238 -30.46 -77.46 -14.38
CA TYR C 238 -29.60 -78.31 -15.20
C TYR C 238 -29.55 -79.69 -14.56
N GLU C 239 -30.56 -80.51 -14.88
CA GLU C 239 -30.68 -81.82 -14.24
C GLU C 239 -29.68 -82.83 -14.79
N SER C 240 -29.04 -82.55 -15.93
CA SER C 240 -28.05 -83.45 -16.47
C SER C 240 -26.63 -83.09 -16.07
N ASP C 241 -26.35 -81.81 -15.86
CA ASP C 241 -25.00 -81.35 -15.54
C ASP C 241 -24.60 -81.82 -14.14
N GLU C 242 -23.53 -82.61 -14.06
CA GLU C 242 -23.00 -83.02 -12.76
C GLU C 242 -22.20 -81.90 -12.12
N LYS C 243 -21.49 -81.10 -12.93
CA LYS C 243 -20.81 -79.92 -12.41
C LYS C 243 -21.79 -78.90 -11.84
N ALA C 244 -23.09 -79.13 -11.98
CA ALA C 244 -24.13 -78.28 -11.42
C ALA C 244 -24.82 -78.88 -10.21
N ARG C 245 -24.37 -80.05 -9.74
CA ARG C 245 -25.00 -80.72 -8.62
C ARG C 245 -24.65 -80.02 -7.31
N GLY C 246 -25.45 -80.33 -6.28
CA GLY C 246 -25.18 -79.80 -4.96
C GLY C 246 -23.84 -80.26 -4.42
N THR C 247 -23.38 -79.56 -3.38
CA THR C 247 -22.02 -79.75 -2.87
C THR C 247 -21.93 -80.06 -1.38
N ARG C 248 -22.97 -79.80 -0.60
CA ARG C 248 -22.83 -79.81 0.85
C ARG C 248 -22.66 -81.23 1.39
N LEU C 249 -21.56 -81.46 2.10
CA LEU C 249 -21.43 -82.64 2.95
C LEU C 249 -22.16 -82.48 4.27
N ASP C 250 -22.63 -81.28 4.57
CA ASP C 250 -23.47 -81.06 5.74
C ASP C 250 -24.77 -81.85 5.65
N GLY C 251 -25.28 -82.04 4.44
CA GLY C 251 -26.64 -82.48 4.23
C GLY C 251 -27.67 -81.38 4.37
N LEU C 252 -27.26 -80.19 4.79
CA LEU C 252 -28.19 -79.10 5.05
C LEU C 252 -28.78 -78.56 3.76
N ASP C 253 -30.03 -78.10 3.85
CA ASP C 253 -30.70 -77.36 2.78
C ASP C 253 -30.69 -75.89 3.21
N LEU C 254 -29.70 -75.14 2.72
CA LEU C 254 -29.53 -73.76 3.17
C LEU C 254 -30.62 -72.84 2.64
N VAL C 255 -31.23 -73.20 1.51
CA VAL C 255 -32.42 -72.48 1.06
C VAL C 255 -33.55 -72.68 2.06
N ASP C 256 -33.64 -73.87 2.65
CA ASP C 256 -34.61 -74.10 3.72
C ASP C 256 -34.19 -73.40 5.00
N THR C 257 -32.90 -73.44 5.32
CA THR C 257 -32.40 -72.73 6.50
C THR C 257 -32.65 -71.23 6.37
N TRP C 258 -32.56 -70.70 5.15
CA TRP C 258 -32.85 -69.28 4.92
C TRP C 258 -34.30 -68.96 5.25
N LYS C 259 -35.23 -69.81 4.80
CA LYS C 259 -36.65 -69.57 5.05
C LYS C 259 -36.99 -69.70 6.52
N SER C 260 -36.39 -70.69 7.20
CA SER C 260 -36.73 -70.96 8.59
C SER C 260 -36.32 -69.84 9.54
N PHE C 261 -35.43 -68.95 9.11
CA PHE C 261 -34.94 -67.88 9.97
C PHE C 261 -35.76 -66.60 9.87
N LYS C 262 -36.83 -66.61 9.07
CA LYS C 262 -37.68 -65.45 8.93
C LYS C 262 -39.05 -65.70 9.56
N PRO C 263 -39.70 -64.67 10.10
CA PRO C 263 -41.01 -64.86 10.71
C PRO C 263 -42.00 -65.45 9.71
N ARG C 264 -42.76 -66.45 10.18
CA ARG C 264 -43.62 -67.21 9.28
C ARG C 264 -44.72 -66.36 8.65
N TYR C 265 -45.04 -65.20 9.24
CA TYR C 265 -46.09 -64.37 8.68
C TYR C 265 -45.60 -63.49 7.53
N LYS C 266 -44.31 -63.21 7.47
CA LYS C 266 -43.75 -62.44 6.36
C LYS C 266 -43.58 -63.33 5.12
N HIS C 267 -43.65 -62.70 3.95
CA HIS C 267 -43.55 -63.40 2.68
C HIS C 267 -42.09 -63.51 2.28
N SER C 268 -41.53 -64.72 2.44
CA SER C 268 -40.15 -65.03 2.05
C SER C 268 -40.19 -66.10 0.97
N HIS C 269 -39.64 -65.79 -0.20
CA HIS C 269 -40.01 -66.47 -1.44
C HIS C 269 -38.95 -67.41 -1.97
N PHE C 270 -37.76 -66.91 -2.31
CA PHE C 270 -36.73 -67.63 -3.07
C PHE C 270 -37.17 -67.87 -4.51
N ILE C 271 -36.33 -67.47 -5.47
CA ILE C 271 -36.60 -67.63 -6.89
C ILE C 271 -35.32 -68.04 -7.60
N TRP C 272 -35.48 -68.59 -8.81
CA TRP C 272 -34.31 -69.08 -9.55
C TRP C 272 -34.32 -68.79 -11.04
N ASN C 273 -35.38 -68.22 -11.62
CA ASN C 273 -35.36 -67.87 -13.03
C ASN C 273 -35.91 -66.47 -13.23
N ARG C 274 -35.68 -65.96 -14.45
CA ARG C 274 -35.96 -64.55 -14.75
C ARG C 274 -37.45 -64.24 -14.65
N THR C 275 -38.31 -65.20 -14.99
CA THR C 275 -39.75 -64.95 -14.97
C THR C 275 -40.26 -64.70 -13.56
N GLU C 276 -39.78 -65.48 -12.59
CA GLU C 276 -40.20 -65.30 -11.20
C GLU C 276 -39.77 -63.93 -10.68
N LEU C 277 -38.67 -63.39 -11.19
CA LEU C 277 -38.18 -62.09 -10.70
C LEU C 277 -39.10 -60.96 -11.13
N LEU C 278 -39.56 -60.98 -12.38
CA LEU C 278 -40.44 -59.93 -12.89
C LEU C 278 -41.90 -60.15 -12.51
N THR C 279 -42.25 -61.32 -11.99
CA THR C 279 -43.62 -61.59 -11.54
C THR C 279 -43.86 -61.03 -10.14
N LEU C 280 -42.83 -61.00 -9.30
CA LEU C 280 -42.95 -60.49 -7.94
C LEU C 280 -43.49 -59.07 -7.92
N ASP C 281 -44.45 -58.82 -7.02
CA ASP C 281 -44.83 -57.46 -6.68
C ASP C 281 -43.97 -57.05 -5.49
N PRO C 282 -43.03 -56.11 -5.67
CA PRO C 282 -42.08 -55.81 -4.58
C PRO C 282 -42.75 -55.33 -3.31
N HIS C 283 -43.92 -54.71 -3.40
CA HIS C 283 -44.61 -54.20 -2.22
C HIS C 283 -45.17 -55.31 -1.35
N ASN C 284 -45.22 -56.55 -1.84
CA ASN C 284 -45.75 -57.67 -1.07
C ASN C 284 -44.71 -58.76 -0.81
N VAL C 285 -43.43 -58.43 -0.90
CA VAL C 285 -42.35 -59.35 -0.57
C VAL C 285 -41.50 -58.75 0.54
N ASP C 286 -41.15 -59.56 1.52
CA ASP C 286 -40.39 -59.11 2.68
C ASP C 286 -38.94 -59.57 2.68
N TYR C 287 -38.68 -60.81 2.27
CA TYR C 287 -37.33 -61.34 2.16
C TYR C 287 -37.20 -62.09 0.85
N LEU C 288 -36.04 -61.96 0.22
CA LEU C 288 -35.82 -62.48 -1.13
C LEU C 288 -34.47 -63.19 -1.21
N LEU C 289 -34.43 -64.30 -1.94
CA LEU C 289 -33.19 -65.04 -2.19
C LEU C 289 -33.23 -65.54 -3.63
N GLY C 290 -32.44 -64.93 -4.50
CA GLY C 290 -32.41 -65.33 -5.89
C GLY C 290 -31.10 -65.92 -6.34
N LEU C 291 -31.08 -67.22 -6.60
CA LEU C 291 -29.87 -67.92 -7.03
C LEU C 291 -30.13 -68.48 -8.42
N PHE C 292 -29.56 -67.83 -9.43
CA PHE C 292 -29.99 -67.99 -10.82
C PHE C 292 -29.09 -68.90 -11.65
N GLU C 293 -28.05 -69.49 -11.06
CA GLU C 293 -27.11 -70.31 -11.80
C GLU C 293 -26.34 -71.16 -10.80
N PRO C 294 -25.91 -72.39 -11.18
CA PRO C 294 -25.16 -73.24 -10.24
C PRO C 294 -23.95 -72.53 -9.66
N GLY C 295 -22.98 -72.19 -10.51
CA GLY C 295 -21.84 -71.42 -10.08
C GLY C 295 -22.04 -69.94 -10.35
N ASP C 296 -21.17 -69.35 -11.16
CA ASP C 296 -21.31 -67.96 -11.53
C ASP C 296 -22.35 -67.80 -12.62
N MET C 297 -22.95 -66.60 -12.67
CA MET C 297 -23.85 -66.29 -13.77
C MET C 297 -23.05 -66.01 -15.04
N GLN C 298 -23.73 -66.13 -16.17
CA GLN C 298 -23.06 -66.03 -17.46
C GLN C 298 -22.62 -64.58 -17.72
N TYR C 299 -21.73 -64.43 -18.70
CA TYR C 299 -21.44 -63.12 -19.25
C TYR C 299 -22.73 -62.52 -19.81
N GLU C 300 -22.80 -61.18 -19.82
CA GLU C 300 -24.01 -60.53 -20.31
C GLU C 300 -24.24 -60.85 -21.79
N LEU C 301 -23.16 -60.87 -22.58
CA LEU C 301 -23.30 -61.23 -23.99
C LEU C 301 -23.83 -62.65 -24.13
N ASN C 302 -23.44 -63.53 -23.22
CA ASN C 302 -23.83 -64.94 -23.29
C ASN C 302 -25.12 -65.24 -22.54
N ARG C 303 -25.77 -64.23 -21.96
CA ARG C 303 -26.92 -64.48 -21.10
C ARG C 303 -28.11 -65.01 -21.89
N ASN C 304 -28.82 -65.96 -21.27
CA ASN C 304 -30.09 -66.45 -21.80
C ASN C 304 -31.18 -65.46 -21.43
N ASN C 305 -31.68 -64.70 -22.40
CA ASN C 305 -32.61 -63.63 -22.06
C ASN C 305 -34.01 -64.14 -21.71
N VAL C 306 -34.18 -65.45 -21.54
CA VAL C 306 -35.44 -66.03 -21.08
C VAL C 306 -35.32 -66.55 -19.66
N THR C 307 -34.24 -67.28 -19.35
CA THR C 307 -34.12 -67.95 -18.05
C THR C 307 -33.36 -67.14 -17.01
N ASP C 308 -32.56 -66.15 -17.42
CA ASP C 308 -31.69 -65.46 -16.48
C ASP C 308 -31.77 -63.96 -16.65
N PRO C 309 -31.68 -63.20 -15.54
CA PRO C 309 -31.82 -61.74 -15.63
C PRO C 309 -30.49 -61.00 -15.71
N SER C 310 -30.51 -59.81 -16.28
CA SER C 310 -29.34 -58.95 -16.32
C SER C 310 -29.12 -58.29 -14.96
N LEU C 311 -27.95 -57.68 -14.79
CA LEU C 311 -27.65 -57.02 -13.53
C LEU C 311 -28.63 -55.88 -13.25
N SER C 312 -29.00 -55.13 -14.28
CA SER C 312 -29.97 -54.05 -14.10
C SER C 312 -31.30 -54.58 -13.60
N GLU C 313 -31.82 -55.63 -14.24
CA GLU C 313 -33.09 -56.20 -13.82
C GLU C 313 -33.04 -56.68 -12.37
N MET C 314 -31.90 -57.19 -11.92
CA MET C 314 -31.77 -57.60 -10.53
C MET C 314 -31.69 -56.39 -9.60
N VAL C 315 -31.01 -55.33 -10.03
CA VAL C 315 -30.85 -54.15 -9.18
C VAL C 315 -32.18 -53.42 -9.03
N VAL C 316 -32.97 -53.34 -10.11
CA VAL C 316 -34.24 -52.63 -10.06
C VAL C 316 -35.19 -53.29 -9.06
N VAL C 317 -35.28 -54.62 -9.10
CA VAL C 317 -36.17 -55.33 -8.19
C VAL C 317 -35.69 -55.23 -6.76
N ALA C 318 -34.37 -55.35 -6.55
CA ALA C 318 -33.83 -55.28 -5.20
C ALA C 318 -34.09 -53.93 -4.56
N ILE C 319 -33.95 -52.85 -5.33
CA ILE C 319 -34.17 -51.51 -4.78
C ILE C 319 -35.65 -51.28 -4.48
N GLN C 320 -36.54 -51.85 -5.29
CA GLN C 320 -37.96 -51.68 -5.05
C GLN C 320 -38.39 -52.29 -3.72
N ILE C 321 -37.71 -53.35 -3.28
CA ILE C 321 -38.02 -53.97 -1.99
C ILE C 321 -37.42 -53.16 -0.85
N LEU C 322 -36.14 -52.84 -0.95
CA LEU C 322 -35.45 -52.12 0.12
C LEU C 322 -36.00 -50.71 0.32
N ARG C 323 -36.76 -50.19 -0.65
CA ARG C 323 -37.27 -48.83 -0.57
C ARG C 323 -38.25 -48.64 0.58
N LYS C 324 -38.94 -49.71 1.00
CA LYS C 324 -40.07 -49.56 1.91
C LYS C 324 -39.62 -49.08 3.29
N ASN C 325 -38.49 -49.57 3.77
CA ASN C 325 -37.97 -49.23 5.09
C ASN C 325 -37.71 -47.72 5.19
N PRO C 326 -38.49 -47.00 6.00
CA PRO C 326 -38.26 -45.55 6.14
C PRO C 326 -36.93 -45.20 6.81
N LYS C 327 -36.28 -46.17 7.46
CA LYS C 327 -34.94 -45.95 7.98
C LYS C 327 -33.90 -45.91 6.88
N GLY C 328 -34.25 -46.30 5.66
CA GLY C 328 -33.31 -46.38 4.56
C GLY C 328 -32.74 -47.78 4.40
N PHE C 329 -31.88 -47.92 3.39
CA PHE C 329 -31.29 -49.20 3.09
C PHE C 329 -29.84 -49.04 2.66
N PHE C 330 -29.07 -50.10 2.85
CA PHE C 330 -27.74 -50.24 2.25
C PHE C 330 -27.79 -51.37 1.25
N LEU C 331 -27.29 -51.11 0.04
CA LEU C 331 -27.31 -52.09 -1.04
C LEU C 331 -25.91 -52.21 -1.62
N LEU C 332 -25.43 -53.45 -1.74
CA LEU C 332 -24.14 -53.74 -2.35
C LEU C 332 -24.38 -54.40 -3.70
N VAL C 333 -23.96 -53.71 -4.76
CA VAL C 333 -24.07 -54.21 -6.12
C VAL C 333 -22.66 -54.47 -6.66
N GLU C 334 -22.55 -55.50 -7.49
CA GLU C 334 -21.27 -55.86 -8.09
C GLU C 334 -21.44 -56.19 -9.56
N GLY C 335 -20.63 -55.55 -10.40
CA GLY C 335 -20.51 -56.01 -11.78
C GLY C 335 -19.88 -57.38 -11.85
N GLY C 336 -18.83 -57.62 -11.07
CA GLY C 336 -18.40 -58.96 -10.74
C GLY C 336 -17.62 -59.71 -11.79
N ARG C 337 -18.18 -59.80 -12.99
CA ARG C 337 -17.55 -60.57 -14.06
C ARG C 337 -16.67 -59.72 -14.96
N ILE C 338 -16.50 -58.44 -14.66
CA ILE C 338 -15.45 -57.65 -15.31
C ILE C 338 -14.09 -58.26 -15.00
N ASP C 339 -13.88 -58.64 -13.74
CA ASP C 339 -12.64 -59.30 -13.34
C ASP C 339 -12.41 -60.57 -14.15
N HIS C 340 -13.40 -61.46 -14.18
CA HIS C 340 -13.27 -62.73 -14.89
C HIS C 340 -13.01 -62.51 -16.37
N GLY C 341 -13.55 -61.43 -16.94
CA GLY C 341 -13.31 -61.15 -18.35
C GLY C 341 -11.85 -60.84 -18.64
N HIS C 342 -11.24 -59.98 -17.80
CA HIS C 342 -9.84 -59.64 -17.99
C HIS C 342 -8.94 -60.83 -17.70
N HIS C 343 -9.28 -61.64 -16.70
CA HIS C 343 -8.50 -62.83 -16.38
C HIS C 343 -8.38 -63.75 -17.58
N GLU C 344 -9.48 -63.96 -18.30
CA GLU C 344 -9.46 -64.77 -19.51
C GLU C 344 -8.82 -64.05 -20.69
N GLY C 345 -8.53 -62.76 -20.57
CA GLY C 345 -8.01 -62.02 -21.69
C GLY C 345 -9.02 -61.64 -22.74
N LYS C 346 -10.31 -61.74 -22.41
CA LYS C 346 -11.39 -61.42 -23.35
C LYS C 346 -11.88 -60.01 -23.04
N ALA C 347 -11.19 -59.01 -23.64
CA ALA C 347 -11.51 -57.62 -23.37
C ALA C 347 -12.92 -57.26 -23.78
N LYS C 348 -13.46 -57.91 -24.80
CA LYS C 348 -14.82 -57.62 -25.22
C LYS C 348 -15.84 -58.08 -24.18
N GLN C 349 -15.53 -59.16 -23.45
CA GLN C 349 -16.40 -59.57 -22.35
C GLN C 349 -16.27 -58.61 -21.18
N ALA C 350 -15.04 -58.28 -20.78
CA ALA C 350 -14.82 -57.41 -19.63
C ALA C 350 -15.40 -56.02 -19.85
N LEU C 351 -15.22 -55.48 -21.06
CA LEU C 351 -15.79 -54.17 -21.36
C LEU C 351 -17.31 -54.21 -21.35
N HIS C 352 -17.90 -55.29 -21.86
CA HIS C 352 -19.36 -55.40 -21.88
C HIS C 352 -19.92 -55.60 -20.48
N GLU C 353 -19.16 -56.22 -19.58
CA GLU C 353 -19.58 -56.31 -18.19
C GLU C 353 -19.56 -54.95 -17.51
N ALA C 354 -18.58 -54.10 -17.87
CA ALA C 354 -18.52 -52.76 -17.31
C ALA C 354 -19.68 -51.90 -17.83
N VAL C 355 -20.01 -52.03 -19.12
CA VAL C 355 -21.12 -51.26 -19.67
C VAL C 355 -22.44 -51.71 -19.05
N GLU C 356 -22.57 -52.99 -18.74
CA GLU C 356 -23.78 -53.46 -18.08
C GLU C 356 -23.91 -52.90 -16.67
N MET C 357 -22.79 -52.80 -15.95
CA MET C 357 -22.83 -52.22 -14.61
C MET C 357 -23.19 -50.74 -14.65
N ASP C 358 -22.74 -50.02 -15.68
CA ASP C 358 -23.10 -48.61 -15.82
C ASP C 358 -24.60 -48.44 -16.04
N ARG C 359 -25.22 -49.36 -16.78
CA ARG C 359 -26.66 -49.28 -17.01
C ARG C 359 -27.43 -49.55 -15.72
N ALA C 360 -26.98 -50.53 -14.93
CA ALA C 360 -27.58 -50.74 -13.62
C ALA C 360 -27.41 -49.52 -12.72
N ILE C 361 -26.30 -48.80 -12.89
CA ILE C 361 -26.11 -47.55 -12.15
C ILE C 361 -27.15 -46.52 -12.56
N GLY C 362 -27.42 -46.42 -13.86
CA GLY C 362 -28.46 -45.50 -14.32
C GLY C 362 -29.83 -45.88 -13.81
N GLN C 363 -30.14 -47.18 -13.80
CA GLN C 363 -31.40 -47.64 -13.24
C GLN C 363 -31.51 -47.25 -11.76
N ALA C 364 -30.41 -47.33 -11.03
CA ALA C 364 -30.43 -46.97 -9.62
C ALA C 364 -30.63 -45.47 -9.43
N GLY C 365 -30.05 -44.66 -10.32
CA GLY C 365 -30.19 -43.22 -10.19
C GLY C 365 -31.61 -42.73 -10.42
N SER C 366 -32.37 -43.43 -11.26
CA SER C 366 -33.76 -43.07 -11.52
C SER C 366 -34.70 -43.56 -10.43
N LEU C 367 -34.31 -44.60 -9.69
CA LEU C 367 -35.12 -45.13 -8.59
C LEU C 367 -34.87 -44.44 -7.26
N THR C 368 -33.80 -43.65 -7.14
CA THR C 368 -33.50 -42.94 -5.92
C THR C 368 -33.24 -41.46 -6.21
N SER C 369 -32.77 -40.72 -5.21
CA SER C 369 -32.52 -39.30 -5.36
C SER C 369 -31.22 -38.93 -4.66
N SER C 370 -30.42 -38.08 -5.32
CA SER C 370 -29.20 -37.57 -4.70
C SER C 370 -29.46 -36.78 -3.43
N GLU C 371 -30.73 -36.41 -3.17
CA GLU C 371 -31.05 -35.65 -1.97
C GLU C 371 -30.83 -36.45 -0.71
N ASP C 372 -31.03 -37.78 -0.76
CA ASP C 372 -30.93 -38.58 0.46
C ASP C 372 -30.22 -39.92 0.22
N THR C 373 -29.50 -40.07 -0.89
CA THR C 373 -28.91 -41.36 -1.24
C THR C 373 -27.46 -41.15 -1.67
N LEU C 374 -26.53 -41.60 -0.82
CA LEU C 374 -25.12 -41.60 -1.17
C LEU C 374 -24.79 -42.85 -1.98
N THR C 375 -24.41 -42.67 -3.25
CA THR C 375 -24.02 -43.77 -4.11
C THR C 375 -22.53 -43.68 -4.39
N VAL C 376 -21.82 -44.77 -4.15
CA VAL C 376 -20.38 -44.85 -4.35
C VAL C 376 -20.09 -45.91 -5.39
N VAL C 377 -19.38 -45.54 -6.44
CA VAL C 377 -18.96 -46.46 -7.50
C VAL C 377 -17.44 -46.50 -7.49
N THR C 378 -16.87 -47.70 -7.34
CA THR C 378 -15.42 -47.86 -7.30
C THR C 378 -15.08 -49.29 -7.72
N ALA C 379 -13.80 -49.63 -7.59
CA ALA C 379 -13.30 -50.97 -7.87
C ALA C 379 -12.43 -51.42 -6.71
N ASP C 380 -12.14 -52.72 -6.69
CA ASP C 380 -11.25 -53.26 -5.66
C ASP C 380 -9.79 -53.24 -6.08
N HIS C 381 -9.53 -53.27 -7.38
CA HIS C 381 -8.19 -53.32 -7.95
C HIS C 381 -8.35 -53.23 -9.46
N SER C 382 -7.22 -53.10 -10.16
CA SER C 382 -7.22 -52.98 -11.60
C SER C 382 -6.63 -54.24 -12.23
N HIS C 383 -6.39 -54.16 -13.54
CA HIS C 383 -5.73 -55.22 -14.30
C HIS C 383 -4.62 -54.60 -15.14
N VAL C 384 -3.89 -55.45 -15.85
CA VAL C 384 -2.82 -54.99 -16.73
C VAL C 384 -3.40 -54.70 -18.11
N PHE C 385 -4.61 -54.15 -18.13
CA PHE C 385 -5.33 -53.82 -19.36
C PHE C 385 -4.88 -52.45 -19.85
N THR C 386 -4.42 -52.39 -21.10
CA THR C 386 -4.06 -51.14 -21.74
C THR C 386 -4.82 -50.99 -23.05
N PHE C 387 -4.84 -49.76 -23.57
CA PHE C 387 -5.18 -49.55 -24.97
C PHE C 387 -4.47 -48.30 -25.46
N GLY C 388 -3.76 -48.44 -26.57
CA GLY C 388 -3.04 -47.34 -27.17
C GLY C 388 -2.86 -47.57 -28.66
N GLY C 389 -1.81 -46.97 -29.21
CA GLY C 389 -1.50 -47.12 -30.62
C GLY C 389 -1.79 -45.91 -31.48
N TYR C 390 -2.07 -44.75 -30.87
CA TYR C 390 -2.36 -43.52 -31.61
C TYR C 390 -3.53 -43.71 -32.56
N THR C 391 -4.51 -44.50 -32.13
CA THR C 391 -5.67 -44.80 -32.96
C THR C 391 -6.44 -43.52 -33.28
N PRO C 392 -7.09 -43.45 -34.44
CA PRO C 392 -7.81 -42.23 -34.81
C PRO C 392 -9.11 -42.09 -34.03
N ARG C 393 -9.66 -40.88 -34.08
CA ARG C 393 -10.94 -40.58 -33.46
C ARG C 393 -12.01 -41.55 -33.93
N GLY C 394 -12.77 -42.08 -32.99
CA GLY C 394 -13.84 -43.00 -33.32
C GLY C 394 -13.43 -44.38 -33.76
N ASN C 395 -12.14 -44.70 -33.70
CA ASN C 395 -11.68 -46.04 -34.03
C ASN C 395 -12.34 -47.04 -33.08
N SER C 396 -12.76 -48.18 -33.63
CA SER C 396 -13.35 -49.23 -32.81
C SER C 396 -12.37 -49.63 -31.71
N ILE C 397 -12.88 -49.75 -30.49
CA ILE C 397 -12.03 -50.11 -29.36
C ILE C 397 -11.44 -51.50 -29.54
N PHE C 398 -12.10 -52.36 -30.31
CA PHE C 398 -11.59 -53.68 -30.63
C PHE C 398 -10.87 -53.73 -31.97
N GLY C 399 -10.64 -52.57 -32.60
CA GLY C 399 -9.97 -52.50 -33.87
C GLY C 399 -8.46 -52.41 -33.74
N LEU C 400 -7.82 -52.14 -34.87
CA LEU C 400 -6.36 -52.13 -34.96
C LEU C 400 -5.81 -50.71 -34.84
N ALA C 401 -4.50 -50.63 -34.65
CA ALA C 401 -3.81 -49.35 -34.72
C ALA C 401 -3.68 -48.92 -36.18
N PRO C 402 -3.57 -47.61 -36.43
CA PRO C 402 -3.55 -47.15 -37.83
C PRO C 402 -2.36 -47.65 -38.62
N MET C 403 -1.25 -47.99 -37.96
CA MET C 403 -0.03 -48.37 -38.66
C MET C 403 0.41 -49.76 -38.24
N LEU C 404 1.25 -50.37 -39.06
CA LEU C 404 1.89 -51.62 -38.70
C LEU C 404 3.04 -51.37 -37.73
N SER C 405 3.45 -52.42 -37.04
CA SER C 405 4.67 -52.34 -36.24
C SER C 405 5.85 -52.06 -37.15
N ASP C 406 6.63 -51.04 -36.81
CA ASP C 406 7.81 -50.74 -37.62
C ASP C 406 8.96 -51.71 -37.36
N THR C 407 8.76 -52.69 -36.48
CA THR C 407 9.76 -53.73 -36.22
C THR C 407 9.51 -55.01 -37.02
N ASP C 408 8.28 -55.54 -36.99
CA ASP C 408 7.96 -56.76 -37.72
C ASP C 408 6.91 -56.58 -38.81
N LYS C 409 6.39 -55.37 -39.00
CA LYS C 409 5.52 -55.01 -40.11
C LYS C 409 4.18 -55.76 -40.10
N LYS C 410 3.79 -56.31 -38.97
CA LYS C 410 2.45 -56.89 -38.84
C LYS C 410 1.55 -55.99 -38.01
N PRO C 411 0.23 -56.04 -38.23
CA PRO C 411 -0.66 -55.17 -37.46
C PRO C 411 -0.69 -55.54 -35.98
N PHE C 412 -1.15 -54.59 -35.17
CA PHE C 412 -1.39 -54.83 -33.76
C PHE C 412 -2.69 -54.14 -33.37
N THR C 413 -3.29 -54.65 -32.29
CA THR C 413 -4.57 -54.16 -31.82
C THR C 413 -4.38 -53.07 -30.78
N ALA C 414 -5.33 -52.13 -30.72
CA ALA C 414 -5.28 -51.07 -29.73
C ALA C 414 -5.24 -51.65 -28.32
N ILE C 415 -6.08 -52.63 -28.04
CA ILE C 415 -6.09 -53.30 -26.74
C ILE C 415 -4.92 -54.27 -26.67
N LEU C 416 -4.12 -54.16 -25.61
CA LEU C 416 -3.02 -55.08 -25.37
C LEU C 416 -2.90 -55.30 -23.87
N TYR C 417 -2.65 -56.54 -23.47
CA TYR C 417 -2.50 -56.91 -22.08
C TYR C 417 -1.01 -57.06 -21.73
N GLY C 418 -0.69 -56.84 -20.46
CA GLY C 418 0.67 -57.06 -20.01
C GLY C 418 1.04 -58.53 -19.95
N ASN C 419 0.09 -59.37 -19.56
CA ASN C 419 0.30 -60.81 -19.51
C ASN C 419 -1.04 -61.50 -19.72
N GLY C 420 -1.02 -62.83 -19.78
CA GLY C 420 -2.23 -63.59 -19.92
C GLY C 420 -2.24 -64.49 -21.15
N PRO C 421 -3.35 -65.19 -21.37
CA PRO C 421 -3.41 -66.15 -22.48
C PRO C 421 -3.36 -65.53 -23.87
N GLY C 422 -3.38 -64.19 -23.98
CA GLY C 422 -3.32 -63.55 -25.28
C GLY C 422 -2.02 -63.74 -26.03
N TYR C 423 -0.97 -64.20 -25.34
CA TYR C 423 0.30 -64.47 -25.98
C TYR C 423 0.16 -65.60 -26.99
N LYS C 424 0.59 -65.35 -28.22
CA LYS C 424 0.44 -66.34 -29.29
C LYS C 424 1.58 -66.24 -30.28
N VAL C 425 2.35 -67.32 -30.41
CA VAL C 425 3.31 -67.48 -31.49
C VAL C 425 2.74 -68.49 -32.48
N VAL C 426 3.12 -68.35 -33.74
CA VAL C 426 2.66 -69.29 -34.76
C VAL C 426 3.87 -70.00 -35.35
N GLY C 427 4.56 -69.37 -36.30
CA GLY C 427 5.72 -69.99 -36.90
C GLY C 427 7.01 -69.52 -36.26
N GLY C 428 7.02 -69.45 -34.93
CA GLY C 428 8.10 -68.81 -34.19
C GLY C 428 7.99 -67.31 -34.09
N GLU C 429 7.20 -66.68 -34.96
CA GLU C 429 6.89 -65.26 -34.87
C GLU C 429 5.50 -65.09 -34.26
N ARG C 430 5.17 -63.84 -33.93
CA ARG C 430 3.89 -63.56 -33.32
C ARG C 430 2.79 -63.48 -34.37
N GLU C 431 1.55 -63.74 -33.94
CA GLU C 431 0.43 -63.91 -34.85
C GLU C 431 0.18 -62.64 -35.67
N ASN C 432 0.10 -62.82 -36.98
CA ASN C 432 -0.39 -61.78 -37.88
C ASN C 432 -1.91 -61.66 -37.68
N VAL C 433 -2.34 -60.56 -37.05
CA VAL C 433 -3.71 -60.50 -36.54
C VAL C 433 -4.75 -60.16 -37.61
N SER C 434 -4.33 -59.72 -38.79
CA SER C 434 -5.31 -59.53 -39.85
C SER C 434 -5.86 -60.86 -40.36
N MET C 435 -5.34 -61.98 -39.88
CA MET C 435 -5.80 -63.31 -40.26
C MET C 435 -6.75 -63.91 -39.23
N VAL C 436 -7.21 -63.12 -38.26
CA VAL C 436 -8.17 -63.57 -37.26
C VAL C 436 -9.22 -62.49 -37.05
N ASP C 437 -10.35 -62.89 -36.46
CA ASP C 437 -11.41 -61.94 -36.10
C ASP C 437 -11.07 -61.37 -34.73
N TYR C 438 -10.34 -60.27 -34.71
CA TYR C 438 -9.93 -59.62 -33.48
C TYR C 438 -11.07 -58.85 -32.81
N ALA C 439 -12.23 -58.75 -33.45
CA ALA C 439 -13.41 -58.13 -32.86
C ALA C 439 -14.39 -59.16 -32.33
N HIS C 440 -14.00 -60.43 -32.29
CA HIS C 440 -14.87 -61.48 -31.77
C HIS C 440 -15.11 -61.28 -30.28
N ASN C 441 -16.25 -61.80 -29.80
CA ASN C 441 -16.58 -61.69 -28.39
C ASN C 441 -15.52 -62.34 -27.50
N ASN C 442 -14.81 -63.34 -28.04
CA ASN C 442 -13.88 -64.13 -27.24
C ASN C 442 -12.44 -64.02 -27.72
N TYR C 443 -12.13 -63.05 -28.59
CA TYR C 443 -10.75 -62.85 -29.00
C TYR C 443 -9.91 -62.40 -27.80
N GLN C 444 -8.66 -62.86 -27.76
CA GLN C 444 -7.74 -62.53 -26.68
C GLN C 444 -6.63 -61.65 -27.25
N ALA C 445 -6.62 -60.38 -26.87
CA ALA C 445 -5.59 -59.47 -27.34
C ALA C 445 -4.22 -59.93 -26.84
N GLN C 446 -3.19 -59.65 -27.63
CA GLN C 446 -1.86 -60.18 -27.39
C GLN C 446 -1.30 -59.63 -26.08
N SER C 447 -0.38 -60.42 -25.50
CA SER C 447 0.23 -60.10 -24.21
C SER C 447 1.72 -60.33 -24.28
N ALA C 448 2.44 -59.74 -23.32
CA ALA C 448 3.90 -59.85 -23.27
C ALA C 448 4.35 -61.17 -22.68
N VAL C 449 3.59 -61.72 -21.73
CA VAL C 449 3.98 -62.92 -20.99
C VAL C 449 2.84 -63.91 -21.01
N PRO C 450 3.02 -65.13 -21.52
CA PRO C 450 1.93 -66.12 -21.54
C PRO C 450 1.67 -66.68 -20.15
N LEU C 451 0.45 -66.46 -19.65
CA LEU C 451 -0.03 -67.08 -18.44
C LEU C 451 -1.41 -67.68 -18.72
N ARG C 452 -1.85 -68.59 -17.84
CA ARG C 452 -3.18 -69.16 -17.98
C ARG C 452 -4.25 -68.07 -17.83
N HIS C 453 -4.09 -67.20 -16.84
CA HIS C 453 -4.99 -66.07 -16.63
C HIS C 453 -4.18 -64.79 -16.49
N GLU C 454 -4.66 -63.73 -17.14
CA GLU C 454 -4.11 -62.40 -16.93
C GLU C 454 -4.26 -61.99 -15.47
N THR C 455 -3.27 -61.26 -14.96
CA THR C 455 -3.22 -60.92 -13.55
C THR C 455 -3.74 -59.51 -13.29
N HIS C 456 -3.93 -59.22 -12.01
CA HIS C 456 -4.35 -57.89 -11.59
C HIS C 456 -3.24 -56.87 -11.83
N GLY C 457 -3.63 -55.59 -11.79
CA GLY C 457 -2.68 -54.51 -11.77
C GLY C 457 -2.58 -53.91 -10.37
N GLY C 458 -1.47 -53.24 -10.11
CA GLY C 458 -1.24 -52.64 -8.81
C GLY C 458 -1.56 -51.18 -8.70
N GLU C 459 -1.98 -50.54 -9.79
CA GLU C 459 -2.24 -49.11 -9.79
C GLU C 459 -3.54 -48.78 -9.06
N ASP C 460 -3.83 -47.50 -8.95
CA ASP C 460 -5.00 -47.03 -8.24
C ASP C 460 -6.25 -47.13 -9.11
N VAL C 461 -7.41 -47.15 -8.45
CA VAL C 461 -8.70 -47.18 -9.12
C VAL C 461 -9.47 -45.93 -8.72
N ALA C 462 -10.50 -45.64 -9.50
CA ALA C 462 -11.28 -44.44 -9.26
C ALA C 462 -12.37 -44.71 -8.21
N VAL C 463 -12.88 -43.61 -7.64
CA VAL C 463 -14.03 -43.64 -6.73
C VAL C 463 -14.97 -42.54 -7.16
N PHE C 464 -16.19 -42.90 -7.56
CA PHE C 464 -17.20 -41.95 -7.96
C PHE C 464 -18.27 -41.84 -6.87
N SER C 465 -18.70 -40.62 -6.60
CA SER C 465 -19.57 -40.35 -5.45
C SER C 465 -20.60 -39.30 -5.81
N LYS C 466 -21.88 -39.61 -5.56
CA LYS C 466 -22.95 -38.63 -5.66
C LYS C 466 -23.89 -38.81 -4.48
N GLY C 467 -24.41 -37.70 -3.97
CA GLY C 467 -25.29 -37.72 -2.84
C GLY C 467 -24.72 -37.01 -1.63
N PRO C 468 -25.33 -37.23 -0.46
CA PRO C 468 -24.91 -36.51 0.74
C PRO C 468 -23.52 -36.91 1.20
N MET C 469 -22.73 -35.91 1.59
CA MET C 469 -21.36 -36.09 2.08
C MET C 469 -20.48 -36.84 1.10
N ALA C 470 -20.86 -36.87 -0.18
CA ALA C 470 -20.02 -37.50 -1.20
C ALA C 470 -18.70 -36.76 -1.38
N HIS C 471 -18.71 -35.44 -1.17
CA HIS C 471 -17.51 -34.61 -1.24
C HIS C 471 -16.47 -34.98 -0.19
N LEU C 472 -16.76 -35.92 0.71
CA LEU C 472 -15.80 -36.41 1.69
C LEU C 472 -14.82 -37.42 1.10
N LEU C 473 -15.04 -37.86 -0.14
CA LEU C 473 -14.11 -38.69 -0.89
C LEU C 473 -13.50 -37.79 -1.95
N HIS C 474 -12.41 -37.11 -1.57
CA HIS C 474 -11.96 -35.92 -2.27
C HIS C 474 -10.62 -36.04 -2.98
N GLY C 475 -9.71 -36.88 -2.49
CA GLY C 475 -8.37 -36.93 -3.07
C GLY C 475 -7.82 -38.32 -3.30
N VAL C 476 -6.63 -38.58 -2.78
CA VAL C 476 -5.98 -39.89 -2.86
C VAL C 476 -6.06 -40.51 -1.47
N HIS C 477 -6.73 -41.66 -1.37
CA HIS C 477 -7.06 -42.27 -0.08
C HIS C 477 -6.68 -43.73 -0.06
N GLU C 478 -6.47 -44.23 1.15
CA GLU C 478 -6.39 -45.67 1.37
C GLU C 478 -7.76 -46.29 1.14
N GLN C 479 -7.76 -47.54 0.64
CA GLN C 479 -9.01 -48.16 0.21
C GLN C 479 -9.98 -48.32 1.36
N ASN C 480 -9.49 -48.60 2.57
CA ASN C 480 -10.36 -48.83 3.71
C ASN C 480 -11.08 -47.56 4.16
N TYR C 481 -10.75 -46.41 3.60
CA TYR C 481 -11.38 -45.16 4.00
C TYR C 481 -12.83 -45.08 3.53
N VAL C 482 -13.18 -45.80 2.45
CA VAL C 482 -14.48 -45.62 1.82
C VAL C 482 -15.64 -45.94 2.75
N PRO C 483 -15.69 -47.10 3.42
CA PRO C 483 -16.85 -47.36 4.31
C PRO C 483 -16.96 -46.38 5.46
N HIS C 484 -15.85 -45.86 5.98
CA HIS C 484 -15.93 -44.86 7.04
C HIS C 484 -16.68 -43.62 6.57
N VAL C 485 -16.51 -43.24 5.30
CA VAL C 485 -17.29 -42.14 4.73
C VAL C 485 -18.76 -42.52 4.64
N MET C 486 -19.04 -43.69 4.05
CA MET C 486 -20.42 -44.12 3.86
C MET C 486 -21.12 -44.34 5.19
N ALA C 487 -20.41 -44.84 6.21
CA ALA C 487 -21.02 -45.04 7.51
C ALA C 487 -21.25 -43.72 8.24
N TYR C 488 -20.32 -42.76 8.07
CA TYR C 488 -20.51 -41.46 8.69
C TYR C 488 -21.71 -40.73 8.10
N ALA C 489 -21.90 -40.84 6.79
CA ALA C 489 -23.02 -40.15 6.15
C ALA C 489 -24.35 -40.71 6.62
N ALA C 490 -24.45 -42.03 6.78
CA ALA C 490 -25.70 -42.70 7.13
C ALA C 490 -25.96 -42.73 8.63
N CYS C 491 -25.08 -42.14 9.44
CA CYS C 491 -25.21 -42.15 10.90
C CYS C 491 -25.30 -43.58 11.43
N ILE C 492 -24.45 -44.45 10.91
CA ILE C 492 -24.38 -45.85 11.31
C ILE C 492 -22.93 -46.18 11.66
N GLY C 493 -22.76 -47.23 12.45
CA GLY C 493 -21.43 -47.63 12.87
C GLY C 493 -20.97 -46.96 14.14
N ALA C 494 -19.66 -46.72 14.24
CA ALA C 494 -19.10 -46.17 15.48
C ALA C 494 -19.29 -44.66 15.56
N ASN C 495 -18.99 -43.94 14.48
CA ASN C 495 -19.07 -42.48 14.47
C ASN C 495 -20.47 -42.08 13.99
N LEU C 496 -21.30 -41.63 14.94
CA LEU C 496 -22.61 -41.09 14.62
C LEU C 496 -22.65 -39.56 14.74
N GLY C 497 -21.49 -38.91 14.65
CA GLY C 497 -21.43 -37.48 14.88
C GLY C 497 -22.19 -36.65 13.85
N HIS C 498 -22.56 -37.26 12.72
CA HIS C 498 -23.30 -36.51 11.70
C HIS C 498 -24.72 -36.21 12.15
N CYS C 499 -25.31 -37.09 12.96
CA CYS C 499 -26.69 -36.93 13.41
C CYS C 499 -26.80 -36.33 14.80
N ALA C 500 -25.69 -36.04 15.46
CA ALA C 500 -25.74 -35.31 16.71
C ALA C 500 -26.10 -33.84 16.43
N PRO C 501 -26.78 -33.18 17.38
CA PRO C 501 -27.18 -31.79 17.16
C PRO C 501 -26.00 -30.87 16.87
N ALA C 502 -25.85 -30.49 15.60
CA ALA C 502 -24.83 -29.59 15.14
C ALA C 502 -25.05 -29.25 13.66
N ALA C 503 -25.84 -28.24 13.37
CA ALA C 503 -26.11 -27.85 11.99
C ALA C 503 -25.03 -26.92 11.47
N LEU D 20 12.29 -54.12 19.94
CA LEU D 20 11.30 -54.02 18.88
C LEU D 20 11.98 -54.12 17.52
N VAL D 21 12.81 -53.13 17.22
CA VAL D 21 13.75 -53.14 16.09
C VAL D 21 13.02 -53.24 14.76
N PRO D 22 12.69 -52.12 14.11
CA PRO D 22 12.16 -52.19 12.74
C PRO D 22 13.21 -52.77 11.79
N GLU D 23 12.72 -53.52 10.80
CA GLU D 23 13.60 -54.30 9.93
C GLU D 23 14.64 -53.41 9.23
N LYS D 24 14.18 -52.35 8.59
CA LYS D 24 15.07 -51.50 7.81
C LYS D 24 16.21 -50.91 8.63
N GLU D 25 16.03 -50.77 9.94
CA GLU D 25 17.04 -50.16 10.79
C GLU D 25 18.16 -51.12 11.15
N LYS D 26 18.02 -52.42 10.84
CA LYS D 26 19.11 -53.37 11.03
C LYS D 26 20.20 -53.24 9.97
N ASP D 27 19.95 -52.46 8.91
CA ASP D 27 20.85 -52.38 7.78
C ASP D 27 21.69 -51.11 7.89
N PRO D 28 23.01 -51.21 7.91
CA PRO D 28 23.85 -50.00 7.97
C PRO D 28 23.54 -48.98 6.87
N LYS D 29 23.31 -49.44 5.64
CA LYS D 29 23.10 -48.49 4.54
C LYS D 29 21.88 -47.62 4.77
N TYR D 30 20.91 -48.09 5.56
CA TYR D 30 19.75 -47.25 5.86
C TYR D 30 20.16 -46.00 6.63
N TRP D 31 20.99 -46.17 7.66
CA TRP D 31 21.39 -45.02 8.47
C TRP D 31 22.37 -44.12 7.72
N ARG D 32 23.23 -44.70 6.87
CA ARG D 32 24.15 -43.87 6.10
C ARG D 32 23.43 -43.10 5.01
N ASP D 33 22.42 -43.72 4.39
CA ASP D 33 21.62 -43.00 3.40
C ASP D 33 20.89 -41.83 4.05
N GLN D 34 20.21 -42.09 5.18
CA GLN D 34 19.51 -41.03 5.90
C GLN D 34 20.46 -39.90 6.28
N ALA D 35 21.63 -40.23 6.83
CA ALA D 35 22.59 -39.21 7.22
C ALA D 35 23.08 -38.39 6.04
N GLN D 36 23.23 -39.02 4.87
CA GLN D 36 23.68 -38.28 3.69
C GLN D 36 22.55 -37.48 3.05
N GLU D 37 21.30 -37.92 3.20
CA GLU D 37 20.17 -37.06 2.82
C GLU D 37 20.16 -35.81 3.68
N THR D 38 20.34 -35.98 4.99
CA THR D 38 20.46 -34.83 5.89
C THR D 38 21.62 -33.94 5.49
N LEU D 39 22.78 -34.53 5.22
CA LEU D 39 23.96 -33.76 4.89
C LEU D 39 23.78 -32.97 3.59
N LYS D 40 23.08 -33.55 2.62
CA LYS D 40 22.80 -32.83 1.39
C LYS D 40 21.94 -31.61 1.66
N TYR D 41 20.88 -31.78 2.45
CA TYR D 41 20.01 -30.66 2.79
C TYR D 41 20.74 -29.63 3.63
N ALA D 42 21.68 -30.05 4.47
CA ALA D 42 22.47 -29.11 5.25
C ALA D 42 23.37 -28.27 4.34
N LEU D 43 23.92 -28.88 3.29
CA LEU D 43 24.73 -28.12 2.35
C LEU D 43 23.89 -27.10 1.59
N GLU D 44 22.65 -27.46 1.25
CA GLU D 44 21.78 -26.52 0.55
C GLU D 44 21.36 -25.37 1.45
N LEU D 45 21.29 -25.59 2.76
CA LEU D 45 20.95 -24.50 3.67
C LEU D 45 22.04 -23.44 3.73
N GLN D 46 23.18 -23.67 3.08
CA GLN D 46 24.26 -22.69 3.12
C GLN D 46 23.92 -21.42 2.35
N LYS D 47 23.02 -21.51 1.37
CA LYS D 47 22.50 -20.30 0.72
C LYS D 47 21.43 -19.73 1.64
N LEU D 48 21.82 -18.80 2.49
CA LEU D 48 20.96 -18.31 3.56
C LEU D 48 19.78 -17.51 3.00
N ASN D 49 18.69 -17.53 3.76
CA ASN D 49 17.48 -16.75 3.44
C ASN D 49 17.65 -15.39 4.09
N THR D 50 18.08 -14.40 3.29
CA THR D 50 18.33 -13.05 3.78
C THR D 50 17.25 -12.05 3.37
N ASN D 51 16.06 -12.53 3.02
CA ASN D 51 14.97 -11.64 2.65
C ASN D 51 14.52 -10.83 3.87
N VAL D 52 13.51 -9.99 3.65
CA VAL D 52 12.86 -9.26 4.73
C VAL D 52 11.67 -10.06 5.22
N ALA D 53 11.54 -10.20 6.53
CA ALA D 53 10.41 -10.91 7.12
C ALA D 53 9.18 -10.02 7.05
N LYS D 54 8.36 -10.22 6.00
CA LYS D 54 7.12 -9.46 5.89
C LYS D 54 6.21 -9.74 7.09
N ASN D 55 6.14 -11.00 7.52
CA ASN D 55 5.42 -11.37 8.73
C ASN D 55 6.38 -12.05 9.70
N VAL D 56 5.98 -12.06 10.97
CA VAL D 56 6.71 -12.77 12.01
C VAL D 56 5.70 -13.46 12.91
N ILE D 57 5.76 -14.80 12.95
CA ILE D 57 4.92 -15.60 13.83
C ILE D 57 5.81 -16.18 14.93
N MET D 58 5.30 -16.19 16.16
CA MET D 58 6.03 -16.75 17.28
C MET D 58 5.11 -17.65 18.09
N PHE D 59 5.49 -18.92 18.21
CA PHE D 59 4.78 -19.89 19.04
C PHE D 59 5.51 -20.04 20.36
N LEU D 60 4.81 -19.77 21.46
CA LEU D 60 5.36 -19.93 22.80
C LEU D 60 4.67 -21.12 23.45
N GLY D 61 5.44 -22.18 23.71
CA GLY D 61 4.93 -23.29 24.49
C GLY D 61 5.28 -23.14 25.95
N ASP D 62 4.32 -22.73 26.76
CA ASP D 62 4.56 -22.47 28.17
C ASP D 62 5.11 -23.69 28.88
N GLY D 63 6.39 -23.63 29.28
CA GLY D 63 7.03 -24.73 29.95
C GLY D 63 7.43 -25.88 29.05
N MET D 64 7.66 -25.63 27.76
CA MET D 64 8.04 -26.70 26.83
C MET D 64 9.56 -26.80 26.78
N GLY D 65 10.11 -27.40 27.84
CA GLY D 65 11.54 -27.65 27.92
C GLY D 65 11.96 -28.76 26.97
N VAL D 66 13.27 -29.01 26.95
CA VAL D 66 13.84 -29.98 26.03
C VAL D 66 13.22 -31.37 26.26
N SER D 67 13.10 -31.76 27.53
CA SER D 67 12.53 -33.08 27.83
C SER D 67 11.08 -33.18 27.38
N THR D 68 10.36 -32.06 27.35
CA THR D 68 8.96 -32.10 26.98
C THR D 68 8.78 -32.30 25.48
N VAL D 69 9.65 -31.71 24.66
CA VAL D 69 9.47 -31.82 23.21
C VAL D 69 9.78 -33.25 22.74
N THR D 70 10.71 -33.94 23.40
CA THR D 70 11.02 -35.31 22.99
C THR D 70 9.88 -36.25 23.36
N ALA D 71 9.39 -36.17 24.60
CA ALA D 71 8.25 -36.97 25.01
C ALA D 71 7.03 -36.65 24.16
N ALA D 72 6.86 -35.38 23.80
CA ALA D 72 5.74 -35.00 22.93
C ALA D 72 5.91 -35.55 21.53
N ARG D 73 7.16 -35.55 21.02
CA ARG D 73 7.43 -36.10 19.70
C ARG D 73 7.11 -37.58 19.65
N ILE D 74 7.51 -38.32 20.69
CA ILE D 74 7.20 -39.74 20.77
C ILE D 74 5.69 -39.96 20.77
N LEU D 75 4.96 -39.14 21.52
CA LEU D 75 3.51 -39.29 21.61
C LEU D 75 2.85 -39.12 20.24
N LYS D 76 3.25 -38.07 19.51
CA LYS D 76 2.61 -37.77 18.23
C LYS D 76 2.67 -38.97 17.29
N GLY D 77 3.84 -39.61 17.21
CA GLY D 77 3.96 -40.81 16.40
C GLY D 77 3.30 -42.03 17.02
N GLN D 78 3.10 -42.03 18.34
CA GLN D 78 2.46 -43.16 18.99
C GLN D 78 0.94 -43.10 18.83
N LEU D 79 0.36 -41.91 18.65
CA LEU D 79 -1.03 -41.82 18.25
C LEU D 79 -1.24 -42.32 16.83
N HIS D 80 -0.15 -42.41 16.04
CA HIS D 80 -0.19 -43.01 14.72
C HIS D 80 0.31 -44.45 14.71
N HIS D 81 0.42 -45.07 15.89
CA HIS D 81 0.76 -46.48 16.05
C HIS D 81 2.17 -46.81 15.58
N ASN D 82 3.06 -45.84 15.62
CA ASN D 82 4.48 -46.02 15.39
C ASN D 82 5.22 -46.13 16.72
N PRO D 83 6.49 -46.56 16.72
CA PRO D 83 7.24 -46.53 17.99
C PRO D 83 7.30 -45.14 18.62
N GLY D 84 7.50 -44.10 17.81
CA GLY D 84 7.43 -42.75 18.31
C GLY D 84 8.72 -41.98 18.22
N GLU D 85 9.84 -42.61 18.60
CA GLU D 85 11.11 -41.91 18.66
C GLU D 85 11.53 -41.35 17.31
N GLU D 86 11.24 -42.09 16.23
CA GLU D 86 11.61 -41.67 14.89
C GLU D 86 10.66 -40.61 14.32
N THR D 87 9.62 -40.23 15.05
CA THR D 87 8.72 -39.19 14.57
C THR D 87 9.45 -37.88 14.39
N ARG D 88 9.03 -37.12 13.39
CA ARG D 88 9.53 -35.77 13.16
C ARG D 88 8.42 -34.80 13.51
N LEU D 89 8.61 -34.03 14.59
CA LEU D 89 7.66 -32.99 14.93
C LEU D 89 7.64 -31.92 13.84
N GLU D 90 6.52 -31.22 13.73
CA GLU D 90 6.46 -30.07 12.84
C GLU D 90 7.56 -29.07 13.19
N MET D 91 7.79 -28.86 14.48
CA MET D 91 8.87 -27.97 14.92
C MET D 91 10.24 -28.63 14.72
N ASP D 92 10.29 -29.97 14.72
CA ASP D 92 11.55 -30.66 14.42
C ASP D 92 12.04 -30.39 13.01
N LYS D 93 11.15 -30.00 12.11
CA LYS D 93 11.49 -29.73 10.72
C LYS D 93 12.01 -28.31 10.50
N PHE D 94 12.00 -27.47 11.54
CA PHE D 94 12.62 -26.16 11.43
C PHE D 94 14.13 -26.32 11.27
N PRO D 95 14.77 -25.53 10.42
CA PRO D 95 16.19 -25.77 10.10
C PRO D 95 17.18 -25.29 11.14
N PHE D 96 16.85 -24.28 11.95
CA PHE D 96 17.83 -23.60 12.79
C PHE D 96 17.40 -23.66 14.25
N VAL D 97 18.24 -24.30 15.07
CA VAL D 97 17.96 -24.56 16.48
C VAL D 97 18.99 -23.83 17.33
N ALA D 98 18.55 -23.32 18.47
CA ALA D 98 19.44 -22.63 19.40
C ALA D 98 18.97 -22.88 20.83
N LEU D 99 19.85 -22.56 21.78
CA LEU D 99 19.55 -22.70 23.21
C LEU D 99 19.38 -21.33 23.84
N SER D 100 18.43 -21.22 24.77
CA SER D 100 18.06 -19.94 25.35
C SER D 100 18.15 -20.01 26.87
N LYS D 101 18.96 -19.13 27.46
CA LYS D 101 19.05 -19.04 28.92
C LYS D 101 17.86 -18.25 29.46
N THR D 102 17.16 -18.84 30.43
CA THR D 102 15.84 -18.36 30.84
C THR D 102 15.82 -17.69 32.20
N TYR D 103 16.97 -17.52 32.85
CA TYR D 103 16.98 -17.00 34.22
C TYR D 103 16.42 -15.58 34.26
N ASN D 104 15.54 -15.34 35.23
CA ASN D 104 15.10 -13.98 35.48
C ASN D 104 16.22 -13.18 36.11
N THR D 105 16.18 -11.86 35.91
CA THR D 105 17.02 -10.96 36.69
C THR D 105 16.81 -11.22 38.17
N ASN D 106 15.58 -11.55 38.55
CA ASN D 106 15.20 -11.71 39.95
C ASN D 106 15.47 -13.12 40.47
N ALA D 107 15.29 -14.13 39.62
CA ALA D 107 15.20 -15.51 40.11
C ALA D 107 16.02 -16.45 39.25
N GLN D 108 16.65 -17.43 39.92
CA GLN D 108 17.44 -18.43 39.23
C GLN D 108 16.55 -19.35 38.40
N VAL D 109 15.55 -19.95 39.03
CA VAL D 109 14.51 -20.69 38.31
C VAL D 109 13.36 -19.72 38.04
N PRO D 110 13.06 -19.42 36.78
CA PRO D 110 12.23 -18.25 36.48
C PRO D 110 10.73 -18.49 36.53
N ASP D 111 9.96 -17.51 36.08
CA ASP D 111 8.50 -17.55 36.12
C ASP D 111 7.93 -17.16 34.76
N SER D 112 6.60 -17.17 34.66
CA SER D 112 5.94 -16.95 33.38
C SER D 112 6.05 -15.49 32.93
N ALA D 113 5.97 -14.55 33.87
CA ALA D 113 5.87 -13.12 33.54
C ALA D 113 7.21 -12.48 33.23
N GLY D 114 8.22 -12.69 34.09
CA GLY D 114 9.51 -12.08 33.86
C GLY D 114 10.18 -12.57 32.59
N THR D 115 10.03 -13.85 32.29
CA THR D 115 10.54 -14.38 31.03
C THR D 115 9.76 -13.83 29.85
N ALA D 116 8.45 -13.62 30.01
CA ALA D 116 7.63 -13.10 28.94
C ALA D 116 8.10 -11.74 28.46
N THR D 117 8.68 -10.94 29.37
CA THR D 117 9.25 -9.66 28.97
C THR D 117 10.54 -9.83 28.18
N ALA D 118 11.32 -10.87 28.49
CA ALA D 118 12.59 -11.09 27.81
C ALA D 118 12.39 -11.38 26.33
N TYR D 119 11.60 -12.41 26.00
CA TYR D 119 11.45 -12.79 24.60
C TYR D 119 10.42 -11.96 23.85
N LEU D 120 9.67 -11.07 24.53
CA LEU D 120 8.71 -10.22 23.85
C LEU D 120 9.12 -8.76 23.80
N CYS D 121 9.93 -8.28 24.74
CA CYS D 121 10.37 -6.91 24.76
C CYS D 121 11.87 -6.73 24.57
N GLY D 122 12.66 -7.79 24.72
CA GLY D 122 14.09 -7.70 24.56
C GLY D 122 14.87 -7.28 25.79
N VAL D 123 14.29 -7.42 26.98
CA VAL D 123 14.89 -6.95 28.21
C VAL D 123 14.52 -7.93 29.32
N LYS D 124 15.52 -8.50 29.99
CA LYS D 124 15.26 -9.37 31.13
C LYS D 124 14.72 -8.55 32.30
N ALA D 125 13.82 -9.15 33.07
CA ALA D 125 13.07 -8.40 34.07
C ALA D 125 12.93 -9.26 35.33
N ASN D 126 12.10 -8.77 36.25
CA ASN D 126 11.88 -9.40 37.54
C ASN D 126 10.74 -10.40 37.45
N GLU D 127 10.79 -11.43 38.31
CA GLU D 127 9.73 -12.42 38.35
C GLU D 127 8.44 -11.78 38.87
N GLY D 128 7.33 -12.06 38.19
CA GLY D 128 6.05 -11.52 38.56
C GLY D 128 5.71 -10.18 37.94
N THR D 129 6.50 -9.69 36.99
CA THR D 129 6.26 -8.42 36.33
C THR D 129 6.19 -8.60 34.82
N VAL D 130 5.50 -7.68 34.16
CA VAL D 130 5.38 -7.69 32.70
C VAL D 130 5.63 -6.28 32.17
N GLY D 131 6.32 -6.21 31.03
CA GLY D 131 6.47 -4.96 30.31
C GLY D 131 7.22 -3.87 31.02
N VAL D 132 8.06 -4.20 32.00
CA VAL D 132 8.84 -3.21 32.74
C VAL D 132 10.25 -3.73 32.94
N SER D 133 11.17 -2.79 33.18
CA SER D 133 12.55 -3.14 33.45
C SER D 133 12.69 -3.71 34.86
N ALA D 134 13.90 -4.13 35.20
CA ALA D 134 14.17 -4.71 36.50
C ALA D 134 14.20 -3.68 37.62
N ALA D 135 14.21 -2.38 37.29
CA ALA D 135 14.11 -1.35 38.31
C ALA D 135 12.72 -1.32 38.96
N THR D 136 11.75 -2.03 38.40
CA THR D 136 10.41 -2.10 38.95
C THR D 136 10.33 -3.22 39.99
N GLU D 137 9.83 -2.89 41.17
CA GLU D 137 9.60 -3.88 42.21
C GLU D 137 8.20 -4.47 42.06
N ARG D 138 8.08 -5.76 42.35
CA ARG D 138 6.78 -6.41 42.25
C ARG D 138 5.81 -5.83 43.27
N SER D 139 4.61 -5.50 42.79
CA SER D 139 3.44 -5.02 43.53
C SER D 139 3.54 -3.55 43.93
N ARG D 140 4.69 -2.90 43.78
CA ARG D 140 4.83 -1.47 44.06
C ARG D 140 4.49 -0.70 42.78
N CYS D 141 3.37 0.01 42.80
CA CYS D 141 2.88 0.65 41.58
C CYS D 141 3.71 1.87 41.19
N ASN D 142 4.15 2.65 42.18
CA ASN D 142 4.89 3.87 41.81
C ASN D 142 6.30 3.60 41.30
N THR D 143 6.69 2.35 41.06
CA THR D 143 7.95 2.03 40.40
C THR D 143 7.75 1.59 38.95
N THR D 144 6.56 1.84 38.39
CA THR D 144 6.29 1.55 36.99
C THR D 144 6.66 2.71 36.08
N GLN D 145 6.40 3.95 36.52
CA GLN D 145 6.60 5.12 35.67
C GLN D 145 8.05 5.27 35.27
N GLY D 146 8.27 5.57 33.99
CA GLY D 146 9.62 5.71 33.47
C GLY D 146 10.41 4.43 33.36
N ASN D 147 9.78 3.28 33.60
CA ASN D 147 10.45 1.99 33.52
C ASN D 147 9.78 1.02 32.56
N GLU D 148 8.70 1.44 31.89
CA GLU D 148 8.02 0.56 30.95
C GLU D 148 8.90 0.31 29.74
N VAL D 149 8.85 -0.92 29.23
CA VAL D 149 9.51 -1.30 27.98
C VAL D 149 8.46 -1.91 27.06
N THR D 150 8.56 -1.63 25.77
CA THR D 150 7.53 -1.99 24.81
C THR D 150 7.90 -3.27 24.05
N SER D 151 6.86 -3.94 23.56
CA SER D 151 6.98 -5.28 23.00
C SER D 151 7.00 -5.26 21.47
N ILE D 152 7.44 -6.38 20.90
CA ILE D 152 7.53 -6.52 19.45
C ILE D 152 6.15 -6.37 18.81
N LEU D 153 5.10 -6.74 19.53
CA LEU D 153 3.75 -6.49 19.05
C LEU D 153 3.52 -5.00 18.82
N ARG D 154 3.94 -4.18 19.78
CA ARG D 154 3.82 -2.73 19.61
C ARG D 154 4.69 -2.24 18.45
N TRP D 155 5.95 -2.68 18.41
CA TRP D 155 6.83 -2.28 17.32
C TRP D 155 6.26 -2.67 15.96
N ALA D 156 5.52 -3.78 15.91
CA ALA D 156 4.94 -4.21 14.64
C ALA D 156 3.81 -3.28 14.20
N LYS D 157 2.88 -2.97 15.11
CA LYS D 157 1.78 -2.08 14.76
C LYS D 157 2.27 -0.69 14.37
N ASP D 158 3.34 -0.21 14.99
CA ASP D 158 3.87 1.11 14.66
C ASP D 158 4.48 1.17 13.28
N ALA D 159 4.83 0.02 12.70
CA ALA D 159 5.34 -0.03 11.33
C ALA D 159 4.24 -0.23 10.30
N GLY D 160 3.00 -0.46 10.74
CA GLY D 160 1.88 -0.62 9.85
C GLY D 160 1.29 -2.02 9.83
N LYS D 161 1.99 -3.01 10.40
CA LYS D 161 1.51 -4.38 10.37
C LYS D 161 0.29 -4.55 11.27
N SER D 162 -0.45 -5.62 11.02
CA SER D 162 -1.49 -6.07 11.93
C SER D 162 -0.87 -7.00 12.98
N VAL D 163 -1.55 -7.09 14.13
CA VAL D 163 -1.02 -7.85 15.25
C VAL D 163 -2.14 -8.72 15.84
N GLY D 164 -1.74 -9.86 16.39
CA GLY D 164 -2.70 -10.80 16.94
C GLY D 164 -2.13 -11.56 18.11
N ILE D 165 -3.01 -11.94 19.03
CA ILE D 165 -2.65 -12.73 20.21
C ILE D 165 -3.60 -13.92 20.29
N VAL D 166 -3.05 -15.12 20.19
CA VAL D 166 -3.83 -16.35 20.25
C VAL D 166 -3.27 -17.21 21.37
N THR D 167 -4.14 -17.61 22.31
CA THR D 167 -3.72 -18.38 23.47
C THR D 167 -4.89 -19.20 23.96
N THR D 168 -4.58 -20.22 24.76
CA THR D 168 -5.58 -21.05 25.41
C THR D 168 -5.75 -20.72 26.88
N THR D 169 -5.01 -19.76 27.40
CA THR D 169 -5.19 -19.25 28.75
C THR D 169 -6.03 -17.97 28.68
N ARG D 170 -6.15 -17.28 29.82
CA ARG D 170 -6.77 -15.97 29.80
C ARG D 170 -5.92 -15.01 28.98
N VAL D 171 -6.58 -14.12 28.24
CA VAL D 171 -5.85 -13.15 27.42
C VAL D 171 -5.08 -12.15 28.26
N ASN D 172 -5.31 -12.11 29.57
CA ASN D 172 -4.52 -11.30 30.49
C ASN D 172 -3.60 -12.14 31.37
N HIS D 173 -3.41 -13.42 31.03
CA HIS D 173 -2.40 -14.23 31.68
C HIS D 173 -1.01 -13.64 31.39
N ALA D 174 -0.02 -14.12 32.14
CA ALA D 174 1.30 -13.50 32.14
C ALA D 174 1.89 -13.41 30.73
N THR D 175 1.93 -14.53 30.00
CA THR D 175 2.61 -14.54 28.71
C THR D 175 1.98 -13.60 27.69
N PRO D 176 0.66 -13.61 27.44
CA PRO D 176 0.11 -12.64 26.47
C PRO D 176 0.11 -11.20 26.97
N SER D 177 0.16 -10.98 28.29
CA SER D 177 0.05 -9.62 28.80
C SER D 177 1.30 -8.80 28.53
N ALA D 178 2.46 -9.45 28.42
CA ALA D 178 3.69 -8.74 28.15
C ALA D 178 3.73 -8.16 26.74
N ALA D 179 2.80 -8.55 25.87
CA ALA D 179 2.77 -8.02 24.51
C ALA D 179 2.08 -6.67 24.42
N TYR D 180 1.21 -6.35 25.37
CA TYR D 180 0.45 -5.09 25.29
C TYR D 180 0.55 -4.27 26.56
N ALA D 181 0.74 -4.91 27.71
CA ALA D 181 0.58 -4.25 29.00
C ALA D 181 1.93 -3.96 29.65
N HIS D 182 1.87 -3.14 30.70
CA HIS D 182 3.02 -2.84 31.55
C HIS D 182 2.50 -2.78 32.99
N SER D 183 2.68 -3.87 33.73
CA SER D 183 2.17 -3.97 35.08
C SER D 183 3.26 -4.46 36.02
N ALA D 184 3.14 -4.08 37.29
CA ALA D 184 4.08 -4.49 38.32
C ALA D 184 3.67 -5.78 39.02
N ASP D 185 2.57 -6.41 38.61
CA ASP D 185 2.16 -7.68 39.19
C ASP D 185 1.29 -8.43 38.19
N ARG D 186 1.68 -9.67 37.91
CA ARG D 186 0.89 -10.54 37.04
C ARG D 186 -0.49 -10.82 37.62
N ASP D 187 -0.63 -10.80 38.95
CA ASP D 187 -1.88 -11.14 39.61
C ASP D 187 -2.99 -10.15 39.35
N TRP D 188 -2.68 -8.99 38.75
CA TRP D 188 -3.67 -7.93 38.56
C TRP D 188 -4.47 -8.17 37.27
N TYR D 189 -5.15 -9.31 37.22
CA TYR D 189 -5.99 -9.64 36.08
C TYR D 189 -7.05 -8.58 35.85
N SER D 190 -7.62 -8.06 36.92
CA SER D 190 -8.70 -7.10 36.86
C SER D 190 -8.60 -6.19 38.07
N ASP D 191 -9.39 -5.12 38.07
CA ASP D 191 -9.36 -4.19 39.19
C ASP D 191 -9.85 -4.83 40.48
N ASN D 192 -10.51 -5.99 40.39
CA ASN D 192 -10.93 -6.72 41.58
C ASN D 192 -9.73 -7.32 42.31
N GLU D 193 -8.70 -7.74 41.57
CA GLU D 193 -7.53 -8.38 42.16
C GLU D 193 -6.44 -7.38 42.52
N MET D 194 -6.68 -6.08 42.31
CA MET D 194 -5.65 -5.10 42.64
C MET D 194 -5.88 -4.56 44.05
N PRO D 195 -4.80 -4.41 44.83
CA PRO D 195 -4.96 -3.85 46.17
C PRO D 195 -5.33 -2.38 46.09
N PRO D 196 -6.14 -1.88 47.03
CA PRO D 196 -6.62 -0.49 46.93
C PRO D 196 -5.51 0.54 46.88
N GLU D 197 -4.39 0.31 47.56
CA GLU D 197 -3.25 1.21 47.45
C GLU D 197 -2.77 1.28 46.01
N ALA D 198 -2.76 0.15 45.30
CA ALA D 198 -2.31 0.14 43.91
C ALA D 198 -3.25 0.93 43.01
N LEU D 199 -4.56 0.78 43.21
CA LEU D 199 -5.53 1.50 42.38
C LEU D 199 -5.45 3.00 42.63
N SER D 200 -5.19 3.40 43.88
CA SER D 200 -5.11 4.83 44.18
C SER D 200 -3.84 5.45 43.61
N GLN D 201 -2.75 4.69 43.52
CA GLN D 201 -1.53 5.21 42.90
C GLN D 201 -1.67 5.42 41.40
N GLY D 202 -2.71 4.85 40.77
CA GLY D 202 -3.10 5.26 39.44
C GLY D 202 -2.76 4.31 38.30
N CYS D 203 -2.20 3.14 38.58
CA CYS D 203 -1.97 2.18 37.52
C CYS D 203 -3.22 1.32 37.31
N LYS D 204 -3.32 0.73 36.12
CA LYS D 204 -4.51 0.03 35.69
C LYS D 204 -4.26 -1.47 35.66
N ASP D 205 -5.36 -2.22 35.65
CA ASP D 205 -5.28 -3.67 35.56
C ASP D 205 -5.05 -4.10 34.12
N ILE D 206 -4.64 -5.37 33.97
CA ILE D 206 -4.18 -5.84 32.65
C ILE D 206 -5.35 -5.93 31.68
N ALA D 207 -6.52 -6.36 32.16
CA ALA D 207 -7.70 -6.39 31.29
C ALA D 207 -8.03 -5.00 30.77
N TYR D 208 -7.94 -3.99 31.63
CA TYR D 208 -8.09 -2.61 31.18
C TYR D 208 -7.03 -2.24 30.16
N GLN D 209 -5.77 -2.61 30.44
CA GLN D 209 -4.68 -2.27 29.55
C GLN D 209 -4.78 -2.96 28.20
N LEU D 210 -5.47 -4.11 28.15
CA LEU D 210 -5.64 -4.81 26.88
C LEU D 210 -6.44 -3.97 25.90
N MET D 211 -7.54 -3.36 26.36
CA MET D 211 -8.40 -2.58 25.49
C MET D 211 -7.91 -1.15 25.31
N HIS D 212 -6.99 -0.67 26.14
CA HIS D 212 -6.65 0.75 26.19
C HIS D 212 -5.25 1.08 25.69
N ASN D 213 -4.27 0.23 25.97
CA ASN D 213 -2.90 0.54 25.56
C ASN D 213 -2.77 0.60 24.04
N ILE D 214 -3.00 -0.53 23.37
CA ILE D 214 -3.01 -0.60 21.91
C ILE D 214 -4.44 -0.92 21.50
N ARG D 215 -5.12 0.06 20.91
CA ARG D 215 -6.55 -0.05 20.65
C ARG D 215 -6.89 -0.47 19.23
N ASP D 216 -5.89 -0.73 18.38
CA ASP D 216 -6.15 -1.31 17.07
C ASP D 216 -5.50 -2.69 16.95
N ILE D 217 -5.44 -3.42 18.05
CA ILE D 217 -5.00 -4.82 17.99
C ILE D 217 -6.03 -5.60 17.20
N ASP D 218 -5.58 -6.28 16.14
CA ASP D 218 -6.50 -6.80 15.14
C ASP D 218 -7.15 -8.11 15.57
N VAL D 219 -6.42 -9.00 16.24
CA VAL D 219 -6.95 -10.30 16.63
C VAL D 219 -6.58 -10.56 18.09
N ILE D 220 -7.59 -10.72 18.94
CA ILE D 220 -7.41 -11.18 20.32
C ILE D 220 -8.27 -12.42 20.50
N MET D 221 -7.64 -13.54 20.87
CA MET D 221 -8.37 -14.78 21.03
C MET D 221 -7.79 -15.57 22.19
N GLY D 222 -8.67 -16.05 23.07
CA GLY D 222 -8.28 -16.83 24.22
C GLY D 222 -9.41 -16.92 25.23
N GLY D 223 -9.02 -16.99 26.51
CA GLY D 223 -9.95 -17.01 27.60
C GLY D 223 -9.92 -15.73 28.42
N GLY D 224 -10.58 -15.79 29.57
CA GLY D 224 -10.62 -14.65 30.47
C GLY D 224 -11.79 -13.71 30.19
N ARG D 225 -12.97 -14.30 29.96
CA ARG D 225 -14.13 -13.50 29.62
C ARG D 225 -14.64 -12.71 30.82
N LYS D 226 -14.62 -13.31 32.00
CA LYS D 226 -15.24 -12.69 33.17
C LYS D 226 -14.53 -11.40 33.58
N TYR D 227 -13.26 -11.27 33.22
CA TYR D 227 -12.50 -10.07 33.60
C TYR D 227 -12.87 -8.85 32.78
N MET D 228 -13.81 -8.96 31.84
CA MET D 228 -14.20 -7.85 30.99
C MET D 228 -15.57 -7.28 31.32
N TYR D 229 -16.36 -7.94 32.17
CA TYR D 229 -17.71 -7.50 32.46
C TYR D 229 -17.83 -7.06 33.92
N PRO D 230 -18.72 -6.11 34.23
CA PRO D 230 -18.88 -5.65 35.61
C PRO D 230 -19.35 -6.78 36.53
N LYS D 231 -19.13 -6.56 37.82
CA LYS D 231 -19.29 -7.64 38.80
C LYS D 231 -20.73 -8.14 38.86
N ASN D 232 -20.87 -9.45 39.07
CA ASN D 232 -22.13 -10.17 39.22
C ASN D 232 -22.90 -10.32 37.91
N LYS D 233 -22.41 -9.72 36.83
CA LYS D 233 -23.03 -9.93 35.53
C LYS D 233 -22.78 -11.38 35.09
N THR D 234 -23.86 -12.13 34.87
CA THR D 234 -23.74 -13.55 34.61
C THR D 234 -23.06 -13.81 33.27
N ASP D 235 -22.36 -14.95 33.21
CA ASP D 235 -21.68 -15.35 31.99
C ASP D 235 -22.70 -15.69 30.90
N VAL D 236 -22.30 -15.48 29.65
CA VAL D 236 -23.13 -15.86 28.52
C VAL D 236 -23.23 -17.38 28.43
N GLU D 237 -22.18 -18.09 28.83
CA GLU D 237 -22.09 -19.54 28.70
C GLU D 237 -22.59 -20.27 29.93
N TYR D 238 -22.08 -19.91 31.11
CA TYR D 238 -22.42 -20.58 32.36
C TYR D 238 -23.23 -19.60 33.21
N GLU D 239 -24.55 -19.59 32.99
CA GLU D 239 -25.42 -18.66 33.71
C GLU D 239 -25.48 -19.02 35.19
N SER D 240 -25.56 -20.31 35.51
CA SER D 240 -25.66 -20.72 36.92
C SER D 240 -24.37 -20.44 37.67
N ASP D 241 -23.22 -20.69 37.05
CA ASP D 241 -21.93 -20.65 37.72
C ASP D 241 -21.64 -19.28 38.33
N GLU D 242 -21.60 -19.22 39.66
CA GLU D 242 -21.24 -17.99 40.35
C GLU D 242 -19.80 -17.60 40.06
N LYS D 243 -18.91 -18.58 39.91
CA LYS D 243 -17.49 -18.31 39.69
C LYS D 243 -17.19 -17.80 38.29
N ALA D 244 -18.16 -17.81 37.38
CA ALA D 244 -17.97 -17.35 36.01
C ALA D 244 -18.50 -15.94 35.78
N ARG D 245 -18.96 -15.27 36.84
CA ARG D 245 -19.53 -13.94 36.71
C ARG D 245 -18.45 -12.89 36.51
N GLY D 246 -18.86 -11.72 36.01
CA GLY D 246 -17.93 -10.62 35.83
C GLY D 246 -17.29 -10.21 37.14
N THR D 247 -16.14 -9.55 37.02
CA THR D 247 -15.33 -9.20 38.18
C THR D 247 -15.02 -7.72 38.30
N ARG D 248 -15.30 -6.92 37.28
CA ARG D 248 -14.86 -5.53 37.26
C ARG D 248 -15.58 -4.72 38.33
N LEU D 249 -14.81 -4.12 39.24
CA LEU D 249 -15.33 -3.08 40.11
C LEU D 249 -15.47 -1.75 39.38
N ASP D 250 -14.89 -1.64 38.18
CA ASP D 250 -15.00 -0.42 37.39
C ASP D 250 -16.44 -0.16 36.95
N GLY D 251 -17.24 -1.22 36.83
CA GLY D 251 -18.50 -1.12 36.15
C GLY D 251 -18.39 -1.05 34.65
N LEU D 252 -17.19 -1.23 34.11
CA LEU D 252 -16.93 -1.07 32.68
C LEU D 252 -17.23 -2.36 31.92
N ASP D 253 -17.75 -2.20 30.71
CA ASP D 253 -17.92 -3.29 29.75
C ASP D 253 -16.77 -3.17 28.76
N LEU D 254 -15.70 -3.95 28.98
CA LEU D 254 -14.51 -3.82 28.15
C LEU D 254 -14.70 -4.44 26.77
N VAL D 255 -15.69 -5.31 26.59
CA VAL D 255 -16.05 -5.74 25.24
C VAL D 255 -16.64 -4.57 24.47
N ASP D 256 -17.51 -3.79 25.12
CA ASP D 256 -18.02 -2.57 24.53
C ASP D 256 -16.88 -1.58 24.26
N THR D 257 -15.98 -1.42 25.24
CA THR D 257 -14.85 -0.51 25.07
C THR D 257 -13.99 -0.94 23.88
N TRP D 258 -13.79 -2.25 23.70
CA TRP D 258 -13.05 -2.74 22.55
C TRP D 258 -13.73 -2.35 21.25
N LYS D 259 -15.06 -2.55 21.17
CA LYS D 259 -15.80 -2.18 19.97
C LYS D 259 -15.71 -0.68 19.72
N SER D 260 -15.88 0.12 20.77
CA SER D 260 -16.02 1.56 20.60
C SER D 260 -14.77 2.19 20.02
N PHE D 261 -13.60 1.67 20.38
CA PHE D 261 -12.35 2.27 19.92
C PHE D 261 -12.10 2.04 18.44
N LYS D 262 -12.85 1.15 17.79
CA LYS D 262 -12.61 0.83 16.39
C LYS D 262 -13.46 1.71 15.49
N PRO D 263 -12.89 2.19 14.39
CA PRO D 263 -13.70 2.92 13.40
C PRO D 263 -14.71 1.98 12.77
N ARG D 264 -15.98 2.40 12.76
CA ARG D 264 -17.07 1.50 12.44
C ARG D 264 -17.36 1.40 10.94
N TYR D 265 -16.50 1.95 10.08
CA TYR D 265 -16.51 1.49 8.70
C TYR D 265 -15.78 0.15 8.57
N LYS D 266 -14.98 -0.20 9.57
CA LYS D 266 -14.37 -1.51 9.68
C LYS D 266 -15.35 -2.48 10.32
N HIS D 267 -15.14 -3.78 10.08
CA HIS D 267 -15.98 -4.84 10.61
C HIS D 267 -15.33 -5.41 11.86
N SER D 268 -15.89 -5.10 13.02
CA SER D 268 -15.49 -5.70 14.29
C SER D 268 -16.63 -6.60 14.77
N HIS D 269 -16.28 -7.76 15.32
CA HIS D 269 -17.28 -8.82 15.54
C HIS D 269 -17.42 -9.18 17.02
N PHE D 270 -16.39 -9.75 17.65
CA PHE D 270 -16.47 -10.38 18.97
C PHE D 270 -17.31 -11.65 18.95
N ILE D 271 -16.72 -12.76 19.40
CA ILE D 271 -17.37 -14.06 19.43
C ILE D 271 -17.01 -14.75 20.74
N TRP D 272 -17.71 -15.85 21.03
CA TRP D 272 -17.47 -16.53 22.30
C TRP D 272 -17.61 -18.05 22.23
N ASN D 273 -18.16 -18.58 21.15
CA ASN D 273 -18.22 -20.03 21.00
C ASN D 273 -17.69 -20.45 19.63
N ARG D 274 -17.47 -21.76 19.48
CA ARG D 274 -16.78 -22.28 18.31
C ARG D 274 -17.60 -22.15 17.04
N THR D 275 -18.93 -22.18 17.14
CA THR D 275 -19.77 -22.04 15.95
C THR D 275 -19.56 -20.68 15.29
N GLU D 276 -19.48 -19.62 16.08
CA GLU D 276 -19.26 -18.29 15.54
C GLU D 276 -17.89 -18.18 14.87
N LEU D 277 -16.89 -18.89 15.39
CA LEU D 277 -15.55 -18.84 14.81
C LEU D 277 -15.55 -19.44 13.41
N LEU D 278 -16.06 -20.66 13.27
CA LEU D 278 -16.03 -21.38 12.00
C LEU D 278 -17.05 -20.88 11.00
N THR D 279 -17.88 -19.90 11.37
CA THR D 279 -18.85 -19.30 10.47
C THR D 279 -18.35 -18.02 9.81
N LEU D 280 -17.49 -17.27 10.51
CA LEU D 280 -16.93 -16.03 10.00
C LEU D 280 -16.41 -16.20 8.57
N ASP D 281 -16.52 -15.14 7.79
CA ASP D 281 -15.74 -15.02 6.57
C ASP D 281 -14.49 -14.22 6.91
N PRO D 282 -13.35 -14.88 7.03
CA PRO D 282 -12.11 -14.15 7.35
C PRO D 282 -11.82 -13.00 6.41
N HIS D 283 -12.24 -13.10 5.15
CA HIS D 283 -12.04 -12.00 4.20
C HIS D 283 -12.87 -10.76 4.53
N ASN D 284 -13.76 -10.84 5.53
CA ASN D 284 -14.72 -9.79 5.77
C ASN D 284 -14.70 -9.22 7.19
N VAL D 285 -13.79 -9.67 8.05
CA VAL D 285 -13.68 -9.16 9.41
C VAL D 285 -12.29 -8.56 9.58
N ASP D 286 -12.25 -7.34 10.12
CA ASP D 286 -11.00 -6.63 10.35
C ASP D 286 -10.53 -6.69 11.80
N TYR D 287 -11.46 -6.71 12.74
CA TYR D 287 -11.14 -6.73 14.16
C TYR D 287 -11.95 -7.82 14.84
N LEU D 288 -11.26 -8.71 15.55
CA LEU D 288 -11.88 -9.89 16.15
C LEU D 288 -11.47 -10.00 17.60
N LEU D 289 -12.46 -10.20 18.48
CA LEU D 289 -12.24 -10.49 19.89
C LEU D 289 -12.87 -11.84 20.20
N GLY D 290 -12.03 -12.84 20.46
CA GLY D 290 -12.53 -14.16 20.76
C GLY D 290 -12.23 -14.60 22.18
N LEU D 291 -13.21 -14.49 23.07
CA LEU D 291 -13.07 -14.88 24.47
C LEU D 291 -14.04 -16.04 24.72
N PHE D 292 -13.48 -17.25 24.85
CA PHE D 292 -14.29 -18.46 24.80
C PHE D 292 -14.52 -19.10 26.15
N GLU D 293 -13.91 -18.61 27.22
CA GLU D 293 -14.12 -19.19 28.55
C GLU D 293 -14.05 -18.09 29.59
N PRO D 294 -14.72 -18.26 30.73
CA PRO D 294 -14.58 -17.25 31.81
C PRO D 294 -13.16 -17.20 32.34
N GLY D 295 -12.57 -18.35 32.65
CA GLY D 295 -11.17 -18.41 33.02
C GLY D 295 -10.32 -18.95 31.88
N ASP D 296 -9.45 -19.89 32.18
CA ASP D 296 -8.67 -20.54 31.12
C ASP D 296 -9.55 -21.52 30.35
N MET D 297 -9.20 -21.73 29.09
CA MET D 297 -9.86 -22.74 28.29
C MET D 297 -9.51 -24.14 28.80
N GLN D 298 -10.42 -25.08 28.55
CA GLN D 298 -10.19 -26.45 28.98
C GLN D 298 -9.00 -27.05 28.24
N TYR D 299 -8.40 -28.06 28.85
CA TYR D 299 -7.38 -28.85 28.17
C TYR D 299 -7.96 -29.42 26.89
N GLU D 300 -7.09 -29.67 25.92
CA GLU D 300 -7.53 -30.26 24.66
C GLU D 300 -8.25 -31.59 24.90
N LEU D 301 -7.72 -32.41 25.82
CA LEU D 301 -8.37 -33.67 26.15
C LEU D 301 -9.73 -33.47 26.80
N ASN D 302 -9.99 -32.29 27.35
CA ASN D 302 -11.28 -31.98 27.98
C ASN D 302 -12.11 -31.00 27.16
N ARG D 303 -11.63 -30.61 25.97
CA ARG D 303 -12.35 -29.64 25.17
C ARG D 303 -13.72 -30.15 24.77
N ASN D 304 -14.67 -29.21 24.68
CA ASN D 304 -16.03 -29.48 24.21
C ASN D 304 -16.07 -29.16 22.72
N ASN D 305 -16.27 -30.18 21.88
CA ASN D 305 -16.11 -29.98 20.43
C ASN D 305 -17.08 -28.95 19.86
N VAL D 306 -18.20 -28.70 20.51
CA VAL D 306 -19.26 -27.89 19.93
C VAL D 306 -19.21 -26.45 20.40
N THR D 307 -18.88 -26.20 21.67
CA THR D 307 -18.88 -24.85 22.21
C THR D 307 -17.49 -24.19 22.20
N ASP D 308 -16.42 -24.96 22.00
CA ASP D 308 -15.09 -24.42 22.19
C ASP D 308 -14.13 -24.88 21.10
N PRO D 309 -13.36 -23.97 20.51
CA PRO D 309 -12.44 -24.34 19.43
C PRO D 309 -11.09 -24.80 19.96
N SER D 310 -10.38 -25.53 19.11
CA SER D 310 -9.02 -25.95 19.40
C SER D 310 -8.05 -24.81 19.13
N LEU D 311 -6.78 -25.03 19.47
CA LEU D 311 -5.77 -24.01 19.24
C LEU D 311 -5.50 -23.83 17.75
N SER D 312 -5.50 -24.93 16.99
CA SER D 312 -5.30 -24.83 15.54
C SER D 312 -6.44 -24.06 14.88
N GLU D 313 -7.68 -24.36 15.28
CA GLU D 313 -8.82 -23.68 14.70
C GLU D 313 -8.75 -22.18 14.92
N MET D 314 -8.28 -21.75 16.10
CA MET D 314 -8.12 -20.33 16.36
C MET D 314 -6.95 -19.75 15.57
N VAL D 315 -5.85 -20.50 15.46
CA VAL D 315 -4.67 -20.00 14.76
C VAL D 315 -4.93 -19.84 13.27
N VAL D 316 -5.76 -20.72 12.69
CA VAL D 316 -5.98 -20.67 11.24
C VAL D 316 -6.70 -19.38 10.84
N VAL D 317 -7.86 -19.11 11.45
CA VAL D 317 -8.58 -17.90 11.09
C VAL D 317 -7.81 -16.67 11.55
N ALA D 318 -7.00 -16.79 12.60
CA ALA D 318 -6.19 -15.66 13.04
C ALA D 318 -5.18 -15.28 11.96
N ILE D 319 -4.54 -16.27 11.34
CA ILE D 319 -3.63 -16.00 10.23
C ILE D 319 -4.38 -15.47 9.03
N GLN D 320 -5.55 -16.04 8.74
CA GLN D 320 -6.31 -15.63 7.56
C GLN D 320 -6.73 -14.17 7.64
N ILE D 321 -7.00 -13.66 8.84
CA ILE D 321 -7.35 -12.25 8.99
C ILE D 321 -6.11 -11.38 8.86
N LEU D 322 -5.04 -11.75 9.55
CA LEU D 322 -3.84 -10.93 9.60
C LEU D 322 -3.16 -10.79 8.23
N ARG D 323 -3.46 -11.67 7.29
CA ARG D 323 -2.81 -11.63 5.99
C ARG D 323 -3.34 -10.55 5.07
N LYS D 324 -4.52 -9.98 5.37
CA LYS D 324 -5.12 -9.00 4.48
C LYS D 324 -4.27 -7.73 4.39
N ASN D 325 -3.49 -7.44 5.41
CA ASN D 325 -2.68 -6.22 5.42
C ASN D 325 -1.50 -6.39 4.46
N PRO D 326 -1.32 -5.46 3.50
CA PRO D 326 -0.18 -5.57 2.57
C PRO D 326 1.17 -5.45 3.25
N LYS D 327 1.25 -4.84 4.42
CA LYS D 327 2.52 -4.63 5.11
C LYS D 327 2.96 -5.81 5.96
N GLY D 328 2.16 -6.87 6.02
CA GLY D 328 2.48 -8.03 6.84
C GLY D 328 1.76 -7.99 8.17
N PHE D 329 2.17 -8.92 9.05
CA PHE D 329 1.54 -9.04 10.35
C PHE D 329 2.52 -9.65 11.34
N PHE D 330 2.21 -9.46 12.62
CA PHE D 330 2.87 -10.17 13.71
C PHE D 330 1.82 -10.95 14.49
N LEU D 331 2.13 -12.20 14.84
CA LEU D 331 1.18 -13.05 15.53
C LEU D 331 1.89 -13.79 16.65
N LEU D 332 1.34 -13.69 17.85
CA LEU D 332 1.84 -14.40 19.02
C LEU D 332 0.86 -15.52 19.35
N VAL D 333 1.36 -16.76 19.38
CA VAL D 333 0.55 -17.93 19.66
C VAL D 333 1.09 -18.60 20.91
N GLU D 334 0.21 -18.86 21.87
CA GLU D 334 0.60 -19.46 23.15
C GLU D 334 -0.16 -20.76 23.37
N GLY D 335 0.52 -21.89 23.14
CA GLY D 335 0.05 -23.15 23.68
C GLY D 335 0.39 -23.19 25.15
N GLY D 336 -0.30 -22.38 25.93
CA GLY D 336 0.06 -22.09 27.30
C GLY D 336 -0.54 -22.97 28.38
N ARG D 337 -1.25 -24.05 27.99
CA ARG D 337 -1.74 -24.99 28.98
C ARG D 337 -0.80 -26.18 29.17
N ILE D 338 0.27 -26.27 28.37
CA ILE D 338 1.36 -27.20 28.67
C ILE D 338 1.86 -26.97 30.08
N ASP D 339 2.06 -25.70 30.46
CA ASP D 339 2.55 -25.36 31.79
C ASP D 339 1.58 -25.83 32.86
N HIS D 340 0.29 -25.54 32.69
CA HIS D 340 -0.70 -25.94 33.68
C HIS D 340 -0.77 -27.45 33.83
N GLY D 341 -0.56 -28.19 32.74
CA GLY D 341 -0.52 -29.64 32.84
C GLY D 341 0.66 -30.14 33.65
N HIS D 342 1.84 -29.54 33.45
CA HIS D 342 3.01 -29.95 34.21
C HIS D 342 2.89 -29.55 35.67
N HIS D 343 2.31 -28.38 35.95
CA HIS D 343 2.12 -27.95 37.33
C HIS D 343 1.24 -28.93 38.09
N GLU D 344 0.18 -29.43 37.46
CA GLU D 344 -0.66 -30.44 38.08
C GLU D 344 0.02 -31.80 38.16
N GLY D 345 1.21 -31.95 37.57
CA GLY D 345 1.83 -33.26 37.49
C GLY D 345 1.11 -34.24 36.61
N LYS D 346 0.23 -33.76 35.73
CA LYS D 346 -0.52 -34.62 34.81
C LYS D 346 0.17 -34.56 33.45
N ALA D 347 1.19 -35.41 33.29
CA ALA D 347 2.01 -35.38 32.09
C ALA D 347 1.19 -35.70 30.84
N LYS D 348 0.12 -36.49 30.98
CA LYS D 348 -0.70 -36.80 29.81
C LYS D 348 -1.44 -35.57 29.29
N GLN D 349 -1.78 -34.63 30.17
CA GLN D 349 -2.38 -33.39 29.72
C GLN D 349 -1.33 -32.45 29.12
N ALA D 350 -0.14 -32.41 29.72
CA ALA D 350 0.90 -31.50 29.24
C ALA D 350 1.38 -31.90 27.85
N LEU D 351 1.60 -33.20 27.61
CA LEU D 351 2.09 -33.64 26.31
C LEU D 351 1.03 -33.47 25.23
N HIS D 352 -0.23 -33.77 25.54
CA HIS D 352 -1.30 -33.54 24.58
C HIS D 352 -1.48 -32.05 24.29
N GLU D 353 -1.22 -31.19 25.27
CA GLU D 353 -1.20 -29.75 25.01
C GLU D 353 -0.05 -29.37 24.10
N ALA D 354 1.05 -30.11 24.15
CA ALA D 354 2.20 -29.83 23.28
C ALA D 354 1.94 -30.29 21.86
N VAL D 355 1.40 -31.51 21.71
CA VAL D 355 1.09 -32.04 20.38
C VAL D 355 0.13 -31.10 19.65
N GLU D 356 -0.82 -30.51 20.38
CA GLU D 356 -1.79 -29.62 19.74
C GLU D 356 -1.12 -28.38 19.18
N MET D 357 -0.16 -27.81 19.91
CA MET D 357 0.55 -26.65 19.38
C MET D 357 1.42 -27.02 18.19
N ASP D 358 1.98 -28.23 18.17
CA ASP D 358 2.73 -28.68 17.01
C ASP D 358 1.83 -28.82 15.80
N ARG D 359 0.62 -29.35 15.99
CA ARG D 359 -0.37 -29.37 14.91
C ARG D 359 -0.63 -27.95 14.41
N ALA D 360 -0.67 -26.98 15.32
CA ALA D 360 -0.88 -25.59 14.92
C ALA D 360 0.31 -25.05 14.14
N ILE D 361 1.53 -25.41 14.56
CA ILE D 361 2.72 -24.97 13.84
C ILE D 361 2.70 -25.48 12.41
N GLY D 362 2.19 -26.70 12.21
CA GLY D 362 2.07 -27.22 10.86
C GLY D 362 1.06 -26.48 10.02
N GLN D 363 -0.07 -26.11 10.61
CA GLN D 363 -1.08 -25.35 9.88
C GLN D 363 -0.58 -23.96 9.51
N ALA D 364 0.12 -23.30 10.45
CA ALA D 364 0.69 -21.99 10.15
C ALA D 364 1.71 -22.08 9.03
N GLY D 365 2.48 -23.17 8.97
CA GLY D 365 3.46 -23.33 7.91
C GLY D 365 2.83 -23.48 6.54
N SER D 366 1.60 -23.98 6.48
CA SER D 366 0.92 -24.16 5.20
C SER D 366 0.28 -22.86 4.72
N LEU D 367 -0.08 -21.96 5.63
CA LEU D 367 -0.77 -20.73 5.28
C LEU D 367 0.18 -19.57 4.99
N THR D 368 1.49 -19.75 5.21
CA THR D 368 2.48 -18.72 4.94
C THR D 368 3.64 -19.35 4.18
N SER D 369 4.69 -18.56 3.93
CA SER D 369 5.82 -18.98 3.12
C SER D 369 7.13 -18.72 3.84
N SER D 370 8.06 -19.69 3.73
CA SER D 370 9.39 -19.48 4.27
C SER D 370 10.10 -18.31 3.59
N GLU D 371 9.69 -17.97 2.37
CA GLU D 371 10.37 -16.92 1.62
C GLU D 371 10.15 -15.54 2.25
N ASP D 372 9.06 -15.36 2.99
CA ASP D 372 8.77 -14.04 3.54
C ASP D 372 8.21 -14.07 4.96
N THR D 373 8.13 -15.24 5.60
CA THR D 373 7.62 -15.34 6.97
C THR D 373 8.66 -15.99 7.86
N LEU D 374 8.94 -15.34 8.99
CA LEU D 374 9.85 -15.88 10.00
C LEU D 374 9.02 -16.42 11.16
N THR D 375 9.23 -17.68 11.51
CA THR D 375 8.50 -18.33 12.59
C THR D 375 9.50 -18.81 13.64
N VAL D 376 9.30 -18.38 14.88
CA VAL D 376 10.13 -18.80 16.01
C VAL D 376 9.26 -19.61 16.96
N VAL D 377 9.75 -20.79 17.32
CA VAL D 377 9.13 -21.63 18.35
C VAL D 377 10.11 -21.76 19.49
N THR D 378 9.67 -21.44 20.71
CA THR D 378 10.51 -21.52 21.88
C THR D 378 9.62 -21.71 23.11
N ALA D 379 10.24 -21.65 24.28
CA ALA D 379 9.52 -21.70 25.55
C ALA D 379 10.08 -20.64 26.47
N ASP D 380 9.30 -20.24 27.48
CA ASP D 380 9.79 -19.27 28.44
C ASP D 380 10.67 -19.92 29.51
N HIS D 381 10.40 -21.18 29.83
CA HIS D 381 11.13 -21.90 30.87
C HIS D 381 10.81 -23.39 30.69
N SER D 382 11.29 -24.20 31.63
CA SER D 382 11.07 -25.64 31.57
C SER D 382 10.32 -26.14 32.78
N HIS D 383 10.37 -27.45 33.02
CA HIS D 383 9.78 -28.06 34.19
C HIS D 383 10.71 -29.17 34.68
N VAL D 384 10.49 -29.60 35.92
CA VAL D 384 11.27 -30.70 36.48
C VAL D 384 10.69 -32.02 36.00
N PHE D 385 10.46 -32.12 34.69
CA PHE D 385 9.83 -33.28 34.07
C PHE D 385 10.90 -34.13 33.40
N THR D 386 10.99 -35.40 33.80
CA THR D 386 11.93 -36.35 33.25
C THR D 386 11.19 -37.56 32.72
N PHE D 387 11.90 -38.38 31.94
CA PHE D 387 11.35 -39.67 31.53
C PHE D 387 12.49 -40.60 31.16
N GLY D 388 12.41 -41.85 31.64
CA GLY D 388 13.37 -42.84 31.21
C GLY D 388 13.84 -43.86 32.23
N GLY D 389 13.42 -45.11 32.07
CA GLY D 389 13.97 -46.20 32.85
C GLY D 389 14.52 -47.30 31.95
N TYR D 390 15.34 -46.91 30.98
CA TYR D 390 15.87 -47.83 29.97
C TYR D 390 14.75 -48.57 29.25
N THR D 391 13.68 -47.84 28.91
CA THR D 391 12.51 -48.46 28.31
C THR D 391 12.84 -48.98 26.91
N PRO D 392 12.19 -50.08 26.49
CA PRO D 392 12.44 -50.59 25.14
C PRO D 392 11.85 -49.66 24.08
N ARG D 393 12.32 -49.85 22.85
CA ARG D 393 11.87 -49.03 21.75
C ARG D 393 10.37 -49.15 21.56
N GLY D 394 9.71 -48.01 21.38
CA GLY D 394 8.28 -47.99 21.18
C GLY D 394 7.45 -48.11 22.43
N ASN D 395 8.08 -48.31 23.59
CA ASN D 395 7.37 -48.34 24.86
C ASN D 395 6.50 -47.10 25.01
N SER D 396 5.23 -47.31 25.38
CA SER D 396 4.32 -46.20 25.59
C SER D 396 4.92 -45.20 26.57
N ILE D 397 4.85 -43.92 26.20
CA ILE D 397 5.45 -42.89 27.04
C ILE D 397 4.75 -42.80 28.39
N PHE D 398 3.50 -43.26 28.47
CA PHE D 398 2.78 -43.34 29.72
C PHE D 398 2.86 -44.73 30.34
N GLY D 399 3.74 -45.60 29.82
CA GLY D 399 3.89 -46.95 30.32
C GLY D 399 4.90 -47.03 31.45
N LEU D 400 5.30 -48.25 31.75
CA LEU D 400 6.18 -48.55 32.87
C LEU D 400 7.60 -48.83 32.40
N ALA D 401 8.51 -48.87 33.37
CA ALA D 401 9.86 -49.33 33.10
C ALA D 401 9.87 -50.85 32.97
N PRO D 402 10.82 -51.41 32.22
CA PRO D 402 10.80 -52.87 31.99
C PRO D 402 11.11 -53.69 33.23
N MET D 403 11.80 -53.14 34.22
CA MET D 403 12.20 -53.89 35.40
C MET D 403 11.72 -53.19 36.67
N LEU D 404 11.40 -54.00 37.67
CA LEU D 404 11.04 -53.46 38.97
C LEU D 404 12.24 -52.77 39.62
N SER D 405 11.95 -51.89 40.58
CA SER D 405 13.01 -51.28 41.36
C SER D 405 13.80 -52.35 42.10
N ASP D 406 15.12 -52.21 42.09
CA ASP D 406 15.97 -53.16 42.81
C ASP D 406 15.99 -52.91 44.31
N THR D 407 15.28 -51.89 44.79
CA THR D 407 15.27 -51.55 46.21
C THR D 407 13.97 -51.94 46.91
N ASP D 408 12.82 -51.73 46.27
CA ASP D 408 11.53 -52.03 46.92
C ASP D 408 10.62 -52.93 46.09
N LYS D 409 11.09 -53.44 44.94
CA LYS D 409 10.42 -54.49 44.18
C LYS D 409 9.04 -54.08 43.65
N LYS D 410 8.77 -52.78 43.56
CA LYS D 410 7.56 -52.30 42.90
C LYS D 410 7.92 -51.63 41.58
N PRO D 411 7.02 -51.64 40.60
CA PRO D 411 7.33 -51.03 39.30
C PRO D 411 7.28 -49.51 39.38
N PHE D 412 7.83 -48.87 38.35
CA PHE D 412 7.78 -47.42 38.23
C PHE D 412 7.56 -47.05 36.77
N THR D 413 6.98 -45.86 36.57
CA THR D 413 6.69 -45.37 35.24
C THR D 413 7.94 -44.75 34.62
N ALA D 414 7.96 -44.74 33.28
CA ALA D 414 9.01 -44.01 32.57
C ALA D 414 8.98 -42.54 32.94
N ILE D 415 7.79 -41.96 33.06
CA ILE D 415 7.65 -40.56 33.43
C ILE D 415 7.74 -40.42 34.94
N LEU D 416 8.60 -39.51 35.40
CA LEU D 416 8.72 -39.18 36.81
C LEU D 416 9.01 -37.68 36.95
N TYR D 417 8.42 -37.06 37.95
CA TYR D 417 8.62 -35.65 38.23
C TYR D 417 9.60 -35.47 39.38
N GLY D 418 10.22 -34.30 39.42
CA GLY D 418 11.17 -33.98 40.48
C GLY D 418 10.47 -33.61 41.77
N ASN D 419 9.40 -32.84 41.67
CA ASN D 419 8.60 -32.46 42.82
C ASN D 419 7.17 -32.25 42.37
N GLY D 420 6.24 -32.28 43.32
CA GLY D 420 4.86 -32.00 43.01
C GLY D 420 3.86 -33.00 43.56
N PRO D 421 2.60 -32.87 43.15
CA PRO D 421 1.52 -33.62 43.78
C PRO D 421 1.47 -35.10 43.38
N GLY D 422 2.50 -35.58 42.68
CA GLY D 422 2.58 -36.99 42.35
C GLY D 422 3.14 -37.87 43.45
N TYR D 423 3.77 -37.26 44.46
CA TYR D 423 4.31 -37.98 45.60
C TYR D 423 3.19 -38.68 46.36
N LYS D 424 3.18 -40.02 46.31
CA LYS D 424 2.17 -40.80 47.01
C LYS D 424 2.85 -41.90 47.81
N VAL D 425 2.48 -42.01 49.09
CA VAL D 425 2.98 -43.06 49.97
C VAL D 425 1.76 -43.61 50.72
N VAL D 426 1.41 -44.86 50.46
CA VAL D 426 0.27 -45.50 51.11
C VAL D 426 0.79 -46.17 52.37
N GLY D 427 0.68 -45.46 53.49
CA GLY D 427 1.28 -45.90 54.75
C GLY D 427 2.69 -45.33 54.91
N GLY D 428 3.70 -46.20 54.73
CA GLY D 428 5.08 -45.78 54.73
C GLY D 428 5.78 -46.22 53.47
N GLU D 429 5.06 -46.94 52.61
CA GLU D 429 5.58 -47.48 51.37
C GLU D 429 5.00 -46.71 50.19
N ARG D 430 5.83 -46.46 49.18
CA ARG D 430 5.34 -45.76 47.99
C ARG D 430 4.46 -46.69 47.16
N GLU D 431 3.57 -46.08 46.39
CA GLU D 431 2.42 -46.79 45.82
C GLU D 431 2.85 -47.75 44.72
N ASN D 432 2.55 -49.04 44.92
CA ASN D 432 2.65 -50.07 43.89
C ASN D 432 1.78 -49.65 42.70
N VAL D 433 2.40 -49.09 41.66
CA VAL D 433 1.63 -48.48 40.57
C VAL D 433 0.93 -49.49 39.67
N SER D 434 1.28 -50.77 39.78
CA SER D 434 0.58 -51.79 38.99
C SER D 434 -0.87 -51.96 39.40
N MET D 435 -1.29 -51.34 40.51
CA MET D 435 -2.69 -51.33 40.87
C MET D 435 -3.47 -50.29 40.06
N VAL D 436 -2.93 -49.08 39.96
CA VAL D 436 -3.67 -47.92 39.48
C VAL D 436 -3.60 -47.80 37.96
N ASP D 437 -4.35 -46.83 37.42
CA ASP D 437 -4.41 -46.57 35.98
C ASP D 437 -3.44 -45.42 35.68
N TYR D 438 -2.16 -45.79 35.49
CA TYR D 438 -1.14 -44.78 35.22
C TYR D 438 -1.27 -44.16 33.83
N ALA D 439 -2.01 -44.79 32.93
CA ALA D 439 -2.24 -44.24 31.59
C ALA D 439 -3.41 -43.26 31.55
N HIS D 440 -3.98 -42.93 32.71
CA HIS D 440 -5.12 -42.01 32.76
C HIS D 440 -4.69 -40.62 32.32
N ASN D 441 -5.68 -39.84 31.86
CA ASN D 441 -5.42 -38.45 31.49
C ASN D 441 -4.90 -37.66 32.69
N ASN D 442 -5.45 -37.93 33.87
CA ASN D 442 -5.14 -37.16 35.07
C ASN D 442 -4.22 -37.87 36.04
N TYR D 443 -3.63 -39.00 35.64
CA TYR D 443 -2.69 -39.68 36.53
C TYR D 443 -1.48 -38.80 36.76
N GLN D 444 -1.04 -38.74 38.01
CA GLN D 444 0.10 -37.91 38.41
C GLN D 444 1.28 -38.83 38.69
N ALA D 445 2.27 -38.80 37.78
CA ALA D 445 3.47 -39.61 37.97
C ALA D 445 4.20 -39.18 39.24
N GLN D 446 4.88 -40.14 39.87
CA GLN D 446 5.44 -39.93 41.19
C GLN D 446 6.54 -38.87 41.16
N SER D 447 6.72 -38.20 42.29
CA SER D 447 7.69 -37.13 42.44
C SER D 447 8.52 -37.36 43.69
N ALA D 448 9.67 -36.67 43.76
CA ALA D 448 10.58 -36.84 44.88
C ALA D 448 10.17 -36.04 46.10
N VAL D 449 9.60 -34.86 45.90
CA VAL D 449 9.16 -34.02 47.01
C VAL D 449 7.68 -33.69 46.82
N PRO D 450 6.84 -33.89 47.82
CA PRO D 450 5.42 -33.54 47.67
C PRO D 450 5.22 -32.03 47.68
N LEU D 451 4.39 -31.57 46.76
CA LEU D 451 4.09 -30.15 46.61
C LEU D 451 2.69 -30.02 46.03
N ARG D 452 1.99 -28.96 46.43
CA ARG D 452 0.67 -28.69 45.85
C ARG D 452 0.77 -28.59 44.33
N HIS D 453 1.84 -27.99 43.83
CA HIS D 453 2.05 -27.83 42.39
C HIS D 453 3.49 -28.15 42.05
N GLU D 454 3.69 -28.84 40.92
CA GLU D 454 5.03 -29.06 40.40
C GLU D 454 5.64 -27.73 39.96
N THR D 455 6.94 -27.57 40.20
CA THR D 455 7.63 -26.31 39.96
C THR D 455 8.29 -26.30 38.59
N HIS D 456 8.78 -25.11 38.22
CA HIS D 456 9.49 -24.94 36.97
C HIS D 456 10.87 -25.59 37.05
N GLY D 457 11.58 -25.56 35.93
CA GLY D 457 12.98 -25.94 35.89
C GLY D 457 13.81 -24.76 35.41
N GLY D 458 15.06 -24.72 35.86
CA GLY D 458 15.99 -23.66 35.49
C GLY D 458 16.87 -23.96 34.29
N GLU D 459 16.66 -25.10 33.63
CA GLU D 459 17.49 -25.49 32.50
C GLU D 459 17.13 -24.69 31.26
N ASP D 460 17.99 -24.77 30.25
CA ASP D 460 17.76 -24.05 29.00
C ASP D 460 16.59 -24.65 28.25
N VAL D 461 16.01 -23.84 27.37
CA VAL D 461 14.95 -24.28 26.47
C VAL D 461 15.43 -24.12 25.04
N ALA D 462 14.89 -24.93 24.14
CA ALA D 462 15.29 -24.89 22.75
C ALA D 462 14.54 -23.77 22.01
N VAL D 463 15.10 -23.38 20.86
CA VAL D 463 14.52 -22.36 20.00
C VAL D 463 14.57 -22.88 18.57
N PHE D 464 13.42 -22.93 17.91
CA PHE D 464 13.31 -23.40 16.53
C PHE D 464 12.93 -22.23 15.63
N SER D 465 13.70 -22.02 14.57
CA SER D 465 13.51 -20.88 13.69
C SER D 465 13.52 -21.33 12.24
N LYS D 466 12.62 -20.73 11.44
CA LYS D 466 12.60 -20.91 10.00
C LYS D 466 12.14 -19.62 9.37
N GLY D 467 12.58 -19.38 8.13
CA GLY D 467 12.23 -18.19 7.41
C GLY D 467 13.38 -17.19 7.33
N PRO D 468 13.06 -15.95 6.95
CA PRO D 468 14.11 -14.94 6.77
C PRO D 468 14.91 -14.70 8.03
N MET D 469 16.24 -14.69 7.88
CA MET D 469 17.18 -14.38 8.93
C MET D 469 17.09 -15.33 10.12
N ALA D 470 16.49 -16.51 9.92
CA ALA D 470 16.35 -17.47 11.01
C ALA D 470 17.70 -18.01 11.48
N HIS D 471 18.73 -17.95 10.64
CA HIS D 471 20.04 -18.44 11.00
C HIS D 471 20.75 -17.54 12.01
N LEU D 472 20.19 -16.39 12.35
CA LEU D 472 20.78 -15.53 13.36
C LEU D 472 20.59 -16.07 14.77
N LEU D 473 19.59 -16.92 14.98
CA LEU D 473 19.42 -17.66 16.22
C LEU D 473 20.17 -18.98 16.06
N HIS D 474 21.40 -19.05 16.56
CA HIS D 474 22.32 -20.08 16.12
C HIS D 474 22.95 -20.89 17.25
N GLY D 475 23.16 -20.29 18.42
CA GLY D 475 23.88 -20.96 19.49
C GLY D 475 23.23 -20.88 20.86
N VAL D 476 24.02 -20.51 21.86
CA VAL D 476 23.53 -20.30 23.22
C VAL D 476 23.37 -18.80 23.44
N HIS D 477 22.18 -18.38 23.85
CA HIS D 477 21.88 -16.96 23.96
C HIS D 477 21.06 -16.68 25.21
N GLU D 478 21.12 -15.43 25.66
CA GLU D 478 20.17 -14.93 26.63
C GLU D 478 18.79 -14.84 25.99
N GLN D 479 17.76 -15.09 26.81
CA GLN D 479 16.39 -15.16 26.29
C GLN D 479 16.00 -13.87 25.58
N ASN D 480 16.43 -12.72 26.11
CA ASN D 480 16.04 -11.43 25.54
C ASN D 480 16.60 -11.20 24.14
N TYR D 481 17.56 -12.01 23.70
CA TYR D 481 18.10 -11.87 22.35
C TYR D 481 17.07 -12.24 21.29
N VAL D 482 16.06 -13.04 21.63
CA VAL D 482 15.16 -13.58 20.62
C VAL D 482 14.40 -12.49 19.87
N PRO D 483 13.72 -11.53 20.52
CA PRO D 483 12.99 -10.51 19.75
C PRO D 483 13.89 -9.58 18.96
N HIS D 484 15.15 -9.40 19.37
CA HIS D 484 16.06 -8.57 18.60
C HIS D 484 16.32 -9.16 17.21
N VAL D 485 16.34 -10.49 17.10
CA VAL D 485 16.48 -11.11 15.79
C VAL D 485 15.22 -10.91 14.96
N MET D 486 14.05 -11.16 15.57
CA MET D 486 12.79 -11.04 14.84
C MET D 486 12.56 -9.61 14.38
N ALA D 487 12.74 -8.64 15.28
CA ALA D 487 12.53 -7.24 14.91
C ALA D 487 13.48 -6.82 13.79
N TYR D 488 14.75 -7.25 13.88
CA TYR D 488 15.72 -6.90 12.85
C TYR D 488 15.31 -7.48 11.49
N ALA D 489 14.90 -8.75 11.47
CA ALA D 489 14.54 -9.40 10.21
C ALA D 489 13.36 -8.71 9.54
N ALA D 490 12.40 -8.21 10.33
CA ALA D 490 11.19 -7.60 9.80
C ALA D 490 11.32 -6.09 9.60
N CYS D 491 12.51 -5.52 9.82
CA CYS D 491 12.75 -4.09 9.65
C CYS D 491 11.79 -3.25 10.50
N ILE D 492 11.66 -3.63 11.77
CA ILE D 492 10.87 -2.92 12.74
C ILE D 492 11.71 -2.70 13.99
N GLY D 493 11.13 -2.02 14.97
CA GLY D 493 11.87 -1.78 16.20
C GLY D 493 12.90 -0.68 16.02
N ALA D 494 14.01 -0.82 16.76
CA ALA D 494 15.03 0.21 16.83
C ALA D 494 16.11 0.10 15.78
N ASN D 495 16.35 -1.10 15.24
CA ASN D 495 17.44 -1.34 14.30
C ASN D 495 16.82 -1.69 12.93
N LEU D 496 16.77 -0.70 12.05
CA LEU D 496 16.24 -0.89 10.70
C LEU D 496 17.34 -1.17 9.69
N GLY D 497 18.48 -1.71 10.12
CA GLY D 497 19.61 -1.92 9.24
C GLY D 497 19.39 -2.96 8.16
N HIS D 498 18.38 -3.82 8.33
CA HIS D 498 18.15 -4.86 7.33
C HIS D 498 17.60 -4.27 6.03
N CYS D 499 16.91 -3.14 6.10
CA CYS D 499 16.32 -2.49 4.92
C CYS D 499 17.14 -1.30 4.44
N ALA D 500 18.36 -1.13 4.95
CA ALA D 500 19.26 -0.09 4.50
C ALA D 500 19.78 -0.43 3.10
N PRO D 501 20.53 0.48 2.46
CA PRO D 501 21.12 0.15 1.16
C PRO D 501 22.48 -0.52 1.22
N ALA D 502 23.16 -0.53 2.37
CA ALA D 502 24.54 -1.01 2.44
C ALA D 502 24.60 -2.50 2.13
N ALA D 503 25.40 -2.86 1.12
CA ALA D 503 25.60 -4.25 0.70
C ALA D 503 24.28 -4.95 0.40
N LEU E 20 13.89 14.26 -43.77
CA LEU E 20 15.34 14.14 -43.90
C LEU E 20 15.87 13.13 -42.88
N VAL E 21 15.59 13.40 -41.60
CA VAL E 21 15.82 12.49 -40.48
C VAL E 21 17.29 12.08 -40.38
N PRO E 22 18.10 12.77 -39.58
CA PRO E 22 19.46 12.29 -39.32
C PRO E 22 19.43 10.90 -38.71
N GLU E 23 20.39 10.07 -39.16
CA GLU E 23 20.31 8.63 -38.89
C GLU E 23 20.35 8.32 -37.40
N LYS E 24 21.31 8.90 -36.67
CA LYS E 24 21.45 8.58 -35.26
C LYS E 24 20.21 8.92 -34.44
N GLU E 25 19.35 9.79 -34.97
CA GLU E 25 18.11 10.16 -34.27
C GLU E 25 16.98 9.18 -34.50
N LYS E 26 17.20 8.11 -35.28
CA LYS E 26 16.19 7.08 -35.46
C LYS E 26 16.15 6.09 -34.30
N ASP E 27 17.18 6.07 -33.46
CA ASP E 27 17.34 5.16 -32.32
C ASP E 27 16.76 5.80 -31.07
N PRO E 28 15.84 5.12 -30.37
CA PRO E 28 15.37 5.68 -29.08
C PRO E 28 16.48 5.87 -28.07
N LYS E 29 17.57 5.11 -28.16
CA LYS E 29 18.67 5.25 -27.21
C LYS E 29 19.32 6.62 -27.32
N TYR E 30 19.38 7.20 -28.53
CA TYR E 30 19.97 8.51 -28.70
C TYR E 30 19.24 9.57 -27.89
N TRP E 31 17.93 9.68 -28.10
CA TRP E 31 17.14 10.68 -27.39
C TRP E 31 17.03 10.38 -25.91
N ARG E 32 17.03 9.11 -25.53
CA ARG E 32 16.99 8.76 -24.11
C ARG E 32 18.32 9.04 -23.43
N ASP E 33 19.44 8.79 -24.12
CA ASP E 33 20.74 9.15 -23.59
C ASP E 33 20.88 10.67 -23.46
N GLN E 34 20.33 11.41 -24.43
CA GLN E 34 20.43 12.86 -24.42
C GLN E 34 19.68 13.45 -23.22
N ALA E 35 18.45 13.00 -22.99
CA ALA E 35 17.63 13.57 -21.93
C ALA E 35 18.20 13.26 -20.55
N GLN E 36 18.82 12.09 -20.37
CA GLN E 36 19.38 11.76 -19.07
C GLN E 36 20.62 12.58 -18.76
N GLU E 37 21.36 12.99 -19.79
CA GLU E 37 22.46 13.94 -19.59
C GLU E 37 21.91 15.29 -19.12
N THR E 38 20.81 15.74 -19.72
CA THR E 38 20.18 16.97 -19.26
C THR E 38 19.63 16.82 -17.86
N LEU E 39 19.03 15.67 -17.54
CA LEU E 39 18.56 15.43 -16.19
C LEU E 39 19.72 15.39 -15.21
N LYS E 40 20.81 14.70 -15.57
CA LYS E 40 22.00 14.69 -14.73
C LYS E 40 22.46 16.10 -14.43
N TYR E 41 22.45 16.98 -15.44
CA TYR E 41 22.91 18.35 -15.25
C TYR E 41 21.93 19.17 -14.43
N ALA E 42 20.64 18.90 -14.56
CA ALA E 42 19.65 19.65 -13.78
C ALA E 42 19.79 19.36 -12.29
N LEU E 43 20.11 18.11 -11.95
CA LEU E 43 20.33 17.77 -10.54
C LEU E 43 21.59 18.43 -10.00
N GLU E 44 22.54 18.77 -10.88
CA GLU E 44 23.76 19.44 -10.44
C GLU E 44 23.53 20.91 -10.16
N LEU E 45 22.60 21.55 -10.87
CA LEU E 45 22.27 22.94 -10.60
C LEU E 45 21.47 23.12 -9.32
N GLN E 46 21.09 22.02 -8.66
CA GLN E 46 20.46 22.14 -7.35
C GLN E 46 21.40 22.75 -6.33
N LYS E 47 22.71 22.53 -6.49
CA LYS E 47 23.72 23.22 -5.71
C LYS E 47 23.85 24.63 -6.28
N LEU E 48 23.09 25.56 -5.70
CA LEU E 48 22.91 26.87 -6.29
C LEU E 48 24.16 27.74 -6.15
N ASN E 49 24.32 28.66 -7.10
CA ASN E 49 25.41 29.64 -7.08
C ASN E 49 24.90 30.88 -6.36
N THR E 50 25.28 31.05 -5.10
CA THR E 50 24.83 32.16 -4.28
C THR E 50 25.96 33.13 -3.95
N ASN E 51 26.97 33.21 -4.82
CA ASN E 51 28.05 34.16 -4.64
C ASN E 51 27.53 35.58 -4.87
N VAL E 52 28.42 36.55 -4.69
CA VAL E 52 28.13 37.94 -5.02
C VAL E 52 28.47 38.16 -6.48
N ALA E 53 27.58 38.86 -7.19
CA ALA E 53 27.86 39.27 -8.56
C ALA E 53 28.92 40.36 -8.52
N LYS E 54 30.18 39.97 -8.70
CA LYS E 54 31.24 40.97 -8.81
C LYS E 54 31.08 41.81 -10.07
N ASN E 55 30.68 41.18 -11.16
CA ASN E 55 30.35 41.88 -12.39
C ASN E 55 28.94 41.49 -12.82
N VAL E 56 28.28 42.40 -13.53
CA VAL E 56 26.96 42.16 -14.10
C VAL E 56 26.98 42.63 -15.55
N ILE E 57 26.67 41.72 -16.48
CA ILE E 57 26.58 42.04 -17.89
C ILE E 57 25.15 41.76 -18.34
N MET E 58 24.54 42.75 -18.99
CA MET E 58 23.18 42.61 -19.52
C MET E 58 23.24 42.73 -21.03
N PHE E 59 22.75 41.70 -21.72
CA PHE E 59 22.59 41.72 -23.17
C PHE E 59 21.13 42.00 -23.48
N LEU E 60 20.88 43.07 -24.23
CA LEU E 60 19.53 43.49 -24.58
C LEU E 60 19.35 43.35 -26.08
N GLY E 61 18.56 42.37 -26.50
CA GLY E 61 18.26 42.18 -27.90
C GLY E 61 16.99 42.88 -28.32
N ASP E 62 17.13 44.07 -28.92
CA ASP E 62 16.01 44.87 -29.35
C ASP E 62 15.08 44.10 -30.28
N GLY E 63 13.87 43.82 -29.83
CA GLY E 63 12.91 43.09 -30.63
C GLY E 63 13.14 41.61 -30.73
N MET E 64 13.99 41.04 -29.89
CA MET E 64 14.34 39.62 -29.95
C MET E 64 13.31 38.81 -29.17
N GLY E 65 12.14 38.64 -29.79
CA GLY E 65 11.10 37.81 -29.22
C GLY E 65 11.47 36.34 -29.27
N VAL E 66 10.56 35.52 -28.72
CA VAL E 66 10.79 34.08 -28.69
C VAL E 66 10.89 33.51 -30.09
N SER E 67 10.01 33.96 -30.99
CA SER E 67 10.05 33.48 -32.37
C SER E 67 11.33 33.90 -33.08
N THR E 68 11.85 35.09 -32.76
CA THR E 68 13.13 35.51 -33.33
C THR E 68 14.28 34.64 -32.81
N VAL E 69 14.18 34.17 -31.57
CA VAL E 69 15.27 33.39 -30.97
C VAL E 69 15.41 32.05 -31.67
N THR E 70 14.29 31.35 -31.88
CA THR E 70 14.33 30.04 -32.53
C THR E 70 14.86 30.16 -33.96
N ALA E 71 14.35 31.15 -34.71
CA ALA E 71 14.78 31.33 -36.09
C ALA E 71 16.28 31.59 -36.18
N ALA E 72 16.81 32.36 -35.23
CA ALA E 72 18.25 32.63 -35.22
C ALA E 72 19.05 31.40 -34.81
N ARG E 73 18.49 30.57 -33.93
CA ARG E 73 19.12 29.30 -33.58
C ARG E 73 19.24 28.41 -34.81
N ILE E 74 18.18 28.32 -35.60
CA ILE E 74 18.21 27.55 -36.84
C ILE E 74 19.23 28.13 -37.81
N LEU E 75 19.24 29.46 -37.95
CA LEU E 75 20.15 30.10 -38.90
C LEU E 75 21.61 29.83 -38.55
N LYS E 76 21.96 29.89 -37.27
CA LYS E 76 23.34 29.69 -36.86
C LYS E 76 23.85 28.30 -37.26
N GLY E 77 23.02 27.28 -37.10
CA GLY E 77 23.43 25.95 -37.50
C GLY E 77 23.52 25.77 -39.01
N GLN E 78 22.60 26.39 -39.74
CA GLN E 78 22.62 26.30 -41.20
C GLN E 78 23.80 27.05 -41.80
N LEU E 79 24.37 28.02 -41.07
CA LEU E 79 25.60 28.65 -41.52
C LEU E 79 26.79 27.70 -41.44
N HIS E 80 26.72 26.68 -40.58
CA HIS E 80 27.69 25.62 -40.53
C HIS E 80 27.23 24.39 -41.31
N HIS E 81 26.18 24.53 -42.12
CA HIS E 81 25.66 23.49 -43.00
C HIS E 81 25.06 22.32 -42.24
N ASN E 82 24.49 22.59 -41.07
CA ASN E 82 23.70 21.64 -40.31
C ASN E 82 22.22 21.89 -40.56
N PRO E 83 21.35 20.93 -40.19
CA PRO E 83 19.91 21.20 -40.28
C PRO E 83 19.49 22.49 -39.59
N GLY E 84 19.93 22.70 -38.34
CA GLY E 84 19.70 23.97 -37.68
C GLY E 84 18.90 23.88 -36.39
N GLU E 85 17.88 23.02 -36.38
CA GLU E 85 17.01 22.95 -35.21
C GLU E 85 17.75 22.47 -33.97
N GLU E 86 18.70 21.54 -34.15
CA GLU E 86 19.43 20.96 -33.03
C GLU E 86 20.58 21.83 -32.53
N THR E 87 20.80 22.99 -33.14
CA THR E 87 21.84 23.89 -32.68
C THR E 87 21.52 24.44 -31.29
N ARG E 88 22.55 24.73 -30.52
CA ARG E 88 22.42 25.39 -29.22
C ARG E 88 23.10 26.75 -29.32
N LEU E 89 22.32 27.81 -29.21
CA LEU E 89 22.88 29.15 -29.11
C LEU E 89 23.68 29.28 -27.81
N GLU E 90 24.49 30.33 -27.74
CA GLU E 90 25.18 30.63 -26.49
C GLU E 90 24.19 30.98 -25.39
N MET E 91 23.20 31.83 -25.71
CA MET E 91 22.15 32.14 -24.76
C MET E 91 21.32 30.91 -24.43
N ASP E 92 21.25 29.94 -25.34
CA ASP E 92 20.58 28.67 -25.05
C ASP E 92 21.25 27.95 -23.89
N LYS E 93 22.55 28.17 -23.69
CA LYS E 93 23.32 27.47 -22.67
C LYS E 93 23.15 28.06 -21.28
N PHE E 94 22.52 29.22 -21.15
CA PHE E 94 22.28 29.80 -19.83
C PHE E 94 21.31 28.91 -19.08
N PRO E 95 21.59 28.57 -17.82
CA PRO E 95 20.79 27.53 -17.14
C PRO E 95 19.38 27.95 -16.78
N PHE E 96 19.09 29.23 -16.59
CA PHE E 96 17.84 29.67 -15.98
C PHE E 96 17.08 30.60 -16.92
N VAL E 97 15.94 30.11 -17.41
CA VAL E 97 15.07 30.83 -18.33
C VAL E 97 13.87 31.36 -17.57
N ALA E 98 13.40 32.55 -17.94
CA ALA E 98 12.17 33.11 -17.42
C ALA E 98 11.46 33.86 -18.54
N LEU E 99 10.27 34.38 -18.24
CA LEU E 99 9.51 35.17 -19.19
C LEU E 99 9.23 36.55 -18.61
N SER E 100 9.16 37.55 -19.48
CA SER E 100 9.04 38.95 -19.08
C SER E 100 7.80 39.57 -19.72
N LYS E 101 6.96 40.18 -18.88
CA LYS E 101 5.75 40.86 -19.34
C LYS E 101 6.12 42.30 -19.70
N THR E 102 6.08 42.62 -21.00
CA THR E 102 6.72 43.80 -21.53
C THR E 102 5.84 45.04 -21.55
N TYR E 103 4.56 44.93 -21.20
CA TYR E 103 3.63 46.05 -21.38
C TYR E 103 4.10 47.28 -20.61
N ASN E 104 3.93 48.45 -21.23
CA ASN E 104 4.16 49.72 -20.55
C ASN E 104 2.94 50.07 -19.68
N THR E 105 3.13 51.03 -18.78
CA THR E 105 1.98 51.60 -18.09
C THR E 105 0.99 52.19 -19.08
N ASN E 106 1.51 52.68 -20.21
CA ASN E 106 0.79 53.51 -21.17
C ASN E 106 0.27 52.73 -22.36
N ALA E 107 0.91 51.62 -22.73
CA ALA E 107 0.61 50.93 -23.97
C ALA E 107 0.56 49.43 -23.73
N GLN E 108 -0.34 48.75 -24.46
CA GLN E 108 -0.42 47.29 -24.41
C GLN E 108 0.70 46.66 -25.23
N VAL E 109 0.95 47.19 -26.42
CA VAL E 109 2.15 46.85 -27.19
C VAL E 109 3.14 48.00 -26.99
N PRO E 110 4.29 47.76 -26.35
CA PRO E 110 5.12 48.86 -25.87
C PRO E 110 6.17 49.32 -26.86
N ASP E 111 6.89 50.38 -26.51
CA ASP E 111 7.93 50.97 -27.35
C ASP E 111 9.31 50.61 -26.81
N SER E 112 10.35 51.12 -27.49
CA SER E 112 11.72 50.79 -27.14
C SER E 112 12.22 51.52 -25.91
N ALA E 113 11.60 52.65 -25.54
CA ALA E 113 12.10 53.50 -24.47
C ALA E 113 11.42 53.25 -23.13
N GLY E 114 10.08 53.18 -23.12
CA GLY E 114 9.37 52.95 -21.87
C GLY E 114 9.72 51.61 -21.23
N THR E 115 9.97 50.59 -22.05
CA THR E 115 10.44 49.32 -21.51
C THR E 115 11.88 49.42 -21.02
N ALA E 116 12.69 50.28 -21.64
CA ALA E 116 14.07 50.44 -21.21
C ALA E 116 14.16 50.96 -19.78
N THR E 117 13.23 51.83 -19.40
CA THR E 117 13.14 52.25 -18.00
C THR E 117 12.82 51.07 -17.10
N ALA E 118 12.06 50.10 -17.61
CA ALA E 118 11.66 48.96 -16.79
C ALA E 118 12.85 48.07 -16.43
N TYR E 119 13.54 47.55 -17.45
CA TYR E 119 14.61 46.59 -17.17
C TYR E 119 15.93 47.25 -16.78
N LEU E 120 16.04 48.57 -16.85
CA LEU E 120 17.24 49.27 -16.41
C LEU E 120 17.05 50.06 -15.13
N CYS E 121 15.90 50.69 -14.93
CA CYS E 121 15.65 51.49 -13.75
C CYS E 121 14.74 50.81 -12.72
N GLY E 122 14.10 49.69 -13.08
CA GLY E 122 13.28 48.96 -12.13
C GLY E 122 11.88 49.49 -11.94
N VAL E 123 11.39 50.34 -12.84
CA VAL E 123 10.09 50.97 -12.71
C VAL E 123 9.47 51.08 -14.10
N LYS E 124 8.20 50.71 -14.22
CA LYS E 124 7.51 50.80 -15.49
C LYS E 124 7.06 52.22 -15.76
N ALA E 125 7.03 52.60 -17.04
CA ALA E 125 6.84 53.98 -17.42
C ALA E 125 6.01 54.07 -18.70
N ASN E 126 5.83 55.28 -19.18
CA ASN E 126 5.03 55.55 -20.38
C ASN E 126 5.90 55.42 -21.62
N GLU E 127 5.25 55.11 -22.75
CA GLU E 127 5.97 54.96 -24.00
C GLU E 127 6.56 56.29 -24.45
N GLY E 128 7.75 56.22 -25.05
CA GLY E 128 8.41 57.42 -25.52
C GLY E 128 9.16 58.20 -24.48
N THR E 129 9.35 57.66 -23.29
CA THR E 129 10.09 58.32 -22.23
C THR E 129 11.22 57.43 -21.75
N VAL E 130 12.24 58.05 -21.17
CA VAL E 130 13.37 57.34 -20.58
C VAL E 130 13.68 57.94 -19.21
N GLY E 131 14.07 57.09 -18.27
CA GLY E 131 14.54 57.53 -16.98
C GLY E 131 13.53 58.25 -16.11
N VAL E 132 12.24 58.20 -16.43
CA VAL E 132 11.21 58.87 -15.65
C VAL E 132 10.05 57.90 -15.41
N SER E 133 9.30 58.16 -14.35
CA SER E 133 8.18 57.32 -13.97
C SER E 133 6.94 57.68 -14.78
N ALA E 134 5.83 56.99 -14.49
CA ALA E 134 4.58 57.25 -15.18
C ALA E 134 3.97 58.60 -14.83
N ALA E 135 4.48 59.29 -13.81
CA ALA E 135 4.02 60.63 -13.50
C ALA E 135 4.39 61.63 -14.58
N THR E 136 5.34 61.28 -15.46
CA THR E 136 5.74 62.15 -16.55
C THR E 136 4.82 61.92 -17.76
N GLU E 137 4.46 63.01 -18.43
CA GLU E 137 3.75 62.94 -19.69
C GLU E 137 4.74 63.17 -20.84
N ARG E 138 4.48 62.52 -21.97
CA ARG E 138 5.40 62.59 -23.09
C ARG E 138 5.45 63.99 -23.67
N SER E 139 6.67 64.43 -24.02
CA SER E 139 6.90 65.71 -24.69
C SER E 139 6.45 66.91 -23.85
N ARG E 140 6.45 66.74 -22.52
CA ARG E 140 6.08 67.80 -21.58
C ARG E 140 7.21 67.96 -20.58
N CYS E 141 8.02 69.02 -20.74
CA CYS E 141 9.22 69.14 -19.93
C CYS E 141 8.91 69.39 -18.46
N ASN E 142 7.86 70.15 -18.15
CA ASN E 142 7.63 70.48 -16.75
C ASN E 142 7.05 69.32 -15.94
N THR E 143 6.82 68.17 -16.56
CA THR E 143 6.47 66.95 -15.83
C THR E 143 7.68 66.07 -15.55
N THR E 144 8.90 66.63 -15.59
CA THR E 144 10.12 65.86 -15.43
C THR E 144 10.72 65.98 -14.03
N GLN E 145 10.85 67.19 -13.51
CA GLN E 145 11.47 67.37 -12.20
C GLN E 145 10.64 66.70 -11.11
N GLY E 146 11.29 65.85 -10.32
CA GLY E 146 10.64 65.11 -9.26
C GLY E 146 10.27 63.69 -9.62
N ASN E 147 10.33 63.31 -10.90
CA ASN E 147 9.91 61.99 -11.34
C ASN E 147 11.05 61.20 -11.99
N GLU E 148 12.30 61.63 -11.78
CA GLU E 148 13.43 60.91 -12.34
C GLU E 148 13.70 59.64 -11.54
N VAL E 149 13.96 58.55 -12.25
CA VAL E 149 14.34 57.28 -11.64
C VAL E 149 15.69 56.86 -12.21
N THR E 150 16.62 56.52 -11.32
CA THR E 150 17.98 56.24 -11.72
C THR E 150 18.14 54.79 -12.17
N SER E 151 19.12 54.55 -13.02
CA SER E 151 19.33 53.26 -13.65
C SER E 151 20.27 52.38 -12.82
N ILE E 152 20.35 51.11 -13.20
CA ILE E 152 21.27 50.19 -12.54
C ILE E 152 22.71 50.56 -12.87
N LEU E 153 22.95 51.18 -14.02
CA LEU E 153 24.27 51.71 -14.32
C LEU E 153 24.68 52.76 -13.29
N ARG E 154 23.75 53.66 -12.95
CA ARG E 154 24.05 54.68 -11.95
C ARG E 154 24.31 54.04 -10.58
N TRP E 155 23.57 52.99 -10.23
CA TRP E 155 23.82 52.31 -8.97
C TRP E 155 25.18 51.64 -8.95
N ALA E 156 25.67 51.19 -10.10
CA ALA E 156 26.97 50.53 -10.17
C ALA E 156 28.12 51.52 -10.05
N LYS E 157 27.98 52.70 -10.67
CA LYS E 157 29.00 53.74 -10.52
C LYS E 157 29.08 54.22 -9.08
N ASP E 158 27.92 54.46 -8.46
CA ASP E 158 27.91 54.88 -7.06
C ASP E 158 28.55 53.85 -6.14
N ALA E 159 28.46 52.58 -6.51
CA ALA E 159 29.09 51.51 -5.74
C ALA E 159 30.57 51.36 -6.02
N GLY E 160 31.12 52.13 -6.95
CA GLY E 160 32.52 52.07 -7.30
C GLY E 160 32.84 51.31 -8.57
N LYS E 161 31.95 50.40 -8.98
CA LYS E 161 32.22 49.56 -10.14
C LYS E 161 32.33 50.40 -11.41
N SER E 162 33.04 49.85 -12.40
CA SER E 162 33.08 50.46 -13.72
C SER E 162 31.75 50.24 -14.43
N VAL E 163 31.44 51.13 -15.36
CA VAL E 163 30.21 51.04 -16.15
C VAL E 163 30.57 51.15 -17.62
N GLY E 164 29.75 50.54 -18.46
CA GLY E 164 30.02 50.51 -19.88
C GLY E 164 28.73 50.37 -20.66
N ILE E 165 28.68 51.06 -21.81
CA ILE E 165 27.55 50.99 -22.73
C ILE E 165 28.11 50.69 -24.12
N VAL E 166 27.72 49.54 -24.68
CA VAL E 166 28.13 49.12 -26.02
C VAL E 166 26.87 48.81 -26.81
N THR E 167 26.69 49.50 -27.94
CA THR E 167 25.51 49.31 -28.77
C THR E 167 25.90 49.48 -30.23
N THR E 168 25.04 48.98 -31.12
CA THR E 168 25.20 49.18 -32.55
C THR E 168 24.29 50.27 -33.09
N THR E 169 23.44 50.85 -32.26
CA THR E 169 22.58 51.94 -32.66
C THR E 169 23.25 53.26 -32.31
N ARG E 170 22.51 54.36 -32.44
CA ARG E 170 22.90 55.61 -31.81
C ARG E 170 23.07 55.38 -30.31
N VAL E 171 24.06 56.04 -29.72
CA VAL E 171 24.22 55.93 -28.27
C VAL E 171 23.15 56.73 -27.53
N ASN E 172 22.49 57.66 -28.21
CA ASN E 172 21.33 58.35 -27.66
C ASN E 172 20.01 57.72 -28.13
N HIS E 173 20.06 56.49 -28.63
CA HIS E 173 18.84 55.76 -28.95
C HIS E 173 18.06 55.48 -27.66
N ALA E 174 16.82 55.02 -27.84
CA ALA E 174 15.93 54.79 -26.70
C ALA E 174 16.54 53.80 -25.71
N THR E 175 17.00 52.65 -26.21
CA THR E 175 17.46 51.58 -25.31
C THR E 175 18.67 51.99 -24.47
N PRO E 176 19.77 52.51 -25.04
CA PRO E 176 20.91 52.85 -24.18
C PRO E 176 20.71 54.12 -23.37
N SER E 177 19.85 55.03 -23.84
CA SER E 177 19.66 56.30 -23.13
C SER E 177 19.03 56.12 -21.76
N ALA E 178 18.35 55.00 -21.52
CA ALA E 178 17.70 54.79 -20.22
C ALA E 178 18.71 54.56 -19.11
N ALA E 179 19.97 54.28 -19.44
CA ALA E 179 20.98 54.03 -18.42
C ALA E 179 21.61 55.31 -17.87
N TYR E 180 21.32 56.48 -18.45
CA TYR E 180 21.96 57.70 -18.00
C TYR E 180 21.03 58.91 -18.08
N ALA E 181 20.04 58.85 -18.96
CA ALA E 181 19.20 60.02 -19.24
C ALA E 181 17.88 59.96 -18.49
N HIS E 182 17.22 61.11 -18.42
CA HIS E 182 15.86 61.25 -17.90
C HIS E 182 15.17 62.28 -18.79
N SER E 183 14.32 61.82 -19.69
CA SER E 183 13.75 62.70 -20.71
C SER E 183 12.26 62.42 -20.89
N ALA E 184 11.53 63.46 -21.27
CA ALA E 184 10.10 63.38 -21.53
C ALA E 184 9.78 62.99 -22.97
N ASP E 185 10.79 62.74 -23.80
CA ASP E 185 10.56 62.31 -25.16
C ASP E 185 11.80 61.59 -25.66
N ARG E 186 11.61 60.34 -26.11
CA ARG E 186 12.69 59.58 -26.74
C ARG E 186 13.28 60.30 -27.95
N ASP E 187 12.52 61.19 -28.57
CA ASP E 187 12.89 61.79 -29.85
C ASP E 187 13.94 62.88 -29.72
N TRP E 188 14.25 63.34 -28.51
CA TRP E 188 15.12 64.49 -28.34
C TRP E 188 16.58 64.04 -28.34
N TYR E 189 17.01 63.61 -29.54
CA TYR E 189 18.39 63.15 -29.73
C TYR E 189 19.38 64.27 -29.46
N SER E 190 19.19 65.43 -30.07
CA SER E 190 20.00 66.62 -29.86
C SER E 190 19.07 67.81 -29.70
N ASP E 191 19.65 69.00 -29.51
CA ASP E 191 18.82 70.19 -29.37
C ASP E 191 18.16 70.59 -30.68
N ASN E 192 18.66 70.06 -31.81
CA ASN E 192 18.01 70.30 -33.09
C ASN E 192 16.62 69.69 -33.16
N GLU E 193 16.35 68.66 -32.35
CA GLU E 193 15.08 67.94 -32.38
C GLU E 193 14.23 68.23 -31.15
N MET E 194 14.38 69.41 -30.56
CA MET E 194 13.65 69.77 -29.36
C MET E 194 12.79 70.99 -29.61
N PRO E 195 11.49 70.93 -29.33
CA PRO E 195 10.60 72.07 -29.60
C PRO E 195 11.00 73.27 -28.76
N PRO E 196 10.65 74.49 -29.21
CA PRO E 196 11.04 75.69 -28.44
C PRO E 196 10.58 75.67 -26.99
N GLU E 197 9.34 75.27 -26.73
CA GLU E 197 8.86 75.19 -25.35
C GLU E 197 9.71 74.22 -24.52
N ALA E 198 10.22 73.16 -25.14
CA ALA E 198 11.04 72.20 -24.40
C ALA E 198 12.36 72.81 -23.97
N LEU E 199 13.07 73.46 -24.91
CA LEU E 199 14.31 74.15 -24.54
C LEU E 199 14.03 75.29 -23.58
N SER E 200 12.98 76.07 -23.84
CA SER E 200 12.65 77.21 -22.99
C SER E 200 12.46 76.78 -21.54
N GLN E 201 11.82 75.63 -21.32
CA GLN E 201 11.57 75.16 -19.96
C GLN E 201 12.82 74.62 -19.28
N GLY E 202 13.89 74.35 -20.03
CA GLY E 202 15.21 74.16 -19.45
C GLY E 202 15.72 72.75 -19.32
N CYS E 203 15.09 71.77 -19.96
CA CYS E 203 15.64 70.42 -19.95
C CYS E 203 16.50 70.21 -21.19
N LYS E 204 17.42 69.25 -21.10
CA LYS E 204 18.46 69.06 -22.10
C LYS E 204 18.20 67.82 -22.93
N ASP E 205 18.85 67.79 -24.10
CA ASP E 205 18.71 66.67 -25.02
C ASP E 205 19.48 65.46 -24.50
N ILE E 206 19.20 64.30 -25.13
CA ILE E 206 19.78 63.05 -24.66
C ILE E 206 21.28 63.02 -24.90
N ALA E 207 21.73 63.58 -26.03
CA ALA E 207 23.17 63.64 -26.31
C ALA E 207 23.89 64.41 -25.22
N TYR E 208 23.33 65.54 -24.79
CA TYR E 208 23.93 66.33 -23.72
C TYR E 208 24.05 65.50 -22.44
N GLN E 209 22.97 64.81 -22.06
CA GLN E 209 22.96 64.08 -20.80
C GLN E 209 23.96 62.93 -20.81
N LEU E 210 24.26 62.37 -21.99
CA LEU E 210 25.26 61.31 -22.07
C LEU E 210 26.62 61.79 -21.60
N MET E 211 26.88 63.10 -21.71
CA MET E 211 28.16 63.67 -21.32
C MET E 211 28.13 64.35 -19.95
N HIS E 212 26.95 64.57 -19.37
CA HIS E 212 26.85 65.43 -18.20
C HIS E 212 26.20 64.78 -16.98
N ASN E 213 25.23 63.90 -17.17
CA ASN E 213 24.56 63.29 -16.02
C ASN E 213 25.54 62.45 -15.21
N ILE E 214 26.19 61.49 -15.86
CA ILE E 214 27.21 60.64 -15.24
C ILE E 214 28.49 60.88 -16.03
N ARG E 215 29.35 61.75 -15.54
CA ARG E 215 30.48 62.27 -16.29
C ARG E 215 31.72 61.39 -16.22
N ASP E 216 31.62 60.18 -15.68
CA ASP E 216 32.75 59.26 -15.65
C ASP E 216 32.33 57.86 -16.08
N ILE E 217 31.47 57.78 -17.09
CA ILE E 217 31.15 56.49 -17.69
C ILE E 217 32.40 55.97 -18.39
N ASP E 218 32.85 54.78 -17.99
CA ASP E 218 34.18 54.32 -18.39
C ASP E 218 34.25 54.00 -19.88
N VAL E 219 33.23 53.32 -20.42
CA VAL E 219 33.22 52.91 -21.82
C VAL E 219 31.90 53.31 -22.45
N ILE E 220 31.97 54.03 -23.56
CA ILE E 220 30.82 54.34 -24.40
C ILE E 220 31.21 53.98 -25.84
N MET E 221 30.42 53.13 -26.47
CA MET E 221 30.75 52.68 -27.82
C MET E 221 29.48 52.46 -28.62
N GLY E 222 29.50 52.92 -29.86
CA GLY E 222 28.38 52.77 -30.77
C GLY E 222 28.39 53.88 -31.81
N GLY E 223 27.22 54.11 -32.39
CA GLY E 223 27.03 55.18 -33.35
C GLY E 223 26.43 56.42 -32.71
N GLY E 224 26.23 57.43 -33.55
CA GLY E 224 25.66 58.69 -33.09
C GLY E 224 26.68 59.81 -33.00
N ARG E 225 27.61 59.83 -33.97
CA ARG E 225 28.69 60.80 -33.95
C ARG E 225 28.25 62.20 -34.35
N LYS E 226 27.30 62.31 -35.29
CA LYS E 226 26.83 63.60 -35.75
C LYS E 226 26.10 64.38 -34.66
N TYR E 227 25.61 63.70 -33.61
CA TYR E 227 24.92 64.37 -32.53
C TYR E 227 25.86 65.04 -31.53
N MET E 228 27.16 64.84 -31.67
CA MET E 228 28.13 65.34 -30.70
C MET E 228 28.85 66.61 -31.15
N TYR E 229 28.70 67.01 -32.40
CA TYR E 229 29.43 68.14 -32.94
C TYR E 229 28.45 69.22 -33.43
N PRO E 230 28.86 70.49 -33.40
CA PRO E 230 27.93 71.57 -33.72
C PRO E 230 27.53 71.55 -35.19
N LYS E 231 26.50 72.35 -35.49
CA LYS E 231 25.91 72.35 -36.83
C LYS E 231 26.94 72.78 -37.88
N ASN E 232 26.92 72.10 -39.02
CA ASN E 232 27.90 72.25 -40.10
C ASN E 232 29.32 72.08 -39.57
N LYS E 233 29.62 70.84 -39.20
CA LYS E 233 30.97 70.36 -38.96
C LYS E 233 31.10 69.04 -39.71
N THR E 234 32.03 68.99 -40.66
CA THR E 234 32.14 67.83 -41.53
C THR E 234 32.57 66.59 -40.74
N ASP E 235 31.83 65.51 -40.92
CA ASP E 235 32.17 64.25 -40.28
C ASP E 235 33.58 63.81 -40.66
N VAL E 236 34.25 63.15 -39.72
CA VAL E 236 35.62 62.71 -39.98
C VAL E 236 35.65 61.60 -41.02
N GLU E 237 34.58 60.82 -41.13
CA GLU E 237 34.50 59.69 -42.05
C GLU E 237 33.83 60.03 -43.37
N TYR E 238 32.80 60.87 -43.34
CA TYR E 238 32.02 61.22 -44.52
C TYR E 238 32.02 62.75 -44.66
N GLU E 239 33.18 63.29 -45.06
CA GLU E 239 33.34 64.73 -45.21
C GLU E 239 32.37 65.30 -46.24
N SER E 240 31.99 64.51 -47.23
CA SER E 240 31.13 64.99 -48.30
C SER E 240 29.65 64.72 -48.07
N ASP E 241 29.30 63.71 -47.27
CA ASP E 241 27.91 63.45 -46.95
C ASP E 241 27.36 64.61 -46.13
N GLU E 242 26.23 65.16 -46.57
CA GLU E 242 25.61 66.29 -45.87
C GLU E 242 24.70 65.84 -44.75
N LYS E 243 24.12 64.64 -44.84
CA LYS E 243 23.33 64.08 -43.75
C LYS E 243 24.19 63.57 -42.60
N ALA E 244 25.50 63.81 -42.65
CA ALA E 244 26.43 63.34 -41.64
C ALA E 244 27.12 64.47 -40.88
N ARG E 245 26.85 65.74 -41.23
CA ARG E 245 27.46 66.84 -40.50
C ARG E 245 26.82 66.98 -39.12
N GLY E 246 27.44 67.83 -38.30
CA GLY E 246 26.93 68.05 -36.96
C GLY E 246 25.56 68.68 -36.95
N THR E 247 24.87 68.54 -35.81
CA THR E 247 23.51 68.99 -35.67
C THR E 247 23.29 69.99 -34.54
N ARG E 248 24.28 70.23 -33.70
CA ARG E 248 24.06 70.97 -32.47
C ARG E 248 24.03 72.48 -32.70
N LEU E 249 22.95 73.12 -32.26
CA LEU E 249 22.92 74.56 -32.11
C LEU E 249 23.62 75.00 -30.82
N ASP E 250 24.18 74.04 -30.08
CA ASP E 250 24.93 74.35 -28.86
C ASP E 250 26.13 75.23 -29.17
N GLY E 251 26.84 74.93 -30.27
CA GLY E 251 28.22 75.29 -30.39
C GLY E 251 29.15 74.36 -29.64
N LEU E 252 28.61 73.52 -28.75
CA LEU E 252 29.41 72.59 -27.98
C LEU E 252 29.98 71.49 -28.86
N ASP E 253 31.11 70.94 -28.43
CA ASP E 253 31.72 69.76 -29.01
C ASP E 253 31.74 68.74 -27.88
N LEU E 254 30.69 67.91 -27.81
CA LEU E 254 30.51 66.99 -26.69
C LEU E 254 31.61 65.93 -26.61
N VAL E 255 32.42 65.77 -27.65
CA VAL E 255 33.59 64.90 -27.52
C VAL E 255 34.71 65.62 -26.78
N ASP E 256 34.85 66.93 -27.02
CA ASP E 256 35.79 67.71 -26.23
C ASP E 256 35.30 67.89 -24.80
N THR E 257 33.98 68.06 -24.63
CA THR E 257 33.40 68.09 -23.29
C THR E 257 33.64 66.76 -22.58
N TRP E 258 33.47 65.66 -23.29
CA TRP E 258 33.76 64.34 -22.73
C TRP E 258 35.19 64.26 -22.22
N LYS E 259 36.14 64.75 -23.02
CA LYS E 259 37.55 64.69 -22.61
C LYS E 259 37.82 65.59 -21.41
N SER E 260 37.19 66.76 -21.35
CA SER E 260 37.51 67.74 -20.33
C SER E 260 37.08 67.32 -18.94
N PHE E 261 36.09 66.44 -18.81
CA PHE E 261 35.60 66.06 -17.49
C PHE E 261 36.42 64.95 -16.84
N LYS E 262 37.20 64.21 -17.60
CA LYS E 262 37.84 63.03 -17.06
C LYS E 262 39.08 63.42 -16.25
N PRO E 263 39.40 62.65 -15.21
CA PRO E 263 40.46 63.05 -14.27
C PRO E 263 41.80 63.29 -14.96
N ARG E 264 42.62 64.11 -14.29
CA ARG E 264 43.80 64.70 -14.95
C ARG E 264 44.84 63.66 -15.31
N TYR E 265 45.05 62.65 -14.44
CA TYR E 265 46.13 61.69 -14.61
C TYR E 265 45.64 60.35 -15.14
N LYS E 266 44.52 60.34 -15.87
CA LYS E 266 43.97 59.12 -16.45
C LYS E 266 43.94 59.25 -17.97
N HIS E 267 43.98 58.11 -18.65
CA HIS E 267 44.13 58.06 -20.10
C HIS E 267 42.75 58.00 -20.75
N SER E 268 42.37 59.09 -21.41
CA SER E 268 41.11 59.18 -22.13
C SER E 268 41.37 59.05 -23.63
N HIS E 269 40.64 58.14 -24.27
CA HIS E 269 40.84 57.83 -25.69
C HIS E 269 39.53 58.00 -26.44
N PHE E 270 39.58 58.72 -27.56
CA PHE E 270 38.47 58.81 -28.49
C PHE E 270 38.87 58.14 -29.79
N ILE E 271 38.10 57.15 -30.22
CA ILE E 271 38.37 56.40 -31.43
C ILE E 271 37.14 56.45 -32.33
N TRP E 272 37.35 56.18 -33.62
CA TRP E 272 36.24 56.18 -34.57
C TRP E 272 36.34 55.11 -35.65
N ASN E 273 37.44 54.39 -35.79
CA ASN E 273 37.50 53.30 -36.76
C ASN E 273 37.97 52.01 -36.07
N ARG E 274 37.77 50.89 -36.77
CA ARG E 274 37.98 49.57 -36.18
C ARG E 274 39.45 49.31 -35.87
N THR E 275 40.37 49.82 -36.71
CA THR E 275 41.78 49.59 -36.48
C THR E 275 42.24 50.22 -35.18
N GLU E 276 41.72 51.40 -34.84
CA GLU E 276 42.04 52.02 -33.56
C GLU E 276 41.59 51.14 -32.40
N LEU E 277 40.40 50.55 -32.50
CA LEU E 277 39.87 49.73 -31.41
C LEU E 277 40.81 48.56 -31.10
N LEU E 278 41.35 47.91 -32.13
CA LEU E 278 42.21 46.75 -31.92
C LEU E 278 43.66 47.14 -31.63
N THR E 279 44.08 48.34 -32.02
CA THR E 279 45.44 48.79 -31.70
C THR E 279 45.55 49.27 -30.26
N LEU E 280 44.43 49.58 -29.62
CA LEU E 280 44.43 49.95 -28.21
C LEU E 280 45.08 48.87 -27.35
N ASP E 281 45.82 49.29 -26.33
CA ASP E 281 46.24 48.38 -25.27
C ASP E 281 45.23 48.51 -24.14
N PRO E 282 44.41 47.49 -23.88
CA PRO E 282 43.33 47.67 -22.90
C PRO E 282 43.83 47.97 -21.49
N HIS E 283 44.96 47.39 -21.08
CA HIS E 283 45.52 47.59 -19.75
C HIS E 283 46.11 48.99 -19.56
N ASN E 284 45.88 49.90 -20.50
CA ASN E 284 46.53 51.20 -20.51
C ASN E 284 45.57 52.36 -20.73
N VAL E 285 44.28 52.09 -20.95
CA VAL E 285 43.29 53.14 -21.14
C VAL E 285 42.25 53.04 -20.04
N ASP E 286 41.75 54.20 -19.59
CA ASP E 286 40.76 54.28 -18.52
C ASP E 286 39.39 54.70 -19.00
N TYR E 287 39.31 55.59 -20.00
CA TYR E 287 38.05 56.08 -20.52
C TYR E 287 38.08 56.00 -22.03
N LEU E 288 37.16 55.22 -22.60
CA LEU E 288 37.09 55.01 -24.05
C LEU E 288 35.78 55.55 -24.57
N LEU E 289 35.85 56.33 -25.65
CA LEU E 289 34.67 56.86 -26.33
C LEU E 289 34.80 56.47 -27.81
N GLY E 290 34.11 55.40 -28.20
CA GLY E 290 34.15 54.94 -29.57
C GLY E 290 32.89 55.24 -30.35
N LEU E 291 32.96 56.25 -31.22
CA LEU E 291 31.83 56.64 -32.06
C LEU E 291 32.19 56.29 -33.50
N PHE E 292 31.46 55.34 -34.08
CA PHE E 292 31.86 54.71 -35.33
C PHE E 292 31.02 55.11 -36.53
N GLU E 293 29.93 55.84 -36.34
CA GLU E 293 29.05 56.21 -37.44
C GLU E 293 28.35 57.52 -37.12
N PRO E 294 27.96 58.30 -38.13
CA PRO E 294 27.15 59.49 -37.85
C PRO E 294 25.80 59.14 -37.22
N GLY E 295 25.03 58.27 -37.85
CA GLY E 295 23.77 57.81 -37.29
C GLY E 295 23.91 56.44 -36.66
N ASP E 296 23.00 55.53 -36.97
CA ASP E 296 23.15 54.15 -36.54
C ASP E 296 24.28 53.48 -37.31
N MET E 297 24.86 52.45 -36.69
CA MET E 297 25.89 51.68 -37.36
C MET E 297 25.26 50.74 -38.39
N GLN E 298 25.97 50.55 -39.50
CA GLN E 298 25.45 49.72 -40.58
C GLN E 298 25.21 48.30 -40.09
N TYR E 299 24.25 47.63 -40.73
CA TYR E 299 23.94 46.24 -40.45
C TYR E 299 25.20 45.37 -40.50
N GLU E 300 25.19 44.22 -39.82
CA GLU E 300 26.35 43.35 -39.86
C GLU E 300 26.66 42.88 -41.28
N LEU E 301 25.62 42.69 -42.10
CA LEU E 301 25.86 42.26 -43.48
C LEU E 301 26.43 43.37 -44.34
N ASN E 302 26.07 44.62 -44.06
CA ASN E 302 26.64 45.76 -44.77
C ASN E 302 27.83 46.38 -44.04
N ARG E 303 28.41 45.68 -43.07
CA ARG E 303 29.47 46.27 -42.27
C ARG E 303 30.77 46.34 -43.07
N ASN E 304 31.42 47.51 -43.03
CA ASN E 304 32.74 47.67 -43.62
C ASN E 304 33.75 46.86 -42.81
N ASN E 305 34.25 45.77 -43.42
CA ASN E 305 35.19 44.88 -42.73
C ASN E 305 36.37 45.64 -42.14
N VAL E 306 36.82 46.70 -42.79
CA VAL E 306 38.09 47.35 -42.47
C VAL E 306 37.90 48.53 -41.52
N THR E 307 36.85 49.34 -41.73
CA THR E 307 36.72 50.60 -41.02
C THR E 307 35.83 50.52 -39.79
N ASP E 308 34.93 49.54 -39.71
CA ASP E 308 33.97 49.50 -38.61
C ASP E 308 34.03 48.16 -37.88
N PRO E 309 33.95 48.17 -36.56
CA PRO E 309 34.03 46.92 -35.81
C PRO E 309 32.67 46.24 -35.70
N SER E 310 32.72 44.93 -35.49
CA SER E 310 31.52 44.17 -35.19
C SER E 310 31.18 44.29 -33.71
N LEU E 311 29.99 43.83 -33.35
CA LEU E 311 29.56 43.91 -31.96
C LEU E 311 30.48 43.10 -31.05
N SER E 312 30.83 41.88 -31.46
CA SER E 312 31.67 41.02 -30.64
C SER E 312 33.06 41.62 -30.43
N GLU E 313 33.58 42.33 -31.44
CA GLU E 313 34.88 42.98 -31.26
C GLU E 313 34.77 44.19 -30.35
N MET E 314 33.65 44.91 -30.41
CA MET E 314 33.40 45.98 -29.45
C MET E 314 33.18 45.41 -28.05
N VAL E 315 32.47 44.29 -27.96
CA VAL E 315 32.19 43.68 -26.65
C VAL E 315 33.48 43.22 -26.00
N VAL E 316 34.42 42.67 -26.78
CA VAL E 316 35.66 42.13 -26.23
C VAL E 316 36.50 43.24 -25.61
N VAL E 317 36.74 44.32 -26.38
CA VAL E 317 37.60 45.39 -25.88
C VAL E 317 36.96 46.07 -24.67
N ALA E 318 35.64 46.25 -24.70
CA ALA E 318 34.95 46.89 -23.57
C ALA E 318 35.15 46.08 -22.29
N ILE E 319 34.98 44.76 -22.37
CA ILE E 319 35.19 43.92 -21.20
C ILE E 319 36.63 44.02 -20.73
N GLN E 320 37.58 44.10 -21.66
CA GLN E 320 38.99 44.15 -21.31
C GLN E 320 39.36 45.42 -20.56
N ILE E 321 38.61 46.50 -20.74
CA ILE E 321 38.90 47.75 -20.03
C ILE E 321 38.20 47.80 -18.67
N LEU E 322 37.10 47.10 -18.49
CA LEU E 322 36.29 47.21 -17.29
C LEU E 322 36.67 46.20 -16.20
N ARG E 323 37.50 45.20 -16.52
CA ARG E 323 37.87 44.21 -15.51
C ARG E 323 39.07 44.62 -14.67
N LYS E 324 39.76 45.71 -15.03
CA LYS E 324 40.84 46.20 -14.18
C LYS E 324 40.30 46.62 -12.82
N ASN E 325 39.14 47.27 -12.80
CA ASN E 325 38.48 47.72 -11.57
C ASN E 325 38.28 46.54 -10.63
N PRO E 326 38.98 46.51 -9.49
CA PRO E 326 38.84 45.38 -8.57
C PRO E 326 37.48 45.31 -7.89
N LYS E 327 36.65 46.34 -8.00
CA LYS E 327 35.31 46.34 -7.46
C LYS E 327 34.28 45.75 -8.43
N GLY E 328 34.69 45.41 -9.64
CA GLY E 328 33.80 44.86 -10.65
C GLY E 328 33.34 45.91 -11.64
N PHE E 329 32.47 45.48 -12.55
CA PHE E 329 31.95 46.37 -13.57
C PHE E 329 30.52 45.99 -13.90
N PHE E 330 29.81 46.95 -14.52
CA PHE E 330 28.51 46.71 -15.13
C PHE E 330 28.61 47.08 -16.60
N LEU E 331 28.08 46.23 -17.48
CA LEU E 331 28.13 46.45 -18.91
C LEU E 331 26.75 46.21 -19.51
N LEU E 332 26.27 47.17 -20.28
CA LEU E 332 25.04 47.02 -21.05
C LEU E 332 25.40 46.88 -22.52
N VAL E 333 25.01 45.75 -23.11
CA VAL E 333 25.24 45.47 -24.52
C VAL E 333 23.89 45.38 -25.21
N GLU E 334 23.74 46.08 -26.32
CA GLU E 334 22.51 46.06 -27.10
C GLU E 334 22.80 45.50 -28.48
N GLY E 335 22.17 44.36 -28.80
CA GLY E 335 22.18 43.91 -30.18
C GLY E 335 21.65 44.97 -31.13
N GLY E 336 20.65 45.72 -30.70
CA GLY E 336 20.30 46.98 -31.31
C GLY E 336 19.48 46.92 -32.58
N ARG E 337 20.10 46.47 -33.66
CA ARG E 337 19.49 46.55 -34.98
C ARG E 337 18.65 45.33 -35.34
N ILE E 338 18.48 44.37 -34.41
CA ILE E 338 17.45 43.35 -34.60
C ILE E 338 16.09 44.01 -34.74
N ASP E 339 15.82 45.02 -33.89
CA ASP E 339 14.56 45.75 -33.95
C ASP E 339 14.40 46.45 -35.30
N HIS E 340 15.43 47.19 -35.72
CA HIS E 340 15.36 47.90 -36.99
C HIS E 340 15.25 46.91 -38.16
N GLY E 341 15.79 45.71 -38.00
CA GLY E 341 15.66 44.70 -39.05
C GLY E 341 14.22 44.26 -39.23
N HIS E 342 13.53 43.99 -38.11
CA HIS E 342 12.12 43.61 -38.20
C HIS E 342 11.26 44.76 -38.67
N HIS E 343 11.58 45.99 -38.25
CA HIS E 343 10.80 47.15 -38.66
C HIS E 343 10.84 47.35 -40.16
N GLU E 344 11.92 46.95 -40.81
CA GLU E 344 12.01 47.01 -42.26
C GLU E 344 11.39 45.79 -42.94
N GLY E 345 10.99 44.77 -42.18
CA GLY E 345 10.52 43.54 -42.77
C GLY E 345 11.61 42.69 -43.38
N LYS E 346 12.88 43.08 -43.22
CA LYS E 346 14.02 42.32 -43.75
C LYS E 346 14.45 41.32 -42.69
N ALA E 347 13.75 40.18 -42.66
CA ALA E 347 14.01 39.17 -41.64
C ALA E 347 15.43 38.61 -41.74
N LYS E 348 16.00 38.58 -42.95
CA LYS E 348 17.38 38.12 -43.10
C LYS E 348 18.35 39.07 -42.43
N GLN E 349 18.05 40.38 -42.45
CA GLN E 349 18.88 41.33 -41.72
C GLN E 349 18.69 41.16 -40.21
N ALA E 350 17.44 41.09 -39.76
CA ALA E 350 17.18 40.98 -38.32
C ALA E 350 17.75 39.71 -37.74
N LEU E 351 17.58 38.58 -38.43
CA LEU E 351 18.09 37.32 -37.91
C LEU E 351 19.60 37.32 -37.78
N HIS E 352 20.30 38.04 -38.68
CA HIS E 352 21.76 38.06 -38.61
C HIS E 352 22.28 38.96 -37.51
N GLU E 353 21.53 40.00 -37.15
CA GLU E 353 21.88 40.79 -35.97
C GLU E 353 21.81 39.92 -34.71
N ALA E 354 20.86 39.00 -34.66
CA ALA E 354 20.68 38.15 -33.48
C ALA E 354 21.82 37.15 -33.34
N VAL E 355 22.22 36.50 -34.43
CA VAL E 355 23.32 35.54 -34.37
C VAL E 355 24.60 36.24 -33.94
N GLU E 356 24.81 37.47 -34.42
CA GLU E 356 26.03 38.20 -34.06
C GLU E 356 26.04 38.54 -32.57
N MET E 357 24.89 38.95 -32.03
CA MET E 357 24.80 39.18 -30.59
C MET E 357 25.10 37.91 -29.81
N ASP E 358 24.71 36.74 -30.36
CA ASP E 358 25.07 35.47 -29.73
C ASP E 358 26.58 35.26 -29.76
N ARG E 359 27.24 35.63 -30.86
CA ARG E 359 28.69 35.55 -30.91
C ARG E 359 29.32 36.47 -29.88
N ALA E 360 28.76 37.66 -29.71
CA ALA E 360 29.25 38.57 -28.68
C ALA E 360 29.03 38.00 -27.29
N ILE E 361 27.92 37.27 -27.09
CA ILE E 361 27.67 36.61 -25.81
C ILE E 361 28.75 35.57 -25.55
N GLY E 362 29.05 34.74 -26.56
CA GLY E 362 30.06 33.71 -26.39
C GLY E 362 31.43 34.29 -26.05
N GLN E 363 31.76 35.46 -26.61
CA GLN E 363 33.01 36.12 -26.27
C GLN E 363 33.03 36.53 -24.80
N ALA E 364 31.92 37.13 -24.33
CA ALA E 364 31.82 37.51 -22.93
C ALA E 364 31.94 36.31 -22.01
N GLY E 365 31.40 35.16 -22.43
CA GLY E 365 31.49 33.97 -21.60
C GLY E 365 32.89 33.43 -21.46
N SER E 366 33.75 33.67 -22.45
CA SER E 366 35.14 33.21 -22.40
C SER E 366 36.07 34.20 -21.71
N LEU E 367 35.61 35.43 -21.48
CA LEU E 367 36.41 36.44 -20.80
C LEU E 367 36.08 36.58 -19.31
N THR E 368 34.97 36.01 -18.87
CA THR E 368 34.51 36.16 -17.49
C THR E 368 34.19 34.79 -16.91
N SER E 369 33.88 34.79 -15.61
CA SER E 369 33.59 33.58 -14.88
C SER E 369 32.17 33.64 -14.32
N SER E 370 31.42 32.54 -14.47
CA SER E 370 30.15 32.42 -13.79
C SER E 370 30.30 32.41 -12.27
N GLU E 371 31.53 32.24 -11.77
CA GLU E 371 31.77 32.29 -10.34
C GLU E 371 31.49 33.67 -9.78
N ASP E 372 31.81 34.72 -10.53
CA ASP E 372 31.66 36.08 -10.02
C ASP E 372 31.04 37.05 -11.03
N THR E 373 30.43 36.56 -12.12
CA THR E 373 29.77 37.42 -13.08
C THR E 373 28.37 36.90 -13.35
N LEU E 374 27.37 37.78 -13.22
CA LEU E 374 25.98 37.44 -13.52
C LEU E 374 25.63 38.06 -14.87
N THR E 375 25.43 37.22 -15.87
CA THR E 375 25.04 37.65 -17.21
C THR E 375 23.56 37.39 -17.41
N VAL E 376 22.87 38.34 -18.04
CA VAL E 376 21.44 38.24 -18.28
C VAL E 376 21.17 38.67 -19.72
N VAL E 377 20.51 37.79 -20.49
CA VAL E 377 20.12 38.07 -21.86
C VAL E 377 18.60 38.13 -21.91
N THR E 378 18.07 39.19 -22.50
CA THR E 378 16.62 39.36 -22.59
C THR E 378 16.31 40.35 -23.70
N ALA E 379 15.02 40.60 -23.91
CA ALA E 379 14.54 41.56 -24.89
C ALA E 379 13.61 42.54 -24.20
N ASP E 380 13.43 43.70 -24.83
CA ASP E 380 12.48 44.69 -24.32
C ASP E 380 11.05 44.43 -24.79
N HIS E 381 10.89 43.75 -25.93
CA HIS E 381 9.60 43.48 -26.54
C HIS E 381 9.86 42.60 -27.76
N SER E 382 8.80 42.04 -28.31
CA SER E 382 8.89 41.17 -29.47
C SER E 382 8.42 41.91 -30.72
N HIS E 383 8.27 41.17 -31.81
CA HIS E 383 7.73 41.68 -33.06
C HIS E 383 6.62 40.75 -33.52
N VAL E 384 5.91 41.15 -34.58
CA VAL E 384 4.85 40.32 -35.14
C VAL E 384 5.46 39.38 -36.17
N PHE E 385 6.62 38.82 -35.84
CA PHE E 385 7.38 37.97 -36.73
C PHE E 385 7.07 36.50 -36.46
N THR E 386 6.73 35.76 -37.52
CA THR E 386 6.44 34.34 -37.41
C THR E 386 7.25 33.57 -38.45
N PHE E 387 7.33 32.26 -38.24
CA PHE E 387 7.82 31.34 -39.26
C PHE E 387 7.19 29.97 -39.01
N GLY E 388 6.71 29.35 -40.07
CA GLY E 388 6.09 28.06 -39.94
C GLY E 388 5.11 27.66 -41.03
N GLY E 389 5.60 26.94 -42.04
CA GLY E 389 4.73 26.42 -43.08
C GLY E 389 4.81 24.91 -43.19
N TYR E 390 4.85 24.23 -42.04
CA TYR E 390 5.05 22.78 -41.99
C TYR E 390 6.32 22.38 -42.74
N THR E 391 7.34 23.24 -42.68
CA THR E 391 8.56 23.01 -43.43
C THR E 391 9.31 21.81 -42.88
N PRO E 392 9.96 21.04 -43.74
CA PRO E 392 10.63 19.81 -43.30
C PRO E 392 11.94 20.11 -42.59
N ARG E 393 12.48 19.07 -41.97
CA ARG E 393 13.67 19.21 -41.13
C ARG E 393 14.86 19.70 -41.95
N GLY E 394 15.44 20.82 -41.54
CA GLY E 394 16.60 21.38 -42.19
C GLY E 394 16.31 22.34 -43.32
N ASN E 395 15.03 22.66 -43.56
CA ASN E 395 14.69 23.62 -44.60
C ASN E 395 15.36 24.97 -44.32
N SER E 396 15.80 25.64 -45.39
CA SER E 396 16.36 26.97 -45.23
C SER E 396 15.33 27.88 -44.59
N ILE E 397 15.75 28.63 -43.56
CA ILE E 397 14.80 29.44 -42.80
C ILE E 397 14.25 30.56 -43.68
N PHE E 398 15.02 31.05 -44.64
CA PHE E 398 14.54 31.97 -45.64
C PHE E 398 13.96 31.24 -46.85
N GLY E 399 13.90 29.91 -46.80
CA GLY E 399 13.40 29.12 -47.91
C GLY E 399 11.88 29.11 -47.98
N LEU E 400 11.38 28.29 -48.89
CA LEU E 400 9.96 28.23 -49.20
C LEU E 400 9.26 27.16 -48.38
N ALA E 401 7.94 27.33 -48.25
CA ALA E 401 7.11 26.28 -47.70
C ALA E 401 7.00 25.12 -48.69
N PRO E 402 6.83 23.89 -48.21
CA PRO E 402 6.91 22.73 -49.11
C PRO E 402 5.69 22.54 -50.01
N MET E 403 4.58 23.23 -49.75
CA MET E 403 3.39 23.09 -50.56
C MET E 403 2.88 24.46 -50.98
N LEU E 404 2.15 24.49 -52.10
CA LEU E 404 1.49 25.70 -52.52
C LEU E 404 0.24 25.94 -51.70
N SER E 405 -0.22 27.19 -51.70
CA SER E 405 -1.46 27.52 -51.01
C SER E 405 -2.63 26.79 -51.67
N ASP E 406 -3.51 26.24 -50.83
CA ASP E 406 -4.73 25.63 -51.35
C ASP E 406 -5.62 26.62 -52.06
N THR E 407 -5.47 27.93 -51.75
CA THR E 407 -6.48 28.93 -52.06
C THR E 407 -6.11 29.82 -53.25
N ASP E 408 -4.83 30.02 -53.54
CA ASP E 408 -4.46 30.70 -54.79
C ASP E 408 -3.31 30.01 -55.52
N LYS E 409 -2.84 28.86 -55.05
CA LYS E 409 -1.91 28.00 -55.78
C LYS E 409 -0.60 28.73 -56.11
N LYS E 410 -0.20 29.67 -55.24
CA LYS E 410 1.08 30.33 -55.28
C LYS E 410 1.85 30.03 -53.99
N PRO E 411 3.15 29.78 -54.06
CA PRO E 411 3.90 29.39 -52.86
C PRO E 411 4.07 30.57 -51.91
N PHE E 412 4.61 30.27 -50.73
CA PHE E 412 4.85 31.29 -49.73
C PHE E 412 6.11 30.94 -48.95
N THR E 413 6.76 31.98 -48.44
CA THR E 413 7.96 31.79 -47.62
C THR E 413 7.57 31.29 -46.23
N ALA E 414 8.51 30.57 -45.60
CA ALA E 414 8.27 30.12 -44.24
C ALA E 414 8.14 31.31 -43.29
N ILE E 415 8.90 32.37 -43.53
CA ILE E 415 8.83 33.57 -42.70
C ILE E 415 7.65 34.43 -43.17
N LEU E 416 6.84 34.87 -42.21
CA LEU E 416 5.68 35.69 -42.52
C LEU E 416 5.43 36.66 -41.38
N TYR E 417 5.00 37.88 -41.72
CA TYR E 417 4.78 38.95 -40.76
C TYR E 417 3.28 39.23 -40.61
N GLY E 418 2.93 39.83 -39.48
CA GLY E 418 1.56 40.28 -39.27
C GLY E 418 1.26 41.60 -39.94
N ASN E 419 2.26 42.49 -40.03
CA ASN E 419 2.11 43.77 -40.70
C ASN E 419 3.49 44.23 -41.15
N GLY E 420 3.51 45.28 -41.96
CA GLY E 420 4.76 45.85 -42.39
C GLY E 420 4.91 45.93 -43.90
N PRO E 421 6.06 46.45 -44.35
CA PRO E 421 6.23 46.73 -45.79
C PRO E 421 6.33 45.50 -46.67
N GLY E 422 6.28 44.29 -46.11
CA GLY E 422 6.35 43.09 -46.93
C GLY E 422 5.09 42.81 -47.74
N TYR E 423 4.02 43.54 -47.47
CA TYR E 423 2.78 43.39 -48.24
C TYR E 423 3.02 43.76 -49.69
N LYS E 424 2.52 42.93 -50.61
CA LYS E 424 2.73 43.17 -52.03
C LYS E 424 1.57 42.56 -52.81
N VAL E 425 0.75 43.41 -53.43
CA VAL E 425 -0.28 42.99 -54.37
C VAL E 425 0.09 43.53 -55.74
N VAL E 426 0.14 42.65 -56.74
CA VAL E 426 0.58 43.02 -58.07
C VAL E 426 -0.61 43.02 -59.02
N GLY E 427 -1.68 43.71 -58.62
CA GLY E 427 -2.88 43.79 -59.42
C GLY E 427 -4.07 43.12 -58.75
N GLY E 428 -4.04 43.08 -57.41
CA GLY E 428 -5.04 42.37 -56.65
C GLY E 428 -4.69 40.93 -56.34
N GLU E 429 -3.68 40.38 -57.00
CA GLU E 429 -3.14 39.07 -56.67
C GLU E 429 -1.83 39.26 -55.90
N ARG E 430 -1.61 38.43 -54.89
CA ARG E 430 -0.41 38.55 -54.09
C ARG E 430 0.77 37.90 -54.82
N GLU E 431 1.96 38.48 -54.59
CA GLU E 431 3.11 38.22 -55.44
C GLU E 431 3.48 36.74 -55.49
N ASN E 432 3.76 36.25 -56.71
CA ASN E 432 4.33 34.93 -56.93
C ASN E 432 5.79 34.95 -56.47
N VAL E 433 6.02 34.58 -55.21
CA VAL E 433 7.34 34.71 -54.61
C VAL E 433 8.38 33.82 -55.28
N SER E 434 7.96 32.87 -56.11
CA SER E 434 8.90 32.09 -56.90
C SER E 434 9.59 32.94 -57.96
N MET E 435 9.16 34.18 -58.16
CA MET E 435 9.69 35.06 -59.20
C MET E 435 10.71 36.05 -58.67
N VAL E 436 11.11 35.94 -57.40
CA VAL E 436 11.99 36.90 -56.76
C VAL E 436 13.04 36.16 -55.94
N ASP E 437 14.06 36.91 -55.54
CA ASP E 437 15.09 36.40 -54.63
C ASP E 437 14.56 36.55 -53.20
N TYR E 438 13.80 35.54 -52.74
CA TYR E 438 13.27 35.60 -51.39
C TYR E 438 14.31 35.29 -50.33
N ALA E 439 15.39 34.61 -50.69
CA ALA E 439 16.52 34.39 -49.80
C ALA E 439 17.52 35.55 -49.83
N HIS E 440 17.17 36.65 -50.49
CA HIS E 440 18.03 37.82 -50.53
C HIS E 440 18.13 38.46 -49.15
N ASN E 441 19.17 39.29 -48.98
CA ASN E 441 19.38 39.94 -47.70
C ASN E 441 18.23 40.89 -47.36
N ASN E 442 17.90 41.80 -48.28
CA ASN E 442 16.90 42.82 -48.04
C ASN E 442 15.51 42.42 -48.53
N TYR E 443 15.24 41.13 -48.68
CA TYR E 443 13.90 40.70 -49.06
C TYR E 443 12.94 40.91 -47.89
N GLN E 444 11.72 41.32 -48.21
CA GLN E 444 10.70 41.63 -47.21
C GLN E 444 9.58 40.60 -47.33
N ALA E 445 9.57 39.64 -46.40
CA ALA E 445 8.55 38.60 -46.40
C ALA E 445 7.16 39.21 -46.34
N GLN E 446 6.20 38.51 -46.95
CA GLN E 446 4.85 39.04 -47.10
C GLN E 446 4.21 39.29 -45.74
N SER E 447 3.30 40.27 -45.69
CA SER E 447 2.62 40.67 -44.47
C SER E 447 1.11 40.68 -44.71
N ALA E 448 0.36 40.85 -43.62
CA ALA E 448 -1.09 40.84 -43.67
C ALA E 448 -1.68 42.22 -43.82
N VAL E 449 -1.07 43.23 -43.21
CA VAL E 449 -1.51 44.61 -43.33
C VAL E 449 -0.32 45.46 -43.79
N PRO E 450 -0.45 46.24 -44.86
CA PRO E 450 0.69 47.03 -45.34
C PRO E 450 0.96 48.23 -44.46
N LEU E 451 2.20 48.38 -44.03
CA LEU E 451 2.65 49.56 -43.29
C LEU E 451 4.06 49.92 -43.72
N ARG E 452 4.44 51.17 -43.46
CA ARG E 452 5.82 51.57 -43.73
C ARG E 452 6.79 50.85 -42.82
N HIS E 453 6.38 50.54 -41.60
CA HIS E 453 7.24 49.85 -40.64
C HIS E 453 6.45 48.79 -39.89
N GLU E 454 6.98 47.56 -39.91
CA GLU E 454 6.40 46.49 -39.11
C GLU E 454 6.45 46.86 -37.62
N THR E 455 5.43 46.46 -36.88
CA THR E 455 5.26 46.91 -35.51
C THR E 455 5.70 45.84 -34.51
N HIS E 456 5.83 46.28 -33.25
CA HIS E 456 6.22 45.39 -32.17
C HIS E 456 5.12 44.38 -31.87
N GLY E 457 5.50 43.34 -31.13
CA GLY E 457 4.56 42.35 -30.63
C GLY E 457 4.36 42.55 -29.13
N GLY E 458 3.15 42.27 -28.67
CA GLY E 458 2.83 42.44 -27.26
C GLY E 458 3.07 41.23 -26.39
N GLU E 459 3.50 40.11 -26.98
CA GLU E 459 3.70 38.90 -26.21
C GLU E 459 4.98 38.97 -25.37
N ASP E 460 5.14 38.00 -24.49
CA ASP E 460 6.26 37.99 -23.57
C ASP E 460 7.56 37.62 -24.29
N VAL E 461 8.67 38.07 -23.70
CA VAL E 461 9.99 37.75 -24.19
C VAL E 461 10.67 36.82 -23.19
N ALA E 462 11.81 36.26 -23.59
CA ALA E 462 12.54 35.34 -22.74
C ALA E 462 13.59 36.09 -21.91
N VAL E 463 14.02 35.46 -20.83
CA VAL E 463 15.10 35.95 -19.99
C VAL E 463 16.04 34.79 -19.73
N PHE E 464 17.29 34.92 -20.17
CA PHE E 464 18.32 33.93 -19.95
C PHE E 464 19.31 34.46 -18.92
N SER E 465 19.64 33.65 -17.93
CA SER E 465 20.50 34.09 -16.84
C SER E 465 21.54 33.02 -16.51
N LYS E 466 22.77 33.45 -16.29
CA LYS E 466 23.82 32.61 -15.74
C LYS E 466 24.70 33.45 -14.84
N GLY E 467 25.23 32.83 -13.79
CA GLY E 467 26.03 33.51 -12.80
C GLY E 467 25.42 33.44 -11.42
N PRO E 468 25.93 34.24 -10.50
CA PRO E 468 25.44 34.20 -9.12
C PRO E 468 24.01 34.71 -9.02
N MET E 469 23.19 33.98 -8.25
CA MET E 469 21.79 34.31 -7.99
C MET E 469 20.93 34.33 -9.25
N ALA E 470 21.44 33.77 -10.35
CA ALA E 470 20.67 33.78 -11.61
C ALA E 470 19.35 33.03 -11.47
N HIS E 471 19.24 32.13 -10.50
CA HIS E 471 18.02 31.37 -10.29
C HIS E 471 16.86 32.22 -9.77
N LEU E 472 17.12 33.48 -9.38
CA LEU E 472 16.04 34.33 -8.91
C LEU E 472 15.11 34.78 -10.03
N LEU E 473 15.57 34.71 -11.28
CA LEU E 473 14.72 34.92 -12.45
C LEU E 473 14.23 33.55 -12.88
N HIS E 474 13.02 33.18 -12.46
CA HIS E 474 12.60 31.78 -12.48
C HIS E 474 11.27 31.54 -13.20
N GLY E 475 10.28 32.42 -13.03
CA GLY E 475 8.97 32.15 -13.58
C GLY E 475 8.47 33.19 -14.58
N VAL E 476 7.26 33.69 -14.37
CA VAL E 476 6.67 34.75 -15.18
C VAL E 476 6.72 36.02 -14.35
N HIS E 477 7.51 36.99 -14.78
CA HIS E 477 7.75 38.20 -14.01
C HIS E 477 7.40 39.44 -14.83
N GLU E 478 7.05 40.51 -14.12
CA GLU E 478 6.97 41.82 -14.75
C GLU E 478 8.37 42.28 -15.15
N GLN E 479 8.44 43.10 -16.19
CA GLN E 479 9.74 43.48 -16.76
C GLN E 479 10.62 44.20 -15.75
N ASN E 480 10.03 45.11 -14.97
CA ASN E 480 10.80 45.90 -14.00
C ASN E 480 11.50 45.06 -12.95
N TYR E 481 11.16 43.77 -12.85
CA TYR E 481 11.79 42.89 -11.87
C TYR E 481 13.27 42.68 -12.16
N VAL E 482 13.67 42.77 -13.43
CA VAL E 482 15.01 42.31 -13.83
C VAL E 482 16.14 43.06 -13.13
N PRO E 483 16.18 44.40 -13.14
CA PRO E 483 17.30 45.08 -12.47
C PRO E 483 17.26 44.96 -10.96
N HIS E 484 16.11 44.63 -10.36
CA HIS E 484 16.08 44.37 -8.93
C HIS E 484 16.82 43.08 -8.59
N VAL E 485 16.86 42.13 -9.52
CA VAL E 485 17.60 40.89 -9.31
C VAL E 485 19.08 41.12 -9.51
N MET E 486 19.46 41.84 -10.57
CA MET E 486 20.86 42.08 -10.86
C MET E 486 21.50 42.95 -9.78
N ALA E 487 20.79 43.98 -9.33
CA ALA E 487 21.33 44.85 -8.28
C ALA E 487 21.48 44.09 -6.97
N TYR E 488 20.51 43.23 -6.64
CA TYR E 488 20.57 42.48 -5.39
C TYR E 488 21.75 41.52 -5.36
N ALA E 489 21.95 40.77 -6.44
CA ALA E 489 23.07 39.83 -6.50
C ALA E 489 24.41 40.56 -6.43
N ALA E 490 24.48 41.77 -6.97
CA ALA E 490 25.72 42.54 -7.01
C ALA E 490 25.90 43.45 -5.81
N CYS E 491 24.94 43.47 -4.88
CA CYS E 491 24.99 44.33 -3.70
C CYS E 491 25.19 45.79 -4.08
N ILE E 492 24.28 46.27 -4.94
CA ILE E 492 24.26 47.67 -5.36
C ILE E 492 22.82 48.17 -5.32
N GLY E 493 22.68 49.49 -5.30
CA GLY E 493 21.37 50.09 -5.22
C GLY E 493 20.76 50.20 -3.83
N ALA E 494 19.49 49.81 -3.70
CA ALA E 494 18.76 50.02 -2.45
C ALA E 494 18.85 48.83 -1.51
N ASN E 495 18.61 47.61 -2.02
CA ASN E 495 18.60 46.41 -1.19
C ASN E 495 20.01 45.81 -1.19
N LEU E 496 20.71 45.94 -0.06
CA LEU E 496 22.05 45.38 0.11
C LEU E 496 22.03 44.11 0.96
N GLY E 497 20.91 43.39 0.96
CA GLY E 497 20.77 42.24 1.85
C GLY E 497 21.68 41.09 1.51
N HIS E 498 22.05 40.94 0.24
CA HIS E 498 22.88 39.81 -0.17
C HIS E 498 24.29 39.89 0.41
N CYS E 499 24.71 41.05 0.92
CA CYS E 499 26.05 41.24 1.44
C CYS E 499 26.06 41.48 2.95
N ALA E 500 25.01 41.08 3.66
CA ALA E 500 25.00 41.19 5.11
C ALA E 500 25.60 39.95 5.76
N PRO E 501 26.14 40.07 6.97
CA PRO E 501 26.61 38.88 7.68
C PRO E 501 25.45 38.03 8.15
N ALA E 502 24.75 37.44 7.18
CA ALA E 502 23.63 36.59 7.51
C ALA E 502 23.53 35.41 6.54
N ALA E 503 24.59 35.13 5.78
CA ALA E 503 24.65 33.99 4.88
C ALA E 503 24.71 32.68 5.66
N LEU F 20 -5.51 53.07 -19.26
CA LEU F 20 -6.19 54.01 -18.38
C LEU F 20 -5.19 54.71 -17.46
N VAL F 21 -3.98 54.13 -17.37
CA VAL F 21 -2.90 54.61 -16.52
C VAL F 21 -3.36 54.62 -15.06
N PRO F 22 -3.42 53.47 -14.39
CA PRO F 22 -3.93 53.43 -13.01
C PRO F 22 -3.06 54.24 -12.06
N GLU F 23 -3.73 54.99 -11.18
CA GLU F 23 -3.06 55.96 -10.31
C GLU F 23 -1.90 55.35 -9.53
N LYS F 24 -2.03 54.09 -9.13
CA LYS F 24 -0.98 53.48 -8.32
C LYS F 24 0.26 53.18 -9.16
N GLU F 25 0.11 52.99 -10.47
CA GLU F 25 1.23 52.69 -11.33
C GLU F 25 2.05 53.92 -11.68
N LYS F 26 1.61 55.13 -11.31
CA LYS F 26 2.38 56.34 -11.51
C LYS F 26 3.40 56.58 -10.41
N ASP F 27 3.46 55.72 -9.41
CA ASP F 27 4.30 55.90 -8.24
C ASP F 27 5.46 54.93 -8.30
N PRO F 28 6.72 55.40 -8.34
CA PRO F 28 7.86 54.47 -8.38
C PRO F 28 7.87 53.48 -7.23
N LYS F 29 7.37 53.88 -6.05
CA LYS F 29 7.39 52.97 -4.91
C LYS F 29 6.49 51.76 -5.13
N TYR F 30 5.44 51.89 -5.94
CA TYR F 30 4.56 50.76 -6.19
C TYR F 30 5.29 49.65 -6.94
N TRP F 31 6.03 50.02 -8.00
CA TRP F 31 6.74 49.01 -8.77
C TRP F 31 7.93 48.45 -8.00
N ARG F 32 8.56 49.27 -7.17
CA ARG F 32 9.69 48.79 -6.36
C ARG F 32 9.21 47.88 -5.23
N ASP F 33 8.14 48.29 -4.53
CA ASP F 33 7.57 47.43 -3.50
C ASP F 33 7.15 46.09 -4.08
N GLN F 34 6.63 46.09 -5.31
CA GLN F 34 6.19 44.85 -5.95
C GLN F 34 7.38 44.00 -6.35
N ALA F 35 8.40 44.61 -6.96
CA ALA F 35 9.56 43.86 -7.41
C ALA F 35 10.28 43.21 -6.24
N GLN F 36 10.46 43.95 -5.14
CA GLN F 36 11.09 43.38 -3.96
C GLN F 36 10.20 42.32 -3.31
N GLU F 37 8.88 42.41 -3.52
CA GLU F 37 7.99 41.34 -3.07
C GLU F 37 8.17 40.11 -3.95
N THR F 38 8.39 40.32 -5.26
CA THR F 38 8.73 39.21 -6.14
C THR F 38 10.12 38.66 -5.81
N LEU F 39 11.06 39.56 -5.46
CA LEU F 39 12.40 39.13 -5.09
C LEU F 39 12.40 38.33 -3.81
N LYS F 40 11.58 38.74 -2.82
CA LYS F 40 11.50 38.00 -1.57
C LYS F 40 11.00 36.57 -1.80
N TYR F 41 10.04 36.40 -2.70
CA TYR F 41 9.49 35.07 -2.95
C TYR F 41 10.51 34.17 -3.65
N ALA F 42 11.23 34.72 -4.62
CA ALA F 42 12.25 33.93 -5.32
C ALA F 42 13.33 33.44 -4.38
N LEU F 43 13.64 34.21 -3.33
CA LEU F 43 14.65 33.79 -2.37
C LEU F 43 14.18 32.62 -1.53
N GLU F 44 12.89 32.62 -1.16
CA GLU F 44 12.34 31.48 -0.42
C GLU F 44 12.24 30.24 -1.30
N LEU F 45 12.15 30.42 -2.62
CA LEU F 45 12.11 29.29 -3.54
C LEU F 45 13.43 28.55 -3.61
N GLN F 46 14.50 29.09 -3.02
CA GLN F 46 15.77 28.37 -2.97
C GLN F 46 15.70 27.11 -2.13
N LYS F 47 14.77 27.05 -1.18
CA LYS F 47 14.48 25.81 -0.46
C LYS F 47 13.67 24.92 -1.39
N LEU F 48 14.37 24.08 -2.15
CA LEU F 48 13.75 23.34 -3.24
C LEU F 48 12.80 22.27 -2.72
N ASN F 49 11.73 22.04 -3.49
CA ASN F 49 10.82 20.93 -3.25
C ASN F 49 11.45 19.68 -3.88
N THR F 50 12.00 18.80 -3.03
CA THR F 50 12.66 17.59 -3.50
C THR F 50 11.97 16.32 -3.01
N ASN F 51 10.72 16.42 -2.59
CA ASN F 51 9.97 15.22 -2.22
C ASN F 51 9.70 14.37 -3.45
N VAL F 52 9.16 13.19 -3.21
CA VAL F 52 8.75 12.31 -4.30
C VAL F 52 7.40 12.79 -4.85
N ALA F 53 7.32 12.96 -6.16
CA ALA F 53 6.06 13.32 -6.79
C ALA F 53 5.11 12.15 -6.76
N LYS F 54 4.26 12.07 -5.72
CA LYS F 54 3.29 10.98 -5.64
C LYS F 54 2.31 11.05 -6.81
N ASN F 55 1.86 12.26 -7.16
CA ASN F 55 0.94 12.47 -8.26
C ASN F 55 1.60 13.35 -9.30
N VAL F 56 1.31 13.06 -10.57
CA VAL F 56 1.90 13.80 -11.69
C VAL F 56 0.77 14.20 -12.63
N ILE F 57 0.59 15.51 -12.83
CA ILE F 57 -0.43 16.05 -13.71
C ILE F 57 0.26 16.82 -14.83
N MET F 58 -0.21 16.61 -16.06
CA MET F 58 0.35 17.31 -17.22
C MET F 58 -0.78 17.99 -17.98
N PHE F 59 -0.71 19.32 -18.07
CA PHE F 59 -1.64 20.10 -18.87
C PHE F 59 -0.99 20.44 -20.21
N LEU F 60 -1.59 19.97 -21.29
CA LEU F 60 -1.08 20.21 -22.63
C LEU F 60 -2.02 21.18 -23.35
N GLY F 61 -1.58 22.43 -23.46
CA GLY F 61 -2.32 23.41 -24.23
C GLY F 61 -1.99 23.31 -25.70
N ASP F 62 -2.76 22.49 -26.44
CA ASP F 62 -2.53 22.25 -27.85
C ASP F 62 -2.45 23.56 -28.64
N GLY F 63 -1.26 23.90 -29.12
CA GLY F 63 -1.07 25.12 -29.87
C GLY F 63 -0.86 26.37 -29.04
N MET F 64 -0.69 26.24 -27.73
CA MET F 64 -0.54 27.39 -26.85
C MET F 64 0.88 27.93 -26.99
N GLY F 65 1.08 28.76 -28.01
CA GLY F 65 2.34 29.46 -28.18
C GLY F 65 2.54 30.50 -27.10
N VAL F 66 3.69 31.19 -27.19
CA VAL F 66 3.97 32.25 -26.24
C VAL F 66 3.02 33.42 -26.47
N SER F 67 2.75 33.76 -27.73
CA SER F 67 1.82 34.84 -28.02
C SER F 67 0.40 34.48 -27.61
N THR F 68 0.05 33.19 -27.64
CA THR F 68 -1.27 32.78 -27.18
C THR F 68 -1.42 32.95 -25.67
N VAL F 69 -0.34 32.74 -24.91
CA VAL F 69 -0.42 32.83 -23.46
C VAL F 69 -0.64 34.28 -23.02
N THR F 70 0.14 35.21 -23.59
CA THR F 70 -0.04 36.61 -23.24
C THR F 70 -1.40 37.13 -23.70
N ALA F 71 -1.81 36.75 -24.91
CA ALA F 71 -3.12 37.17 -25.41
C ALA F 71 -4.25 36.63 -24.55
N ALA F 72 -4.15 35.37 -24.13
CA ALA F 72 -5.18 34.79 -23.27
C ALA F 72 -5.15 35.40 -21.87
N ARG F 73 -3.97 35.80 -21.39
CA ARG F 73 -3.87 36.47 -20.11
C ARG F 73 -4.61 37.80 -20.13
N ILE F 74 -4.37 38.60 -21.17
CA ILE F 74 -5.09 39.86 -21.33
C ILE F 74 -6.58 39.61 -21.46
N LEU F 75 -6.96 38.52 -22.12
CA LEU F 75 -8.38 38.18 -22.26
C LEU F 75 -9.02 37.87 -20.91
N LYS F 76 -8.36 37.03 -20.11
CA LYS F 76 -8.91 36.66 -18.81
C LYS F 76 -9.16 37.88 -17.94
N GLY F 77 -8.22 38.82 -17.92
CA GLY F 77 -8.40 40.01 -17.11
C GLY F 77 -9.49 40.93 -17.63
N GLN F 78 -9.58 41.06 -18.96
CA GLN F 78 -10.60 41.93 -19.54
C GLN F 78 -12.01 41.37 -19.34
N LEU F 79 -12.14 40.07 -19.09
CA LEU F 79 -13.43 39.50 -18.74
C LEU F 79 -13.87 39.92 -17.34
N HIS F 80 -12.98 40.48 -16.53
CA HIS F 80 -13.30 41.04 -15.23
C HIS F 80 -13.21 42.56 -15.23
N HIS F 81 -13.31 43.19 -16.40
CA HIS F 81 -13.36 44.65 -16.54
C HIS F 81 -12.07 45.32 -16.08
N ASN F 82 -10.96 44.59 -16.16
CA ASN F 82 -9.63 45.09 -15.89
C ASN F 82 -8.88 45.35 -17.19
N PRO F 83 -7.80 46.14 -17.16
CA PRO F 83 -7.03 46.36 -18.40
C PRO F 83 -6.50 45.08 -19.03
N GLY F 84 -6.07 44.12 -18.21
CA GLY F 84 -5.73 42.80 -18.72
C GLY F 84 -4.26 42.44 -18.66
N GLU F 85 -3.37 43.40 -18.92
CA GLU F 85 -1.95 43.09 -19.01
C GLU F 85 -1.35 42.77 -17.65
N GLU F 86 -1.85 43.40 -16.59
CA GLU F 86 -1.39 43.11 -15.24
C GLU F 86 -2.04 41.86 -14.64
N THR F 87 -2.98 41.25 -15.36
CA THR F 87 -3.64 40.04 -14.86
C THR F 87 -2.65 38.88 -14.82
N ARG F 88 -2.85 37.98 -13.86
CA ARG F 88 -1.98 36.83 -13.67
C ARG F 88 -2.76 35.55 -13.91
N LEU F 89 -2.37 34.80 -14.94
CA LEU F 89 -2.96 33.50 -15.19
C LEU F 89 -2.61 32.52 -14.06
N GLU F 90 -3.43 31.48 -13.95
CA GLU F 90 -3.11 30.41 -12.99
C GLU F 90 -1.78 29.76 -13.33
N MET F 91 -1.48 29.61 -14.63
CA MET F 91 -0.18 29.10 -15.05
C MET F 91 0.94 30.13 -14.87
N ASP F 92 0.61 31.42 -14.85
CA ASP F 92 1.62 32.44 -14.56
C ASP F 92 2.17 32.28 -13.14
N LYS F 93 1.33 31.84 -12.21
CA LYS F 93 1.74 31.67 -10.81
C LYS F 93 2.61 30.44 -10.60
N PHE F 94 2.86 29.65 -11.64
CA PHE F 94 3.74 28.50 -11.49
C PHE F 94 5.18 28.97 -11.30
N PRO F 95 5.93 28.35 -10.38
CA PRO F 95 7.23 28.92 -10.01
C PRO F 95 8.27 28.90 -11.11
N PHE F 96 8.36 27.83 -11.90
CA PHE F 96 9.50 27.60 -12.77
C PHE F 96 9.08 27.52 -14.23
N VAL F 97 9.80 28.25 -15.08
CA VAL F 97 9.48 28.38 -16.50
C VAL F 97 10.69 27.93 -17.31
N ALA F 98 10.42 27.25 -18.43
CA ALA F 98 11.46 26.79 -19.34
C ALA F 98 10.95 26.91 -20.77
N LEU F 99 11.88 26.72 -21.72
CA LEU F 99 11.56 26.79 -23.14
C LEU F 99 11.79 25.43 -23.78
N SER F 100 10.95 25.10 -24.75
CA SER F 100 10.91 23.76 -25.34
C SER F 100 11.13 23.85 -26.85
N LYS F 101 12.15 23.13 -27.34
CA LYS F 101 12.42 23.03 -28.77
C LYS F 101 11.51 21.95 -29.35
N THR F 102 10.53 22.36 -30.17
CA THR F 102 9.39 21.52 -30.50
C THR F 102 9.53 20.76 -31.82
N TYR F 103 10.65 20.89 -32.51
CA TYR F 103 10.77 20.30 -33.85
C TYR F 103 10.73 18.78 -33.79
N ASN F 104 10.21 18.18 -34.85
CA ASN F 104 10.33 16.73 -35.04
C ASN F 104 11.67 16.40 -35.71
N THR F 105 12.00 15.12 -35.68
CA THR F 105 13.09 14.65 -36.54
C THR F 105 12.71 14.77 -38.01
N ASN F 106 11.42 14.60 -38.31
CA ASN F 106 10.93 14.66 -39.68
C ASN F 106 10.84 16.10 -40.19
N ALA F 107 10.41 17.03 -39.34
CA ALA F 107 9.98 18.34 -39.83
C ALA F 107 10.49 19.45 -38.91
N GLN F 108 10.63 20.63 -39.50
CA GLN F 108 11.01 21.83 -38.76
C GLN F 108 9.82 22.40 -37.99
N VAL F 109 8.73 22.67 -38.69
CA VAL F 109 7.47 23.06 -38.06
C VAL F 109 6.71 21.79 -37.72
N PRO F 110 6.59 21.43 -36.45
CA PRO F 110 6.12 20.09 -36.08
C PRO F 110 4.61 19.96 -36.21
N ASP F 111 4.13 18.76 -35.88
CA ASP F 111 2.72 18.42 -35.91
C ASP F 111 2.30 17.91 -34.54
N SER F 112 0.99 17.67 -34.38
CA SER F 112 0.46 17.28 -33.08
C SER F 112 0.95 15.90 -32.66
N ALA F 113 1.17 15.00 -33.61
CA ALA F 113 1.48 13.61 -33.28
C ALA F 113 2.94 13.43 -32.87
N GLY F 114 3.87 13.92 -33.69
CA GLY F 114 5.28 13.72 -33.41
C GLY F 114 5.73 14.39 -32.12
N THR F 115 5.21 15.58 -31.84
CA THR F 115 5.50 16.24 -30.57
C THR F 115 4.94 15.44 -29.40
N ALA F 116 3.75 14.87 -29.57
CA ALA F 116 3.13 14.12 -28.50
C ALA F 116 3.99 12.94 -28.06
N THR F 117 4.61 12.25 -29.01
CA THR F 117 5.56 11.20 -28.67
C THR F 117 6.75 11.75 -27.89
N ALA F 118 7.17 12.98 -28.20
CA ALA F 118 8.31 13.58 -27.54
C ALA F 118 8.02 13.84 -26.06
N TYR F 119 6.99 14.64 -25.77
CA TYR F 119 6.74 15.05 -24.39
C TYR F 119 5.95 14.01 -23.59
N LEU F 120 5.58 12.88 -24.18
CA LEU F 120 4.87 11.84 -23.45
C LEU F 120 5.62 10.50 -23.39
N CYS F 121 6.47 10.22 -24.38
CA CYS F 121 7.26 9.00 -24.37
C CYS F 121 8.76 9.25 -24.22
N GLY F 122 9.20 10.51 -24.27
CA GLY F 122 10.60 10.83 -24.09
C GLY F 122 11.48 10.63 -25.30
N VAL F 123 10.90 10.34 -26.46
CA VAL F 123 11.65 10.07 -27.68
C VAL F 123 11.05 10.92 -28.80
N LYS F 124 11.89 11.60 -29.55
CA LYS F 124 11.42 12.39 -30.67
C LYS F 124 11.23 11.51 -31.90
N ALA F 125 10.22 11.85 -32.71
CA ALA F 125 9.77 10.97 -33.77
C ALA F 125 9.37 11.78 -34.99
N ASN F 126 8.96 11.07 -36.05
CA ASN F 126 8.54 11.70 -37.28
C ASN F 126 7.09 12.16 -37.19
N GLU F 127 6.76 13.21 -37.94
CA GLU F 127 5.43 13.78 -37.89
C GLU F 127 4.39 12.77 -38.33
N GLY F 128 3.21 12.83 -37.71
CA GLY F 128 2.12 11.93 -38.02
C GLY F 128 2.18 10.58 -37.35
N THR F 129 3.21 10.30 -36.56
CA THR F 129 3.43 8.99 -35.96
C THR F 129 3.41 9.12 -34.44
N VAL F 130 2.39 8.58 -33.79
CA VAL F 130 2.31 8.53 -32.34
C VAL F 130 2.90 7.22 -31.85
N GLY F 131 3.53 7.27 -30.68
CA GLY F 131 3.95 6.08 -29.97
C GLY F 131 5.10 5.31 -30.56
N VAL F 132 5.67 5.76 -31.68
CA VAL F 132 6.79 5.06 -32.30
C VAL F 132 7.97 6.03 -32.42
N SER F 133 9.12 5.48 -32.82
CA SER F 133 10.35 6.23 -32.95
C SER F 133 10.48 6.76 -34.38
N ALA F 134 11.66 7.29 -34.71
CA ALA F 134 11.92 7.76 -36.07
C ALA F 134 12.27 6.64 -37.03
N ALA F 135 12.47 5.42 -36.53
CA ALA F 135 12.69 4.28 -37.42
C ALA F 135 11.43 3.92 -38.18
N THR F 136 10.26 4.25 -37.62
CA THR F 136 8.99 4.02 -38.30
C THR F 136 8.76 5.11 -39.34
N GLU F 137 8.47 4.71 -40.56
CA GLU F 137 8.06 5.64 -41.61
C GLU F 137 6.55 5.76 -41.59
N ARG F 138 6.06 6.97 -41.84
CA ARG F 138 4.62 7.23 -41.73
C ARG F 138 3.85 6.47 -42.81
N SER F 139 2.74 5.87 -42.40
CA SER F 139 1.78 5.10 -43.17
C SER F 139 2.32 3.71 -43.54
N ARG F 140 3.60 3.43 -43.32
CA ARG F 140 4.19 2.13 -43.60
C ARG F 140 4.18 1.33 -42.29
N CYS F 141 3.26 0.37 -42.19
CA CYS F 141 3.09 -0.37 -40.95
C CYS F 141 3.99 -1.58 -40.82
N ASN F 142 4.56 -2.07 -41.92
CA ASN F 142 5.59 -3.09 -41.81
C ASN F 142 6.83 -2.60 -41.09
N THR F 143 6.84 -1.33 -40.65
CA THR F 143 7.94 -0.69 -39.92
C THR F 143 7.55 -0.33 -38.49
N THR F 144 6.45 -0.89 -37.98
CA THR F 144 6.01 -0.58 -36.63
C THR F 144 6.58 -1.54 -35.60
N GLN F 145 6.61 -2.84 -35.91
CA GLN F 145 7.09 -3.84 -34.97
C GLN F 145 8.56 -3.60 -34.62
N GLY F 146 8.85 -3.60 -33.33
CA GLY F 146 10.21 -3.41 -32.85
C GLY F 146 10.63 -1.98 -32.64
N ASN F 147 9.75 -1.00 -32.90
CA ASN F 147 10.10 0.41 -32.82
C ASN F 147 9.17 1.19 -31.90
N GLU F 148 8.46 0.51 -31.00
CA GLU F 148 7.49 1.15 -30.13
C GLU F 148 8.17 1.69 -28.87
N VAL F 149 7.71 2.86 -28.43
CA VAL F 149 8.20 3.50 -27.22
C VAL F 149 7.01 3.76 -26.29
N THR F 150 7.18 3.43 -25.01
CA THR F 150 6.10 3.51 -24.05
C THR F 150 6.02 4.92 -23.43
N SER F 151 4.84 5.24 -22.91
CA SER F 151 4.54 6.56 -22.39
C SER F 151 4.65 6.59 -20.87
N ILE F 152 4.71 7.81 -20.34
CA ILE F 152 4.73 8.00 -18.89
C ILE F 152 3.43 7.52 -18.26
N LEU F 153 2.33 7.49 -19.04
CA LEU F 153 1.09 6.94 -18.52
C LEU F 153 1.20 5.42 -18.33
N ARG F 154 1.95 4.75 -19.21
CA ARG F 154 2.18 3.33 -19.02
C ARG F 154 3.16 3.07 -17.89
N TRP F 155 4.23 3.88 -17.81
CA TRP F 155 5.16 3.76 -16.69
C TRP F 155 4.44 3.98 -15.36
N ALA F 156 3.48 4.92 -15.33
CA ALA F 156 2.75 5.19 -14.10
C ALA F 156 1.84 4.02 -13.72
N LYS F 157 1.17 3.43 -14.70
CA LYS F 157 0.34 2.25 -14.42
C LYS F 157 1.20 1.09 -13.93
N ASP F 158 2.36 0.89 -14.55
CA ASP F 158 3.24 -0.21 -14.16
C ASP F 158 3.75 -0.03 -12.73
N ALA F 159 3.83 1.21 -12.25
CA ALA F 159 4.25 1.47 -10.89
C ALA F 159 3.11 1.33 -9.88
N GLY F 160 1.89 1.06 -10.35
CA GLY F 160 0.75 0.91 -9.47
C GLY F 160 -0.13 2.13 -9.34
N LYS F 161 0.14 3.19 -10.09
CA LYS F 161 -0.65 4.40 -10.00
C LYS F 161 -1.90 4.30 -10.87
N SER F 162 -2.93 5.04 -10.48
CA SER F 162 -4.06 5.26 -11.37
C SER F 162 -3.68 6.24 -12.46
N VAL F 163 -4.29 6.09 -13.63
CA VAL F 163 -4.00 6.95 -14.77
C VAL F 163 -5.30 7.42 -15.39
N GLY F 164 -5.26 8.62 -15.96
CA GLY F 164 -6.44 9.21 -16.56
C GLY F 164 -6.08 10.01 -17.79
N ILE F 165 -7.09 10.25 -18.62
CA ILE F 165 -6.96 11.05 -19.84
C ILE F 165 -8.21 11.90 -19.97
N VAL F 166 -8.04 13.22 -19.99
CA VAL F 166 -9.14 14.17 -20.12
C VAL F 166 -8.80 15.14 -21.23
N THR F 167 -9.70 15.26 -22.22
CA THR F 167 -9.47 16.13 -23.36
C THR F 167 -10.81 16.60 -23.91
N THR F 168 -10.76 17.64 -24.74
CA THR F 168 -11.95 18.16 -25.41
C THR F 168 -11.98 17.80 -26.89
N THR F 169 -11.07 16.95 -27.35
CA THR F 169 -11.08 16.42 -28.70
C THR F 169 -11.50 14.96 -28.65
N ARG F 170 -11.38 14.28 -29.79
CA ARG F 170 -11.56 12.84 -29.78
C ARG F 170 -10.54 12.21 -28.84
N VAL F 171 -10.97 11.18 -28.10
CA VAL F 171 -10.04 10.48 -27.22
C VAL F 171 -9.00 9.68 -27.99
N ASN F 172 -9.17 9.54 -29.30
CA ASN F 172 -8.18 8.92 -30.17
C ASN F 172 -7.48 9.95 -31.06
N HIS F 173 -7.45 11.21 -30.65
CA HIS F 173 -6.72 12.24 -31.37
C HIS F 173 -5.22 12.07 -31.15
N ALA F 174 -4.43 12.93 -31.79
CA ALA F 174 -2.98 12.77 -31.78
C ALA F 174 -2.41 12.90 -30.38
N THR F 175 -2.75 13.98 -29.68
CA THR F 175 -2.16 14.23 -28.37
C THR F 175 -2.50 13.15 -27.34
N PRO F 176 -3.76 12.72 -27.18
CA PRO F 176 -4.01 11.64 -26.20
C PRO F 176 -3.52 10.28 -26.66
N SER F 177 -3.51 10.00 -27.97
CA SER F 177 -3.15 8.67 -28.44
C SER F 177 -1.71 8.30 -28.15
N ALA F 178 -0.82 9.29 -27.98
CA ALA F 178 0.56 8.97 -27.67
C ALA F 178 0.72 8.39 -26.28
N ALA F 179 -0.26 8.58 -25.40
CA ALA F 179 -0.18 8.04 -24.05
C ALA F 179 -0.48 6.54 -23.99
N TYR F 180 -1.12 5.98 -25.02
CA TYR F 180 -1.48 4.56 -25.00
C TYR F 180 -1.22 3.82 -26.31
N ALA F 181 -1.30 4.47 -27.46
CA ALA F 181 -1.23 3.78 -28.74
C ALA F 181 0.18 3.81 -29.32
N HIS F 182 0.42 2.91 -30.26
CA HIS F 182 1.65 2.88 -31.06
C HIS F 182 1.21 2.73 -32.51
N SER F 183 1.18 3.83 -33.25
CA SER F 183 0.61 3.85 -34.60
C SER F 183 1.56 4.55 -35.55
N ALA F 184 1.52 4.12 -36.82
CA ALA F 184 2.33 4.71 -37.87
C ALA F 184 1.62 5.84 -38.60
N ASP F 185 0.40 6.18 -38.20
CA ASP F 185 -0.32 7.28 -38.82
C ASP F 185 -1.37 7.81 -37.85
N ARG F 186 -1.42 9.12 -37.69
CA ARG F 186 -2.39 9.76 -36.81
C ARG F 186 -3.80 9.70 -37.37
N ASP F 187 -3.96 9.45 -38.68
CA ASP F 187 -5.27 9.45 -39.31
C ASP F 187 -6.04 8.15 -39.12
N TRP F 188 -5.43 7.14 -38.54
CA TRP F 188 -6.07 5.83 -38.38
C TRP F 188 -6.92 5.82 -37.11
N TYR F 189 -8.00 6.60 -37.16
CA TYR F 189 -8.88 6.73 -36.00
C TYR F 189 -9.55 5.40 -35.66
N SER F 190 -10.25 4.81 -36.63
CA SER F 190 -10.74 3.45 -36.51
C SER F 190 -10.28 2.66 -37.73
N ASP F 191 -10.80 1.44 -37.92
CA ASP F 191 -10.46 0.68 -39.12
C ASP F 191 -11.07 1.29 -40.36
N ASN F 192 -12.15 2.07 -40.21
CA ASN F 192 -12.78 2.72 -41.35
C ASN F 192 -11.82 3.63 -42.11
N GLU F 193 -10.87 4.24 -41.39
CA GLU F 193 -9.94 5.19 -41.99
C GLU F 193 -8.58 4.57 -42.28
N MET F 194 -8.44 3.26 -42.14
CA MET F 194 -7.18 2.64 -42.48
C MET F 194 -7.18 2.13 -43.91
N PRO F 195 -6.00 2.09 -44.54
CA PRO F 195 -5.89 1.46 -45.84
C PRO F 195 -5.86 -0.05 -45.70
N PRO F 196 -6.44 -0.78 -46.65
CA PRO F 196 -6.48 -2.25 -46.53
C PRO F 196 -5.12 -2.90 -46.41
N GLU F 197 -4.06 -2.25 -46.89
CA GLU F 197 -2.72 -2.79 -46.72
C GLU F 197 -2.34 -2.86 -45.25
N ALA F 198 -2.57 -1.78 -44.50
CA ALA F 198 -2.18 -1.74 -43.10
C ALA F 198 -3.06 -2.63 -42.24
N LEU F 199 -4.33 -2.78 -42.59
CA LEU F 199 -5.20 -3.67 -41.83
C LEU F 199 -4.81 -5.12 -42.05
N SER F 200 -4.69 -5.54 -43.31
CA SER F 200 -4.27 -6.91 -43.60
C SER F 200 -2.87 -7.19 -43.08
N GLN F 201 -2.00 -6.17 -43.03
CA GLN F 201 -0.66 -6.36 -42.50
C GLN F 201 -0.65 -6.56 -40.99
N GLY F 202 -1.75 -6.29 -40.30
CA GLY F 202 -1.92 -6.69 -38.91
C GLY F 202 -2.01 -5.58 -37.89
N CYS F 203 -2.20 -4.34 -38.33
CA CYS F 203 -2.18 -3.19 -37.44
C CYS F 203 -3.59 -2.75 -37.06
N LYS F 204 -3.74 -2.26 -35.84
CA LYS F 204 -5.03 -2.00 -35.22
C LYS F 204 -5.16 -0.52 -34.87
N ASP F 205 -6.40 -0.07 -34.74
CA ASP F 205 -6.66 1.36 -34.70
C ASP F 205 -6.37 1.97 -33.33
N ILE F 206 -6.10 3.26 -33.35
CA ILE F 206 -5.96 4.04 -32.13
C ILE F 206 -7.13 3.77 -31.20
N ALA F 207 -8.35 3.82 -31.75
CA ALA F 207 -9.54 3.50 -30.96
C ALA F 207 -9.45 2.09 -30.38
N TYR F 208 -9.10 1.12 -31.23
CA TYR F 208 -8.95 -0.26 -30.75
C TYR F 208 -7.85 -0.36 -29.70
N GLN F 209 -6.71 0.31 -29.93
CA GLN F 209 -5.63 0.29 -28.97
C GLN F 209 -5.98 1.01 -27.68
N LEU F 210 -6.97 1.90 -27.70
CA LEU F 210 -7.39 2.58 -26.47
C LEU F 210 -7.96 1.58 -25.48
N MET F 211 -8.69 0.57 -25.95
CA MET F 211 -9.31 -0.42 -25.09
C MET F 211 -8.45 -1.67 -24.92
N HIS F 212 -7.35 -1.81 -25.65
CA HIS F 212 -6.60 -3.06 -25.66
C HIS F 212 -5.16 -2.95 -25.20
N ASN F 213 -4.50 -1.81 -25.41
CA ASN F 213 -3.09 -1.69 -25.02
C ASN F 213 -2.96 -1.64 -23.49
N ILE F 214 -3.62 -0.68 -22.86
CA ILE F 214 -3.73 -0.63 -21.41
C ILE F 214 -5.21 -0.78 -21.08
N ARG F 215 -5.59 -1.97 -20.60
CA ARG F 215 -6.99 -2.31 -20.38
C ARG F 215 -7.53 -1.84 -19.03
N ASP F 216 -6.72 -1.13 -18.24
CA ASP F 216 -7.16 -0.69 -16.92
C ASP F 216 -6.93 0.80 -16.73
N ILE F 217 -7.02 1.60 -17.80
CA ILE F 217 -7.00 3.04 -17.66
C ILE F 217 -8.24 3.47 -16.89
N ASP F 218 -8.03 4.21 -15.80
CA ASP F 218 -9.10 4.46 -14.85
C ASP F 218 -10.10 5.48 -15.38
N VAL F 219 -9.62 6.60 -15.92
CA VAL F 219 -10.48 7.68 -16.40
C VAL F 219 -10.15 7.96 -17.86
N ILE F 220 -11.15 7.87 -18.73
CA ILE F 220 -11.03 8.24 -20.14
C ILE F 220 -12.20 9.15 -20.46
N MET F 221 -11.92 10.43 -20.71
CA MET F 221 -12.95 11.41 -20.96
C MET F 221 -12.59 12.27 -22.16
N GLY F 222 -13.59 12.57 -22.98
CA GLY F 222 -13.39 13.40 -24.15
C GLY F 222 -14.47 13.12 -25.19
N GLY F 223 -14.11 13.36 -26.45
CA GLY F 223 -14.97 13.06 -27.57
C GLY F 223 -14.58 11.76 -28.27
N GLY F 224 -15.24 11.51 -29.39
CA GLY F 224 -14.99 10.33 -30.19
C GLY F 224 -15.96 9.18 -30.00
N ARG F 225 -17.23 9.47 -29.70
CA ARG F 225 -18.21 8.40 -29.47
C ARG F 225 -18.40 7.54 -30.71
N LYS F 226 -18.21 8.11 -31.90
CA LYS F 226 -18.53 7.39 -33.14
C LYS F 226 -17.48 6.36 -33.50
N TYR F 227 -16.21 6.57 -33.15
CA TYR F 227 -15.15 5.62 -33.44
C TYR F 227 -15.19 4.40 -32.53
N MET F 228 -16.23 4.26 -31.71
CA MET F 228 -16.34 3.18 -30.75
C MET F 228 -17.41 2.15 -31.10
N TYR F 229 -18.31 2.46 -32.02
CA TYR F 229 -19.47 1.64 -32.29
C TYR F 229 -19.50 1.15 -33.74
N PRO F 230 -20.06 -0.03 -33.99
CA PRO F 230 -20.15 -0.55 -35.36
C PRO F 230 -20.78 0.43 -36.36
N LYS F 231 -20.45 0.25 -37.64
CA LYS F 231 -20.82 1.21 -38.67
C LYS F 231 -22.34 1.32 -38.79
N ASN F 232 -22.82 2.56 -38.85
CA ASN F 232 -24.22 2.97 -39.05
C ASN F 232 -25.08 2.82 -37.80
N LYS F 233 -24.51 2.47 -36.66
CA LYS F 233 -25.25 2.58 -35.41
C LYS F 233 -25.50 4.06 -35.11
N THR F 234 -26.73 4.38 -34.74
CA THR F 234 -27.10 5.77 -34.49
C THR F 234 -26.55 6.23 -33.15
N ASP F 235 -26.29 7.53 -33.05
CA ASP F 235 -25.69 8.11 -31.86
C ASP F 235 -26.74 8.25 -30.75
N VAL F 236 -26.24 8.26 -29.50
CA VAL F 236 -27.12 8.47 -28.37
C VAL F 236 -27.62 9.91 -28.34
N GLU F 237 -26.74 10.87 -28.63
CA GLU F 237 -27.11 12.28 -28.64
C GLU F 237 -27.88 12.64 -29.92
N TYR F 238 -27.19 12.57 -31.06
CA TYR F 238 -27.72 13.00 -32.34
C TYR F 238 -28.12 11.77 -33.15
N GLU F 239 -29.35 11.31 -32.92
CA GLU F 239 -29.83 10.09 -33.57
C GLU F 239 -29.98 10.28 -35.07
N SER F 240 -30.40 11.46 -35.50
CA SER F 240 -30.74 11.71 -36.89
C SER F 240 -29.55 12.11 -37.75
N ASP F 241 -28.41 12.44 -37.14
CA ASP F 241 -27.24 12.87 -37.90
C ASP F 241 -26.53 11.66 -38.49
N GLU F 242 -26.34 11.68 -39.82
CA GLU F 242 -25.67 10.59 -40.50
C GLU F 242 -24.17 10.62 -40.25
N LYS F 243 -23.59 11.82 -40.12
CA LYS F 243 -22.16 11.97 -39.88
C LYS F 243 -21.77 11.62 -38.45
N ALA F 244 -22.75 11.42 -37.56
CA ALA F 244 -22.48 11.03 -36.17
C ALA F 244 -22.61 9.54 -35.95
N ARG F 245 -23.02 8.78 -36.97
CA ARG F 245 -23.17 7.34 -36.83
C ARG F 245 -21.81 6.68 -36.65
N GLY F 246 -21.84 5.43 -36.19
CA GLY F 246 -20.60 4.70 -35.94
C GLY F 246 -19.83 4.47 -37.22
N THR F 247 -18.55 4.08 -37.03
CA THR F 247 -17.64 3.86 -38.15
C THR F 247 -16.99 2.49 -38.16
N ARG F 248 -17.10 1.72 -37.08
CA ARG F 248 -16.34 0.48 -36.96
C ARG F 248 -16.82 -0.56 -37.97
N LEU F 249 -15.90 -1.01 -38.83
CA LEU F 249 -16.23 -1.99 -39.86
C LEU F 249 -16.08 -3.43 -39.39
N ASP F 250 -15.41 -3.67 -38.26
CA ASP F 250 -15.27 -5.00 -37.71
C ASP F 250 -16.41 -5.37 -36.75
N GLY F 251 -17.35 -4.46 -36.53
CA GLY F 251 -18.57 -4.76 -35.79
C GLY F 251 -18.41 -4.82 -34.28
N LEU F 252 -17.30 -4.35 -33.72
CA LEU F 252 -17.07 -4.42 -32.29
C LEU F 252 -17.65 -3.21 -31.56
N ASP F 253 -18.35 -3.49 -30.46
CA ASP F 253 -18.78 -2.46 -29.52
C ASP F 253 -17.62 -2.21 -28.57
N LEU F 254 -16.74 -1.27 -28.94
CA LEU F 254 -15.54 -1.00 -28.15
C LEU F 254 -15.90 -0.48 -26.76
N VAL F 255 -17.04 0.19 -26.62
CA VAL F 255 -17.50 0.60 -25.30
C VAL F 255 -17.83 -0.63 -24.45
N ASP F 256 -18.33 -1.69 -25.08
CA ASP F 256 -18.58 -2.94 -24.36
C ASP F 256 -17.28 -3.70 -24.10
N THR F 257 -16.37 -3.72 -25.08
CA THR F 257 -15.04 -4.27 -24.87
C THR F 257 -14.38 -3.65 -23.65
N TRP F 258 -14.57 -2.34 -23.46
CA TRP F 258 -14.01 -1.65 -22.30
C TRP F 258 -14.56 -2.23 -21.00
N LYS F 259 -15.88 -2.38 -20.92
CA LYS F 259 -16.49 -2.89 -19.69
C LYS F 259 -16.10 -4.33 -19.42
N SER F 260 -15.96 -5.14 -20.48
CA SER F 260 -15.66 -6.56 -20.29
C SER F 260 -14.25 -6.77 -19.73
N PHE F 261 -13.31 -5.89 -20.06
CA PHE F 261 -11.95 -6.03 -19.58
C PHE F 261 -11.79 -5.67 -18.11
N LYS F 262 -12.81 -5.09 -17.49
CA LYS F 262 -12.68 -4.78 -16.07
C LYS F 262 -13.36 -5.85 -15.22
N PRO F 263 -12.84 -6.12 -14.03
CA PRO F 263 -13.49 -7.11 -13.16
C PRO F 263 -14.92 -6.71 -12.82
N ARG F 264 -15.73 -7.71 -12.51
CA ARG F 264 -17.17 -7.49 -12.38
C ARG F 264 -17.55 -6.85 -11.05
N TYR F 265 -16.78 -7.09 -9.98
CA TYR F 265 -17.07 -6.42 -8.71
C TYR F 265 -16.72 -4.95 -8.75
N LYS F 266 -15.94 -4.52 -9.75
CA LYS F 266 -15.60 -3.12 -9.89
C LYS F 266 -16.76 -2.34 -10.50
N HIS F 267 -16.84 -1.05 -10.15
CA HIS F 267 -17.90 -0.18 -10.65
C HIS F 267 -17.36 0.56 -11.87
N SER F 268 -17.74 0.08 -13.06
CA SER F 268 -17.36 0.68 -14.33
C SER F 268 -18.62 1.12 -15.04
N HIS F 269 -18.69 2.41 -15.37
CA HIS F 269 -19.97 3.06 -15.64
C HIS F 269 -20.22 3.39 -17.10
N PHE F 270 -19.35 4.18 -17.73
CA PHE F 270 -19.59 4.80 -19.03
C PHE F 270 -20.74 5.81 -18.97
N ILE F 271 -20.47 7.04 -19.40
CA ILE F 271 -21.46 8.12 -19.43
C ILE F 271 -21.28 8.87 -20.75
N TRP F 272 -22.25 9.74 -21.05
CA TRP F 272 -22.16 10.48 -22.30
C TRP F 272 -22.71 11.90 -22.24
N ASN F 273 -23.24 12.38 -21.12
CA ASN F 273 -23.68 13.76 -21.03
C ASN F 273 -23.29 14.35 -19.68
N ARG F 274 -23.58 15.64 -19.52
CA ARG F 274 -23.13 16.38 -18.34
C ARG F 274 -23.90 15.97 -17.09
N THR F 275 -25.18 15.60 -17.24
CA THR F 275 -25.98 15.23 -16.08
C THR F 275 -25.43 13.99 -15.40
N GLU F 276 -24.93 13.03 -16.18
CA GLU F 276 -24.39 11.81 -15.60
C GLU F 276 -23.07 12.07 -14.88
N LEU F 277 -22.23 12.95 -15.43
CA LEU F 277 -20.93 13.21 -14.83
C LEU F 277 -21.07 13.85 -13.46
N LEU F 278 -21.92 14.87 -13.34
CA LEU F 278 -22.10 15.56 -12.08
C LEU F 278 -22.98 14.81 -11.10
N THR F 279 -23.57 13.68 -11.51
CA THR F 279 -24.37 12.85 -10.64
C THR F 279 -23.57 11.70 -10.03
N LEU F 280 -22.51 11.24 -10.72
CA LEU F 280 -21.65 10.21 -10.17
C LEU F 280 -21.10 10.60 -8.81
N ASP F 281 -21.01 9.63 -7.91
CA ASP F 281 -20.24 9.79 -6.69
C ASP F 281 -18.84 9.23 -6.94
N PRO F 282 -17.79 10.06 -6.99
CA PRO F 282 -16.47 9.55 -7.33
C PRO F 282 -15.99 8.44 -6.40
N HIS F 283 -16.40 8.47 -5.13
CA HIS F 283 -15.94 7.49 -4.15
C HIS F 283 -16.42 6.07 -4.45
N ASN F 284 -17.36 5.89 -5.38
CA ASN F 284 -17.88 4.57 -5.69
C ASN F 284 -17.57 4.07 -7.09
N VAL F 285 -17.16 4.94 -8.00
CA VAL F 285 -16.82 4.52 -9.36
C VAL F 285 -15.34 4.19 -9.42
N ASP F 286 -15.02 3.05 -10.04
CA ASP F 286 -13.64 2.58 -10.15
C ASP F 286 -13.02 2.86 -11.52
N TYR F 287 -13.78 2.64 -12.60
CA TYR F 287 -13.31 2.93 -13.95
C TYR F 287 -14.38 3.75 -14.66
N LEU F 288 -13.98 4.92 -15.18
CA LEU F 288 -14.90 5.82 -15.84
C LEU F 288 -14.52 5.99 -17.30
N LEU F 289 -15.54 5.99 -18.17
CA LEU F 289 -15.37 6.22 -19.60
C LEU F 289 -16.41 7.24 -20.03
N GLY F 290 -15.97 8.48 -20.28
CA GLY F 290 -16.89 9.52 -20.69
C GLY F 290 -16.66 10.02 -22.10
N LEU F 291 -17.61 9.78 -22.98
CA LEU F 291 -17.54 10.20 -24.38
C LEU F 291 -18.76 11.05 -24.67
N PHE F 292 -18.54 12.36 -24.88
CA PHE F 292 -19.62 13.34 -24.86
C PHE F 292 -20.00 13.91 -26.21
N GLU F 293 -19.25 13.62 -27.27
CA GLU F 293 -19.60 14.10 -28.61
C GLU F 293 -19.20 13.03 -29.62
N PRO F 294 -19.85 12.99 -30.78
CA PRO F 294 -19.44 12.00 -31.79
C PRO F 294 -17.99 12.18 -32.24
N GLY F 295 -17.56 13.42 -32.48
CA GLY F 295 -16.17 13.71 -32.78
C GLY F 295 -15.58 14.64 -31.75
N ASP F 296 -14.93 15.71 -32.18
CA ASP F 296 -14.48 16.72 -31.24
C ASP F 296 -15.64 17.33 -30.49
N MET F 297 -15.30 17.94 -29.36
CA MET F 297 -16.31 18.60 -28.55
C MET F 297 -16.41 20.06 -28.94
N GLN F 298 -17.57 20.63 -28.62
CA GLN F 298 -17.85 22.02 -28.97
C GLN F 298 -16.87 22.96 -28.28
N TYR F 299 -16.57 24.06 -28.95
CA TYR F 299 -15.87 25.15 -28.28
C TYR F 299 -16.65 25.59 -27.05
N GLU F 300 -15.93 26.08 -26.04
CA GLU F 300 -16.62 26.51 -24.82
C GLU F 300 -17.60 27.64 -25.10
N LEU F 301 -17.28 28.53 -26.05
CA LEU F 301 -18.23 29.55 -26.48
C LEU F 301 -19.43 28.96 -27.21
N ASN F 302 -19.38 27.69 -27.58
CA ASN F 302 -20.48 27.01 -28.25
C ASN F 302 -21.06 25.86 -27.44
N ARG F 303 -20.66 25.72 -26.17
CA ARG F 303 -21.01 24.52 -25.41
C ARG F 303 -22.44 24.58 -24.91
N ASN F 304 -23.05 23.40 -24.81
CA ASN F 304 -24.39 23.23 -24.27
C ASN F 304 -24.29 22.95 -22.78
N ASN F 305 -24.66 23.93 -21.95
CA ASN F 305 -24.54 23.72 -20.50
C ASN F 305 -25.43 22.59 -19.99
N VAL F 306 -26.43 22.18 -20.76
CA VAL F 306 -27.34 21.13 -20.31
C VAL F 306 -26.78 19.74 -20.59
N THR F 307 -26.09 19.57 -21.72
CA THR F 307 -25.70 18.26 -22.20
C THR F 307 -24.20 18.00 -22.24
N ASP F 308 -23.36 19.03 -22.17
CA ASP F 308 -21.93 18.85 -22.27
C ASP F 308 -21.21 19.46 -21.07
N PRO F 309 -20.25 18.74 -20.49
CA PRO F 309 -19.45 19.33 -19.40
C PRO F 309 -18.29 20.14 -19.95
N SER F 310 -17.90 21.14 -19.15
CA SER F 310 -16.73 21.93 -19.49
C SER F 310 -15.46 21.12 -19.21
N LEU F 311 -14.32 21.66 -19.66
CA LEU F 311 -13.05 20.99 -19.42
C LEU F 311 -12.68 21.01 -17.94
N SER F 312 -13.08 22.06 -17.21
CA SER F 312 -12.82 22.11 -15.78
C SER F 312 -13.69 21.11 -15.03
N GLU F 313 -14.94 20.93 -15.47
CA GLU F 313 -15.83 19.98 -14.81
C GLU F 313 -15.32 18.56 -14.99
N MET F 314 -14.79 18.23 -16.17
CA MET F 314 -14.23 16.90 -16.39
C MET F 314 -12.96 16.70 -15.59
N VAL F 315 -12.14 17.75 -15.45
CA VAL F 315 -10.89 17.64 -14.71
C VAL F 315 -11.15 17.45 -13.22
N VAL F 316 -12.19 18.10 -12.70
CA VAL F 316 -12.49 18.02 -11.27
C VAL F 316 -12.90 16.60 -10.89
N VAL F 317 -13.82 16.01 -11.65
CA VAL F 317 -14.29 14.66 -11.34
C VAL F 317 -13.18 13.63 -11.56
N ALA F 318 -12.36 13.84 -12.59
CA ALA F 318 -11.27 12.90 -12.85
C ALA F 318 -10.30 12.84 -11.69
N ILE F 319 -9.89 14.00 -11.18
CA ILE F 319 -8.96 14.05 -10.04
C ILE F 319 -9.60 13.39 -8.83
N GLN F 320 -10.91 13.57 -8.65
CA GLN F 320 -11.58 12.98 -7.49
C GLN F 320 -11.60 11.46 -7.55
N ILE F 321 -11.62 10.88 -8.76
CA ILE F 321 -11.58 9.43 -8.89
C ILE F 321 -10.14 8.92 -8.75
N LEU F 322 -9.21 9.57 -9.43
CA LEU F 322 -7.80 9.15 -9.39
C LEU F 322 -7.19 9.30 -8.01
N ARG F 323 -7.80 10.11 -7.13
CA ARG F 323 -7.24 10.35 -5.81
C ARG F 323 -7.41 9.18 -4.86
N LYS F 324 -8.23 8.18 -5.21
CA LYS F 324 -8.43 7.05 -4.30
C LYS F 324 -7.17 6.21 -4.16
N ASN F 325 -6.35 6.14 -5.18
CA ASN F 325 -5.18 5.26 -5.18
C ASN F 325 -4.15 5.76 -4.18
N PRO F 326 -3.73 4.94 -3.22
CA PRO F 326 -2.71 5.39 -2.25
C PRO F 326 -1.34 5.60 -2.88
N LYS F 327 -1.02 4.92 -3.98
CA LYS F 327 0.29 5.02 -4.59
C LYS F 327 0.47 6.28 -5.43
N GLY F 328 -0.62 6.98 -5.76
CA GLY F 328 -0.56 8.16 -6.59
C GLY F 328 -1.30 7.96 -7.90
N PHE F 329 -1.29 9.01 -8.71
CA PHE F 329 -1.96 8.95 -10.00
C PHE F 329 -1.25 9.85 -11.00
N PHE F 330 -1.37 9.49 -12.27
CA PHE F 330 -0.95 10.34 -13.38
C PHE F 330 -2.18 10.79 -14.16
N LEU F 331 -2.23 12.06 -14.50
CA LEU F 331 -3.34 12.61 -15.26
C LEU F 331 -2.80 13.43 -16.42
N LEU F 332 -3.33 13.18 -17.61
CA LEU F 332 -3.01 13.96 -18.80
C LEU F 332 -4.26 14.74 -19.17
N VAL F 333 -4.21 16.06 -19.03
CA VAL F 333 -5.30 16.95 -19.42
C VAL F 333 -4.88 17.71 -20.67
N GLU F 334 -5.78 17.80 -21.63
CA GLU F 334 -5.51 18.47 -22.90
C GLU F 334 -6.63 19.45 -23.20
N GLY F 335 -6.34 20.73 -23.07
CA GLY F 335 -7.18 21.75 -23.68
C GLY F 335 -6.86 21.78 -25.16
N GLY F 336 -7.39 20.80 -25.89
CA GLY F 336 -6.92 20.54 -27.23
C GLY F 336 -7.48 21.45 -28.31
N ARG F 337 -8.63 22.07 -28.07
CA ARG F 337 -9.27 22.86 -29.12
C ARG F 337 -8.71 24.27 -29.24
N ILE F 338 -7.71 24.63 -28.44
CA ILE F 338 -6.95 25.85 -28.72
C ILE F 338 -6.34 25.76 -30.11
N ASP F 339 -5.81 24.59 -30.46
CA ASP F 339 -5.16 24.41 -31.75
C ASP F 339 -6.16 24.53 -32.90
N HIS F 340 -7.35 23.94 -32.74
CA HIS F 340 -8.35 23.99 -33.80
C HIS F 340 -8.82 25.43 -34.03
N GLY F 341 -8.99 26.20 -32.96
CA GLY F 341 -9.44 27.57 -33.11
C GLY F 341 -8.45 28.42 -33.89
N HIS F 342 -7.15 28.18 -33.70
CA HIS F 342 -6.14 28.90 -34.47
C HIS F 342 -6.15 28.45 -35.93
N HIS F 343 -6.34 27.14 -36.18
CA HIS F 343 -6.40 26.65 -37.55
C HIS F 343 -7.55 27.28 -38.32
N GLU F 344 -8.67 27.52 -37.65
CA GLU F 344 -9.81 28.20 -38.27
C GLU F 344 -9.60 29.70 -38.43
N GLY F 345 -8.48 30.23 -37.95
CA GLY F 345 -8.25 31.66 -37.98
C GLY F 345 -9.09 32.47 -37.01
N LYS F 346 -9.82 31.82 -36.11
CA LYS F 346 -10.72 32.48 -35.18
C LYS F 346 -10.01 32.60 -33.83
N ALA F 347 -9.40 33.76 -33.59
CA ALA F 347 -8.65 33.95 -32.35
C ALA F 347 -9.56 33.93 -31.13
N LYS F 348 -10.73 34.57 -31.22
CA LYS F 348 -11.63 34.63 -30.08
C LYS F 348 -12.03 33.24 -29.60
N GLN F 349 -12.12 32.28 -30.51
CA GLN F 349 -12.36 30.89 -30.10
C GLN F 349 -11.12 30.30 -29.43
N ALA F 350 -9.97 30.39 -30.12
CA ALA F 350 -8.75 29.81 -29.58
C ALA F 350 -8.35 30.47 -28.27
N LEU F 351 -8.52 31.80 -28.16
CA LEU F 351 -8.21 32.49 -26.91
C LEU F 351 -9.12 32.05 -25.78
N HIS F 352 -10.42 31.90 -26.06
CA HIS F 352 -11.36 31.45 -25.04
C HIS F 352 -11.13 29.99 -24.65
N GLU F 353 -10.56 29.19 -25.56
CA GLU F 353 -10.19 27.83 -25.20
C GLU F 353 -9.06 27.81 -24.17
N ALA F 354 -8.12 28.75 -24.29
CA ALA F 354 -6.99 28.79 -23.36
C ALA F 354 -7.44 29.18 -21.95
N VAL F 355 -8.30 30.20 -21.85
CA VAL F 355 -8.80 30.62 -20.55
C VAL F 355 -9.54 29.46 -19.86
N GLU F 356 -10.20 28.61 -20.64
CA GLU F 356 -10.87 27.46 -20.05
C GLU F 356 -9.88 26.49 -19.42
N MET F 357 -8.77 26.21 -20.10
CA MET F 357 -7.75 25.33 -19.53
C MET F 357 -7.13 25.96 -18.29
N ASP F 358 -6.95 27.29 -18.29
CA ASP F 358 -6.38 27.96 -17.13
C ASP F 358 -7.30 27.85 -15.91
N ARG F 359 -8.62 27.97 -16.13
CA ARG F 359 -9.56 27.70 -15.05
C ARG F 359 -9.43 26.27 -14.55
N ALA F 360 -9.29 25.32 -15.48
CA ALA F 360 -9.09 23.93 -15.10
C ALA F 360 -7.78 23.76 -14.34
N ILE F 361 -6.74 24.48 -14.75
CA ILE F 361 -5.46 24.43 -14.03
C ILE F 361 -5.64 24.91 -12.59
N GLY F 362 -6.46 25.94 -12.40
CA GLY F 362 -6.73 26.43 -11.06
C GLY F 362 -7.52 25.45 -10.22
N GLN F 363 -8.43 24.69 -10.85
CA GLN F 363 -9.17 23.68 -10.10
C GLN F 363 -8.26 22.54 -9.68
N ALA F 364 -7.34 22.11 -10.56
CA ALA F 364 -6.42 21.04 -10.20
C ALA F 364 -5.53 21.45 -9.03
N GLY F 365 -5.04 22.70 -9.03
CA GLY F 365 -4.26 23.20 -7.92
C GLY F 365 -5.03 23.31 -6.63
N SER F 366 -6.36 23.32 -6.70
CA SER F 366 -7.19 23.33 -5.50
C SER F 366 -7.38 21.93 -4.93
N LEU F 367 -7.39 20.90 -5.79
CA LEU F 367 -7.66 19.54 -5.36
C LEU F 367 -6.39 18.75 -5.04
N THR F 368 -5.21 19.31 -5.30
CA THR F 368 -3.95 18.65 -4.98
C THR F 368 -3.05 19.64 -4.25
N SER F 369 -1.97 19.12 -3.70
CA SER F 369 -0.99 19.92 -2.97
C SER F 369 0.35 19.89 -3.68
N SER F 370 1.04 21.03 -3.70
CA SER F 370 2.37 21.08 -4.29
C SER F 370 3.38 20.23 -3.53
N GLU F 371 3.07 19.85 -2.29
CA GLU F 371 4.00 19.05 -1.50
C GLU F 371 4.26 17.69 -2.14
N ASP F 372 3.26 17.11 -2.82
CA ASP F 372 3.42 15.78 -3.39
C ASP F 372 2.91 15.66 -4.82
N THR F 373 2.50 16.75 -5.45
CA THR F 373 1.99 16.72 -6.82
C THR F 373 2.82 17.62 -7.70
N LEU F 374 3.45 17.04 -8.72
CA LEU F 374 4.18 17.80 -9.72
C LEU F 374 3.26 18.04 -10.91
N THR F 375 2.90 19.30 -11.13
CA THR F 375 2.05 19.69 -12.24
C THR F 375 2.90 20.40 -13.30
N VAL F 376 2.63 20.10 -14.57
CA VAL F 376 3.40 20.63 -15.69
C VAL F 376 2.42 21.15 -16.73
N VAL F 377 2.57 22.43 -17.08
CA VAL F 377 1.77 23.06 -18.14
C VAL F 377 2.72 23.44 -19.28
N THR F 378 2.38 22.98 -20.48
CA THR F 378 3.17 23.31 -21.66
C THR F 378 2.28 23.21 -22.89
N ALA F 379 2.88 23.40 -24.06
CA ALA F 379 2.25 23.16 -25.34
C ALA F 379 3.07 22.15 -26.12
N ASP F 380 2.56 21.77 -27.28
CA ASP F 380 3.31 20.92 -28.20
C ASP F 380 4.02 21.70 -29.28
N HIS F 381 3.50 22.88 -29.61
CA HIS F 381 3.98 23.76 -30.68
C HIS F 381 3.13 25.01 -30.64
N SER F 382 3.49 25.99 -31.45
CA SER F 382 2.79 27.25 -31.48
C SER F 382 2.03 27.42 -32.79
N HIS F 383 1.56 28.63 -33.04
CA HIS F 383 0.93 29.02 -34.29
C HIS F 383 1.57 30.33 -34.75
N VAL F 384 1.23 30.73 -35.98
CA VAL F 384 1.72 31.99 -36.53
C VAL F 384 0.76 33.10 -36.14
N PHE F 385 0.38 33.14 -34.87
CA PHE F 385 -0.57 34.11 -34.33
C PHE F 385 0.20 35.23 -33.63
N THR F 386 -0.16 36.47 -33.95
CA THR F 386 0.49 37.65 -33.37
C THR F 386 -0.56 38.68 -33.00
N PHE F 387 -0.21 39.54 -32.03
CA PHE F 387 -0.98 40.74 -31.77
C PHE F 387 -0.02 41.89 -31.54
N GLY F 388 -0.28 43.01 -32.19
CA GLY F 388 0.58 44.17 -32.11
C GLY F 388 -0.16 45.43 -32.50
N GLY F 389 0.61 46.41 -32.98
CA GLY F 389 0.04 47.65 -33.45
C GLY F 389 0.11 48.83 -32.49
N TYR F 390 0.88 48.71 -31.40
CA TYR F 390 1.01 49.78 -30.41
C TYR F 390 -0.35 50.16 -29.82
N THR F 391 -1.09 49.16 -29.38
CA THR F 391 -2.40 49.39 -28.80
C THR F 391 -2.27 50.02 -27.42
N PRO F 392 -3.23 50.87 -27.03
CA PRO F 392 -3.15 51.52 -25.71
C PRO F 392 -3.41 50.52 -24.59
N ARG F 393 -3.08 50.96 -23.37
CA ARG F 393 -3.26 50.11 -22.21
C ARG F 393 -4.74 49.80 -21.99
N GLY F 394 -5.05 48.51 -21.89
CA GLY F 394 -6.42 48.07 -21.73
C GLY F 394 -7.20 47.92 -23.01
N ASN F 395 -6.55 48.03 -24.16
CA ASN F 395 -7.23 47.87 -25.44
C ASN F 395 -7.71 46.43 -25.59
N SER F 396 -8.97 46.28 -26.03
CA SER F 396 -9.53 44.96 -26.23
C SER F 396 -8.66 44.14 -27.19
N ILE F 397 -8.32 42.92 -26.77
CA ILE F 397 -7.41 42.08 -27.55
C ILE F 397 -7.99 41.80 -28.93
N PHE F 398 -9.30 41.85 -29.07
CA PHE F 398 -9.96 41.68 -30.35
C PHE F 398 -10.22 43.01 -31.06
N GLY F 399 -9.89 44.14 -30.42
CA GLY F 399 -10.16 45.44 -30.97
C GLY F 399 -9.16 45.87 -32.03
N LEU F 400 -9.27 47.12 -32.42
CA LEU F 400 -8.48 47.69 -33.51
C LEU F 400 -7.21 48.32 -32.97
N ALA F 401 -6.27 48.56 -33.89
CA ALA F 401 -5.13 49.40 -33.61
C ALA F 401 -5.58 50.85 -33.47
N PRO F 402 -4.81 51.70 -32.78
CA PRO F 402 -5.25 53.08 -32.58
C PRO F 402 -5.09 53.97 -33.80
N MET F 403 -4.40 53.50 -34.85
CA MET F 403 -4.14 54.31 -36.03
C MET F 403 -4.48 53.50 -37.28
N LEU F 404 -4.55 54.20 -38.40
CA LEU F 404 -4.77 53.57 -39.69
C LEU F 404 -3.43 53.23 -40.35
N SER F 405 -3.51 52.54 -41.47
CA SER F 405 -2.30 52.14 -42.18
C SER F 405 -1.67 53.34 -42.89
N ASP F 406 -0.34 53.44 -42.79
CA ASP F 406 0.39 54.40 -43.60
C ASP F 406 0.11 54.20 -45.09
N THR F 407 -0.08 52.96 -45.50
CA THR F 407 -0.12 52.58 -46.92
C THR F 407 -1.51 52.71 -47.54
N ASP F 408 -2.50 52.01 -47.00
CA ASP F 408 -3.81 51.92 -47.63
C ASP F 408 -4.94 52.60 -46.86
N LYS F 409 -4.63 53.27 -45.75
CA LYS F 409 -5.55 54.15 -45.02
C LYS F 409 -6.76 53.41 -44.44
N LYS F 410 -6.69 52.09 -44.27
CA LYS F 410 -7.74 51.35 -43.58
C LYS F 410 -7.22 50.82 -42.25
N PRO F 411 -8.09 50.67 -41.25
CA PRO F 411 -7.62 50.19 -39.94
C PRO F 411 -7.33 48.70 -39.97
N PHE F 412 -6.68 48.23 -38.92
CA PHE F 412 -6.36 46.82 -38.76
C PHE F 412 -6.53 46.44 -37.30
N THR F 413 -6.81 45.16 -37.07
CA THR F 413 -6.94 44.65 -35.71
C THR F 413 -5.57 44.40 -35.10
N ALA F 414 -5.51 44.48 -33.77
CA ALA F 414 -4.29 44.13 -33.08
C ALA F 414 -3.86 42.70 -33.41
N ILE F 415 -4.81 41.77 -33.36
CA ILE F 415 -4.54 40.38 -33.73
C ILE F 415 -4.40 40.28 -35.25
N LEU F 416 -3.32 39.65 -35.70
CA LEU F 416 -3.11 39.39 -37.11
C LEU F 416 -2.33 38.08 -37.25
N TYR F 417 -2.68 37.31 -38.27
CA TYR F 417 -2.09 36.00 -38.50
C TYR F 417 -1.06 36.04 -39.62
N GLY F 418 -0.16 35.07 -39.59
CA GLY F 418 0.84 34.91 -40.64
C GLY F 418 0.23 34.32 -41.89
N ASN F 419 -0.63 33.32 -41.71
CA ASN F 419 -1.35 32.71 -42.82
C ASN F 419 -2.69 32.21 -42.30
N GLY F 420 -3.46 31.56 -43.17
CA GLY F 420 -4.74 31.03 -42.79
C GLY F 420 -5.89 31.64 -43.57
N PRO F 421 -7.12 31.25 -43.23
CA PRO F 421 -8.28 31.69 -44.01
C PRO F 421 -8.65 33.15 -43.80
N GLY F 422 -8.03 33.83 -42.83
CA GLY F 422 -8.35 35.23 -42.59
C GLY F 422 -8.05 36.15 -43.75
N TYR F 423 -7.23 35.69 -44.70
CA TYR F 423 -6.90 36.50 -45.87
C TYR F 423 -8.17 36.88 -46.61
N LYS F 424 -8.40 38.18 -46.75
CA LYS F 424 -9.63 38.69 -47.36
C LYS F 424 -9.32 39.97 -48.10
N VAL F 425 -9.49 39.96 -49.42
CA VAL F 425 -9.34 41.14 -50.25
C VAL F 425 -10.67 41.36 -50.97
N VAL F 426 -11.27 42.53 -50.77
CA VAL F 426 -12.59 42.81 -51.33
C VAL F 426 -12.41 43.34 -52.75
N GLY F 427 -11.88 42.51 -53.64
CA GLY F 427 -11.67 42.90 -55.02
C GLY F 427 -10.43 43.77 -55.19
N GLY F 428 -9.25 43.13 -55.20
CA GLY F 428 -7.98 43.80 -55.33
C GLY F 428 -7.49 44.56 -54.12
N GLU F 429 -8.37 44.88 -53.17
CA GLU F 429 -8.00 45.66 -51.99
C GLU F 429 -8.47 44.93 -50.74
N ARG F 430 -7.64 44.95 -49.70
CA ARG F 430 -7.98 44.27 -48.46
C ARG F 430 -9.16 44.97 -47.76
N GLU F 431 -9.81 44.24 -46.87
CA GLU F 431 -11.13 44.63 -46.38
C GLU F 431 -11.05 45.72 -45.33
N ASN F 432 -11.86 46.77 -45.51
CA ASN F 432 -12.08 47.82 -44.51
C ASN F 432 -12.82 47.20 -43.34
N VAL F 433 -12.09 46.91 -42.26
CA VAL F 433 -12.66 46.14 -41.15
C VAL F 433 -13.56 46.96 -40.23
N SER F 434 -13.59 48.28 -40.41
CA SER F 434 -14.57 49.08 -39.67
C SER F 434 -16.00 48.78 -40.10
N MET F 435 -16.18 48.00 -41.16
CA MET F 435 -17.49 47.61 -41.65
C MET F 435 -17.99 46.30 -41.06
N VAL F 436 -17.10 45.49 -40.49
CA VAL F 436 -17.45 44.15 -40.04
C VAL F 436 -17.37 44.10 -38.52
N ASP F 437 -17.81 42.97 -37.96
CA ASP F 437 -17.68 42.70 -36.53
C ASP F 437 -16.38 41.96 -36.32
N TYR F 438 -15.30 42.70 -36.10
CA TYR F 438 -14.02 42.08 -35.80
C TYR F 438 -13.98 41.48 -34.40
N ALA F 439 -14.88 41.91 -33.51
CA ALA F 439 -14.99 41.36 -32.18
C ALA F 439 -15.87 40.11 -32.12
N HIS F 440 -16.36 39.64 -33.27
CA HIS F 440 -17.26 38.50 -33.31
C HIS F 440 -16.55 37.23 -32.88
N ASN F 441 -17.33 36.28 -32.35
CA ASN F 441 -16.78 34.99 -31.92
C ASN F 441 -16.08 34.27 -33.06
N ASN F 442 -16.60 34.41 -34.29
CA ASN F 442 -16.11 33.65 -35.43
C ASN F 442 -15.27 34.49 -36.39
N TYR F 443 -14.89 35.70 -36.01
CA TYR F 443 -14.14 36.56 -36.92
C TYR F 443 -12.74 36.02 -37.14
N GLN F 444 -12.33 35.94 -38.41
CA GLN F 444 -11.01 35.49 -38.79
C GLN F 444 -10.16 36.71 -39.13
N ALA F 445 -9.20 37.03 -38.27
CA ALA F 445 -8.31 38.15 -38.51
C ALA F 445 -7.44 37.91 -39.73
N GLN F 446 -7.02 38.99 -40.37
CA GLN F 446 -6.41 38.91 -41.69
C GLN F 446 -5.01 38.31 -41.62
N SER F 447 -4.62 37.64 -42.70
CA SER F 447 -3.36 36.93 -42.79
C SER F 447 -2.58 37.39 -44.02
N ALA F 448 -1.31 37.00 -44.06
CA ALA F 448 -0.46 37.38 -45.18
C ALA F 448 -0.65 36.47 -46.38
N VAL F 449 -0.96 35.20 -46.15
CA VAL F 449 -1.08 34.21 -47.22
C VAL F 449 -2.36 33.42 -47.02
N PRO F 450 -3.23 33.35 -48.02
CA PRO F 450 -4.48 32.60 -47.86
C PRO F 450 -4.27 31.10 -47.87
N LEU F 451 -4.78 30.43 -46.85
CA LEU F 451 -4.87 28.97 -46.81
C LEU F 451 -6.19 28.59 -46.17
N ARG F 452 -6.62 27.35 -46.44
CA ARG F 452 -7.82 26.85 -45.80
C ARG F 452 -7.66 26.82 -44.29
N HIS F 453 -6.47 26.50 -43.80
CA HIS F 453 -6.18 26.41 -42.37
C HIS F 453 -4.89 27.15 -42.06
N GLU F 454 -4.92 27.92 -40.98
CA GLU F 454 -3.70 28.51 -40.45
C GLU F 454 -2.75 27.42 -39.99
N THR F 455 -1.46 27.64 -40.19
CA THR F 455 -0.45 26.63 -39.92
C THR F 455 0.19 26.84 -38.56
N HIS F 456 0.86 25.79 -38.09
CA HIS F 456 1.61 25.85 -36.85
C HIS F 456 2.78 26.83 -36.99
N GLY F 457 3.47 27.02 -35.87
CA GLY F 457 4.68 27.82 -35.84
C GLY F 457 5.84 26.99 -35.34
N GLY F 458 7.03 27.34 -35.81
CA GLY F 458 8.24 26.65 -35.41
C GLY F 458 8.90 27.18 -34.16
N GLU F 459 8.40 28.27 -33.60
CA GLU F 459 9.02 28.88 -32.43
C GLU F 459 8.84 27.98 -31.20
N ASP F 460 9.57 28.33 -30.15
CA ASP F 460 9.55 27.55 -28.93
C ASP F 460 8.32 27.86 -28.10
N VAL F 461 7.95 26.92 -27.24
CA VAL F 461 6.83 27.08 -26.33
C VAL F 461 7.36 27.10 -24.91
N ALA F 462 6.52 27.57 -23.99
CA ALA F 462 6.88 27.63 -22.59
C ALA F 462 6.48 26.33 -21.88
N VAL F 463 7.11 26.10 -20.74
CA VAL F 463 6.77 25.01 -19.84
C VAL F 463 6.59 25.60 -18.44
N PHE F 464 5.50 25.25 -17.78
CA PHE F 464 5.17 25.79 -16.47
C PHE F 464 5.15 24.64 -15.47
N SER F 465 5.97 24.74 -14.43
CA SER F 465 6.21 23.63 -13.52
C SER F 465 5.98 24.06 -12.08
N LYS F 466 5.24 23.25 -11.34
CA LYS F 466 5.06 23.44 -9.90
C LYS F 466 4.99 22.07 -9.24
N GLY F 467 5.58 21.96 -8.05
CA GLY F 467 5.57 20.71 -7.32
C GLY F 467 6.98 20.17 -7.10
N PRO F 468 7.05 18.89 -6.70
CA PRO F 468 8.36 18.29 -6.43
C PRO F 468 9.23 18.23 -7.68
N MET F 469 10.48 18.66 -7.53
CA MET F 469 11.50 18.64 -8.57
C MET F 469 11.13 19.49 -9.77
N ALA F 470 10.12 20.37 -9.65
CA ALA F 470 9.73 21.22 -10.77
C ALA F 470 10.90 22.08 -11.24
N HIS F 471 11.83 22.41 -10.35
CA HIS F 471 12.98 23.23 -10.69
C HIS F 471 13.93 22.54 -11.67
N LEU F 472 13.72 21.27 -11.99
CA LEU F 472 14.57 20.58 -12.94
C LEU F 472 14.32 21.00 -14.38
N LEU F 473 13.14 21.54 -14.67
CA LEU F 473 12.83 22.11 -16.00
C LEU F 473 13.21 23.59 -15.94
N HIS F 474 14.44 23.90 -16.36
CA HIS F 474 15.07 25.15 -15.98
C HIS F 474 15.53 26.03 -17.14
N GLY F 475 15.90 25.48 -18.28
CA GLY F 475 16.46 26.29 -19.35
C GLY F 475 15.77 26.03 -20.69
N VAL F 476 16.56 26.11 -21.76
CA VAL F 476 16.10 25.73 -23.09
C VAL F 476 16.31 24.23 -23.24
N HIS F 477 15.24 23.53 -23.62
CA HIS F 477 15.27 22.06 -23.61
C HIS F 477 14.66 21.51 -24.88
N GLU F 478 15.24 20.42 -25.37
CA GLU F 478 14.55 19.59 -26.35
C GLU F 478 13.23 19.11 -25.76
N GLN F 479 12.18 19.10 -26.57
CA GLN F 479 10.84 18.85 -26.05
C GLN F 479 10.73 17.50 -25.37
N ASN F 480 11.48 16.50 -25.84
CA ASN F 480 11.41 15.17 -25.24
C ASN F 480 12.03 15.10 -23.85
N TYR F 481 12.59 16.21 -23.35
CA TYR F 481 13.13 16.22 -21.98
C TYR F 481 12.01 16.23 -20.95
N VAL F 482 10.85 16.79 -21.30
CA VAL F 482 9.79 16.98 -20.31
C VAL F 482 9.40 15.69 -19.58
N PRO F 483 9.07 14.58 -20.26
CA PRO F 483 8.61 13.39 -19.51
C PRO F 483 9.71 12.69 -18.73
N HIS F 484 10.98 12.95 -19.06
CA HIS F 484 12.06 12.35 -18.28
C HIS F 484 12.16 12.98 -16.89
N VAL F 485 11.78 14.24 -16.75
CA VAL F 485 11.78 14.89 -15.45
C VAL F 485 10.61 14.39 -14.61
N MET F 486 9.42 14.33 -15.20
CA MET F 486 8.23 13.94 -14.46
C MET F 486 8.33 12.49 -14.00
N ALA F 487 8.93 11.62 -14.82
CA ALA F 487 9.11 10.23 -14.41
C ALA F 487 10.15 10.11 -13.30
N TYR F 488 11.24 10.89 -13.40
CA TYR F 488 12.26 10.85 -12.36
C TYR F 488 11.71 11.32 -11.02
N ALA F 489 10.82 12.32 -11.05
CA ALA F 489 10.28 12.85 -9.80
C ALA F 489 9.29 11.89 -9.17
N ALA F 490 8.62 11.07 -9.98
CA ALA F 490 7.61 10.14 -9.49
C ALA F 490 8.16 8.74 -9.23
N CYS F 491 9.45 8.51 -9.52
CA CYS F 491 10.09 7.21 -9.30
C CYS F 491 9.42 6.12 -10.14
N ILE F 492 9.12 6.45 -11.40
CA ILE F 492 8.57 5.50 -12.35
C ILE F 492 9.45 5.51 -13.60
N GLY F 493 9.27 4.50 -14.44
CA GLY F 493 10.03 4.40 -15.67
C GLY F 493 11.42 3.84 -15.49
N ALA F 494 12.38 4.37 -16.25
CA ALA F 494 13.72 3.80 -16.29
C ALA F 494 14.55 4.20 -15.06
N ASN F 495 14.71 5.50 -14.85
CA ASN F 495 15.56 6.01 -13.77
C ASN F 495 14.73 6.09 -12.50
N LEU F 496 15.06 5.25 -11.52
CA LEU F 496 14.44 5.25 -10.21
C LEU F 496 15.32 5.88 -9.13
N GLY F 497 16.39 6.56 -9.53
CA GLY F 497 17.38 7.07 -8.60
C GLY F 497 16.85 8.06 -7.57
N HIS F 498 15.66 8.61 -7.80
CA HIS F 498 15.11 9.58 -6.85
C HIS F 498 14.59 8.91 -5.59
N CYS F 499 14.12 7.67 -5.69
CA CYS F 499 13.70 6.89 -4.54
C CYS F 499 14.77 5.94 -4.04
N ALA F 500 15.93 5.89 -4.70
CA ALA F 500 17.03 5.08 -4.22
C ALA F 500 17.44 5.54 -2.82
N PRO F 501 17.83 4.61 -1.94
CA PRO F 501 18.00 4.97 -0.52
C PRO F 501 19.04 6.03 -0.25
N ALA F 502 20.29 5.79 -0.64
CA ALA F 502 21.37 6.73 -0.35
C ALA F 502 21.20 7.99 -1.21
N ALA F 503 21.10 9.14 -0.56
CA ALA F 503 20.88 10.43 -1.22
C ALA F 503 19.62 10.40 -2.08
N LEU G 20 -11.98 58.42 -4.68
CA LEU G 20 -11.14 57.85 -5.73
C LEU G 20 -11.98 57.32 -6.88
N VAL G 21 -12.71 56.25 -6.61
CA VAL G 21 -13.65 55.62 -7.55
C VAL G 21 -12.90 55.04 -8.75
N PRO G 22 -12.58 53.76 -8.75
CA PRO G 22 -12.02 53.14 -9.95
C PRO G 22 -13.00 53.24 -11.11
N GLU G 23 -12.44 53.38 -12.31
CA GLU G 23 -13.27 53.57 -13.50
C GLU G 23 -14.20 52.38 -13.74
N LYS G 24 -13.71 51.17 -13.46
CA LYS G 24 -14.51 49.98 -13.70
C LYS G 24 -15.71 49.87 -12.78
N GLU G 25 -15.66 50.50 -11.60
CA GLU G 25 -16.76 50.42 -10.64
C GLU G 25 -17.88 51.40 -10.93
N LYS G 26 -17.67 52.37 -11.83
CA LYS G 26 -18.74 53.26 -12.26
C LYS G 26 -19.70 52.59 -13.22
N ASP G 27 -19.37 51.40 -13.72
CA ASP G 27 -20.19 50.71 -14.70
C ASP G 27 -21.05 49.66 -14.01
N PRO G 28 -22.38 49.74 -14.09
CA PRO G 28 -23.22 48.75 -13.40
C PRO G 28 -22.94 47.32 -13.83
N LYS G 29 -22.58 47.11 -15.09
CA LYS G 29 -22.31 45.74 -15.57
C LYS G 29 -21.19 45.08 -14.79
N TYR G 30 -20.24 45.88 -14.28
CA TYR G 30 -19.16 45.31 -13.48
C TYR G 30 -19.70 44.68 -12.21
N TRP G 31 -20.58 45.40 -11.49
CA TRP G 31 -21.12 44.88 -10.25
C TRP G 31 -22.10 43.74 -10.49
N ARG G 32 -22.80 43.75 -11.62
CA ARG G 32 -23.68 42.64 -11.96
C ARG G 32 -22.90 41.42 -12.43
N ASP G 33 -21.86 41.63 -13.24
CA ASP G 33 -20.99 40.52 -13.62
C ASP G 33 -20.35 39.88 -12.39
N GLN G 34 -19.90 40.72 -11.44
CA GLN G 34 -19.27 40.19 -10.24
C GLN G 34 -20.23 39.36 -9.40
N ALA G 35 -21.46 39.86 -9.24
CA ALA G 35 -22.43 39.14 -8.42
C ALA G 35 -22.86 37.83 -9.06
N GLN G 36 -22.93 37.79 -10.40
CA GLN G 36 -23.36 36.57 -11.08
C GLN G 36 -22.26 35.51 -11.09
N GLU G 37 -20.99 35.92 -11.12
CA GLU G 37 -19.92 34.96 -10.91
C GLU G 37 -19.98 34.38 -9.49
N THR G 38 -20.20 35.25 -8.50
CA THR G 38 -20.38 34.79 -7.13
C THR G 38 -21.60 33.89 -7.01
N LEU G 39 -22.66 34.20 -7.76
CA LEU G 39 -23.85 33.35 -7.76
C LEU G 39 -23.58 32.01 -8.43
N LYS G 40 -22.69 31.98 -9.42
CA LYS G 40 -22.33 30.72 -10.05
C LYS G 40 -21.52 29.84 -9.11
N TYR G 41 -20.58 30.44 -8.37
CA TYR G 41 -19.80 29.67 -7.41
C TYR G 41 -20.67 29.19 -6.25
N ALA G 42 -21.69 29.97 -5.87
CA ALA G 42 -22.59 29.54 -4.80
C ALA G 42 -23.38 28.31 -5.22
N LEU G 43 -23.81 28.26 -6.49
CA LEU G 43 -24.56 27.11 -6.97
C LEU G 43 -23.69 25.85 -7.02
N GLU G 44 -22.43 26.00 -7.48
CA GLU G 44 -21.52 24.86 -7.50
C GLU G 44 -21.26 24.33 -6.09
N LEU G 45 -21.31 25.21 -5.09
CA LEU G 45 -21.09 24.79 -3.71
C LEU G 45 -22.23 23.94 -3.16
N GLN G 46 -23.33 23.80 -3.89
CA GLN G 46 -24.40 22.91 -3.46
C GLN G 46 -23.94 21.47 -3.44
N LYS G 47 -23.05 21.08 -4.36
CA LYS G 47 -22.43 19.76 -4.30
C LYS G 47 -21.56 19.68 -3.05
N LEU G 48 -22.16 19.28 -1.94
CA LEU G 48 -21.51 19.36 -0.65
C LEU G 48 -20.33 18.39 -0.56
N ASN G 49 -19.29 18.82 0.15
CA ASN G 49 -18.12 17.99 0.40
C ASN G 49 -18.42 17.13 1.63
N THR G 50 -18.73 15.85 1.40
CA THR G 50 -19.02 14.90 2.46
C THR G 50 -17.89 13.88 2.63
N ASN G 51 -16.66 14.28 2.31
CA ASN G 51 -15.50 13.39 2.49
C ASN G 51 -15.18 13.22 3.97
N VAL G 52 -13.99 12.71 4.27
CA VAL G 52 -13.54 12.48 5.64
C VAL G 52 -12.29 13.32 5.87
N ALA G 53 -12.26 14.05 6.97
CA ALA G 53 -11.15 14.94 7.30
C ALA G 53 -9.96 14.11 7.77
N LYS G 54 -9.15 13.66 6.81
CA LYS G 54 -7.90 12.98 7.17
C LYS G 54 -7.01 13.90 8.00
N ASN G 55 -6.98 15.19 7.65
CA ASN G 55 -6.27 16.19 8.44
C ASN G 55 -7.25 17.28 8.84
N VAL G 56 -6.86 18.03 9.87
CA VAL G 56 -7.76 18.99 10.51
C VAL G 56 -6.91 20.13 11.08
N ILE G 57 -7.10 21.34 10.55
CA ILE G 57 -6.32 22.50 10.94
C ILE G 57 -7.26 23.56 11.48
N MET G 58 -6.92 24.13 12.63
CA MET G 58 -7.68 25.24 13.21
C MET G 58 -6.73 26.43 13.38
N PHE G 59 -7.10 27.56 12.78
CA PHE G 59 -6.39 28.81 12.96
C PHE G 59 -7.16 29.65 13.98
N LEU G 60 -6.49 30.07 15.04
CA LEU G 60 -7.11 30.84 16.11
C LEU G 60 -6.49 32.24 16.13
N GLY G 61 -7.24 33.22 15.64
CA GLY G 61 -6.84 34.61 15.78
C GLY G 61 -7.30 35.16 17.11
N ASP G 62 -6.35 35.43 18.01
CA ASP G 62 -6.67 35.83 19.38
C ASP G 62 -7.25 37.24 19.38
N GLY G 63 -8.52 37.36 19.74
CA GLY G 63 -9.18 38.65 19.73
C GLY G 63 -9.56 39.16 18.36
N MET G 64 -9.58 38.29 17.35
CA MET G 64 -9.81 38.68 15.96
C MET G 64 -11.31 38.77 15.69
N GLY G 65 -11.90 39.88 16.14
CA GLY G 65 -13.31 40.12 15.93
C GLY G 65 -13.63 40.57 14.52
N VAL G 66 -14.92 40.83 14.29
CA VAL G 66 -15.39 41.19 12.95
C VAL G 66 -14.79 42.52 12.52
N SER G 67 -14.68 43.47 13.45
CA SER G 67 -14.06 44.76 13.11
C SER G 67 -12.58 44.61 12.79
N THR G 68 -11.91 43.63 13.40
CA THR G 68 -10.49 43.43 13.14
C THR G 68 -10.25 42.85 11.75
N VAL G 69 -11.07 41.88 11.34
CA VAL G 69 -10.85 41.25 10.05
C VAL G 69 -11.06 42.24 8.89
N THR G 70 -11.99 43.19 9.05
CA THR G 70 -12.22 44.15 7.99
C THR G 70 -11.09 45.14 7.89
N ALA G 71 -10.61 45.64 9.04
CA ALA G 71 -9.46 46.55 9.03
C ALA G 71 -8.20 45.84 8.54
N ALA G 72 -8.01 44.58 8.93
CA ALA G 72 -6.84 43.83 8.47
C ALA G 72 -6.92 43.58 6.96
N ARG G 73 -8.12 43.33 6.44
CA ARG G 73 -8.28 43.19 5.00
C ARG G 73 -7.91 44.48 4.28
N ILE G 74 -8.37 45.62 4.80
CA ILE G 74 -8.02 46.91 4.20
C ILE G 74 -6.52 47.14 4.29
N LEU G 75 -5.90 46.73 5.40
CA LEU G 75 -4.46 46.89 5.55
C LEU G 75 -3.70 46.06 4.54
N LYS G 76 -4.10 44.80 4.35
CA LYS G 76 -3.40 43.92 3.41
C LYS G 76 -3.37 44.51 2.02
N GLY G 77 -4.51 45.02 1.54
CA GLY G 77 -4.54 45.64 0.23
C GLY G 77 -3.77 46.95 0.17
N GLN G 78 -3.84 47.74 1.24
CA GLN G 78 -3.14 49.01 1.26
C GLN G 78 -1.63 48.81 1.20
N LEU G 79 -1.14 47.67 1.69
CA LEU G 79 0.28 47.33 1.51
C LEU G 79 0.63 47.15 0.04
N HIS G 80 -0.37 46.90 -0.81
CA HIS G 80 -0.17 46.71 -2.24
C HIS G 80 -0.65 47.90 -3.06
N HIS G 81 -0.79 49.06 -2.42
CA HIS G 81 -1.15 50.33 -3.08
C HIS G 81 -2.52 50.27 -3.74
N ASN G 82 -3.38 49.37 -3.27
CA ASN G 82 -4.79 49.33 -3.62
C ASN G 82 -5.60 50.06 -2.55
N PRO G 83 -6.82 50.50 -2.88
CA PRO G 83 -7.66 51.14 -1.85
C PRO G 83 -7.83 50.31 -0.58
N GLY G 84 -8.04 49.01 -0.73
CA GLY G 84 -8.08 48.13 0.43
C GLY G 84 -9.41 47.44 0.68
N GLU G 85 -10.51 48.20 0.54
CA GLU G 85 -11.82 47.64 0.82
C GLU G 85 -12.15 46.48 -0.11
N GLU G 86 -11.63 46.52 -1.33
CA GLU G 86 -11.90 45.49 -2.33
C GLU G 86 -11.01 44.26 -2.19
N THR G 87 -10.00 44.32 -1.31
CA THR G 87 -9.11 43.19 -1.10
C THR G 87 -9.89 41.98 -0.58
N ARG G 88 -9.40 40.80 -0.92
CA ARG G 88 -9.90 39.55 -0.36
C ARG G 88 -8.83 38.94 0.53
N LEU G 89 -9.14 38.76 1.80
CA LEU G 89 -8.25 38.02 2.68
C LEU G 89 -8.23 36.55 2.28
N GLU G 90 -7.19 35.84 2.71
CA GLU G 90 -7.15 34.40 2.51
C GLU G 90 -8.34 33.73 3.17
N MET G 91 -8.72 34.20 4.36
CA MET G 91 -9.89 33.67 5.05
C MET G 91 -11.21 34.19 4.48
N ASP G 92 -11.18 35.32 3.77
CA ASP G 92 -12.38 35.76 3.05
C ASP G 92 -12.74 34.82 1.92
N LYS G 93 -11.82 33.94 1.53
CA LYS G 93 -12.05 32.99 0.44
C LYS G 93 -12.61 31.66 0.93
N PHE G 94 -12.67 31.44 2.24
CA PHE G 94 -13.27 30.23 2.77
C PHE G 94 -14.77 30.25 2.46
N PRO G 95 -15.36 29.13 2.03
CA PRO G 95 -16.73 29.18 1.53
C PRO G 95 -17.78 29.43 2.60
N PHE G 96 -17.61 28.89 3.81
CA PHE G 96 -18.71 28.77 4.77
C PHE G 96 -18.39 29.56 6.04
N VAL G 97 -19.28 30.48 6.39
CA VAL G 97 -19.07 31.45 7.45
C VAL G 97 -20.18 31.32 8.48
N ALA G 98 -19.83 31.44 9.76
CA ALA G 98 -20.79 31.39 10.85
C ALA G 98 -20.41 32.42 11.90
N LEU G 99 -21.29 32.58 12.89
CA LEU G 99 -21.05 33.47 14.03
C LEU G 99 -20.97 32.63 15.30
N SER G 100 -20.05 33.02 16.20
CA SER G 100 -19.78 32.27 17.42
C SER G 100 -20.12 33.11 18.63
N LYS G 101 -21.00 32.60 19.49
CA LYS G 101 -21.34 33.24 20.75
C LYS G 101 -20.25 32.90 21.76
N THR G 102 -19.47 33.91 22.17
CA THR G 102 -18.20 33.68 22.84
C THR G 102 -18.28 33.69 24.37
N TYR G 103 -19.46 33.90 24.95
CA TYR G 103 -19.53 34.17 26.38
C TYR G 103 -19.07 32.98 27.21
N ASN G 104 -18.26 33.27 28.23
CA ASN G 104 -17.93 32.26 29.22
C ASN G 104 -19.16 31.94 30.07
N THR G 105 -19.10 30.79 30.75
CA THR G 105 -20.22 30.38 31.58
C THR G 105 -20.37 31.24 32.83
N ASN G 106 -19.30 31.94 33.25
CA ASN G 106 -19.35 32.86 34.37
C ASN G 106 -18.96 34.29 33.97
N ALA G 107 -18.76 34.54 32.69
CA ALA G 107 -18.29 35.85 32.23
C ALA G 107 -19.04 36.22 30.96
N GLN G 108 -19.74 37.36 31.01
CA GLN G 108 -20.44 37.87 29.83
C GLN G 108 -19.44 38.30 28.75
N VAL G 109 -18.47 39.13 29.13
CA VAL G 109 -17.34 39.44 28.26
C VAL G 109 -16.22 38.46 28.57
N PRO G 110 -15.96 37.48 27.71
CA PRO G 110 -15.14 36.32 28.10
C PRO G 110 -13.65 36.64 28.13
N ASP G 111 -12.87 35.65 28.57
CA ASP G 111 -11.43 35.78 28.70
C ASP G 111 -10.73 34.81 27.74
N SER G 112 -9.40 34.75 27.85
CA SER G 112 -8.61 33.96 26.91
C SER G 112 -8.72 32.47 27.20
N ALA G 113 -8.77 32.08 28.46
CA ALA G 113 -8.69 30.67 28.82
C ALA G 113 -10.03 29.96 28.67
N GLY G 114 -11.08 30.49 29.28
CA GLY G 114 -12.35 29.78 29.29
C GLY G 114 -12.94 29.58 27.91
N THR G 115 -12.61 30.48 26.98
CA THR G 115 -13.05 30.29 25.60
C THR G 115 -12.26 29.18 24.94
N ALA G 116 -10.96 29.07 25.25
CA ALA G 116 -10.14 28.02 24.67
C ALA G 116 -10.65 26.63 25.03
N THR G 117 -11.26 26.49 26.21
CA THR G 117 -11.91 25.23 26.54
C THR G 117 -13.14 24.98 25.66
N ALA G 118 -13.81 26.05 25.23
CA ALA G 118 -15.00 25.89 24.41
C ALA G 118 -14.66 25.37 23.02
N TYR G 119 -13.77 26.07 22.30
CA TYR G 119 -13.49 25.69 20.92
C TYR G 119 -12.44 24.60 20.79
N LEU G 120 -11.83 24.15 21.90
CA LEU G 120 -10.88 23.04 21.85
C LEU G 120 -11.39 21.79 22.54
N CYS G 121 -12.28 21.92 23.53
CA CYS G 121 -12.79 20.78 24.27
C CYS G 121 -14.28 20.55 24.12
N GLY G 122 -15.05 21.55 23.69
CA GLY G 122 -16.47 21.40 23.51
C GLY G 122 -17.32 21.70 24.73
N VAL G 123 -16.74 22.24 25.78
CA VAL G 123 -17.44 22.54 27.03
C VAL G 123 -17.12 23.96 27.44
N LYS G 124 -18.14 24.82 27.49
CA LYS G 124 -17.96 26.15 28.03
C LYS G 124 -17.61 26.08 29.51
N ALA G 125 -16.73 26.96 29.95
CA ALA G 125 -16.15 26.86 31.29
C ALA G 125 -16.11 28.24 31.93
N ASN G 126 -15.38 28.32 33.04
CA ASN G 126 -15.25 29.54 33.82
C ASN G 126 -14.03 30.35 33.37
N GLU G 127 -14.09 31.65 33.64
CA GLU G 127 -12.97 32.53 33.33
C GLU G 127 -11.74 32.12 34.13
N GLY G 128 -10.59 32.03 33.45
CA GLY G 128 -9.34 31.69 34.09
C GLY G 128 -9.04 30.21 34.18
N THR G 129 -9.90 29.35 33.64
CA THR G 129 -9.69 27.91 33.68
C THR G 129 -9.55 27.35 32.28
N VAL G 130 -8.75 26.29 32.15
CA VAL G 130 -8.57 25.59 30.88
C VAL G 130 -8.76 24.10 31.12
N GLY G 131 -9.37 23.42 30.15
CA GLY G 131 -9.51 21.98 30.20
C GLY G 131 -10.38 21.42 31.30
N VAL G 132 -11.26 22.24 31.88
CA VAL G 132 -12.13 21.79 32.96
C VAL G 132 -13.51 22.40 32.77
N SER G 133 -14.53 21.72 33.29
CA SER G 133 -15.90 22.19 33.18
C SER G 133 -16.18 23.28 34.22
N ALA G 134 -17.41 23.78 34.21
CA ALA G 134 -17.79 24.87 35.11
C ALA G 134 -17.86 24.44 36.57
N ALA G 135 -17.73 23.13 36.86
CA ALA G 135 -17.69 22.70 38.25
C ALA G 135 -16.40 23.13 38.94
N THR G 136 -15.34 23.33 38.17
CA THR G 136 -14.10 23.84 38.73
C THR G 136 -14.23 25.33 39.05
N GLU G 137 -13.61 25.76 40.14
CA GLU G 137 -13.51 27.16 40.50
C GLU G 137 -12.07 27.62 40.36
N ARG G 138 -11.90 28.90 40.00
CA ARG G 138 -10.58 29.42 39.69
C ARG G 138 -9.67 29.38 40.92
N SER G 139 -8.42 29.01 40.68
CA SER G 139 -7.34 29.07 41.68
C SER G 139 -7.52 28.09 42.83
N ARG G 140 -8.68 27.46 42.93
CA ARG G 140 -8.93 26.41 43.92
C ARG G 140 -8.71 25.06 43.25
N CYS G 141 -7.73 24.30 43.74
CA CYS G 141 -7.33 23.10 43.01
C CYS G 141 -8.11 21.85 43.40
N ASN G 142 -8.65 21.76 44.62
CA ASN G 142 -9.38 20.55 44.97
C ASN G 142 -10.78 20.49 44.34
N THR G 143 -10.97 21.26 43.26
CA THR G 143 -12.12 21.15 42.38
C THR G 143 -11.75 20.60 41.00
N THR G 144 -10.49 20.21 40.79
CA THR G 144 -10.01 19.83 39.47
C THR G 144 -10.28 18.37 39.12
N GLN G 145 -9.82 17.44 39.97
CA GLN G 145 -9.97 16.02 39.66
C GLN G 145 -11.44 15.64 39.56
N GLY G 146 -11.74 14.75 38.61
CA GLY G 146 -13.12 14.41 38.30
C GLY G 146 -13.84 15.42 37.45
N ASN G 147 -13.22 16.55 37.12
CA ASN G 147 -13.86 17.61 36.35
C ASN G 147 -13.09 17.97 35.09
N GLU G 148 -12.05 17.21 34.73
CA GLU G 148 -11.30 17.48 33.53
C GLU G 148 -12.14 17.18 32.29
N VAL G 149 -11.78 17.84 31.18
CA VAL G 149 -12.36 17.56 29.87
C VAL G 149 -11.23 17.45 28.86
N THR G 150 -11.33 16.50 27.95
CA THR G 150 -10.30 16.28 26.95
C THR G 150 -10.57 17.10 25.69
N SER G 151 -9.52 17.36 24.94
CA SER G 151 -9.56 18.27 23.80
C SER G 151 -9.46 17.51 22.49
N ILE G 152 -9.72 18.22 21.40
CA ILE G 152 -9.66 17.63 20.06
C ILE G 152 -8.23 17.26 19.70
N LEU G 153 -7.24 17.89 20.32
CA LEU G 153 -5.86 17.42 20.17
C LEU G 153 -5.68 16.05 20.79
N ARG G 154 -6.24 15.83 21.98
CA ARG G 154 -6.22 14.51 22.60
C ARG G 154 -7.05 13.50 21.78
N TRP G 155 -8.23 13.92 21.32
CA TRP G 155 -9.06 13.03 20.51
C TRP G 155 -8.33 12.61 19.23
N ALA G 156 -7.46 13.46 18.70
CA ALA G 156 -6.73 13.13 17.49
C ALA G 156 -5.68 12.06 17.75
N LYS G 157 -4.79 12.31 18.71
CA LYS G 157 -3.73 11.35 19.02
C LYS G 157 -4.30 10.00 19.44
N ASP G 158 -5.42 10.02 20.17
CA ASP G 158 -6.06 8.77 20.56
C ASP G 158 -6.50 7.95 19.35
N ALA G 159 -6.80 8.62 18.23
CA ALA G 159 -7.16 7.96 16.99
C ALA G 159 -5.97 7.78 16.06
N GLY G 160 -4.75 7.97 16.56
CA GLY G 160 -3.55 7.66 15.83
C GLY G 160 -2.96 8.76 14.98
N LYS G 161 -3.58 9.94 14.96
CA LYS G 161 -3.08 11.03 14.13
C LYS G 161 -1.91 11.73 14.82
N SER G 162 -1.22 12.55 14.04
CA SER G 162 -0.21 13.45 14.57
C SER G 162 -0.87 14.76 15.01
N VAL G 163 -0.19 15.45 15.92
CA VAL G 163 -0.74 16.69 16.48
C VAL G 163 0.34 17.75 16.52
N GLY G 164 -0.08 19.01 16.32
CA GLY G 164 0.84 20.12 16.34
C GLY G 164 0.31 21.36 17.05
N ILE G 165 1.21 22.09 17.72
CA ILE G 165 0.86 23.32 18.40
C ILE G 165 1.85 24.38 17.93
N VAL G 166 1.37 25.35 17.15
CA VAL G 166 2.18 26.45 16.65
C VAL G 166 1.54 27.75 17.11
N THR G 167 2.35 28.67 17.62
CA THR G 167 1.84 29.92 18.16
C THR G 167 2.97 30.92 18.30
N THR G 168 2.58 32.19 18.45
CA THR G 168 3.53 33.26 18.73
C THR G 168 3.51 33.68 20.19
N THR G 169 2.58 33.16 20.99
CA THR G 169 2.60 33.38 22.43
C THR G 169 3.39 32.24 23.08
N ARG G 170 3.44 32.25 24.41
CA ARG G 170 4.03 31.14 25.14
C ARG G 170 3.24 29.86 24.86
N VAL G 171 3.95 28.73 24.90
CA VAL G 171 3.27 27.45 24.72
C VAL G 171 2.41 27.12 25.93
N ASN G 172 2.66 27.74 27.07
CA ASN G 172 1.80 27.60 28.24
C ASN G 172 0.82 28.76 28.40
N HIS G 173 0.67 29.59 27.37
CA HIS G 173 -0.35 30.61 27.39
C HIS G 173 -1.74 29.97 27.38
N ALA G 174 -2.75 30.77 27.73
CA ALA G 174 -4.08 30.23 27.99
C ALA G 174 -4.63 29.46 26.81
N THR G 175 -4.51 30.01 25.60
CA THR G 175 -5.16 29.39 24.45
C THR G 175 -4.52 28.07 24.05
N PRO G 176 -3.19 27.97 23.88
CA PRO G 176 -2.61 26.64 23.59
C PRO G 176 -2.79 25.65 24.73
N SER G 177 -2.76 26.11 25.98
CA SER G 177 -2.77 25.19 27.11
C SER G 177 -4.03 24.34 27.18
N ALA G 178 -5.15 24.86 26.67
CA ALA G 178 -6.39 24.09 26.66
C ALA G 178 -6.34 22.89 25.73
N ALA G 179 -5.28 22.74 24.93
CA ALA G 179 -5.13 21.57 24.08
C ALA G 179 -4.72 20.34 24.87
N TYR G 180 -3.82 20.52 25.84
CA TYR G 180 -3.23 19.41 26.58
C TYR G 180 -3.46 19.46 28.07
N ALA G 181 -3.56 20.64 28.67
CA ALA G 181 -3.54 20.78 30.12
C ALA G 181 -4.95 20.81 30.70
N HIS G 182 -5.03 20.66 32.02
CA HIS G 182 -6.25 20.83 32.79
C HIS G 182 -5.84 21.57 34.07
N SER G 183 -5.90 22.90 34.02
CA SER G 183 -5.47 23.73 35.13
C SER G 183 -6.65 24.55 35.66
N ALA G 184 -6.60 24.87 36.95
CA ALA G 184 -7.63 25.66 37.60
C ALA G 184 -7.36 27.15 37.54
N ASP G 185 -6.15 27.56 37.15
CA ASP G 185 -5.84 28.99 37.01
C ASP G 185 -4.87 29.16 35.86
N ARG G 186 -5.27 29.95 34.87
CA ARG G 186 -4.44 30.17 33.68
C ARG G 186 -3.13 30.87 34.01
N ASP G 187 -3.03 31.53 35.17
CA ASP G 187 -1.79 32.20 35.53
C ASP G 187 -0.69 31.23 35.92
N TRP G 188 -1.02 29.98 36.21
CA TRP G 188 -0.05 28.98 36.70
C TRP G 188 0.79 28.48 35.54
N TYR G 189 1.65 29.36 35.03
CA TYR G 189 2.53 29.01 33.91
C TYR G 189 3.51 27.93 34.32
N SER G 190 4.50 28.28 35.13
CA SER G 190 5.36 27.30 35.78
C SER G 190 4.96 27.20 37.25
N ASP G 191 5.68 26.36 38.00
CA ASP G 191 5.40 26.28 39.44
C ASP G 191 5.87 27.51 40.20
N ASN G 192 6.72 28.35 39.58
CA ASN G 192 7.09 29.62 40.19
C ASN G 192 5.87 30.52 40.37
N GLU G 193 4.89 30.40 39.49
CA GLU G 193 3.72 31.27 39.45
C GLU G 193 2.51 30.65 40.14
N MET G 194 2.74 29.74 41.09
CA MET G 194 1.68 29.02 41.77
C MET G 194 1.68 29.35 43.26
N PRO G 195 0.53 29.29 43.92
CA PRO G 195 0.50 29.48 45.37
C PRO G 195 0.94 28.21 46.08
N PRO G 196 1.59 28.33 47.23
CA PRO G 196 2.08 27.13 47.92
C PRO G 196 0.96 26.20 48.36
N GLU G 197 -0.25 26.72 48.57
CA GLU G 197 -1.38 25.85 48.85
C GLU G 197 -1.63 24.89 47.70
N ALA G 198 -1.57 25.39 46.46
CA ALA G 198 -1.90 24.56 45.30
C ALA G 198 -0.85 23.49 45.05
N LEU G 199 0.41 23.74 45.42
CA LEU G 199 1.43 22.70 45.31
C LEU G 199 1.16 21.55 46.27
N SER G 200 0.77 21.88 47.50
CA SER G 200 0.51 20.85 48.51
C SER G 200 -0.67 19.96 48.13
N GLN G 201 -1.66 20.52 47.41
CA GLN G 201 -2.75 19.71 46.92
C GLN G 201 -2.31 18.74 45.82
N GLY G 202 -1.11 18.91 45.27
CA GLY G 202 -0.59 18.00 44.27
C GLY G 202 -1.08 18.29 42.87
N CYS G 203 -1.00 19.56 42.47
CA CYS G 203 -1.39 19.99 41.14
C CYS G 203 -0.16 20.43 40.35
N LYS G 204 -0.20 20.19 39.05
CA LYS G 204 0.95 20.41 38.17
C LYS G 204 0.69 21.59 37.27
N ASP G 205 1.68 22.48 37.17
CA ASP G 205 1.56 23.68 36.36
C ASP G 205 1.44 23.33 34.88
N ILE G 206 1.16 24.36 34.08
CA ILE G 206 0.88 24.13 32.66
C ILE G 206 2.13 23.66 31.93
N ALA G 207 3.26 24.33 32.17
CA ALA G 207 4.50 23.95 31.50
C ALA G 207 4.86 22.50 31.79
N TYR G 208 4.73 22.08 33.05
CA TYR G 208 4.93 20.68 33.40
C TYR G 208 3.93 19.78 32.67
N GLN G 209 2.71 20.27 32.49
CA GLN G 209 1.65 19.44 31.89
C GLN G 209 1.87 19.27 30.39
N LEU G 210 2.59 20.19 29.75
CA LEU G 210 2.88 20.06 28.33
C LEU G 210 3.67 18.79 28.03
N MET G 211 4.59 18.44 28.92
CA MET G 211 5.51 17.33 28.71
C MET G 211 5.06 16.05 29.42
N HIS G 212 3.83 16.00 29.93
CA HIS G 212 3.44 14.86 30.76
C HIS G 212 2.07 14.29 30.46
N ASN G 213 1.09 15.08 30.03
CA ASN G 213 -0.24 14.53 29.76
C ASN G 213 -0.29 13.84 28.40
N ILE G 214 0.07 14.56 27.34
CA ILE G 214 0.26 13.95 26.02
C ILE G 214 1.76 13.92 25.79
N ARG G 215 2.38 12.76 26.02
CA ARG G 215 3.82 12.60 25.96
C ARG G 215 4.33 12.39 24.53
N ASP G 216 3.46 12.51 23.53
CA ASP G 216 3.87 12.32 22.14
C ASP G 216 3.27 13.39 21.25
N ILE G 217 3.26 14.64 21.71
CA ILE G 217 2.95 15.76 20.82
C ILE G 217 4.12 15.92 19.87
N ASP G 218 3.86 15.75 18.57
CA ASP G 218 4.95 15.68 17.60
C ASP G 218 5.59 17.05 17.39
N VAL G 219 4.79 18.10 17.22
CA VAL G 219 5.29 19.43 16.91
C VAL G 219 4.77 20.41 17.95
N ILE G 220 5.70 21.08 18.63
CA ILE G 220 5.39 22.20 19.51
C ILE G 220 6.31 23.35 19.13
N MET G 221 5.73 24.51 18.79
CA MET G 221 6.51 25.66 18.39
C MET G 221 5.89 26.92 18.98
N GLY G 222 6.73 27.79 19.53
CA GLY G 222 6.28 29.04 20.10
C GLY G 222 7.26 29.63 21.08
N GLY G 223 6.74 30.23 22.16
CA GLY G 223 7.54 30.77 23.22
C GLY G 223 7.41 29.98 24.51
N GLY G 224 7.91 30.58 25.59
CA GLY G 224 7.86 29.94 26.89
C GLY G 224 9.11 29.15 27.20
N ARG G 225 10.26 29.70 26.83
CA ARG G 225 11.52 28.98 27.01
C ARG G 225 11.93 28.95 28.48
N LYS G 226 11.70 30.04 29.21
CA LYS G 226 12.20 30.15 30.58
C LYS G 226 11.36 29.38 31.59
N TYR G 227 10.15 28.94 31.22
CA TYR G 227 9.34 28.09 32.08
C TYR G 227 9.76 26.62 32.00
N MET G 228 10.83 26.31 31.26
CA MET G 228 11.28 24.95 31.08
C MET G 228 12.63 24.66 31.75
N TYR G 229 13.43 25.70 32.05
CA TYR G 229 14.75 25.60 32.64
C TYR G 229 14.70 25.82 34.14
N PRO G 230 15.65 25.28 34.90
CA PRO G 230 15.65 25.48 36.36
C PRO G 230 15.84 26.95 36.70
N LYS G 231 15.44 27.29 37.92
CA LYS G 231 15.45 28.67 38.37
C LYS G 231 16.86 29.24 38.34
N ASN G 232 16.97 30.50 37.90
CA ASN G 232 18.21 31.26 37.80
C ASN G 232 19.20 30.70 36.80
N LYS G 233 18.78 29.76 35.95
CA LYS G 233 19.65 29.27 34.88
C LYS G 233 19.56 30.22 33.69
N THR G 234 20.72 30.61 33.16
CA THR G 234 20.77 31.60 32.10
C THR G 234 20.14 31.07 30.82
N ASP G 235 19.51 31.97 30.08
CA ASP G 235 18.86 31.66 28.82
C ASP G 235 19.87 31.78 27.68
N VAL G 236 19.68 30.95 26.66
CA VAL G 236 20.70 30.80 25.62
C VAL G 236 20.79 32.06 24.75
N GLU G 237 19.64 32.67 24.42
CA GLU G 237 19.65 33.79 23.50
C GLU G 237 19.98 35.11 24.21
N TYR G 238 19.43 35.32 25.40
CA TYR G 238 19.65 36.54 26.18
C TYR G 238 20.28 36.15 27.51
N GLU G 239 21.60 35.97 27.50
CA GLU G 239 22.33 35.68 28.73
C GLU G 239 22.52 36.92 29.59
N SER G 240 22.61 38.09 28.95
CA SER G 240 22.86 39.34 29.66
C SER G 240 21.64 39.80 30.47
N ASP G 241 20.50 39.15 30.31
CA ASP G 241 19.26 39.56 30.95
C ASP G 241 18.78 38.47 31.90
N GLU G 242 18.19 38.90 33.02
CA GLU G 242 17.72 38.01 34.07
C GLU G 242 16.21 37.79 34.05
N LYS G 243 15.42 38.71 33.49
CA LYS G 243 14.00 38.41 33.36
C LYS G 243 13.76 37.28 32.36
N ALA G 244 14.78 36.86 31.62
CA ALA G 244 14.72 35.70 30.74
C ALA G 244 15.26 34.43 31.40
N ARG G 245 15.77 34.54 32.63
CA ARG G 245 16.34 33.39 33.31
C ARG G 245 15.27 32.35 33.58
N GLY G 246 15.71 31.12 33.90
CA GLY G 246 14.78 30.06 34.20
C GLY G 246 13.94 30.36 35.43
N THR G 247 12.81 29.67 35.55
CA THR G 247 11.85 29.94 36.61
C THR G 247 11.49 28.73 37.45
N ARG G 248 11.87 27.51 37.06
CA ARG G 248 11.44 26.32 37.79
C ARG G 248 12.16 26.21 39.12
N LEU G 249 11.40 26.28 40.22
CA LEU G 249 11.93 25.80 41.49
C LEU G 249 12.09 24.29 41.51
N ASP G 250 11.43 23.60 40.56
CA ASP G 250 11.57 22.16 40.43
C ASP G 250 13.03 21.75 40.28
N GLY G 251 13.90 22.66 39.81
CA GLY G 251 15.18 22.29 39.27
C GLY G 251 15.11 21.35 38.08
N LEU G 252 13.90 21.01 37.60
CA LEU G 252 13.73 20.13 36.44
C LEU G 252 14.23 20.79 35.15
N ASP G 253 14.31 19.97 34.09
CA ASP G 253 14.68 20.44 32.75
C ASP G 253 13.73 19.73 31.79
N LEU G 254 12.65 20.42 31.41
CA LEU G 254 11.63 19.78 30.59
C LEU G 254 12.02 19.65 29.13
N VAL G 255 13.09 20.32 28.70
CA VAL G 255 13.69 20.01 27.40
C VAL G 255 14.29 18.61 27.43
N ASP G 256 15.16 18.37 28.42
CA ASP G 256 15.63 17.01 28.68
C ASP G 256 14.47 16.06 28.91
N THR G 257 13.48 16.50 29.69
CA THR G 257 12.31 15.66 29.95
C THR G 257 11.53 15.40 28.68
N TRP G 258 11.28 16.43 27.87
CA TRP G 258 10.65 16.21 26.57
C TRP G 258 11.35 15.07 25.83
N LYS G 259 12.63 15.28 25.50
CA LYS G 259 13.43 14.27 24.81
C LYS G 259 13.31 12.87 25.42
N SER G 260 12.91 12.77 26.69
CA SER G 260 12.98 11.50 27.41
C SER G 260 11.80 10.58 27.17
N PHE G 261 10.61 11.09 26.88
CA PHE G 261 9.46 10.24 26.58
C PHE G 261 9.38 9.87 25.10
N LYS G 262 10.35 10.28 24.30
CA LYS G 262 10.34 9.75 22.95
C LYS G 262 11.24 8.53 22.84
N PRO G 263 10.82 7.55 22.04
CA PRO G 263 11.70 6.40 21.78
C PRO G 263 13.09 6.86 21.35
N ARG G 264 14.10 6.29 21.99
CA ARG G 264 15.49 6.69 21.75
C ARG G 264 15.89 6.57 20.28
N TYR G 265 15.22 5.70 19.51
CA TYR G 265 15.56 5.50 18.11
C TYR G 265 14.80 6.42 17.17
N LYS G 266 13.94 7.29 17.68
CA LYS G 266 13.25 8.27 16.87
C LYS G 266 14.03 9.57 16.82
N HIS G 267 13.82 10.34 15.75
CA HIS G 267 14.55 11.58 15.52
C HIS G 267 13.80 12.73 16.19
N SER G 268 14.34 13.21 17.31
CA SER G 268 13.84 14.39 18.02
C SER G 268 14.95 15.43 18.10
N HIS G 269 14.58 16.70 18.10
CA HIS G 269 15.56 17.75 17.81
C HIS G 269 15.65 18.83 18.89
N PHE G 270 14.57 19.59 19.13
CA PHE G 270 14.62 20.82 19.91
C PHE G 270 15.46 21.89 19.23
N ILE G 271 14.83 22.98 18.81
CA ILE G 271 15.55 24.12 18.23
C ILE G 271 15.18 25.37 19.01
N TRP G 272 15.78 26.51 18.67
CA TRP G 272 15.46 27.74 19.38
C TRP G 272 15.70 29.01 18.57
N ASN G 273 16.32 28.91 17.40
CA ASN G 273 16.44 30.09 16.54
C ASN G 273 15.99 29.74 15.12
N ARG G 274 15.97 30.77 14.27
CA ARG G 274 15.39 30.62 12.92
C ARG G 274 16.26 29.75 12.02
N THR G 275 17.58 29.91 12.11
CA THR G 275 18.48 29.13 11.26
C THR G 275 18.24 27.63 11.41
N GLU G 276 18.11 27.17 12.66
CA GLU G 276 17.86 25.76 12.90
C GLU G 276 16.52 25.31 12.33
N LEU G 277 15.55 26.22 12.22
CA LEU G 277 14.24 25.85 11.71
C LEU G 277 14.31 25.52 10.22
N LEU G 278 14.94 26.40 9.43
CA LEU G 278 15.04 26.17 7.99
C LEU G 278 16.13 25.17 7.65
N THR G 279 17.14 25.03 8.52
CA THR G 279 18.18 24.03 8.30
C THR G 279 17.61 22.63 8.24
N LEU G 280 16.56 22.36 9.03
CA LEU G 280 15.99 21.03 9.22
C LEU G 280 15.58 20.34 7.93
N ASP G 281 15.46 19.02 8.00
CA ASP G 281 14.81 18.21 6.98
C ASP G 281 13.51 17.68 7.57
N PRO G 282 12.37 18.35 7.32
CA PRO G 282 11.08 17.82 7.76
C PRO G 282 10.88 16.34 7.47
N HIS G 283 11.35 15.85 6.31
CA HIS G 283 11.23 14.42 6.05
C HIS G 283 12.09 13.56 6.99
N ASN G 284 12.76 14.15 7.98
CA ASN G 284 13.69 13.44 8.84
C ASN G 284 13.40 13.61 10.33
N VAL G 285 12.41 14.44 10.69
CA VAL G 285 12.10 14.74 12.08
C VAL G 285 10.78 14.09 12.44
N ASP G 286 10.74 13.40 13.58
CA ASP G 286 9.54 12.82 14.13
C ASP G 286 8.92 13.66 15.25
N TYR G 287 9.75 14.29 16.07
CA TYR G 287 9.27 15.11 17.19
C TYR G 287 10.07 16.39 17.23
N LEU G 288 9.39 17.53 17.11
CA LEU G 288 10.01 18.84 17.06
C LEU G 288 9.58 19.68 18.25
N LEU G 289 10.50 20.48 18.77
CA LEU G 289 10.20 21.40 19.87
C LEU G 289 10.97 22.69 19.61
N GLY G 290 10.26 23.76 19.26
CA GLY G 290 10.89 25.04 19.08
C GLY G 290 10.40 26.08 20.06
N LEU G 291 11.31 26.61 20.88
CA LEU G 291 11.00 27.67 21.84
C LEU G 291 11.95 28.83 21.53
N PHE G 292 11.44 29.83 20.82
CA PHE G 292 12.28 30.84 20.19
C PHE G 292 12.39 32.13 21.00
N GLU G 293 11.73 32.23 22.15
CA GLU G 293 11.84 33.38 23.03
C GLU G 293 11.59 32.92 24.45
N PRO G 294 12.10 33.63 25.45
CA PRO G 294 11.85 33.22 26.84
C PRO G 294 10.38 33.27 27.20
N GLY G 295 9.69 34.36 26.86
CA GLY G 295 8.26 34.45 27.05
C GLY G 295 7.52 34.50 25.72
N ASP G 296 6.74 35.55 25.51
CA ASP G 296 6.04 35.71 24.25
C ASP G 296 7.03 36.05 23.13
N MET G 297 6.64 35.72 21.90
CA MET G 297 7.47 36.02 20.76
C MET G 297 7.28 37.46 20.33
N GLN G 298 8.31 38.02 19.69
CA GLN G 298 8.27 39.43 19.34
C GLN G 298 7.29 39.68 18.20
N TYR G 299 6.57 40.80 18.28
CA TYR G 299 5.66 41.24 17.23
C TYR G 299 6.30 41.11 15.86
N GLU G 300 5.50 40.74 14.86
CA GLU G 300 6.02 40.63 13.50
C GLU G 300 6.64 41.95 13.05
N LEU G 301 6.04 43.08 13.44
CA LEU G 301 6.60 44.38 13.10
C LEU G 301 7.92 44.67 13.80
N ASN G 302 8.27 43.88 14.83
CA ASN G 302 9.50 44.08 15.58
C ASN G 302 10.42 42.86 15.53
N ARG G 303 10.09 41.86 14.72
CA ARG G 303 10.80 40.58 14.76
C ARG G 303 12.22 40.72 14.19
N ASN G 304 13.10 39.84 14.66
CA ASN G 304 14.47 39.74 14.16
C ASN G 304 14.50 38.79 12.97
N ASN G 305 14.82 39.32 11.77
CA ASN G 305 14.94 38.46 10.59
C ASN G 305 15.92 37.32 10.83
N VAL G 306 17.03 37.63 11.50
CA VAL G 306 18.16 36.71 11.55
C VAL G 306 17.89 35.58 12.54
N THR G 307 17.34 35.89 13.71
CA THR G 307 17.28 34.94 14.81
C THR G 307 15.90 34.35 15.07
N ASP G 308 14.83 34.93 14.53
CA ASP G 308 13.49 34.52 14.91
C ASP G 308 12.61 34.30 13.69
N PRO G 309 11.83 33.21 13.68
CA PRO G 309 10.94 32.95 12.54
C PRO G 309 9.57 33.60 12.70
N SER G 310 8.87 33.70 11.57
CA SER G 310 7.51 34.21 11.52
C SER G 310 6.52 33.09 11.76
N LEU G 311 5.24 33.45 11.93
CA LEU G 311 4.21 32.44 12.11
C LEU G 311 4.04 31.59 10.86
N SER G 312 4.10 32.23 9.68
CA SER G 312 3.98 31.48 8.42
C SER G 312 5.10 30.46 8.29
N GLU G 313 6.35 30.88 8.55
CA GLU G 313 7.48 29.97 8.49
C GLU G 313 7.27 28.77 9.41
N MET G 314 6.77 29.01 10.62
CA MET G 314 6.59 27.93 11.58
C MET G 314 5.46 27.00 11.15
N VAL G 315 4.39 27.55 10.57
CA VAL G 315 3.29 26.71 10.11
C VAL G 315 3.75 25.78 8.99
N VAL G 316 4.65 26.26 8.14
CA VAL G 316 5.06 25.48 6.96
C VAL G 316 5.77 24.20 7.39
N VAL G 317 6.87 24.33 8.13
CA VAL G 317 7.62 23.14 8.53
C VAL G 317 6.81 22.30 9.51
N ALA G 318 5.90 22.92 10.26
CA ALA G 318 5.01 22.15 11.11
C ALA G 318 4.17 21.19 10.27
N ILE G 319 3.49 21.72 9.25
CA ILE G 319 2.68 20.87 8.38
C ILE G 319 3.56 19.86 7.65
N GLN G 320 4.76 20.27 7.24
CA GLN G 320 5.66 19.37 6.53
C GLN G 320 6.01 18.16 7.39
N ILE G 321 6.20 18.36 8.70
CA ILE G 321 6.47 17.23 9.58
C ILE G 321 5.21 16.39 9.79
N LEU G 322 4.08 17.05 10.03
CA LEU G 322 2.84 16.35 10.35
C LEU G 322 2.20 15.67 9.15
N ARG G 323 2.58 16.02 7.92
CA ARG G 323 1.97 15.43 6.73
C ARG G 323 2.26 13.94 6.61
N LYS G 324 3.31 13.44 7.26
CA LYS G 324 3.76 12.07 7.04
C LYS G 324 2.72 11.06 7.46
N ASN G 325 2.10 11.26 8.63
CA ASN G 325 1.25 10.26 9.24
C ASN G 325 0.17 9.80 8.28
N PRO G 326 0.15 8.53 7.88
CA PRO G 326 -0.85 8.07 6.90
C PRO G 326 -2.28 8.25 7.36
N LYS G 327 -2.51 8.36 8.67
CA LYS G 327 -3.84 8.61 9.22
C LYS G 327 -4.12 10.09 9.41
N GLY G 328 -3.19 10.97 9.05
CA GLY G 328 -3.42 12.40 9.06
C GLY G 328 -2.85 13.07 10.29
N PHE G 329 -3.25 14.34 10.45
CA PHE G 329 -2.80 15.13 11.60
C PHE G 329 -3.88 16.13 11.98
N PHE G 330 -3.75 16.66 13.20
CA PHE G 330 -4.46 17.84 13.65
C PHE G 330 -3.43 18.91 13.96
N LEU G 331 -3.65 20.12 13.46
CA LEU G 331 -2.76 21.24 13.71
C LEU G 331 -3.56 22.39 14.30
N LEU G 332 -3.06 22.95 15.39
CA LEU G 332 -3.63 24.16 15.99
C LEU G 332 -2.60 25.27 15.86
N VAL G 333 -2.88 26.25 15.00
CA VAL G 333 -2.10 27.46 14.90
C VAL G 333 -2.85 28.56 15.63
N GLU G 334 -2.14 29.27 16.50
CA GLU G 334 -2.71 30.42 17.19
C GLU G 334 -1.95 31.66 16.74
N GLY G 335 -2.58 32.47 15.90
CA GLY G 335 -2.05 33.77 15.58
C GLY G 335 -2.19 34.70 16.77
N GLY G 336 -1.56 34.33 17.88
CA GLY G 336 -1.56 35.17 19.06
C GLY G 336 -0.86 36.49 18.79
N ARG G 337 -0.95 37.37 19.79
CA ARG G 337 -0.43 38.72 19.83
C ARG G 337 -1.26 39.69 19.00
N ILE G 338 -2.24 39.22 18.22
CA ILE G 338 -3.35 40.08 17.85
C ILE G 338 -4.03 40.59 19.10
N ASP G 339 -4.22 39.69 20.08
CA ASP G 339 -4.85 40.05 21.34
C ASP G 339 -4.01 41.07 22.11
N HIS G 340 -2.70 40.84 22.18
CA HIS G 340 -1.84 41.76 22.93
C HIS G 340 -1.79 43.12 22.27
N GLY G 341 -1.87 43.18 20.95
CA GLY G 341 -1.83 44.46 20.26
C GLY G 341 -2.98 45.38 20.66
N HIS G 342 -4.20 44.83 20.64
CA HIS G 342 -5.36 45.61 21.08
C HIS G 342 -5.26 45.93 22.57
N HIS G 343 -4.73 45.01 23.37
CA HIS G 343 -4.60 45.24 24.80
C HIS G 343 -3.72 46.44 25.10
N GLU G 344 -2.73 46.70 24.25
CA GLU G 344 -1.89 47.88 24.37
C GLU G 344 -2.49 49.11 23.70
N GLY G 345 -3.60 48.96 22.98
CA GLY G 345 -4.16 50.03 22.19
C GLY G 345 -3.40 50.36 20.91
N LYS G 346 -2.36 49.58 20.59
CA LYS G 346 -1.56 49.81 19.40
C LYS G 346 -2.19 49.00 18.26
N ALA G 347 -3.08 49.65 17.52
CA ALA G 347 -3.85 48.95 16.50
C ALA G 347 -2.99 48.53 15.31
N LYS G 348 -1.96 49.31 14.99
CA LYS G 348 -1.09 48.96 13.86
C LYS G 348 -0.37 47.64 14.11
N GLN G 349 -0.04 47.34 15.37
CA GLN G 349 0.59 46.07 15.69
C GLN G 349 -0.42 44.93 15.64
N ALA G 350 -1.62 45.15 16.19
CA ALA G 350 -2.64 44.11 16.18
C ALA G 350 -3.10 43.77 14.77
N LEU G 351 -3.23 44.79 13.92
CA LEU G 351 -3.63 44.55 12.54
C LEU G 351 -2.54 43.82 11.76
N HIS G 352 -1.27 44.19 11.99
CA HIS G 352 -0.17 43.53 11.30
C HIS G 352 0.00 42.09 11.76
N GLU G 353 -0.34 41.80 13.03
CA GLU G 353 -0.37 40.41 13.46
C GLU G 353 -1.48 39.64 12.77
N ALA G 354 -2.60 40.30 12.48
CA ALA G 354 -3.71 39.63 11.81
C ALA G 354 -3.38 39.36 10.35
N VAL G 355 -2.68 40.30 9.69
CA VAL G 355 -2.28 40.07 8.31
C VAL G 355 -1.29 38.92 8.22
N GLU G 356 -0.40 38.81 9.21
CA GLU G 356 0.61 37.76 9.18
C GLU G 356 -0.01 36.37 9.35
N MET G 357 -1.03 36.25 10.21
CA MET G 357 -1.74 34.99 10.32
C MET G 357 -2.45 34.65 9.02
N ASP G 358 -2.86 35.66 8.26
CA ASP G 358 -3.49 35.40 6.97
C ASP G 358 -2.50 34.84 5.96
N ARG G 359 -1.23 35.29 6.01
CA ARG G 359 -0.21 34.66 5.19
C ARG G 359 -0.07 33.19 5.55
N ALA G 360 -0.17 32.86 6.84
CA ALA G 360 -0.09 31.47 7.26
C ALA G 360 -1.28 30.66 6.76
N ILE G 361 -2.48 31.24 6.78
CA ILE G 361 -3.65 30.58 6.22
C ILE G 361 -3.43 30.30 4.74
N GLY G 362 -2.75 31.21 4.04
CA GLY G 362 -2.46 30.98 2.63
C GLY G 362 -1.47 29.86 2.42
N GLN G 363 -0.35 29.88 3.15
CA GLN G 363 0.63 28.80 3.03
C GLN G 363 0.00 27.46 3.38
N ALA G 364 -0.75 27.40 4.49
CA ALA G 364 -1.40 26.15 4.88
C ALA G 364 -2.42 25.71 3.84
N GLY G 365 -3.00 26.65 3.09
CA GLY G 365 -3.94 26.29 2.05
C GLY G 365 -3.30 25.60 0.87
N SER G 366 -2.04 25.93 0.58
CA SER G 366 -1.33 25.33 -0.55
C SER G 366 -0.69 24.00 -0.19
N LEU G 367 -0.18 23.86 1.04
CA LEU G 367 0.47 22.61 1.44
C LEU G 367 -0.50 21.47 1.66
N THR G 368 -1.81 21.74 1.68
CA THR G 368 -2.82 20.71 1.84
C THR G 368 -3.90 20.91 0.78
N SER G 369 -4.84 19.96 0.73
CA SER G 369 -5.94 19.99 -0.21
C SER G 369 -7.26 20.09 0.55
N SER G 370 -8.17 20.92 0.04
CA SER G 370 -9.50 21.03 0.63
C SER G 370 -10.29 19.74 0.52
N GLU G 371 -9.84 18.79 -0.30
CA GLU G 371 -10.59 17.55 -0.49
C GLU G 371 -10.56 16.65 0.72
N ASP G 372 -9.45 16.66 1.48
CA ASP G 372 -9.35 15.80 2.66
C ASP G 372 -8.88 16.56 3.91
N THR G 373 -8.77 17.88 3.86
CA THR G 373 -8.31 18.67 5.00
C THR G 373 -9.35 19.73 5.32
N LEU G 374 -9.97 19.61 6.49
CA LEU G 374 -10.94 20.59 6.96
C LEU G 374 -10.22 21.65 7.78
N THR G 375 -10.21 22.88 7.29
CA THR G 375 -9.55 24.00 7.94
C THR G 375 -10.59 24.95 8.51
N VAL G 376 -10.36 25.41 9.74
CA VAL G 376 -11.30 26.28 10.44
C VAL G 376 -10.54 27.48 10.97
N VAL G 377 -11.07 28.68 10.72
CA VAL G 377 -10.46 29.94 11.15
C VAL G 377 -11.49 30.71 11.95
N THR G 378 -11.13 31.13 13.16
CA THR G 378 -12.05 31.83 14.04
C THR G 378 -11.26 32.55 15.12
N ALA G 379 -11.98 33.21 16.01
CA ALA G 379 -11.43 33.85 17.19
C ALA G 379 -12.08 33.27 18.45
N ASP G 380 -11.49 33.62 19.59
CA ASP G 380 -12.09 33.25 20.87
C ASP G 380 -13.05 34.30 21.40
N HIS G 381 -12.83 35.55 21.04
CA HIS G 381 -13.59 36.70 21.53
C HIS G 381 -13.14 37.89 20.70
N SER G 382 -13.71 39.05 21.00
CA SER G 382 -13.39 40.25 20.24
C SER G 382 -12.70 41.28 21.14
N HIS G 383 -12.69 42.54 20.68
CA HIS G 383 -12.16 43.66 21.43
C HIS G 383 -13.06 44.86 21.17
N VAL G 384 -12.92 45.89 21.99
CA VAL G 384 -13.72 47.10 21.81
C VAL G 384 -13.04 47.98 20.77
N PHE G 385 -12.66 47.38 19.64
CA PHE G 385 -11.97 48.06 18.56
C PHE G 385 -12.97 48.47 17.50
N THR G 386 -13.01 49.77 17.19
CA THR G 386 -13.84 50.30 16.12
C THR G 386 -12.98 51.11 15.16
N PHE G 387 -13.53 51.37 13.98
CA PHE G 387 -12.94 52.33 13.06
C PHE G 387 -14.05 52.91 12.21
N GLY G 388 -13.91 54.21 11.90
CA GLY G 388 -14.90 54.86 11.07
C GLY G 388 -15.13 56.33 11.35
N GLY G 389 -15.02 57.16 10.32
CA GLY G 389 -15.38 58.56 10.41
C GLY G 389 -15.91 59.05 9.08
N TYR G 390 -16.70 58.20 8.42
CA TYR G 390 -17.11 58.41 7.04
C TYR G 390 -15.90 58.70 6.15
N THR G 391 -14.83 57.94 6.38
CA THR G 391 -13.59 58.16 5.66
C THR G 391 -13.75 57.79 4.18
N PRO G 392 -13.06 58.48 3.28
CA PRO G 392 -13.21 58.21 1.85
C PRO G 392 -12.57 56.89 1.45
N ARG G 393 -12.93 56.44 0.25
CA ARG G 393 -12.40 55.20 -0.27
C ARG G 393 -10.87 55.29 -0.43
N GLY G 394 -10.17 54.31 0.12
CA GLY G 394 -8.72 54.28 0.06
C GLY G 394 -8.01 54.98 1.20
N ASN G 395 -8.75 55.71 2.04
CA ASN G 395 -8.16 56.36 3.21
C ASN G 395 -7.40 55.35 4.05
N SER G 396 -6.16 55.70 4.42
CA SER G 396 -5.31 54.81 5.19
C SER G 396 -6.02 54.40 6.48
N ILE G 397 -5.96 53.09 6.78
CA ILE G 397 -6.68 52.55 7.93
C ILE G 397 -6.20 53.17 9.24
N PHE G 398 -4.96 53.68 9.27
CA PHE G 398 -4.44 54.39 10.42
C PHE G 398 -4.54 55.90 10.26
N GLY G 399 -5.24 56.37 9.24
CA GLY G 399 -5.38 57.79 8.96
C GLY G 399 -6.48 58.43 9.76
N LEU G 400 -6.85 59.64 9.35
CA LEU G 400 -7.85 60.45 10.03
C LEU G 400 -9.17 60.45 9.26
N ALA G 401 -10.20 60.93 9.93
CA ALA G 401 -11.46 61.22 9.29
C ALA G 401 -11.34 62.51 8.47
N PRO G 402 -12.22 62.73 7.49
CA PRO G 402 -12.11 63.95 6.69
C PRO G 402 -12.46 65.22 7.43
N MET G 403 -13.35 65.15 8.42
CA MET G 403 -13.83 66.34 9.12
C MET G 403 -13.21 66.42 10.52
N LEU G 404 -13.08 67.65 11.00
CA LEU G 404 -12.76 67.86 12.40
C LEU G 404 -14.01 67.62 13.24
N SER G 405 -13.81 67.55 14.56
CA SER G 405 -14.94 67.40 15.46
C SER G 405 -15.82 68.64 15.41
N ASP G 406 -17.12 68.43 15.23
CA ASP G 406 -18.05 69.54 15.32
C ASP G 406 -18.26 70.00 16.77
N THR G 407 -17.62 69.35 17.72
CA THR G 407 -17.71 69.69 19.13
C THR G 407 -16.47 70.38 19.68
N ASP G 408 -15.25 69.95 19.28
CA ASP G 408 -14.03 70.56 19.81
C ASP G 408 -13.04 70.94 18.72
N LYS G 409 -13.48 70.97 17.46
CA LYS G 409 -12.70 71.54 16.36
C LYS G 409 -11.31 70.91 16.23
N LYS G 410 -11.19 69.64 16.62
CA LYS G 410 -9.93 68.93 16.51
C LYS G 410 -10.09 67.68 15.65
N PRO G 411 -9.03 67.26 14.95
CA PRO G 411 -9.15 66.04 14.15
C PRO G 411 -9.22 64.80 15.02
N PHE G 412 -9.69 63.71 14.41
CA PHE G 412 -9.73 62.42 15.08
C PHE G 412 -9.40 61.33 14.08
N THR G 413 -8.88 60.22 14.60
CA THR G 413 -8.49 59.10 13.76
C THR G 413 -9.69 58.21 13.47
N ALA G 414 -9.67 57.59 12.28
CA ALA G 414 -10.71 56.63 11.95
C ALA G 414 -10.80 55.54 12.99
N ILE G 415 -9.65 55.04 13.46
CA ILE G 415 -9.60 54.01 14.48
C ILE G 415 -9.81 54.64 15.85
N LEU G 416 -10.75 54.08 16.62
CA LEU G 416 -10.99 54.49 17.99
C LEU G 416 -11.30 53.26 18.83
N TYR G 417 -10.90 53.32 20.10
CA TYR G 417 -11.14 52.23 21.04
C TYR G 417 -12.22 52.61 22.05
N GLY G 418 -12.90 51.60 22.56
CA GLY G 418 -13.85 51.81 23.64
C GLY G 418 -13.16 52.29 24.90
N ASN G 419 -12.22 51.49 25.39
CA ASN G 419 -11.38 51.85 26.52
C ASN G 419 -9.92 51.61 26.15
N GLY G 420 -9.03 51.81 27.12
CA GLY G 420 -7.63 51.50 26.92
C GLY G 420 -6.70 52.67 27.17
N PRO G 421 -5.39 52.43 27.00
CA PRO G 421 -4.39 53.44 27.30
C PRO G 421 -4.26 54.53 26.24
N GLY G 422 -5.05 54.47 25.17
CA GLY G 422 -5.06 55.55 24.19
C GLY G 422 -5.71 56.82 24.68
N TYR G 423 -6.43 56.76 25.79
CA TYR G 423 -7.02 57.95 26.41
C TYR G 423 -5.93 58.94 26.78
N LYS G 424 -5.91 60.09 26.13
CA LYS G 424 -4.95 61.14 26.42
C LYS G 424 -5.68 62.46 26.53
N VAL G 425 -5.37 63.22 27.58
CA VAL G 425 -6.02 64.50 27.85
C VAL G 425 -4.97 65.42 28.47
N VAL G 426 -4.65 66.51 27.76
CA VAL G 426 -3.69 67.50 28.26
C VAL G 426 -4.44 68.50 29.12
N GLY G 427 -4.90 68.05 30.29
CA GLY G 427 -5.62 68.90 31.23
C GLY G 427 -6.96 69.37 30.69
N GLY G 428 -8.00 68.55 30.88
CA GLY G 428 -9.33 68.81 30.32
C GLY G 428 -9.40 68.92 28.81
N GLU G 429 -8.27 68.89 28.11
CA GLU G 429 -8.21 69.13 26.67
C GLU G 429 -7.80 67.83 25.98
N ARG G 430 -8.68 67.30 25.14
CA ARG G 430 -8.36 66.07 24.42
C ARG G 430 -7.31 66.35 23.35
N GLU G 431 -6.40 65.39 23.14
CA GLU G 431 -5.17 65.65 22.40
C GLU G 431 -5.45 65.99 20.94
N ASN G 432 -4.97 67.16 20.51
CA ASN G 432 -4.90 67.55 19.12
C ASN G 432 -3.96 66.58 18.39
N VAL G 433 -4.54 65.69 17.57
CA VAL G 433 -3.76 64.58 17.00
C VAL G 433 -2.94 64.97 15.78
N SER G 434 -3.17 66.15 15.20
CA SER G 434 -2.35 66.56 14.07
C SER G 434 -0.92 66.91 14.49
N MET G 435 -0.64 66.96 15.79
CA MET G 435 0.68 67.25 16.30
C MET G 435 1.49 65.99 16.61
N VAL G 436 0.97 64.81 16.29
CA VAL G 436 1.64 63.55 16.59
C VAL G 436 1.62 62.66 15.36
N ASP G 437 2.42 61.60 15.42
CA ASP G 437 2.49 60.59 14.36
C ASP G 437 1.49 59.49 14.70
N TYR G 438 0.25 59.64 14.22
CA TYR G 438 -0.79 58.65 14.46
C TYR G 438 -0.64 57.41 13.59
N ALA G 439 0.21 57.45 12.57
CA ALA G 439 0.50 56.29 11.75
C ALA G 439 1.70 55.50 12.26
N HIS G 440 2.19 55.82 13.45
CA HIS G 440 3.33 55.11 14.01
C HIS G 440 2.93 53.69 14.42
N ASN G 441 3.93 52.80 14.46
CA ASN G 441 3.68 51.41 14.80
C ASN G 441 3.07 51.27 16.19
N ASN G 442 3.51 52.11 17.14
CA ASN G 442 3.11 52.00 18.53
C ASN G 442 2.10 53.08 18.94
N TYR G 443 1.46 53.74 17.98
CA TYR G 443 0.50 54.78 18.33
C TYR G 443 -0.74 54.14 18.96
N GLN G 444 -1.26 54.79 19.99
CA GLN G 444 -2.42 54.31 20.74
C GLN G 444 -3.60 55.21 20.40
N ALA G 445 -4.49 54.71 19.54
CA ALA G 445 -5.69 55.46 19.19
C ALA G 445 -6.50 55.80 20.43
N GLN G 446 -7.16 56.96 20.38
CA GLN G 446 -7.85 57.48 21.55
C GLN G 446 -8.98 56.54 21.99
N SER G 447 -9.34 56.65 23.27
CA SER G 447 -10.34 55.78 23.87
C SER G 447 -11.23 56.59 24.80
N ALA G 448 -12.35 55.99 25.21
CA ALA G 448 -13.34 56.69 26.03
C ALA G 448 -13.05 56.63 27.52
N VAL G 449 -12.42 55.56 27.99
CA VAL G 449 -12.17 55.36 29.41
C VAL G 449 -10.73 54.87 29.57
N PRO G 450 -9.90 55.56 30.35
CA PRO G 450 -8.49 55.18 30.44
C PRO G 450 -8.28 53.94 31.30
N LEU G 451 -7.45 53.04 30.80
CA LEU G 451 -7.06 51.84 31.53
C LEU G 451 -5.63 51.47 31.15
N ARG G 452 -5.01 50.67 32.01
CA ARG G 452 -3.70 50.11 31.68
C ARG G 452 -3.77 49.28 30.41
N HIS G 453 -4.88 48.57 30.20
CA HIS G 453 -5.05 47.67 29.07
C HIS G 453 -6.47 47.77 28.54
N GLU G 454 -6.59 47.79 27.22
CA GLU G 454 -7.90 47.76 26.57
C GLU G 454 -8.54 46.39 26.78
N THR G 455 -9.85 46.39 27.00
CA THR G 455 -10.55 45.18 27.40
C THR G 455 -11.10 44.41 26.19
N HIS G 456 -11.57 43.21 26.46
CA HIS G 456 -12.20 42.38 25.44
C HIS G 456 -13.56 42.96 25.05
N GLY G 457 -14.25 42.28 24.15
CA GLY G 457 -15.59 42.64 23.75
C GLY G 457 -16.53 41.45 23.73
N GLY G 458 -17.75 41.64 24.21
CA GLY G 458 -18.68 40.52 24.30
C GLY G 458 -19.42 40.15 23.02
N GLU G 459 -19.17 40.87 21.92
CA GLU G 459 -19.88 40.59 20.70
C GLU G 459 -19.35 39.32 20.04
N ASP G 460 -20.14 38.78 19.11
CA ASP G 460 -19.81 37.52 18.45
C ASP G 460 -18.57 37.67 17.57
N VAL G 461 -18.04 36.53 17.15
CA VAL G 461 -16.91 36.48 16.24
C VAL G 461 -17.29 35.61 15.04
N ALA G 462 -16.50 35.73 13.98
CA ALA G 462 -16.77 35.00 12.75
C ALA G 462 -16.05 33.66 12.75
N VAL G 463 -16.63 32.70 12.01
CA VAL G 463 -16.08 31.37 11.87
C VAL G 463 -15.94 31.07 10.38
N PHE G 464 -14.71 30.80 9.94
CA PHE G 464 -14.42 30.50 8.55
C PHE G 464 -14.01 29.04 8.43
N SER G 465 -14.61 28.32 7.48
CA SER G 465 -14.40 26.89 7.35
C SER G 465 -14.31 26.49 5.88
N LYS G 466 -13.39 25.58 5.58
CA LYS G 466 -13.28 25.00 4.25
C LYS G 466 -12.82 23.55 4.40
N GLY G 467 -13.35 22.67 3.56
CA GLY G 467 -12.99 21.28 3.58
C GLY G 467 -14.19 20.36 3.80
N PRO G 468 -13.92 19.13 4.23
CA PRO G 468 -15.01 18.16 4.45
C PRO G 468 -15.91 18.59 5.60
N MET G 469 -17.21 18.54 5.36
CA MET G 469 -18.24 18.90 6.33
C MET G 469 -18.11 20.34 6.83
N ALA G 470 -17.36 21.17 6.12
CA ALA G 470 -17.22 22.58 6.51
C ALA G 470 -18.55 23.32 6.45
N HIS G 471 -19.50 22.83 5.66
CA HIS G 471 -20.83 23.42 5.60
C HIS G 471 -21.63 23.24 6.88
N LEU G 472 -21.17 22.37 7.79
CA LEU G 472 -21.89 22.14 9.03
C LEU G 472 -21.84 23.33 9.97
N LEU G 473 -20.85 24.22 9.82
CA LEU G 473 -20.76 25.45 10.60
C LEU G 473 -21.49 26.52 9.81
N HIS G 474 -22.81 26.61 10.03
CA HIS G 474 -23.71 27.27 9.09
C HIS G 474 -24.32 28.57 9.59
N GLY G 475 -24.65 28.67 10.89
CA GLY G 475 -25.40 29.82 11.34
C GLY G 475 -24.84 30.54 12.56
N VAL G 476 -25.69 30.74 13.57
CA VAL G 476 -25.28 31.34 14.83
C VAL G 476 -25.16 30.20 15.84
N HIS G 477 -23.93 29.95 16.28
CA HIS G 477 -23.63 28.78 17.09
C HIS G 477 -23.01 29.17 18.42
N GLU G 478 -23.27 28.36 19.44
CA GLU G 478 -22.51 28.46 20.67
C GLU G 478 -21.07 28.02 20.41
N GLN G 479 -20.12 28.75 21.02
CA GLN G 479 -18.71 28.57 20.67
C GLN G 479 -18.25 27.13 20.85
N ASN G 480 -18.82 26.41 21.82
CA ASN G 480 -18.43 25.02 22.06
C ASN G 480 -18.83 24.08 20.93
N TYR G 481 -19.69 24.52 20.02
CA TYR G 481 -20.13 23.67 18.92
C TYR G 481 -19.04 23.50 17.86
N VAL G 482 -18.05 24.38 17.83
CA VAL G 482 -17.00 24.38 16.80
C VAL G 482 -16.22 23.06 16.82
N PRO G 483 -15.55 22.68 17.92
CA PRO G 483 -14.73 21.45 17.86
C PRO G 483 -15.55 20.19 17.68
N HIS G 484 -16.84 20.22 18.01
CA HIS G 484 -17.70 19.05 17.78
C HIS G 484 -17.80 18.74 16.30
N VAL G 485 -17.92 19.78 15.46
CA VAL G 485 -18.00 19.57 14.02
C VAL G 485 -16.68 19.03 13.48
N MET G 486 -15.58 19.66 13.86
CA MET G 486 -14.26 19.18 13.45
C MET G 486 -14.01 17.77 13.96
N ALA G 487 -14.61 17.41 15.10
CA ALA G 487 -14.50 16.04 15.59
C ALA G 487 -15.32 15.09 14.72
N TYR G 488 -16.54 15.48 14.36
CA TYR G 488 -17.41 14.58 13.60
C TYR G 488 -16.88 14.35 12.19
N ALA G 489 -16.11 15.29 11.65
CA ALA G 489 -15.68 15.16 10.26
C ALA G 489 -14.47 14.25 10.15
N ALA G 490 -13.54 14.33 11.10
CA ALA G 490 -12.36 13.49 11.09
C ALA G 490 -12.64 12.08 11.61
N CYS G 491 -13.88 11.79 12.00
CA CYS G 491 -14.24 10.53 12.63
C CYS G 491 -13.31 10.24 13.82
N ILE G 492 -13.34 11.18 14.77
CA ILE G 492 -12.54 11.10 15.99
C ILE G 492 -13.38 11.58 17.16
N GLY G 493 -13.00 11.15 18.36
CA GLY G 493 -13.65 11.58 19.57
C GLY G 493 -14.85 10.76 19.96
N ALA G 494 -15.74 11.39 20.72
CA ALA G 494 -16.87 10.70 21.33
C ALA G 494 -17.96 10.29 20.34
N ASN G 495 -17.83 10.67 19.07
CA ASN G 495 -18.84 10.34 18.08
C ASN G 495 -18.14 10.17 16.74
N LEU G 496 -18.42 9.07 16.05
CA LEU G 496 -17.75 8.72 14.80
C LEU G 496 -18.74 8.05 13.85
N GLY G 497 -19.93 8.63 13.74
CA GLY G 497 -20.96 8.17 12.84
C GLY G 497 -20.87 8.70 11.43
N HIS G 498 -19.91 9.60 11.16
CA HIS G 498 -19.68 10.04 9.79
C HIS G 498 -19.08 8.91 8.94
N CYS G 499 -18.23 8.07 9.55
CA CYS G 499 -17.74 6.85 8.93
C CYS G 499 -18.58 5.70 9.47
N ALA G 500 -19.76 5.52 8.88
CA ALA G 500 -20.71 4.51 9.31
C ALA G 500 -21.61 4.11 8.13
N PRO G 501 -21.23 3.10 7.35
CA PRO G 501 -21.93 2.82 6.08
C PRO G 501 -23.43 2.60 6.21
N ALA G 502 -24.18 3.69 6.28
CA ALA G 502 -25.64 3.62 6.32
C ALA G 502 -26.23 3.96 4.95
N LEU H 20 -21.77 34.17 38.37
CA LEU H 20 -23.11 33.63 38.50
C LEU H 20 -23.11 32.11 38.33
N VAL H 21 -22.87 31.67 37.10
CA VAL H 21 -22.84 30.26 36.69
C VAL H 21 -24.20 29.62 36.93
N PRO H 22 -25.02 29.45 35.90
CA PRO H 22 -26.25 28.65 36.06
C PRO H 22 -25.90 27.21 36.39
N GLU H 23 -26.76 26.58 37.19
CA GLU H 23 -26.45 25.26 37.74
C GLU H 23 -26.27 24.22 36.65
N LYS H 24 -27.17 24.21 35.66
CA LYS H 24 -27.15 23.14 34.66
C LYS H 24 -25.89 23.16 33.82
N GLU H 25 -25.26 24.33 33.64
CA GLU H 25 -24.10 24.45 32.78
C GLU H 25 -22.81 24.01 33.46
N LYS H 26 -22.87 23.59 34.72
CA LYS H 26 -21.68 23.05 35.38
C LYS H 26 -21.36 21.64 34.92
N ASP H 27 -22.31 20.98 34.26
CA ASP H 27 -22.17 19.59 33.81
C ASP H 27 -21.67 19.57 32.38
N PRO H 28 -20.56 18.86 32.09
CA PRO H 28 -20.13 18.74 30.69
C PRO H 28 -21.14 18.02 29.81
N LYS H 29 -22.02 17.20 30.39
CA LYS H 29 -23.05 16.54 29.60
C LYS H 29 -24.02 17.54 28.98
N TYR H 30 -24.27 18.65 29.65
CA TYR H 30 -25.21 19.64 29.12
C TYR H 30 -24.67 20.30 27.85
N TRP H 31 -23.39 20.64 27.83
CA TRP H 31 -22.80 21.24 26.63
C TRP H 31 -22.59 20.19 25.54
N ARG H 32 -22.18 18.97 25.94
CA ARG H 32 -21.97 17.93 24.95
C ARG H 32 -23.28 17.47 24.31
N ASP H 33 -24.36 17.44 25.09
CA ASP H 33 -25.66 17.08 24.53
C ASP H 33 -26.21 18.22 23.66
N GLN H 34 -26.14 19.45 24.17
CA GLN H 34 -26.65 20.60 23.41
C GLN H 34 -25.92 20.75 22.09
N ALA H 35 -24.61 20.53 22.07
CA ALA H 35 -23.84 20.65 20.84
C ALA H 35 -24.22 19.56 19.85
N GLN H 36 -24.36 18.32 20.32
CA GLN H 36 -24.66 17.21 19.43
C GLN H 36 -26.07 17.29 18.85
N GLU H 37 -26.98 18.00 19.52
CA GLU H 37 -28.27 18.27 18.89
C GLU H 37 -28.16 19.35 17.83
N THR H 38 -27.24 20.30 18.01
CA THR H 38 -26.97 21.29 16.98
C THR H 38 -26.30 20.63 15.77
N LEU H 39 -25.41 19.67 16.01
CA LEU H 39 -24.82 18.91 14.91
C LEU H 39 -25.88 18.11 14.18
N LYS H 40 -26.82 17.50 14.92
CA LYS H 40 -27.87 16.72 14.27
C LYS H 40 -28.72 17.57 13.35
N TYR H 41 -29.11 18.78 13.80
CA TYR H 41 -29.87 19.67 12.94
C TYR H 41 -29.04 20.11 11.74
N ALA H 42 -27.76 20.40 11.95
CA ALA H 42 -26.90 20.83 10.85
C ALA H 42 -26.70 19.72 9.81
N LEU H 43 -26.82 18.46 10.23
CA LEU H 43 -26.70 17.37 9.27
C LEU H 43 -27.96 17.24 8.41
N GLU H 44 -29.13 17.48 9.01
CA GLU H 44 -30.36 17.49 8.22
C GLU H 44 -30.46 18.74 7.34
N LEU H 45 -29.69 19.79 7.65
CA LEU H 45 -29.61 20.96 6.80
C LEU H 45 -28.89 20.69 5.48
N GLN H 46 -28.25 19.53 5.35
CA GLN H 46 -27.56 19.19 4.11
C GLN H 46 -28.54 19.03 2.96
N LYS H 47 -29.72 18.46 3.23
CA LYS H 47 -30.76 18.36 2.21
C LYS H 47 -31.33 19.76 2.02
N LEU H 48 -30.87 20.43 0.96
CA LEU H 48 -31.05 21.87 0.80
C LEU H 48 -32.40 22.20 0.20
N ASN H 49 -33.09 23.18 0.78
CA ASN H 49 -34.33 23.71 0.23
C ASN H 49 -34.04 24.38 -1.11
N THR H 50 -34.56 23.81 -2.20
CA THR H 50 -34.31 24.32 -3.54
C THR H 50 -35.59 24.74 -4.26
N ASN H 51 -36.71 24.85 -3.54
CA ASN H 51 -37.96 25.25 -4.18
C ASN H 51 -37.87 26.70 -4.67
N VAL H 52 -38.90 27.13 -5.38
CA VAL H 52 -38.95 28.48 -5.91
C VAL H 52 -39.46 29.42 -4.83
N ALA H 53 -38.76 30.54 -4.64
CA ALA H 53 -39.17 31.54 -3.67
C ALA H 53 -40.42 32.24 -4.19
N LYS H 54 -41.59 31.79 -3.73
CA LYS H 54 -42.83 32.45 -4.09
C LYS H 54 -42.91 33.84 -3.46
N ASN H 55 -42.45 33.96 -2.21
CA ASN H 55 -42.41 35.23 -1.51
C ASN H 55 -40.98 35.52 -1.06
N VAL H 56 -40.65 36.82 -1.02
CA VAL H 56 -39.35 37.28 -0.55
C VAL H 56 -39.58 38.38 0.47
N ILE H 57 -38.90 38.29 1.62
CA ILE H 57 -39.02 39.27 2.69
C ILE H 57 -37.62 39.66 3.12
N MET H 58 -37.32 40.95 3.07
CA MET H 58 -36.04 41.49 3.52
C MET H 58 -36.25 42.33 4.77
N PHE H 59 -35.48 42.04 5.81
CA PHE H 59 -35.48 42.81 7.04
C PHE H 59 -34.17 43.59 7.11
N LEU H 60 -34.26 44.91 7.25
CA LEU H 60 -33.09 45.79 7.26
C LEU H 60 -33.01 46.49 8.60
N GLY H 61 -32.23 45.94 9.51
CA GLY H 61 -31.87 46.64 10.73
C GLY H 61 -30.87 47.73 10.41
N ASP H 62 -31.35 48.94 10.18
CA ASP H 62 -30.50 50.06 9.80
C ASP H 62 -29.41 50.33 10.82
N GLY H 63 -28.16 50.03 10.46
CA GLY H 63 -27.03 50.22 11.35
C GLY H 63 -26.85 49.13 12.39
N MET H 64 -27.54 48.01 12.26
CA MET H 64 -27.50 46.92 13.25
C MET H 64 -26.33 46.02 12.88
N GLY H 65 -25.15 46.33 13.43
CA GLY H 65 -23.96 45.56 13.16
C GLY H 65 -23.81 44.38 14.10
N VAL H 66 -22.69 43.66 13.93
CA VAL H 66 -22.48 42.42 14.66
C VAL H 66 -22.54 42.65 16.17
N SER H 67 -21.91 43.74 16.64
CA SER H 67 -21.93 44.03 18.07
C SER H 67 -23.30 44.52 18.54
N THR H 68 -24.12 45.06 17.63
CA THR H 68 -25.47 45.47 18.01
C THR H 68 -26.38 44.26 18.23
N VAL H 69 -26.25 43.24 17.38
CA VAL H 69 -27.15 42.09 17.48
C VAL H 69 -26.88 41.29 18.75
N THR H 70 -25.64 41.24 19.22
CA THR H 70 -25.34 40.49 20.43
C THR H 70 -25.87 41.21 21.66
N ALA H 71 -25.61 42.52 21.74
CA ALA H 71 -26.16 43.31 22.84
C ALA H 71 -27.68 43.25 22.87
N ALA H 72 -28.31 43.22 21.69
CA ALA H 72 -29.77 43.08 21.63
C ALA H 72 -30.20 41.68 22.07
N ARG H 73 -29.42 40.65 21.70
CA ARG H 73 -29.70 39.30 22.17
C ARG H 73 -29.71 39.22 23.68
N ILE H 74 -28.75 39.90 24.33
CA ILE H 74 -28.72 39.95 25.79
C ILE H 74 -29.94 40.69 26.32
N LEU H 75 -30.32 41.80 25.67
CA LEU H 75 -31.45 42.59 26.14
C LEU H 75 -32.75 41.81 26.05
N LYS H 76 -32.99 41.11 24.94
CA LYS H 76 -34.21 40.34 24.78
C LYS H 76 -34.35 39.28 25.87
N GLY H 77 -33.24 38.77 26.37
CA GLY H 77 -33.28 37.77 27.42
C GLY H 77 -33.34 38.36 28.82
N GLN H 78 -32.73 39.52 29.01
CA GLN H 78 -32.79 40.18 30.31
C GLN H 78 -34.15 40.82 30.56
N LEU H 79 -34.92 41.10 29.51
CA LEU H 79 -36.31 41.48 29.68
C LEU H 79 -37.19 40.33 30.13
N HIS H 80 -36.65 39.10 30.13
CA HIS H 80 -37.35 37.92 30.61
C HIS H 80 -36.77 37.41 31.93
N HIS H 81 -35.88 38.18 32.55
CA HIS H 81 -35.28 37.86 33.86
C HIS H 81 -34.35 36.65 33.78
N ASN H 82 -33.76 36.43 32.61
CA ASN H 82 -32.72 35.45 32.37
C ASN H 82 -31.38 36.17 32.19
N PRO H 83 -30.25 35.46 32.30
CA PRO H 83 -28.95 36.15 32.18
C PRO H 83 -28.79 36.90 30.87
N GLY H 84 -29.16 36.30 29.74
CA GLY H 84 -29.15 37.01 28.48
C GLY H 84 -28.35 36.36 27.37
N GLU H 85 -27.08 36.03 27.65
CA GLU H 85 -26.18 35.56 26.61
C GLU H 85 -26.71 34.29 25.94
N GLU H 86 -27.51 33.50 26.64
CA GLU H 86 -28.03 32.25 26.12
C GLU H 86 -29.33 32.42 25.34
N THR H 87 -29.83 33.65 25.23
CA THR H 87 -31.03 33.90 24.43
C THR H 87 -30.77 33.56 22.97
N ARG H 88 -31.82 33.14 22.28
CA ARG H 88 -31.79 32.92 20.84
C ARG H 88 -32.75 33.90 20.19
N LEU H 89 -32.21 34.90 19.50
CA LEU H 89 -33.04 35.81 18.73
C LEU H 89 -33.75 35.04 17.62
N GLU H 90 -34.87 35.60 17.16
CA GLU H 90 -35.58 35.01 16.02
C GLU H 90 -34.65 34.91 14.81
N MET H 91 -33.72 35.84 14.67
CA MET H 91 -32.75 35.80 13.59
C MET H 91 -31.60 34.84 13.89
N ASP H 92 -31.31 34.59 15.17
CA ASP H 92 -30.33 33.57 15.50
C ASP H 92 -30.75 32.20 15.01
N LYS H 93 -32.07 31.96 14.97
CA LYS H 93 -32.61 30.68 14.50
C LYS H 93 -32.50 30.50 13.00
N PHE H 94 -32.11 31.55 12.26
CA PHE H 94 -31.95 31.41 10.82
C PHE H 94 -30.78 30.47 10.51
N PRO H 95 -30.93 29.59 9.51
CA PRO H 95 -29.89 28.56 9.30
C PRO H 95 -28.56 29.09 8.81
N PHE H 96 -28.56 30.06 7.90
CA PHE H 96 -27.36 30.41 7.13
C PHE H 96 -26.94 31.84 7.42
N VAL H 97 -25.69 32.01 7.81
CA VAL H 97 -25.11 33.32 8.12
C VAL H 97 -24.01 33.62 7.10
N ALA H 98 -23.96 34.87 6.65
CA ALA H 98 -22.90 35.35 5.78
C ALA H 98 -22.46 36.72 6.28
N LEU H 99 -21.35 37.22 5.72
CA LEU H 99 -20.83 38.54 6.04
C LEU H 99 -20.83 39.41 4.79
N SER H 100 -21.25 40.66 4.96
CA SER H 100 -21.46 41.58 3.85
C SER H 100 -20.49 42.74 3.95
N LYS H 101 -19.72 42.97 2.89
CA LYS H 101 -18.80 44.10 2.82
C LYS H 101 -19.56 45.33 2.35
N THR H 102 -19.59 46.36 3.20
CA THR H 102 -20.59 47.43 3.10
C THR H 102 -20.07 48.70 2.45
N TYR H 103 -18.78 48.82 2.16
CA TYR H 103 -18.22 50.09 1.72
C TYR H 103 -18.90 50.58 0.44
N ASN H 104 -18.97 51.90 0.30
CA ASN H 104 -19.44 52.51 -0.93
C ASN H 104 -18.31 52.57 -1.96
N THR H 105 -18.70 52.82 -3.21
CA THR H 105 -17.72 53.20 -4.22
C THR H 105 -16.93 54.41 -3.77
N ASN H 106 -17.60 55.34 -3.08
CA ASN H 106 -17.04 56.63 -2.70
C ASN H 106 -16.43 56.63 -1.30
N ALA H 107 -16.81 55.70 -0.43
CA ALA H 107 -16.54 55.85 0.99
C ALA H 107 -16.08 54.54 1.61
N GLN H 108 -14.94 54.60 2.31
CA GLN H 108 -14.52 53.50 3.16
C GLN H 108 -15.61 53.15 4.18
N VAL H 109 -16.08 54.15 4.90
CA VAL H 109 -17.12 53.99 5.91
C VAL H 109 -18.44 54.48 5.30
N PRO H 110 -19.38 53.61 5.01
CA PRO H 110 -20.49 53.96 4.12
C PRO H 110 -21.68 54.59 4.86
N ASP H 111 -22.62 55.06 4.06
CA ASP H 111 -23.80 55.77 4.53
C ASP H 111 -25.05 54.91 4.36
N SER H 112 -26.21 55.50 4.66
CA SER H 112 -27.47 54.77 4.60
C SER H 112 -27.99 54.62 3.18
N ALA H 113 -27.62 55.53 2.28
CA ALA H 113 -28.20 55.59 0.94
C ALA H 113 -27.43 54.75 -0.07
N GLY H 114 -26.09 54.92 -0.12
CA GLY H 114 -25.32 54.16 -1.09
C GLY H 114 -25.37 52.67 -0.84
N THR H 115 -25.32 52.26 0.43
CA THR H 115 -25.46 50.84 0.76
C THR H 115 -26.83 50.33 0.37
N ALA H 116 -27.86 51.17 0.49
CA ALA H 116 -29.21 50.75 0.13
C ALA H 116 -29.29 50.39 -1.36
N THR H 117 -28.65 51.19 -2.21
CA THR H 117 -28.56 50.85 -3.62
C THR H 117 -27.88 49.50 -3.82
N ALA H 118 -26.94 49.16 -2.95
CA ALA H 118 -26.22 47.89 -3.10
C ALA H 118 -27.13 46.69 -2.85
N TYR H 119 -27.74 46.61 -1.66
CA TYR H 119 -28.50 45.43 -1.31
C TYR H 119 -29.93 45.44 -1.85
N LEU H 120 -30.34 46.48 -2.57
CA LEU H 120 -31.65 46.49 -3.21
C LEU H 120 -31.58 46.53 -4.73
N CYS H 121 -30.53 47.10 -5.31
CA CYS H 121 -30.41 47.21 -6.75
C CYS H 121 -29.29 46.35 -7.33
N GLY H 122 -28.43 45.78 -6.49
CA GLY H 122 -27.37 44.92 -6.99
C GLY H 122 -26.18 45.63 -7.58
N VAL H 123 -26.13 46.96 -7.51
CA VAL H 123 -25.03 47.76 -8.02
C VAL H 123 -24.54 48.65 -6.87
N LYS H 124 -23.22 48.77 -6.73
CA LYS H 124 -22.65 49.61 -5.69
C LYS H 124 -22.51 51.04 -6.20
N ALA H 125 -22.73 52.00 -5.31
CA ALA H 125 -22.89 53.40 -5.69
C ALA H 125 -22.16 54.29 -4.69
N ASN H 126 -22.16 55.59 -5.01
CA ASN H 126 -21.53 56.59 -4.15
C ASN H 126 -22.44 56.92 -2.97
N GLU H 127 -21.82 57.38 -1.89
CA GLU H 127 -22.57 57.79 -0.72
C GLU H 127 -23.43 59.02 -1.05
N GLY H 128 -24.62 59.07 -0.46
CA GLY H 128 -25.52 60.18 -0.67
C GLY H 128 -26.45 60.04 -1.86
N THR H 129 -26.38 58.93 -2.60
CA THR H 129 -27.24 58.71 -3.76
C THR H 129 -28.04 57.44 -3.58
N VAL H 130 -29.20 57.38 -4.24
CA VAL H 130 -30.05 56.19 -4.23
C VAL H 130 -30.44 55.85 -5.67
N GLY H 131 -30.50 54.55 -5.96
CA GLY H 131 -31.01 54.08 -7.24
C GLY H 131 -30.24 54.53 -8.46
N VAL H 132 -28.96 54.85 -8.32
CA VAL H 132 -28.11 55.25 -9.44
C VAL H 132 -26.75 54.59 -9.30
N SER H 133 -26.09 54.40 -10.43
CA SER H 133 -24.75 53.85 -10.44
C SER H 133 -23.74 54.88 -9.94
N ALA H 134 -22.48 54.46 -9.83
CA ALA H 134 -21.41 55.35 -9.38
C ALA H 134 -21.04 56.39 -10.42
N ALA H 135 -21.63 56.34 -11.63
CA ALA H 135 -21.43 57.41 -12.60
C ALA H 135 -22.10 58.70 -12.16
N THR H 136 -23.12 58.62 -11.30
CA THR H 136 -23.79 59.80 -10.79
C THR H 136 -22.96 60.44 -9.68
N GLU H 137 -22.76 61.74 -9.76
CA GLU H 137 -22.11 62.51 -8.70
C GLU H 137 -23.17 63.17 -7.84
N ARG H 138 -22.96 63.13 -6.53
CA ARG H 138 -23.97 63.63 -5.59
C ARG H 138 -24.31 65.09 -5.87
N SER H 139 -25.61 65.39 -5.84
CA SER H 139 -26.20 66.73 -5.93
C SER H 139 -26.17 67.32 -7.34
N ARG H 140 -25.67 66.59 -8.34
CA ARG H 140 -25.67 67.05 -9.73
C ARG H 140 -26.77 66.32 -10.49
N CYS H 141 -27.77 67.06 -10.97
CA CYS H 141 -28.91 66.42 -11.59
C CYS H 141 -28.59 65.92 -13.00
N ASN H 142 -27.79 66.65 -13.78
CA ASN H 142 -27.55 66.17 -15.14
C ASN H 142 -26.72 64.89 -15.18
N THR H 143 -26.35 64.31 -14.04
CA THR H 143 -25.63 63.05 -13.98
C THR H 143 -26.54 61.86 -13.67
N THR H 144 -27.87 62.08 -13.64
CA THR H 144 -28.79 61.01 -13.28
C THR H 144 -29.29 60.24 -14.49
N GLN H 145 -29.71 60.94 -15.55
CA GLN H 145 -30.26 60.27 -16.71
C GLN H 145 -29.23 59.34 -17.34
N GLY H 146 -29.64 58.11 -17.62
CA GLY H 146 -28.77 57.09 -18.16
C GLY H 146 -28.10 56.21 -17.13
N ASN H 147 -28.09 56.61 -15.86
CA ASN H 147 -27.38 55.88 -14.81
C ASN H 147 -28.31 55.34 -13.73
N GLU H 148 -29.63 55.36 -13.96
CA GLU H 148 -30.55 54.80 -12.98
C GLU H 148 -30.45 53.28 -12.96
N VAL H 149 -30.53 52.70 -11.76
CA VAL H 149 -30.58 51.26 -11.58
C VAL H 149 -31.84 50.92 -10.81
N THR H 150 -32.49 49.83 -11.20
CA THR H 150 -33.77 49.46 -10.61
C THR H 150 -33.58 48.50 -9.43
N SER H 151 -34.62 48.41 -8.61
CA SER H 151 -34.57 47.63 -7.38
C SER H 151 -35.27 46.28 -7.55
N ILE H 152 -35.06 45.42 -6.55
CA ILE H 152 -35.76 44.14 -6.54
C ILE H 152 -37.26 44.33 -6.30
N LEU H 153 -37.65 45.46 -5.70
CA LEU H 153 -39.07 45.75 -5.55
C LEU H 153 -39.72 46.00 -6.90
N ARG H 154 -38.96 46.49 -7.89
CA ARG H 154 -39.51 46.65 -9.22
C ARG H 154 -39.49 45.33 -10.00
N TRP H 155 -38.40 44.56 -9.88
CA TRP H 155 -38.36 43.25 -10.52
C TRP H 155 -39.49 42.36 -10.01
N ALA H 156 -39.86 42.51 -8.74
CA ALA H 156 -40.99 41.77 -8.21
C ALA H 156 -42.30 42.20 -8.87
N LYS H 157 -42.51 43.52 -8.98
CA LYS H 157 -43.76 44.02 -9.56
C LYS H 157 -43.87 43.66 -11.03
N ASP H 158 -42.77 43.77 -11.77
CA ASP H 158 -42.78 43.40 -13.19
C ASP H 158 -43.09 41.92 -13.39
N ALA H 159 -42.98 41.11 -12.34
CA ALA H 159 -43.31 39.70 -12.40
C ALA H 159 -44.68 39.40 -11.82
N GLY H 160 -45.51 40.41 -11.61
CA GLY H 160 -46.85 40.23 -11.09
C GLY H 160 -46.96 40.10 -9.59
N LYS H 161 -45.85 40.02 -8.87
CA LYS H 161 -45.91 39.93 -7.42
C LYS H 161 -46.40 41.23 -6.82
N SER H 162 -46.92 41.13 -5.60
CA SER H 162 -47.27 42.31 -4.82
C SER H 162 -46.03 42.79 -4.06
N VAL H 163 -45.98 44.10 -3.83
CA VAL H 163 -44.81 44.70 -3.21
C VAL H 163 -45.25 45.51 -1.99
N GLY H 164 -44.35 45.62 -1.02
CA GLY H 164 -44.66 46.33 0.21
C GLY H 164 -43.42 46.95 0.82
N ILE H 165 -43.61 48.09 1.48
CA ILE H 165 -42.56 48.80 2.19
C ILE H 165 -43.09 49.18 3.56
N VAL H 166 -42.44 48.70 4.61
CA VAL H 166 -42.80 49.00 5.99
C VAL H 166 -41.55 49.50 6.70
N THR H 167 -41.67 50.65 7.37
CA THR H 167 -40.54 51.23 8.07
C THR H 167 -41.03 52.12 9.20
N THR H 168 -40.09 52.55 10.04
CA THR H 168 -40.35 53.47 11.13
C THR H 168 -39.68 54.82 10.94
N THR H 169 -38.96 55.02 9.84
CA THR H 169 -38.47 56.32 9.46
C THR H 169 -39.43 56.93 8.43
N ARG H 170 -39.04 58.05 7.83
CA ARG H 170 -39.83 58.57 6.71
C ARG H 170 -39.85 57.55 5.58
N VAL H 171 -40.95 57.53 4.84
CA VAL H 171 -41.03 56.69 3.64
C VAL H 171 -40.14 57.21 2.52
N ASN H 172 -39.67 58.46 2.62
CA ASN H 172 -38.67 59.00 1.71
C ASN H 172 -37.31 59.14 2.39
N HIS H 173 -37.05 58.29 3.38
CA HIS H 173 -35.70 58.17 3.92
C HIS H 173 -34.83 57.39 2.95
N ALA H 174 -33.52 57.35 3.25
CA ALA H 174 -32.56 56.77 2.32
C ALA H 174 -32.83 55.30 2.08
N THR H 175 -33.06 54.52 3.14
CA THR H 175 -33.18 53.07 2.97
C THR H 175 -34.42 52.68 2.19
N PRO H 176 -35.64 53.11 2.54
CA PRO H 176 -36.80 52.67 1.74
C PRO H 176 -36.82 53.23 0.34
N SER H 177 -36.19 54.39 0.11
CA SER H 177 -36.29 55.06 -1.18
C SER H 177 -35.47 54.38 -2.27
N ALA H 178 -34.53 53.52 -1.90
CA ALA H 178 -33.79 52.78 -2.92
C ALA H 178 -34.68 51.79 -3.66
N ALA H 179 -35.79 51.37 -3.04
CA ALA H 179 -36.69 50.42 -3.68
C ALA H 179 -37.50 51.04 -4.80
N TYR H 180 -37.62 52.37 -4.84
CA TYR H 180 -38.47 53.00 -5.85
C TYR H 180 -37.87 54.26 -6.48
N ALA H 181 -36.96 54.98 -5.81
CA ALA H 181 -36.52 56.27 -6.29
C ALA H 181 -35.20 56.15 -7.05
N HIS H 182 -34.87 57.22 -7.77
CA HIS H 182 -33.55 57.43 -8.37
C HIS H 182 -33.20 58.89 -8.20
N SER H 183 -32.29 59.19 -7.27
CA SER H 183 -31.91 60.57 -7.00
C SER H 183 -30.41 60.66 -6.81
N ALA H 184 -29.88 61.86 -7.05
CA ALA H 184 -28.47 62.16 -6.83
C ALA H 184 -28.22 62.74 -5.44
N ASP H 185 -29.24 62.78 -4.58
CA ASP H 185 -29.06 63.26 -3.22
C ASP H 185 -30.16 62.69 -2.35
N ARG H 186 -29.78 61.94 -1.31
CA ARG H 186 -30.72 61.45 -0.32
C ARG H 186 -31.48 62.58 0.37
N ASP H 187 -30.95 63.80 0.33
CA ASP H 187 -31.47 64.92 1.10
C ASP H 187 -32.71 65.55 0.48
N TRP H 188 -33.08 65.15 -0.73
CA TRP H 188 -34.19 65.78 -1.44
C TRP H 188 -35.51 65.08 -1.11
N TYR H 189 -35.88 65.18 0.17
CA TYR H 189 -37.10 64.54 0.66
C TYR H 189 -38.32 65.06 -0.08
N SER H 190 -38.54 66.37 -0.05
CA SER H 190 -39.61 67.03 -0.80
C SER H 190 -39.00 68.10 -1.69
N ASP H 191 -39.84 68.68 -2.56
CA ASP H 191 -39.36 69.73 -3.45
C ASP H 191 -38.94 70.98 -2.69
N ASN H 192 -39.36 71.12 -1.44
CA ASN H 192 -38.90 72.24 -0.61
C ASN H 192 -37.41 72.17 -0.37
N GLU H 193 -36.82 70.97 -0.36
CA GLU H 193 -35.44 70.77 0.01
C GLU H 193 -34.48 70.78 -1.17
N MET H 194 -34.98 70.82 -2.41
CA MET H 194 -33.99 70.77 -3.47
C MET H 194 -33.58 72.17 -3.91
N PRO H 195 -32.34 72.32 -4.38
CA PRO H 195 -31.91 73.62 -4.93
C PRO H 195 -32.64 73.92 -6.22
N PRO H 196 -32.75 75.20 -6.60
CA PRO H 196 -33.42 75.55 -7.86
C PRO H 196 -32.80 74.89 -9.09
N GLU H 197 -31.47 74.77 -9.17
CA GLU H 197 -30.87 74.17 -10.34
C GLU H 197 -31.30 72.71 -10.49
N ALA H 198 -31.52 72.02 -9.37
CA ALA H 198 -31.95 70.63 -9.44
C ALA H 198 -33.39 70.53 -9.95
N LEU H 199 -34.26 71.44 -9.50
CA LEU H 199 -35.63 71.44 -9.99
C LEU H 199 -35.70 71.81 -11.46
N SER H 200 -34.95 72.83 -11.88
CA SER H 200 -34.96 73.26 -13.27
C SER H 200 -34.39 72.19 -14.19
N GLN H 201 -33.44 71.39 -13.70
CA GLN H 201 -32.78 70.39 -14.53
C GLN H 201 -33.63 69.17 -14.81
N GLY H 202 -34.84 69.07 -14.24
CA GLY H 202 -35.82 68.09 -14.63
C GLY H 202 -36.15 67.05 -13.57
N CYS H 203 -35.19 66.74 -12.70
CA CYS H 203 -35.39 65.64 -11.76
C CYS H 203 -36.29 66.07 -10.59
N LYS H 204 -36.84 65.08 -9.90
CA LYS H 204 -37.92 65.28 -8.94
C LYS H 204 -37.54 64.74 -7.57
N ASP H 205 -38.17 65.31 -6.54
CA ASP H 205 -37.91 64.92 -5.16
C ASP H 205 -38.40 63.50 -4.89
N ILE H 206 -37.88 62.92 -3.80
CA ILE H 206 -38.12 61.50 -3.53
C ILE H 206 -39.59 61.24 -3.21
N ALA H 207 -40.21 62.12 -2.42
CA ALA H 207 -41.61 61.91 -2.06
C ALA H 207 -42.50 61.88 -3.29
N TYR H 208 -42.24 62.77 -4.25
CA TYR H 208 -42.95 62.72 -5.53
C TYR H 208 -42.69 61.40 -6.23
N GLN H 209 -41.46 60.89 -6.16
CA GLN H 209 -41.13 59.64 -6.83
C GLN H 209 -41.88 58.45 -6.21
N LEU H 210 -42.17 58.52 -4.91
CA LEU H 210 -42.89 57.43 -4.26
C LEU H 210 -44.29 57.25 -4.85
N MET H 211 -44.86 58.30 -5.43
CA MET H 211 -46.20 58.24 -5.99
C MET H 211 -46.23 58.12 -7.50
N HIS H 212 -45.13 58.39 -8.18
CA HIS H 212 -45.11 58.44 -9.64
C HIS H 212 -44.22 57.42 -10.31
N ASN H 213 -43.13 57.00 -9.66
CA ASN H 213 -42.21 56.05 -10.28
C ASN H 213 -42.91 54.73 -10.57
N ILE H 214 -43.23 53.98 -9.51
CA ILE H 214 -44.01 52.75 -9.62
C ILE H 214 -45.32 53.01 -8.89
N ARG H 215 -46.40 53.22 -9.65
CA ARG H 215 -47.62 53.82 -9.12
C ARG H 215 -48.63 52.78 -8.64
N ASP H 216 -48.21 51.54 -8.38
CA ASP H 216 -49.10 50.56 -7.80
C ASP H 216 -48.36 49.72 -6.76
N ILE H 217 -47.53 50.36 -5.94
CA ILE H 217 -46.98 49.69 -4.77
C ILE H 217 -48.12 49.36 -3.83
N ASP H 218 -48.20 48.09 -3.41
CA ASP H 218 -49.39 47.62 -2.72
C ASP H 218 -49.50 48.17 -1.30
N VAL H 219 -48.38 48.21 -0.57
CA VAL H 219 -48.39 48.64 0.83
C VAL H 219 -47.25 49.63 1.04
N ILE H 220 -47.58 50.80 1.60
CA ILE H 220 -46.59 51.80 2.02
C ILE H 220 -46.93 52.22 3.44
N MET H 221 -46.00 52.02 4.36
CA MET H 221 -46.22 52.38 5.75
C MET H 221 -44.93 52.95 6.34
N GLY H 222 -45.10 53.85 7.30
CA GLY H 222 -44.01 54.57 7.91
C GLY H 222 -44.40 56.00 8.15
N GLY H 223 -43.40 56.86 8.31
CA GLY H 223 -43.59 58.27 8.53
C GLY H 223 -43.45 59.10 7.27
N GLY H 224 -43.14 60.38 7.45
CA GLY H 224 -42.96 61.28 6.33
C GLY H 224 -44.22 61.95 5.83
N ARG H 225 -45.27 62.00 6.66
CA ARG H 225 -46.56 62.52 6.20
C ARG H 225 -46.46 63.98 5.78
N LYS H 226 -45.56 64.75 6.38
CA LYS H 226 -45.48 66.17 6.11
C LYS H 226 -44.93 66.48 4.72
N TYR H 227 -44.33 65.51 4.04
CA TYR H 227 -43.81 65.72 2.70
C TYR H 227 -44.84 65.47 1.60
N MET H 228 -46.06 65.07 1.96
CA MET H 228 -47.07 64.71 0.98
C MET H 228 -48.11 65.79 0.74
N TYR H 229 -48.20 66.77 1.63
CA TYR H 229 -49.23 67.81 1.56
C TYR H 229 -48.62 69.16 1.19
N PRO H 230 -49.41 70.07 0.62
CA PRO H 230 -48.86 71.36 0.20
C PRO H 230 -48.33 72.17 1.37
N LYS H 231 -47.59 73.23 1.04
CA LYS H 231 -46.88 74.00 2.04
C LYS H 231 -47.83 74.63 3.05
N ASN H 232 -47.45 74.52 4.34
CA ASN H 232 -48.13 75.10 5.49
C ASN H 232 -49.43 74.38 5.85
N LYS H 233 -49.75 73.27 5.19
CA LYS H 233 -50.96 72.52 5.51
C LYS H 233 -50.83 71.90 6.90
N THR H 234 -51.73 72.29 7.80
CA THR H 234 -51.68 71.78 9.17
C THR H 234 -51.78 70.26 9.19
N ASP H 235 -50.95 69.64 10.04
CA ASP H 235 -50.93 68.19 10.14
C ASP H 235 -52.25 67.68 10.71
N VAL H 236 -52.60 66.45 10.33
CA VAL H 236 -53.86 65.86 10.82
C VAL H 236 -53.76 65.53 12.30
N GLU H 237 -52.55 65.28 12.80
CA GLU H 237 -52.35 65.02 14.23
C GLU H 237 -52.11 66.33 14.98
N TYR H 238 -50.99 66.98 14.71
CA TYR H 238 -50.54 68.15 15.46
C TYR H 238 -50.94 69.40 14.69
N GLU H 239 -52.17 69.87 14.94
CA GLU H 239 -52.67 71.07 14.27
C GLU H 239 -51.87 72.30 14.64
N SER H 240 -51.32 72.35 15.86
CA SER H 240 -50.62 73.52 16.35
C SER H 240 -49.11 73.45 16.19
N ASP H 241 -48.55 72.24 16.06
CA ASP H 241 -47.12 72.10 15.78
C ASP H 241 -46.81 72.67 14.41
N GLU H 242 -45.95 73.69 14.37
CA GLU H 242 -45.58 74.29 13.10
C GLU H 242 -44.81 73.31 12.24
N LYS H 243 -43.75 72.70 12.80
CA LYS H 243 -42.85 71.89 11.99
C LYS H 243 -43.56 70.69 11.37
N ALA H 244 -44.70 70.30 11.92
CA ALA H 244 -45.50 69.21 11.36
C ALA H 244 -46.33 69.65 10.16
N ARG H 245 -46.36 70.94 9.83
CA ARG H 245 -47.09 71.40 8.65
C ARG H 245 -46.45 70.83 7.39
N GLY H 246 -47.25 70.74 6.34
CA GLY H 246 -46.77 70.25 5.07
C GLY H 246 -45.61 71.08 4.53
N THR H 247 -44.93 70.51 3.52
CA THR H 247 -43.71 71.10 3.00
C THR H 247 -43.74 71.42 1.51
N ARG H 248 -44.69 70.87 0.75
CA ARG H 248 -44.60 70.88 -0.70
C ARG H 248 -44.83 72.27 -1.28
N LEU H 249 -43.89 72.72 -2.12
CA LEU H 249 -44.12 73.89 -2.96
C LEU H 249 -44.91 73.53 -4.21
N ASP H 250 -44.90 72.25 -4.62
CA ASP H 250 -45.67 71.80 -5.77
C ASP H 250 -47.14 72.17 -5.63
N GLY H 251 -47.69 72.02 -4.43
CA GLY H 251 -49.11 72.13 -4.20
C GLY H 251 -49.84 70.80 -4.21
N LEU H 252 -49.17 69.73 -4.60
CA LEU H 252 -49.82 68.43 -4.73
C LEU H 252 -50.21 67.87 -3.37
N ASP H 253 -51.40 67.27 -3.32
CA ASP H 253 -51.78 66.37 -2.24
C ASP H 253 -51.34 64.99 -2.68
N LEU H 254 -50.19 64.54 -2.17
CA LEU H 254 -49.63 63.27 -2.64
C LEU H 254 -50.38 62.07 -2.10
N VAL H 255 -51.20 62.24 -1.05
CA VAL H 255 -52.09 61.17 -0.63
C VAL H 255 -53.22 61.00 -1.65
N ASP H 256 -53.71 62.11 -2.21
CA ASP H 256 -54.74 62.04 -3.24
C ASP H 256 -54.16 61.53 -4.54
N THR H 257 -52.97 62.01 -4.92
CA THR H 257 -52.30 61.48 -6.11
C THR H 257 -52.12 59.97 -6.01
N TRP H 258 -51.85 59.47 -4.80
CA TRP H 258 -51.78 58.03 -4.59
C TRP H 258 -53.14 57.38 -4.86
N LYS H 259 -54.21 57.95 -4.31
CA LYS H 259 -55.55 57.40 -4.52
C LYS H 259 -55.95 57.45 -5.99
N SER H 260 -55.55 58.52 -6.70
CA SER H 260 -55.99 58.73 -8.07
C SER H 260 -55.39 57.75 -9.06
N PHE H 261 -54.37 56.98 -8.66
CA PHE H 261 -53.67 56.08 -9.57
C PHE H 261 -54.14 54.64 -9.50
N LYS H 262 -55.12 54.33 -8.66
CA LYS H 262 -55.42 52.91 -8.56
C LYS H 262 -56.64 52.55 -9.40
N PRO H 263 -56.73 51.29 -9.85
CA PRO H 263 -57.96 50.85 -10.52
C PRO H 263 -59.15 50.92 -9.57
N ARG H 264 -60.26 51.45 -10.09
CA ARG H 264 -61.39 51.75 -9.22
C ARG H 264 -62.13 50.51 -8.72
N TYR H 265 -61.96 49.37 -9.40
CA TYR H 265 -62.51 48.11 -8.91
C TYR H 265 -61.66 47.49 -7.80
N LYS H 266 -60.81 48.29 -7.16
CA LYS H 266 -59.99 47.84 -6.04
C LYS H 266 -60.13 48.85 -4.90
N HIS H 267 -59.86 48.36 -3.68
CA HIS H 267 -60.15 49.12 -2.46
C HIS H 267 -58.86 49.75 -1.96
N SER H 268 -58.79 51.08 -2.04
CA SER H 268 -57.62 51.86 -1.62
C SER H 268 -57.95 52.64 -0.36
N HIS H 269 -57.22 52.38 0.72
CA HIS H 269 -57.45 53.00 2.01
C HIS H 269 -56.22 53.76 2.46
N PHE H 270 -56.40 55.00 2.90
CA PHE H 270 -55.36 55.79 3.55
C PHE H 270 -55.68 55.90 5.04
N ILE H 271 -54.72 55.50 5.87
CA ILE H 271 -54.88 55.56 7.31
C ILE H 271 -53.73 56.36 7.90
N TRP H 272 -53.91 56.79 9.16
CA TRP H 272 -52.88 57.58 9.83
C TRP H 272 -52.73 57.27 11.31
N ASN H 273 -53.56 56.42 11.90
CA ASN H 273 -53.39 56.06 13.31
C ASN H 273 -53.61 54.56 13.50
N ARG H 274 -53.32 54.10 14.72
CA ARG H 274 -53.27 52.66 15.00
C ARG H 274 -54.67 52.05 14.98
N THR H 275 -55.68 52.78 15.47
CA THR H 275 -57.03 52.25 15.50
C THR H 275 -57.51 51.86 14.11
N GLU H 276 -57.25 52.73 13.12
CA GLU H 276 -57.55 52.41 11.73
C GLU H 276 -56.87 51.12 11.30
N LEU H 277 -55.57 51.01 11.57
CA LEU H 277 -54.77 49.88 11.11
C LEU H 277 -55.41 48.55 11.51
N LEU H 278 -55.84 48.44 12.76
CA LEU H 278 -56.44 47.22 13.27
C LEU H 278 -57.94 47.16 13.04
N THR H 279 -58.56 48.26 12.62
CA THR H 279 -59.95 48.22 12.16
C THR H 279 -60.06 47.47 10.84
N LEU H 280 -59.09 47.67 9.95
CA LEU H 280 -59.19 47.20 8.58
C LEU H 280 -59.33 45.69 8.51
N ASP H 281 -60.00 45.23 7.45
CA ASP H 281 -60.06 43.81 7.12
C ASP H 281 -59.05 43.55 6.02
N PRO H 282 -57.97 42.80 6.29
CA PRO H 282 -56.96 42.54 5.25
C PRO H 282 -57.54 41.97 3.97
N HIS H 283 -58.17 40.80 4.05
CA HIS H 283 -58.80 40.18 2.87
C HIS H 283 -59.98 41.01 2.38
N ASN H 284 -59.75 42.29 2.06
CA ASN H 284 -60.80 43.24 1.76
C ASN H 284 -60.19 44.56 1.29
N VAL H 285 -58.88 44.74 1.50
CA VAL H 285 -58.20 45.96 1.10
C VAL H 285 -57.04 45.61 0.17
N ASP H 286 -56.93 46.33 -0.93
CA ASP H 286 -55.94 46.02 -1.96
C ASP H 286 -54.73 46.94 -1.98
N TYR H 287 -54.91 48.23 -1.67
CA TYR H 287 -53.81 49.17 -1.61
C TYR H 287 -53.88 49.92 -0.28
N LEU H 288 -52.75 49.97 0.43
CA LEU H 288 -52.68 50.59 1.75
C LEU H 288 -51.52 51.59 1.78
N LEU H 289 -51.83 52.83 2.13
CA LEU H 289 -50.84 53.86 2.40
C LEU H 289 -51.10 54.39 3.81
N GLY H 290 -50.23 54.05 4.74
CA GLY H 290 -50.39 54.49 6.11
C GLY H 290 -49.23 55.34 6.60
N LEU H 291 -49.48 56.64 6.75
CA LEU H 291 -48.46 57.60 7.17
C LEU H 291 -48.84 58.11 8.55
N PHE H 292 -48.12 57.63 9.57
CA PHE H 292 -48.56 57.82 10.95
C PHE H 292 -47.95 59.02 11.65
N GLU H 293 -46.83 59.56 11.15
CA GLU H 293 -46.16 60.68 11.81
C GLU H 293 -45.75 61.70 10.76
N PRO H 294 -45.61 62.96 11.16
CA PRO H 294 -45.09 63.96 10.20
C PRO H 294 -43.68 63.68 9.75
N GLY H 295 -42.75 63.49 10.68
CA GLY H 295 -41.39 63.12 10.34
C GLY H 295 -41.17 61.63 10.53
N ASP H 296 -40.12 61.27 11.26
CA ASP H 296 -39.91 59.87 11.63
C ASP H 296 -40.96 59.44 12.64
N MET H 297 -41.03 58.13 12.87
CA MET H 297 -41.88 57.58 13.91
C MET H 297 -41.15 57.62 15.25
N GLN H 298 -41.91 57.66 16.33
CA GLN H 298 -41.30 57.67 17.65
C GLN H 298 -40.60 56.35 17.92
N TYR H 299 -39.57 56.40 18.76
CA TYR H 299 -38.93 55.17 19.24
C TYR H 299 -39.97 54.26 19.87
N GLU H 300 -39.68 52.96 19.87
CA GLU H 300 -40.58 52.01 20.50
C GLU H 300 -40.79 52.32 21.98
N LEU H 301 -39.76 52.87 22.64
CA LEU H 301 -39.88 53.21 24.06
C LEU H 301 -40.68 54.48 24.29
N ASN H 302 -40.66 55.42 23.35
CA ASN H 302 -41.41 56.67 23.45
C ASN H 302 -42.72 56.62 22.68
N ARG H 303 -43.14 55.45 22.23
CA ARG H 303 -44.28 55.32 21.33
C ARG H 303 -45.59 55.51 22.07
N ASN H 304 -46.50 56.29 21.48
CA ASN H 304 -47.84 56.47 22.03
C ASN H 304 -48.65 55.20 21.80
N ASN H 305 -48.98 54.49 22.88
CA ASN H 305 -49.65 53.20 22.77
C ASN H 305 -51.00 53.28 22.08
N VAL H 306 -51.56 54.48 21.93
CA VAL H 306 -52.93 54.64 21.43
C VAL H 306 -52.95 55.15 19.99
N THR H 307 -52.17 56.16 19.66
CA THR H 307 -52.26 56.78 18.35
C THR H 307 -51.41 56.07 17.29
N ASP H 308 -50.33 55.41 17.69
CA ASP H 308 -49.37 54.90 16.71
C ASP H 308 -49.14 53.41 16.88
N PRO H 309 -48.87 52.70 15.79
CA PRO H 309 -48.66 51.25 15.87
C PRO H 309 -47.19 50.88 15.98
N SER H 310 -46.95 49.72 16.59
CA SER H 310 -45.62 49.17 16.62
C SER H 310 -45.23 48.69 15.23
N LEU H 311 -43.93 48.45 15.04
CA LEU H 311 -43.46 47.93 13.76
C LEU H 311 -44.00 46.53 13.51
N SER H 312 -44.06 45.70 14.56
CA SER H 312 -44.62 44.36 14.40
C SER H 312 -46.09 44.43 14.03
N GLU H 313 -46.83 45.38 14.59
CA GLU H 313 -48.23 45.55 14.22
C GLU H 313 -48.38 45.99 12.77
N MET H 314 -47.39 46.70 12.24
CA MET H 314 -47.42 47.08 10.82
C MET H 314 -47.02 45.90 9.94
N VAL H 315 -46.13 45.03 10.40
CA VAL H 315 -45.67 43.93 9.57
C VAL H 315 -46.78 42.90 9.37
N VAL H 316 -47.59 42.65 10.39
CA VAL H 316 -48.64 41.65 10.27
C VAL H 316 -49.74 42.15 9.32
N VAL H 317 -50.19 43.39 9.49
CA VAL H 317 -51.22 43.93 8.60
C VAL H 317 -50.70 43.99 7.17
N ALA H 318 -49.40 44.31 7.01
CA ALA H 318 -48.82 44.35 5.67
C ALA H 318 -48.81 42.97 5.02
N ILE H 319 -48.38 41.95 5.77
CA ILE H 319 -48.31 40.60 5.21
C ILE H 319 -49.69 40.11 4.83
N GLN H 320 -50.65 40.18 5.75
CA GLN H 320 -52.00 39.69 5.48
C GLN H 320 -52.59 40.29 4.21
N ILE H 321 -52.24 41.54 3.89
CA ILE H 321 -52.70 42.14 2.64
C ILE H 321 -51.92 41.58 1.45
N LEU H 322 -50.65 41.25 1.66
CA LEU H 322 -49.78 40.86 0.55
C LEU H 322 -49.82 39.37 0.24
N ARG H 323 -50.42 38.53 1.09
CA ARG H 323 -50.50 37.11 0.76
C ARG H 323 -51.54 36.80 -0.30
N LYS H 324 -52.41 37.75 -0.63
CA LYS H 324 -53.53 37.47 -1.54
C LYS H 324 -53.03 37.02 -2.90
N ASN H 325 -52.18 37.83 -3.53
CA ASN H 325 -51.72 37.62 -4.89
C ASN H 325 -51.21 36.18 -5.06
N PRO H 326 -51.76 35.41 -6.00
CA PRO H 326 -51.30 34.02 -6.15
C PRO H 326 -49.86 33.91 -6.59
N LYS H 327 -49.31 34.93 -7.26
CA LYS H 327 -47.94 34.86 -7.75
C LYS H 327 -46.90 35.11 -6.67
N GLY H 328 -47.28 35.62 -5.52
CA GLY H 328 -46.36 35.89 -4.42
C GLY H 328 -46.23 37.38 -4.15
N PHE H 329 -45.30 37.70 -3.26
CA PHE H 329 -45.09 39.10 -2.91
C PHE H 329 -43.65 39.32 -2.48
N PHE H 330 -43.24 40.59 -2.52
CA PHE H 330 -41.98 41.06 -1.95
C PHE H 330 -42.28 42.12 -0.90
N LEU H 331 -41.53 42.08 0.19
CA LEU H 331 -41.78 42.97 1.33
C LEU H 331 -40.45 43.37 1.95
N LEU H 332 -40.15 44.67 1.89
CA LEU H 332 -38.96 45.23 2.54
C LEU H 332 -39.39 45.87 3.86
N VAL H 333 -38.91 45.31 4.96
CA VAL H 333 -39.15 45.86 6.29
C VAL H 333 -37.85 46.46 6.80
N GLU H 334 -37.95 47.56 7.53
CA GLU H 334 -36.77 48.29 7.99
C GLU H 334 -36.91 48.63 9.46
N GLY H 335 -36.09 48.01 10.31
CA GLY H 335 -35.90 48.50 11.66
C GLY H 335 -35.13 49.80 11.59
N GLY H 336 -35.83 50.88 11.26
CA GLY H 336 -35.14 52.07 10.79
C GLY H 336 -34.42 52.84 11.88
N ARG H 337 -34.99 52.89 13.07
CA ARG H 337 -34.50 53.79 14.11
C ARG H 337 -33.38 53.19 14.96
N ILE H 338 -32.80 52.06 14.55
CA ILE H 338 -31.58 51.59 15.19
C ILE H 338 -30.42 52.54 14.88
N ASP H 339 -30.29 52.91 13.61
CA ASP H 339 -29.24 53.85 13.21
C ASP H 339 -29.38 55.17 13.95
N HIS H 340 -30.61 55.69 14.03
CA HIS H 340 -30.83 56.93 14.76
C HIS H 340 -30.44 56.81 16.23
N GLY H 341 -30.68 55.63 16.81
CA GLY H 341 -30.35 55.44 18.22
C GLY H 341 -28.86 55.49 18.49
N HIS H 342 -28.07 54.84 17.62
CA HIS H 342 -26.62 54.90 17.78
C HIS H 342 -26.08 56.28 17.45
N HIS H 343 -26.69 56.97 16.47
CA HIS H 343 -26.26 58.33 16.15
C HIS H 343 -26.40 59.26 17.34
N GLU H 344 -27.37 59.00 18.22
CA GLU H 344 -27.64 59.83 19.38
C GLU H 344 -26.85 59.41 20.61
N GLY H 345 -26.11 58.30 20.54
CA GLY H 345 -25.41 57.78 21.70
C GLY H 345 -26.28 57.04 22.68
N LYS H 346 -27.57 56.88 22.40
CA LYS H 346 -28.52 56.25 23.32
C LYS H 346 -28.57 54.75 23.02
N ALA H 347 -27.68 54.00 23.64
CA ALA H 347 -27.61 52.56 23.39
C ALA H 347 -28.90 51.86 23.78
N LYS H 348 -29.61 52.37 24.80
CA LYS H 348 -30.87 51.73 25.21
C LYS H 348 -31.95 51.90 24.16
N GLN H 349 -31.94 53.02 23.42
CA GLN H 349 -32.92 53.21 22.36
C GLN H 349 -32.58 52.33 21.15
N ALA H 350 -31.31 52.33 20.73
CA ALA H 350 -30.91 51.51 19.59
C ALA H 350 -31.10 50.03 19.88
N LEU H 351 -30.85 49.60 21.12
CA LEU H 351 -30.99 48.19 21.45
C LEU H 351 -32.45 47.77 21.53
N HIS H 352 -33.34 48.67 21.96
CA HIS H 352 -34.76 48.34 21.98
C HIS H 352 -35.37 48.38 20.59
N GLU H 353 -34.87 49.25 19.71
CA GLU H 353 -35.29 49.22 18.32
C GLU H 353 -34.92 47.90 17.66
N ALA H 354 -33.73 47.39 17.95
CA ALA H 354 -33.32 46.10 17.41
C ALA H 354 -34.22 44.98 17.92
N VAL H 355 -34.50 44.98 19.22
CA VAL H 355 -35.35 43.95 19.80
C VAL H 355 -36.78 44.05 19.25
N GLU H 356 -37.25 45.26 18.95
CA GLU H 356 -38.57 45.40 18.35
C GLU H 356 -38.60 44.86 16.93
N MET H 357 -37.50 45.00 16.19
CA MET H 357 -37.46 44.43 14.84
C MET H 357 -37.43 42.91 14.90
N ASP H 358 -36.69 42.34 15.86
CA ASP H 358 -36.62 40.89 15.98
C ASP H 358 -37.99 40.28 16.28
N ARG H 359 -38.79 40.96 17.11
CA ARG H 359 -40.14 40.49 17.36
C ARG H 359 -40.95 40.43 16.07
N ALA H 360 -40.73 41.40 15.18
CA ALA H 360 -41.41 41.38 13.90
C ALA H 360 -40.90 40.26 13.00
N ILE H 361 -39.65 39.83 13.20
CA ILE H 361 -39.13 38.70 12.42
C ILE H 361 -39.88 37.43 12.77
N GLY H 362 -40.00 37.14 14.07
CA GLY H 362 -40.80 36.00 14.50
C GLY H 362 -42.25 36.11 14.09
N GLN H 363 -42.78 37.34 14.04
CA GLN H 363 -44.14 37.53 13.57
C GLN H 363 -44.29 37.12 12.12
N ALA H 364 -43.27 37.38 11.30
CA ALA H 364 -43.33 37.02 9.89
C ALA H 364 -43.14 35.53 9.67
N GLY H 365 -42.38 34.87 10.56
CA GLY H 365 -42.16 33.44 10.48
C GLY H 365 -43.36 32.58 10.79
N SER H 366 -44.38 33.14 11.45
CA SER H 366 -45.63 32.42 11.73
C SER H 366 -46.68 32.64 10.66
N LEU H 367 -46.62 33.73 9.90
CA LEU H 367 -47.57 34.02 8.85
C LEU H 367 -47.12 33.53 7.48
N THR H 368 -45.85 33.14 7.33
CA THR H 368 -45.33 32.59 6.10
C THR H 368 -44.66 31.25 6.39
N SER H 369 -44.49 30.47 5.32
CA SER H 369 -43.86 29.15 5.41
C SER H 369 -42.49 29.20 4.75
N SER H 370 -41.48 28.68 5.44
CA SER H 370 -40.13 28.63 4.89
C SER H 370 -40.03 27.68 3.71
N GLU H 371 -41.12 27.01 3.36
CA GLU H 371 -41.11 26.15 2.17
C GLU H 371 -41.11 26.98 0.89
N ASP H 372 -41.78 28.13 0.90
CA ASP H 372 -41.92 28.95 -0.30
C ASP H 372 -41.56 30.42 -0.08
N THR H 373 -41.06 30.78 1.10
CA THR H 373 -40.77 32.16 1.44
C THR H 373 -39.31 32.30 1.84
N LEU H 374 -38.54 33.05 1.06
CA LEU H 374 -37.15 33.34 1.38
C LEU H 374 -37.08 34.62 2.19
N THR H 375 -36.52 34.53 3.40
CA THR H 375 -36.44 35.65 4.31
C THR H 375 -34.97 35.97 4.59
N VAL H 376 -34.59 37.23 4.39
CA VAL H 376 -33.23 37.70 4.64
C VAL H 376 -33.29 38.82 5.66
N VAL H 377 -32.41 38.73 6.66
CA VAL H 377 -32.21 39.79 7.65
C VAL H 377 -30.75 40.20 7.60
N THR H 378 -30.50 41.49 7.36
CA THR H 378 -29.14 42.01 7.28
C THR H 378 -29.17 43.48 7.64
N ALA H 379 -28.03 44.15 7.47
CA ALA H 379 -27.90 45.56 7.76
C ALA H 379 -27.13 46.23 6.63
N ASP H 380 -27.26 47.55 6.55
CA ASP H 380 -26.55 48.31 5.53
C ASP H 380 -25.12 48.62 5.94
N HIS H 381 -24.89 48.78 7.24
CA HIS H 381 -23.58 49.12 7.80
C HIS H 381 -23.66 48.99 9.31
N SER H 382 -22.62 49.43 10.00
CA SER H 382 -22.51 49.28 11.44
C SER H 382 -22.27 50.65 12.10
N HIS H 383 -21.97 50.61 13.40
CA HIS H 383 -21.61 51.79 14.17
C HIS H 383 -20.38 51.47 15.01
N VAL H 384 -19.86 52.49 15.69
CA VAL H 384 -18.71 52.31 16.56
C VAL H 384 -19.18 52.00 17.97
N PHE H 385 -20.12 51.06 18.08
CA PHE H 385 -20.72 50.66 19.34
C PHE H 385 -20.04 49.41 19.87
N THR H 386 -19.58 49.46 21.12
CA THR H 386 -18.90 48.34 21.76
C THR H 386 -19.53 48.05 23.11
N PHE H 387 -19.18 46.89 23.67
CA PHE H 387 -19.44 46.63 25.08
C PHE H 387 -18.44 45.59 25.57
N GLY H 388 -17.71 45.93 26.62
CA GLY H 388 -16.72 45.05 27.21
C GLY H 388 -16.63 45.29 28.70
N GLY H 389 -15.43 45.10 29.25
CA GLY H 389 -15.21 45.30 30.67
C GLY H 389 -15.21 44.05 31.52
N TYR H 390 -15.19 42.86 30.90
CA TYR H 390 -15.15 41.59 31.63
C TYR H 390 -16.31 41.48 32.61
N THR H 391 -17.50 41.90 32.18
CA THR H 391 -18.65 41.94 33.05
C THR H 391 -19.09 40.52 33.43
N PRO H 392 -19.62 40.34 34.64
CA PRO H 392 -20.03 39.00 35.07
C PRO H 392 -21.21 38.49 34.25
N ARG H 393 -21.37 37.17 34.26
CA ARG H 393 -22.47 36.55 33.54
C ARG H 393 -23.81 37.06 34.08
N GLY H 394 -24.70 37.45 33.16
CA GLY H 394 -25.98 38.00 33.52
C GLY H 394 -25.99 39.49 33.77
N ASN H 395 -24.82 40.14 33.79
CA ASN H 395 -24.75 41.58 34.02
C ASN H 395 -25.66 42.34 33.08
N SER H 396 -26.35 43.35 33.62
CA SER H 396 -27.22 44.18 32.80
C SER H 396 -26.42 44.81 31.67
N ILE H 397 -26.97 44.72 30.45
CA ILE H 397 -26.25 45.24 29.29
C ILE H 397 -26.03 46.74 29.41
N PHE H 398 -26.89 47.43 30.16
CA PHE H 398 -26.73 48.85 30.44
C PHE H 398 -25.98 49.12 31.73
N GLY H 399 -25.51 48.07 32.41
CA GLY H 399 -24.87 48.21 33.71
C GLY H 399 -23.41 48.56 33.63
N LEU H 400 -22.71 48.31 34.73
CA LEU H 400 -21.34 48.74 34.93
C LEU H 400 -20.37 47.58 34.83
N ALA H 401 -19.10 47.92 34.59
CA ALA H 401 -18.02 46.95 34.68
C ALA H 401 -17.68 46.70 36.15
N PRO H 402 -17.27 45.47 36.50
CA PRO H 402 -17.09 45.14 37.92
C PRO H 402 -16.00 45.97 38.59
N MET H 403 -14.92 46.28 37.88
CA MET H 403 -13.80 47.01 38.44
C MET H 403 -13.89 48.49 38.10
N LEU H 404 -13.23 49.29 38.93
CA LEU H 404 -13.04 50.70 38.62
C LEU H 404 -11.94 50.85 37.58
N SER H 405 -11.84 52.04 36.99
CA SER H 405 -10.74 52.32 36.07
C SER H 405 -9.44 52.35 36.85
N ASP H 406 -8.51 51.47 36.50
CA ASP H 406 -7.24 51.42 37.22
C ASP H 406 -6.39 52.66 37.01
N THR H 407 -6.83 53.61 36.18
CA THR H 407 -6.08 54.82 35.89
C THR H 407 -6.61 56.04 36.64
N ASP H 408 -7.93 56.28 36.61
CA ASP H 408 -8.51 57.43 37.30
C ASP H 408 -9.54 57.03 38.35
N LYS H 409 -9.61 55.75 38.72
CA LYS H 409 -10.37 55.22 39.85
C LYS H 409 -11.89 55.31 39.67
N LYS H 410 -12.37 55.87 38.57
CA LYS H 410 -13.82 56.01 38.46
C LYS H 410 -14.40 54.89 37.58
N PRO H 411 -15.63 54.45 37.85
CA PRO H 411 -16.18 53.29 37.13
C PRO H 411 -16.48 53.61 35.67
N PHE H 412 -16.91 52.60 34.93
CA PHE H 412 -17.35 52.80 33.56
C PHE H 412 -18.39 51.75 33.19
N THR H 413 -19.22 52.09 32.22
CA THR H 413 -20.26 51.18 31.76
C THR H 413 -19.67 50.13 30.82
N ALA H 414 -20.39 49.00 30.71
CA ALA H 414 -20.02 48.00 29.71
C ALA H 414 -20.10 48.59 28.31
N ILE H 415 -21.21 49.26 28.01
CA ILE H 415 -21.41 49.87 26.70
C ILE H 415 -20.57 51.13 26.60
N LEU H 416 -19.72 51.19 25.57
CA LEU H 416 -18.94 52.38 25.26
C LEU H 416 -18.95 52.59 23.75
N TYR H 417 -18.86 53.85 23.35
CA TYR H 417 -18.85 54.22 21.93
C TYR H 417 -17.47 54.69 21.51
N GLY H 418 -17.22 54.61 20.21
CA GLY H 418 -16.02 55.18 19.63
C GLY H 418 -16.08 56.70 19.67
N ASN H 419 -17.05 57.28 18.98
CA ASN H 419 -17.24 58.72 19.00
C ASN H 419 -18.68 59.06 19.33
N GLY H 420 -19.05 60.33 19.25
CA GLY H 420 -20.41 60.74 19.51
C GLY H 420 -20.56 61.63 20.73
N PRO H 421 -21.80 61.99 21.04
CA PRO H 421 -22.06 62.95 22.13
C PRO H 421 -22.02 62.36 23.53
N GLY H 422 -21.58 61.11 23.70
CA GLY H 422 -21.40 60.58 25.03
C GLY H 422 -20.19 61.09 25.76
N TYR H 423 -19.24 61.68 25.02
CA TYR H 423 -18.08 62.34 25.61
C TYR H 423 -18.53 63.39 26.62
N LYS H 424 -17.98 63.32 27.83
CA LYS H 424 -18.37 64.25 28.90
C LYS H 424 -17.20 64.36 29.88
N VAL H 425 -16.35 65.35 29.66
CA VAL H 425 -15.35 65.75 30.64
C VAL H 425 -15.87 66.98 31.38
N VAL H 426 -16.01 66.86 32.70
CA VAL H 426 -16.61 67.93 33.49
C VAL H 426 -15.55 68.96 33.85
N GLY H 427 -15.23 69.84 32.89
CA GLY H 427 -14.23 70.86 33.12
C GLY H 427 -12.88 70.32 33.55
N GLY H 428 -12.46 69.20 32.97
CA GLY H 428 -11.20 68.58 33.35
C GLY H 428 -11.23 67.07 33.29
N GLU H 429 -11.84 66.44 34.29
CA GLU H 429 -11.91 65.00 34.38
C GLU H 429 -13.18 64.48 33.72
N ARG H 430 -13.17 63.18 33.41
CA ARG H 430 -14.35 62.53 32.87
C ARG H 430 -15.32 62.18 34.00
N GLU H 431 -16.59 61.99 33.63
CA GLU H 431 -17.67 61.98 34.61
C GLU H 431 -17.66 60.71 35.45
N ASN H 432 -17.72 60.90 36.77
CA ASN H 432 -17.92 59.81 37.74
C ASN H 432 -19.37 59.33 37.58
N VAL H 433 -19.55 58.20 36.89
CA VAL H 433 -20.89 57.78 36.46
C VAL H 433 -21.69 57.09 37.55
N SER H 434 -21.14 56.95 38.76
CA SER H 434 -21.97 56.47 39.86
C SER H 434 -22.98 57.53 40.31
N MET H 435 -22.72 58.80 40.01
CA MET H 435 -23.64 59.88 40.34
C MET H 435 -24.78 60.01 39.34
N VAL H 436 -24.73 59.30 38.21
CA VAL H 436 -25.67 59.55 37.12
C VAL H 436 -26.53 58.31 36.82
N ASP H 437 -27.41 58.46 35.84
CA ASP H 437 -28.44 57.49 35.48
C ASP H 437 -28.00 56.79 34.18
N TYR H 438 -27.14 55.77 34.32
CA TYR H 438 -26.61 55.09 33.15
C TYR H 438 -27.56 54.06 32.55
N ALA H 439 -28.67 53.74 33.22
CA ALA H 439 -29.67 52.84 32.68
C ALA H 439 -30.87 53.57 32.11
N HIS H 440 -30.80 54.90 32.01
CA HIS H 440 -31.88 55.69 31.46
C HIS H 440 -32.14 55.31 30.00
N ASN H 441 -33.37 55.55 29.55
CA ASN H 441 -33.70 55.35 28.15
C ASN H 441 -32.81 56.21 27.25
N ASN H 442 -32.51 57.43 27.67
CA ASN H 442 -31.80 58.39 26.85
C ASN H 442 -30.37 58.64 27.32
N TYR H 443 -29.81 57.74 28.12
CA TYR H 443 -28.42 57.90 28.54
C TYR H 443 -27.49 57.70 27.36
N GLN H 444 -26.49 58.57 27.27
CA GLN H 444 -25.48 58.51 26.20
C GLN H 444 -24.17 58.02 26.82
N ALA H 445 -23.83 56.76 26.54
CA ALA H 445 -22.60 56.18 27.07
C ALA H 445 -21.38 56.93 26.56
N GLN H 446 -20.33 56.92 27.36
CA GLN H 446 -19.15 57.74 27.08
C GLN H 446 -18.47 57.31 25.77
N SER H 447 -17.84 58.28 25.12
CA SER H 447 -17.16 58.08 23.85
C SER H 447 -15.74 58.62 23.92
N ALA H 448 -14.96 58.32 22.90
CA ALA H 448 -13.55 58.73 22.84
C ALA H 448 -13.38 60.11 22.22
N VAL H 449 -14.18 60.43 21.21
CA VAL H 449 -14.10 61.72 20.53
C VAL H 449 -15.49 62.37 20.57
N PRO H 450 -15.59 63.63 20.98
CA PRO H 450 -16.91 64.27 21.06
C PRO H 450 -17.40 64.71 19.69
N LEU H 451 -18.63 64.31 19.35
CA LEU H 451 -19.29 64.74 18.12
C LEU H 451 -20.77 64.94 18.41
N ARG H 452 -21.41 65.76 17.59
CA ARG H 452 -22.85 65.94 17.72
C ARG H 452 -23.60 64.64 17.43
N HIS H 453 -23.10 63.87 16.46
CA HIS H 453 -23.71 62.59 16.09
C HIS H 453 -22.63 61.53 15.98
N GLU H 454 -22.88 60.37 16.56
CA GLU H 454 -21.97 59.25 16.45
C GLU H 454 -21.97 58.69 15.03
N THR H 455 -20.80 58.27 14.57
CA THR H 455 -20.59 57.92 13.18
C THR H 455 -20.74 56.41 12.96
N HIS H 456 -20.65 56.01 11.69
CA HIS H 456 -20.84 54.62 11.29
C HIS H 456 -19.53 53.83 11.46
N GLY H 457 -19.66 52.51 11.37
CA GLY H 457 -18.52 51.63 11.37
C GLY H 457 -18.27 51.07 9.98
N GLY H 458 -17.00 50.82 9.69
CA GLY H 458 -16.62 50.21 8.43
C GLY H 458 -16.58 48.70 8.43
N GLU H 459 -16.79 48.09 9.58
CA GLU H 459 -16.76 46.64 9.70
C GLU H 459 -17.86 46.00 8.86
N ASP H 460 -17.71 44.70 8.60
CA ASP H 460 -18.74 43.94 7.92
C ASP H 460 -19.97 43.80 8.83
N VAL H 461 -21.10 43.49 8.19
CA VAL H 461 -22.33 43.23 8.92
C VAL H 461 -22.79 41.81 8.58
N ALA H 462 -23.71 41.31 9.41
CA ALA H 462 -24.16 39.94 9.29
C ALA H 462 -25.37 39.83 8.37
N VAL H 463 -25.43 38.72 7.64
CA VAL H 463 -26.59 38.35 6.83
C VAL H 463 -27.20 37.09 7.42
N PHE H 464 -28.52 37.08 7.53
CA PHE H 464 -29.27 35.93 8.02
C PHE H 464 -30.24 35.49 6.94
N SER H 465 -30.31 34.18 6.68
CA SER H 465 -31.10 33.67 5.58
C SER H 465 -31.82 32.39 5.98
N LYS H 466 -33.13 32.36 5.74
CA LYS H 466 -33.92 31.15 5.85
C LYS H 466 -34.90 31.10 4.69
N GLY H 467 -35.14 29.89 4.17
CA GLY H 467 -36.07 29.71 3.09
C GLY H 467 -35.45 29.07 1.86
N PRO H 468 -36.12 29.19 0.72
CA PRO H 468 -35.62 28.55 -0.51
C PRO H 468 -34.32 29.20 -0.98
N MET H 469 -33.33 28.36 -1.24
CA MET H 469 -32.00 28.78 -1.69
C MET H 469 -31.35 29.78 -0.74
N ALA H 470 -31.76 29.77 0.53
CA ALA H 470 -31.11 30.62 1.52
C ALA H 470 -29.63 30.28 1.65
N HIS H 471 -29.25 29.04 1.33
CA HIS H 471 -27.86 28.61 1.38
C HIS H 471 -26.99 29.25 0.31
N LEU H 472 -27.56 30.06 -0.59
CA LEU H 472 -26.75 30.75 -1.58
C LEU H 472 -25.94 31.90 -0.98
N LEU H 473 -26.26 32.33 0.24
CA LEU H 473 -25.48 33.32 0.97
C LEU H 473 -24.67 32.57 2.02
N HIS H 474 -23.40 32.30 1.72
CA HIS H 474 -22.62 31.33 2.47
C HIS H 474 -21.39 31.90 3.14
N GLY H 475 -20.64 32.77 2.47
CA GLY H 475 -19.38 33.23 3.02
C GLY H 475 -19.26 34.74 3.17
N VAL H 476 -18.11 35.28 2.75
CA VAL H 476 -17.86 36.72 2.78
C VAL H 476 -18.16 37.26 1.39
N HIS H 477 -19.13 38.18 1.31
CA HIS H 477 -19.64 38.65 0.04
C HIS H 477 -19.69 40.17 0.00
N GLU H 478 -19.60 40.71 -1.22
CA GLU H 478 -19.91 42.11 -1.42
C GLU H 478 -21.39 42.34 -1.17
N GLN H 479 -21.72 43.56 -0.73
CA GLN H 479 -23.09 43.85 -0.30
C GLN H 479 -24.09 43.67 -1.44
N ASN H 480 -23.73 44.14 -2.64
CA ASN H 480 -24.64 44.10 -3.78
C ASN H 480 -24.95 42.68 -4.25
N TYR H 481 -24.27 41.67 -3.71
CA TYR H 481 -24.59 40.28 -4.03
C TYR H 481 -25.93 39.84 -3.46
N VAL H 482 -26.41 40.53 -2.42
CA VAL H 482 -27.61 40.06 -1.70
C VAL H 482 -28.85 40.05 -2.58
N PRO H 483 -29.23 41.14 -3.27
CA PRO H 483 -30.45 41.07 -4.09
C PRO H 483 -30.32 40.15 -5.29
N HIS H 484 -29.10 39.91 -5.78
CA HIS H 484 -28.92 38.96 -6.87
C HIS H 484 -29.33 37.55 -6.44
N VAL H 485 -29.13 37.21 -5.16
CA VAL H 485 -29.56 35.91 -4.65
C VAL H 485 -31.07 35.87 -4.50
N MET H 486 -31.63 36.87 -3.82
CA MET H 486 -33.08 36.92 -3.63
C MET H 486 -33.82 36.89 -4.96
N ALA H 487 -33.31 37.61 -5.96
CA ALA H 487 -33.94 37.65 -7.27
C ALA H 487 -33.73 36.37 -8.07
N TYR H 488 -32.70 35.58 -7.75
CA TYR H 488 -32.55 34.29 -8.42
C TYR H 488 -33.53 33.28 -7.85
N ALA H 489 -33.65 33.23 -6.52
CA ALA H 489 -34.57 32.28 -5.90
C ALA H 489 -36.02 32.59 -6.26
N ALA H 490 -36.37 33.87 -6.36
CA ALA H 490 -37.72 34.28 -6.70
C ALA H 490 -38.03 34.21 -8.18
N CYS H 491 -37.05 33.85 -9.02
CA CYS H 491 -37.21 33.79 -10.47
C CYS H 491 -37.70 35.13 -11.02
N ILE H 492 -36.95 36.19 -10.68
CA ILE H 492 -37.28 37.54 -11.12
C ILE H 492 -35.99 38.25 -11.50
N GLY H 493 -36.13 39.34 -12.25
CA GLY H 493 -35.00 40.14 -12.65
C GLY H 493 -34.31 39.64 -13.91
N ALA H 494 -32.97 39.77 -13.95
CA ALA H 494 -32.24 39.49 -15.17
C ALA H 494 -32.05 38.00 -15.42
N ASN H 495 -31.99 37.18 -14.37
CA ASN H 495 -31.61 35.78 -14.47
C ASN H 495 -32.75 34.91 -13.94
N LEU H 496 -33.37 34.13 -14.82
CA LEU H 496 -34.47 33.24 -14.47
C LEU H 496 -34.06 31.77 -14.56
N GLY H 497 -32.76 31.49 -14.41
CA GLY H 497 -32.27 30.14 -14.56
C GLY H 497 -32.76 29.17 -13.51
N HIS H 498 -33.26 29.66 -12.38
CA HIS H 498 -33.77 28.77 -11.35
C HIS H 498 -35.12 28.17 -11.71
N CYS H 499 -35.88 28.82 -12.59
CA CYS H 499 -37.14 28.29 -13.08
C CYS H 499 -37.02 27.66 -14.45
N ALA H 500 -35.81 27.53 -14.98
CA ALA H 500 -35.59 26.92 -16.26
C ALA H 500 -35.73 25.41 -16.16
N PRO H 501 -36.02 24.72 -17.27
CA PRO H 501 -36.05 23.25 -17.24
C PRO H 501 -34.65 22.67 -16.99
N ALA H 502 -34.30 22.49 -15.72
CA ALA H 502 -32.99 21.98 -15.36
C ALA H 502 -33.04 21.36 -13.97
N ALA H 503 -32.56 20.13 -13.86
CA ALA H 503 -32.59 19.36 -12.63
C ALA H 503 -33.94 19.38 -11.96
#